data_6ZH5
#
_entry.id   6ZH5
#
_cell.length_a   1.00
_cell.length_b   1.00
_cell.length_c   1.00
_cell.angle_alpha   90.00
_cell.angle_beta   90.00
_cell.angle_gamma   90.00
#
_symmetry.space_group_name_H-M   'P 1'
#
loop_
_entity.id
_entity.type
_entity.pdbx_description
1 polymer Ferritin
2 non-polymer 'FE (III) ION'
#
_entity_poly.entity_id   1
_entity_poly.type   'polypeptide(L)'
_entity_poly.pdbx_seq_one_letter_code
;MGSSHHHHHHSSGLVPRGSHMTSQIRQNYSTEVEAAVNRLVNLHLRASYTYLSLGFFFDRDDVALEGVGHFFRELAEEKR
EGAERLLEFQNDRGGRALFQDVQKPSQDEWGKTQEAMEAALAMEKNLNQALLDLHALGSARADPHLCDFLESHYLDKEVK
LIKKMGNHLTNLRRVAGPQPAQTGAPQGSLGEYLFERLTLKHDGDIESAQSDEEVE
;
_entity_poly.pdbx_strand_id   Z,A,C,E,G,H,I,J,K,L,M,N,O,P,Q,R,S,T,U,V,W,B,D,F
#
loop_
_chem_comp.id
_chem_comp.type
_chem_comp.name
_chem_comp.formula
FE non-polymer 'FE (III) ION' 'Fe 3'
#
# COMPACT_ATOMS: atom_id res chain seq x y z
N THR A 22 19.25 -51.02 30.79
CA THR A 22 18.69 -51.97 29.84
C THR A 22 18.11 -51.26 28.63
N SER A 23 18.00 -49.94 28.73
CA SER A 23 17.48 -49.15 27.62
C SER A 23 18.45 -49.19 26.45
N GLN A 24 17.90 -49.11 25.24
CA GLN A 24 18.75 -49.20 24.05
C GLN A 24 19.54 -47.93 23.84
N ILE A 25 19.04 -46.79 24.33
CA ILE A 25 19.70 -45.51 24.14
C ILE A 25 20.48 -45.08 25.36
N ARG A 26 20.38 -45.81 26.46
CA ARG A 26 21.09 -45.46 27.67
C ARG A 26 22.59 -45.58 27.44
N GLN A 27 23.31 -44.47 27.57
CA GLN A 27 24.75 -44.48 27.40
C GLN A 27 25.38 -43.44 28.31
N ASN A 28 26.32 -43.89 29.14
CA ASN A 28 27.03 -43.01 30.07
C ASN A 28 26.06 -42.23 30.94
N TYR A 29 25.11 -42.95 31.52
CA TYR A 29 24.10 -42.34 32.37
C TYR A 29 23.98 -43.18 33.63
N SER A 30 24.78 -42.83 34.63
CA SER A 30 24.84 -43.62 35.86
C SER A 30 23.50 -43.60 36.57
N THR A 31 23.24 -44.68 37.32
CA THR A 31 22.00 -44.76 38.08
C THR A 31 21.98 -43.77 39.22
N GLU A 32 23.16 -43.40 39.73
CA GLU A 32 23.22 -42.41 40.80
C GLU A 32 22.74 -41.05 40.30
N VAL A 33 23.10 -40.69 39.07
CA VAL A 33 22.56 -39.49 38.46
C VAL A 33 21.09 -39.62 38.14
N GLU A 34 20.66 -40.75 37.59
CA GLU A 34 19.25 -40.97 37.29
C GLU A 34 18.38 -40.85 38.53
N ALA A 35 18.85 -41.31 39.68
CA ALA A 35 18.12 -41.17 40.91
C ALA A 35 18.23 -39.76 41.49
N ALA A 36 19.39 -39.13 41.39
CA ALA A 36 19.54 -37.76 41.85
C ALA A 36 18.73 -36.79 41.03
N VAL A 37 18.47 -37.10 39.76
CA VAL A 37 17.57 -36.27 38.96
C VAL A 37 16.14 -36.41 39.40
N ASN A 38 15.66 -37.63 39.65
CA ASN A 38 14.31 -37.84 40.14
C ASN A 38 14.03 -37.11 41.44
N ARG A 39 15.02 -36.99 42.32
CA ARG A 39 14.84 -36.20 43.53
C ARG A 39 14.91 -34.72 43.26
N LEU A 40 15.37 -34.31 42.08
CA LEU A 40 15.41 -32.91 41.72
C LEU A 40 14.14 -32.45 41.03
N VAL A 41 13.44 -33.32 40.32
CA VAL A 41 12.15 -32.96 39.76
C VAL A 41 11.13 -32.83 40.88
N ASN A 42 11.19 -33.70 41.88
CA ASN A 42 10.31 -33.56 43.02
C ASN A 42 10.60 -32.27 43.78
N LEU A 43 11.86 -31.87 43.85
CA LEU A 43 12.18 -30.59 44.47
C LEU A 43 11.60 -29.44 43.66
N HIS A 44 11.74 -29.47 42.34
CA HIS A 44 11.17 -28.41 41.52
C HIS A 44 9.66 -28.38 41.62
N LEU A 45 9.02 -29.54 41.66
CA LEU A 45 7.57 -29.58 41.80
C LEU A 45 7.14 -29.04 43.14
N ARG A 46 7.83 -29.40 44.21
CA ARG A 46 7.47 -28.90 45.52
C ARG A 46 7.70 -27.40 45.60
N ALA A 47 8.74 -26.90 44.96
CA ALA A 47 9.01 -25.48 44.89
C ALA A 47 7.98 -24.73 44.07
N SER A 48 7.43 -25.37 43.04
CA SER A 48 6.34 -24.78 42.27
C SER A 48 5.03 -24.83 43.04
N TYR A 49 4.85 -25.84 43.88
CA TYR A 49 3.72 -25.90 44.78
C TYR A 49 3.76 -24.81 45.84
N THR A 50 4.93 -24.55 46.41
CA THR A 50 5.04 -23.47 47.39
C THR A 50 4.77 -22.12 46.75
N TYR A 51 5.34 -21.89 45.57
CA TYR A 51 5.08 -20.64 44.88
C TYR A 51 3.62 -20.51 44.49
N LEU A 52 2.96 -21.62 44.16
CA LEU A 52 1.53 -21.57 43.91
C LEU A 52 0.78 -21.17 45.16
N SER A 53 1.20 -21.66 46.32
CA SER A 53 0.54 -21.27 47.56
C SER A 53 0.78 -19.80 47.86
N LEU A 54 1.99 -19.31 47.59
CA LEU A 54 2.28 -17.91 47.84
C LEU A 54 1.50 -17.01 46.90
N GLY A 55 1.44 -17.36 45.62
CA GLY A 55 0.74 -16.53 44.66
C GLY A 55 -0.75 -16.43 44.91
N PHE A 56 -1.32 -17.43 45.58
CA PHE A 56 -2.74 -17.40 45.93
C PHE A 56 -2.95 -16.96 47.36
N PHE A 57 -1.89 -16.63 48.08
CA PHE A 57 -2.01 -16.00 49.37
C PHE A 57 -2.03 -14.49 49.29
N PHE A 58 -1.30 -13.91 48.33
CA PHE A 58 -1.25 -12.47 48.17
C PHE A 58 -2.35 -11.93 47.28
N ASP A 59 -3.22 -12.78 46.77
CA ASP A 59 -4.47 -12.34 46.19
C ASP A 59 -5.65 -12.54 47.11
N ARG A 60 -5.43 -12.99 48.34
CA ARG A 60 -6.51 -13.06 49.30
C ARG A 60 -7.08 -11.67 49.53
N ASP A 61 -8.35 -11.63 49.91
CA ASP A 61 -9.03 -10.35 50.07
C ASP A 61 -8.39 -9.51 51.16
N ASP A 62 -7.76 -10.14 52.15
CA ASP A 62 -7.23 -9.42 53.30
C ASP A 62 -5.73 -9.14 53.18
N VAL A 63 -5.14 -9.43 52.03
CA VAL A 63 -3.77 -9.03 51.73
C VAL A 63 -3.73 -8.14 50.48
N ALA A 64 -4.27 -8.64 49.38
CA ALA A 64 -4.52 -7.83 48.18
C ALA A 64 -3.25 -7.19 47.64
N LEU A 65 -2.13 -7.88 47.76
CA LEU A 65 -0.89 -7.44 47.13
C LEU A 65 -0.80 -8.17 45.79
N GLU A 66 -1.65 -7.75 44.86
CA GLU A 66 -1.81 -8.50 43.61
C GLU A 66 -0.53 -8.50 42.79
N GLY A 67 0.32 -7.48 42.96
CA GLY A 67 1.61 -7.52 42.31
C GLY A 67 2.47 -8.66 42.79
N VAL A 68 2.57 -8.82 44.11
CA VAL A 68 3.31 -9.95 44.67
C VAL A 68 2.68 -11.25 44.26
N GLY A 69 1.34 -11.30 44.26
CA GLY A 69 0.66 -12.50 43.83
C GLY A 69 1.06 -12.90 42.42
N HIS A 70 0.98 -11.97 41.48
CA HIS A 70 1.38 -12.26 40.11
C HIS A 70 2.85 -12.62 39.99
N PHE A 71 3.71 -11.97 40.78
CA PHE A 71 5.12 -12.33 40.75
C PHE A 71 5.33 -13.80 41.10
N PHE A 72 4.75 -14.23 42.23
CA PHE A 72 4.90 -15.62 42.63
C PHE A 72 4.19 -16.55 41.67
N ARG A 73 3.11 -16.10 41.04
CA ARG A 73 2.41 -16.94 40.09
C ARG A 73 3.28 -17.21 38.86
N GLU A 74 3.78 -16.16 38.22
CA GLU A 74 4.66 -16.37 37.08
C GLU A 74 6.01 -16.94 37.49
N LEU A 75 6.29 -17.05 38.79
CA LEU A 75 7.43 -17.82 39.27
C LEU A 75 7.13 -19.32 39.34
N ALA A 76 5.94 -19.70 39.79
CA ALA A 76 5.55 -21.09 39.78
C ALA A 76 5.50 -21.66 38.37
N GLU A 77 5.03 -20.87 37.41
CA GLU A 77 5.12 -21.27 36.00
C GLU A 77 6.53 -21.71 35.65
N GLU A 78 7.52 -20.87 35.98
CA GLU A 78 8.89 -21.14 35.57
C GLU A 78 9.46 -22.33 36.33
N LYS A 79 9.14 -22.46 37.61
CA LYS A 79 9.63 -23.61 38.37
C LYS A 79 9.07 -24.91 37.81
N ARG A 80 7.78 -24.94 37.51
CA ARG A 80 7.21 -26.15 36.93
C ARG A 80 7.81 -26.44 35.57
N GLU A 81 7.98 -25.41 34.73
CA GLU A 81 8.66 -25.62 33.46
C GLU A 81 10.05 -26.19 33.67
N GLY A 82 10.75 -25.78 34.71
CA GLY A 82 12.05 -26.35 35.01
C GLY A 82 11.94 -27.79 35.44
N ALA A 83 10.78 -28.18 35.96
CA ALA A 83 10.58 -29.58 36.32
C ALA A 83 10.33 -30.47 35.12
N GLU A 84 9.54 -30.04 34.14
CA GLU A 84 9.30 -30.87 32.97
C GLU A 84 10.44 -30.83 31.98
N ARG A 85 11.34 -29.86 32.09
CA ARG A 85 12.56 -29.87 31.30
C ARG A 85 13.58 -30.83 31.86
N LEU A 86 13.52 -31.14 33.14
CA LEU A 86 14.32 -32.20 33.72
C LEU A 86 13.77 -33.58 33.45
N LEU A 87 12.45 -33.70 33.28
CA LEU A 87 11.85 -34.98 32.94
C LEU A 87 12.12 -35.37 31.50
N GLU A 88 12.04 -34.43 30.56
CA GLU A 88 12.37 -34.76 29.19
C GLU A 88 13.85 -35.00 28.99
N PHE A 89 14.70 -34.45 29.84
CA PHE A 89 16.09 -34.85 29.87
C PHE A 89 16.27 -36.25 30.41
N GLN A 90 15.46 -36.65 31.39
CA GLN A 90 15.49 -38.02 31.87
C GLN A 90 15.13 -39.00 30.77
N ASN A 91 14.22 -38.60 29.87
CA ASN A 91 13.85 -39.50 28.78
C ASN A 91 14.91 -39.51 27.69
N ASP A 92 15.49 -38.35 27.38
CA ASP A 92 16.51 -38.29 26.34
C ASP A 92 17.71 -39.15 26.70
N ARG A 93 18.08 -39.18 27.97
CA ARG A 93 19.21 -39.99 28.40
C ARG A 93 18.84 -41.44 28.65
N GLY A 94 17.55 -41.79 28.55
CA GLY A 94 17.13 -43.15 28.74
C GLY A 94 16.80 -43.54 30.16
N GLY A 95 16.65 -42.59 31.06
CA GLY A 95 16.28 -42.90 32.42
C GLY A 95 14.80 -43.15 32.57
N ARG A 96 14.41 -43.55 33.77
CA ARG A 96 13.02 -43.80 34.10
C ARG A 96 12.56 -42.82 35.15
N ALA A 97 11.54 -42.03 34.81
CA ALA A 97 11.03 -41.02 35.73
C ALA A 97 10.21 -41.68 36.82
N LEU A 98 10.63 -41.48 38.07
CA LEU A 98 9.94 -42.02 39.23
C LEU A 98 9.36 -40.85 40.02
N PHE A 99 8.04 -40.76 40.06
CA PHE A 99 7.40 -39.65 40.76
C PHE A 99 7.17 -39.98 42.22
N GLN A 100 7.17 -38.95 43.05
CA GLN A 100 6.94 -39.09 44.48
C GLN A 100 5.88 -38.10 44.90
N ASP A 101 5.44 -38.22 46.15
CA ASP A 101 4.41 -37.33 46.67
C ASP A 101 4.97 -35.93 46.79
N VAL A 102 4.36 -34.98 46.10
CA VAL A 102 4.73 -33.58 46.25
C VAL A 102 4.27 -33.12 47.63
N GLN A 103 5.21 -32.95 48.55
CA GLN A 103 4.86 -32.56 49.89
C GLN A 103 4.32 -31.13 49.91
N LYS A 104 3.32 -30.91 50.75
CA LYS A 104 2.63 -29.63 50.80
C LYS A 104 3.58 -28.52 51.25
N PRO A 105 3.27 -27.27 50.93
CA PRO A 105 4.15 -26.16 51.32
C PRO A 105 4.34 -26.09 52.82
N SER A 106 5.35 -25.34 53.23
CA SER A 106 5.71 -25.29 54.65
C SER A 106 4.66 -24.54 55.46
N GLN A 107 4.16 -23.43 54.94
CA GLN A 107 3.21 -22.59 55.66
C GLN A 107 1.95 -22.40 54.84
N ASP A 108 0.87 -22.03 55.54
CA ASP A 108 -0.33 -21.55 54.88
C ASP A 108 -0.52 -20.05 55.06
N GLU A 109 0.09 -19.47 56.09
CA GLU A 109 0.11 -18.03 56.27
C GLU A 109 1.56 -17.59 56.12
N TRP A 110 1.80 -16.63 55.24
CA TRP A 110 3.18 -16.22 55.00
C TRP A 110 3.48 -14.88 55.66
N GLY A 111 2.46 -14.10 55.94
CA GLY A 111 2.63 -12.84 56.62
C GLY A 111 2.92 -11.70 55.68
N LYS A 112 3.70 -10.75 56.18
CA LYS A 112 4.09 -9.60 55.36
C LYS A 112 4.93 -10.06 54.18
N THR A 113 4.93 -9.24 53.13
CA THR A 113 5.63 -9.62 51.90
C THR A 113 7.11 -9.85 52.15
N GLN A 114 7.69 -9.17 53.13
CA GLN A 114 9.10 -9.38 53.43
C GLN A 114 9.35 -10.77 53.98
N GLU A 115 8.59 -11.17 55.00
CA GLU A 115 8.75 -12.49 55.58
C GLU A 115 8.38 -13.60 54.60
N ALA A 116 7.70 -13.27 53.51
CA ALA A 116 7.40 -14.25 52.48
C ALA A 116 8.51 -14.32 51.43
N MET A 117 9.09 -13.20 51.06
CA MET A 117 10.18 -13.20 50.11
C MET A 117 11.47 -13.74 50.70
N GLU A 118 11.60 -13.77 52.02
CA GLU A 118 12.71 -14.48 52.65
C GLU A 118 12.48 -15.97 52.71
N ALA A 119 11.23 -16.41 52.82
CA ALA A 119 10.91 -17.82 52.72
C ALA A 119 10.90 -18.31 51.28
N ALA A 120 10.88 -17.40 50.32
CA ALA A 120 10.99 -17.75 48.92
C ALA A 120 12.43 -17.67 48.41
N LEU A 121 13.26 -16.88 49.05
CA LEU A 121 14.68 -16.86 48.74
C LEU A 121 15.43 -18.00 49.42
N ALA A 122 15.11 -18.31 50.68
CA ALA A 122 15.69 -19.47 51.33
C ALA A 122 15.29 -20.78 50.64
N MET A 123 14.22 -20.76 49.85
CA MET A 123 13.86 -21.92 49.06
C MET A 123 14.58 -21.98 47.73
N GLU A 124 14.95 -20.83 47.17
CA GLU A 124 15.78 -20.83 45.97
C GLU A 124 17.20 -21.23 46.28
N LYS A 125 17.82 -20.59 47.28
CA LYS A 125 19.17 -20.93 47.68
C LYS A 125 19.29 -22.38 48.12
N ASN A 126 18.18 -23.01 48.51
CA ASN A 126 18.16 -24.42 48.79
C ASN A 126 17.92 -25.26 47.55
N LEU A 127 17.09 -24.79 46.62
CA LEU A 127 16.94 -25.43 45.33
C LEU A 127 18.17 -25.28 44.46
N ASN A 128 18.87 -24.15 44.54
CA ASN A 128 20.12 -23.98 43.84
C ASN A 128 21.23 -24.85 44.40
N GLN A 129 21.21 -25.11 45.70
CA GLN A 129 22.19 -26.02 46.28
C GLN A 129 22.02 -27.43 45.75
N ALA A 130 20.78 -27.85 45.54
CA ALA A 130 20.54 -29.18 44.99
C ALA A 130 21.06 -29.28 43.57
N LEU A 131 20.91 -28.21 42.77
CA LEU A 131 21.46 -28.22 41.43
C LEU A 131 22.98 -28.31 41.45
N LEU A 132 23.63 -27.60 42.37
CA LEU A 132 25.07 -27.68 42.48
C LEU A 132 25.54 -29.05 42.94
N ASP A 133 24.80 -29.70 43.84
CA ASP A 133 25.13 -31.07 44.20
C ASP A 133 24.93 -32.03 43.05
N LEU A 134 23.90 -31.82 42.23
CA LEU A 134 23.73 -32.66 41.05
C LEU A 134 24.88 -32.45 40.07
N HIS A 135 25.30 -31.21 39.87
CA HIS A 135 26.42 -30.94 38.99
C HIS A 135 27.72 -31.50 39.54
N ALA A 136 27.89 -31.52 40.85
CA ALA A 136 29.06 -32.14 41.43
C ALA A 136 29.04 -33.65 41.27
N LEU A 137 27.87 -34.27 41.45
CA LEU A 137 27.75 -35.70 41.21
C LEU A 137 27.99 -36.03 39.75
N GLY A 138 27.42 -35.25 38.83
CA GLY A 138 27.61 -35.54 37.42
C GLY A 138 29.04 -35.39 36.96
N SER A 139 29.75 -34.40 37.49
CA SER A 139 31.16 -34.28 37.21
C SER A 139 31.98 -35.36 37.90
N ALA A 140 31.46 -35.95 38.97
CA ALA A 140 32.17 -37.06 39.62
C ALA A 140 32.10 -38.32 38.78
N ARG A 141 30.98 -38.56 38.11
CA ARG A 141 30.83 -39.72 37.25
C ARG A 141 31.16 -39.43 35.80
N ALA A 142 31.75 -38.27 35.51
CA ALA A 142 32.17 -37.88 34.17
C ALA A 142 30.99 -37.95 33.19
N ASP A 143 29.97 -37.15 33.50
CA ASP A 143 28.80 -37.03 32.63
C ASP A 143 28.78 -35.63 32.04
N PRO A 144 29.44 -35.39 30.91
CA PRO A 144 29.53 -34.02 30.39
C PRO A 144 28.21 -33.48 29.92
N HIS A 145 27.35 -34.32 29.33
CA HIS A 145 26.08 -33.82 28.83
C HIS A 145 25.22 -33.28 29.96
N LEU A 146 25.22 -33.95 31.11
CA LEU A 146 24.43 -33.48 32.23
C LEU A 146 24.95 -32.15 32.75
N CYS A 147 26.27 -32.01 32.88
CA CYS A 147 26.81 -30.76 33.36
C CYS A 147 26.52 -29.63 32.39
N ASP A 148 26.60 -29.91 31.09
CA ASP A 148 26.23 -28.89 30.11
C ASP A 148 24.77 -28.52 30.20
N PHE A 149 23.88 -29.51 30.33
CA PHE A 149 22.46 -29.24 30.44
C PHE A 149 22.16 -28.36 31.63
N LEU A 150 22.73 -28.69 32.79
CA LEU A 150 22.56 -27.85 33.96
C LEU A 150 23.10 -26.46 33.72
N GLU A 151 24.39 -26.35 33.36
CA GLU A 151 25.01 -25.05 33.16
C GLU A 151 24.21 -24.19 32.21
N SER A 152 23.53 -24.80 31.25
CA SER A 152 22.82 -24.04 30.23
C SER A 152 21.45 -23.60 30.73
N HIS A 153 20.71 -24.50 31.38
CA HIS A 153 19.30 -24.25 31.60
C HIS A 153 18.92 -23.88 33.03
N TYR A 154 19.74 -24.20 34.01
CA TYR A 154 19.30 -24.05 35.39
C TYR A 154 20.18 -23.11 36.20
N LEU A 155 21.51 -23.26 36.13
CA LEU A 155 22.37 -22.57 37.07
C LEU A 155 22.30 -21.06 36.91
N ASP A 156 22.45 -20.57 35.68
CA ASP A 156 22.47 -19.13 35.48
C ASP A 156 21.11 -18.51 35.75
N LYS A 157 20.04 -19.17 35.29
CA LYS A 157 18.70 -18.72 35.64
C LYS A 157 18.53 -18.62 37.14
N GLU A 158 19.09 -19.56 37.89
CA GLU A 158 18.87 -19.58 39.32
C GLU A 158 19.65 -18.47 40.01
N VAL A 159 20.90 -18.22 39.60
CA VAL A 159 21.61 -17.12 40.22
C VAL A 159 21.01 -15.78 39.87
N LYS A 160 20.46 -15.62 38.67
CA LYS A 160 19.77 -14.39 38.33
C LYS A 160 18.49 -14.22 39.14
N LEU A 161 17.74 -15.29 39.34
CA LEU A 161 16.54 -15.21 40.16
C LEU A 161 16.87 -14.89 41.61
N ILE A 162 17.92 -15.49 42.16
CA ILE A 162 18.32 -15.18 43.52
C ILE A 162 18.75 -13.73 43.64
N LYS A 163 19.47 -13.23 42.63
CA LYS A 163 19.85 -11.82 42.64
C LYS A 163 18.63 -10.93 42.64
N LYS A 164 17.64 -11.25 41.80
CA LYS A 164 16.42 -10.47 41.77
C LYS A 164 15.70 -10.49 43.12
N MET A 165 15.62 -11.65 43.76
CA MET A 165 15.00 -11.75 45.07
C MET A 165 15.76 -10.99 46.14
N GLY A 166 17.08 -10.94 46.06
CA GLY A 166 17.84 -10.17 47.01
C GLY A 166 17.60 -8.68 46.83
N ASN A 167 17.49 -8.26 45.56
CA ASN A 167 17.11 -6.88 45.29
C ASN A 167 15.76 -6.57 45.90
N HIS A 168 14.78 -7.44 45.69
CA HIS A 168 13.47 -7.24 46.29
C HIS A 168 13.56 -7.18 47.79
N LEU A 169 14.39 -8.03 48.39
CA LEU A 169 14.47 -8.07 49.84
C LEU A 169 15.05 -6.78 50.41
N THR A 170 16.12 -6.27 49.81
CA THR A 170 16.69 -5.04 50.33
C THR A 170 15.78 -3.85 50.07
N ASN A 171 15.09 -3.84 48.93
CA ASN A 171 14.14 -2.77 48.70
C ASN A 171 12.99 -2.83 49.69
N LEU A 172 12.60 -4.03 50.11
CA LEU A 172 11.56 -4.18 51.11
C LEU A 172 12.03 -3.76 52.49
N ARG A 173 13.26 -4.07 52.86
CA ARG A 173 13.82 -3.58 54.11
C ARG A 173 14.06 -2.09 54.09
N ARG A 174 14.19 -1.50 52.90
CA ARG A 174 14.40 -0.06 52.79
C ARG A 174 13.13 0.73 53.07
N VAL A 175 11.97 0.17 52.71
CA VAL A 175 10.72 0.89 52.84
C VAL A 175 9.97 0.41 54.09
N ALA A 176 10.62 -0.41 54.90
CA ALA A 176 9.99 -0.93 56.10
C ALA A 176 9.76 0.17 57.12
N SER A 189 1.93 0.05 57.10
CA SER A 189 2.88 -0.52 56.15
C SER A 189 2.75 0.13 54.79
N LEU A 190 2.82 1.46 54.76
CA LEU A 190 2.70 2.19 53.50
C LEU A 190 3.83 1.79 52.55
N GLY A 191 5.03 1.57 53.09
CA GLY A 191 6.16 1.26 52.23
C GLY A 191 5.96 -0.03 51.46
N GLU A 192 5.32 -1.02 52.08
CA GLU A 192 5.10 -2.29 51.40
C GLU A 192 4.14 -2.12 50.23
N TYR A 193 3.06 -1.35 50.43
CA TYR A 193 2.17 -1.05 49.32
C TYR A 193 2.89 -0.30 48.22
N LEU A 194 3.70 0.71 48.59
CA LEU A 194 4.43 1.47 47.59
C LEU A 194 5.36 0.58 46.80
N PHE A 195 6.03 -0.35 47.48
CA PHE A 195 6.91 -1.28 46.79
C PHE A 195 6.14 -2.13 45.82
N GLU A 196 5.06 -2.76 46.27
CA GLU A 196 4.27 -3.59 45.38
C GLU A 196 3.77 -2.80 44.18
N ARG A 197 3.49 -1.51 44.37
CA ARG A 197 2.93 -0.71 43.30
C ARG A 197 4.01 -0.28 42.30
N LEU A 198 5.19 0.06 42.80
CA LEU A 198 6.16 0.73 41.95
C LEU A 198 7.20 -0.23 41.37
N THR A 199 7.52 -1.30 42.09
CA THR A 199 8.49 -2.27 41.58
C THR A 199 7.79 -3.46 40.93
N LEU A 200 6.99 -4.17 41.71
CA LEU A 200 6.46 -5.45 41.26
C LEU A 200 5.41 -5.28 40.18
N LYS A 201 4.48 -4.34 40.37
CA LYS A 201 3.47 -4.10 39.36
C LYS A 201 4.10 -3.55 38.09
N HIS A 202 5.11 -2.70 38.23
CA HIS A 202 5.77 -2.12 37.08
C HIS A 202 6.43 -3.17 36.21
N ASP A 203 6.96 -4.23 36.82
CA ASP A 203 7.51 -5.35 36.05
C ASP A 203 6.45 -6.34 35.60
N GLY A 204 5.36 -6.49 36.34
CA GLY A 204 4.27 -7.33 35.87
C GLY A 204 3.65 -6.79 34.62
N ASP A 205 3.63 -5.46 34.48
CA ASP A 205 3.10 -4.85 33.26
C ASP A 205 3.95 -5.20 32.05
N ILE A 206 5.27 -5.25 32.21
CA ILE A 206 6.13 -5.53 31.06
C ILE A 206 6.20 -7.04 30.79
N GLU A 207 6.00 -7.87 31.83
CA GLU A 207 5.85 -9.29 31.58
C GLU A 207 4.66 -9.54 30.65
N SER A 208 3.53 -8.90 30.94
CA SER A 208 2.34 -9.07 30.12
C SER A 208 2.53 -8.43 28.74
N ALA A 209 3.60 -7.68 28.56
CA ALA A 209 3.92 -7.11 27.26
C ALA A 209 4.78 -8.03 26.42
N GLN A 210 5.82 -8.61 27.02
CA GLN A 210 6.70 -9.52 26.27
C GLN A 210 6.09 -10.92 26.16
N SER A 211 5.08 -11.21 26.97
CA SER A 211 4.47 -12.54 27.03
C SER A 211 3.91 -12.98 25.68
N THR B 22 -15.07 -14.69 59.05
CA THR B 22 -14.53 -13.46 59.62
C THR B 22 -14.07 -12.51 58.54
N SER B 23 -14.01 -13.00 57.31
CA SER B 23 -13.61 -12.16 56.19
C SER B 23 -14.65 -11.08 55.94
N GLN B 24 -14.19 -9.92 55.47
CA GLN B 24 -15.10 -8.81 55.25
C GLN B 24 -15.97 -9.03 54.02
N ILE B 25 -15.49 -9.82 53.06
CA ILE B 25 -16.24 -10.06 51.84
C ILE B 25 -16.96 -11.39 51.84
N ARG B 26 -16.74 -12.21 52.87
CA ARG B 26 -17.39 -13.51 52.94
C ARG B 26 -18.89 -13.32 53.09
N GLN B 27 -19.65 -13.82 52.12
CA GLN B 27 -21.11 -13.72 52.17
C GLN B 27 -21.72 -14.93 51.51
N ASN B 28 -22.58 -15.63 52.25
CA ASN B 28 -23.28 -16.81 51.73
C ASN B 28 -22.29 -17.84 51.20
N TYR B 29 -21.26 -18.12 51.98
CA TYR B 29 -20.23 -19.07 51.60
C TYR B 29 -19.99 -20.00 52.76
N SER B 30 -20.74 -21.10 52.79
CA SER B 30 -20.68 -22.03 53.91
C SER B 30 -19.30 -22.66 54.02
N THR B 31 -18.93 -23.02 55.25
CA THR B 31 -17.64 -23.65 55.48
C THR B 31 -17.60 -25.04 54.87
N GLU B 32 -18.76 -25.70 54.76
CA GLU B 32 -18.80 -27.02 54.14
C GLU B 32 -18.43 -26.95 52.68
N VAL B 33 -18.87 -25.90 51.98
CA VAL B 33 -18.45 -25.66 50.61
C VAL B 33 -16.99 -25.25 50.54
N GLU B 34 -16.54 -24.36 51.43
CA GLU B 34 -15.15 -23.94 51.44
C GLU B 34 -14.20 -25.10 51.65
N ALA B 35 -14.58 -26.08 52.47
CA ALA B 35 -13.77 -27.27 52.65
C ALA B 35 -13.91 -28.26 51.50
N ALA B 36 -15.11 -28.40 50.95
CA ALA B 36 -15.29 -29.26 49.79
C ALA B 36 -14.58 -28.74 48.56
N VAL B 37 -14.40 -27.42 48.45
CA VAL B 37 -13.60 -26.88 47.37
C VAL B 37 -12.12 -27.19 47.54
N ASN B 38 -11.58 -27.03 48.74
CA ASN B 38 -10.19 -27.36 49.00
C ASN B 38 -9.87 -28.82 48.68
N ARG B 39 -10.80 -29.73 48.90
CA ARG B 39 -10.58 -31.11 48.50
C ARG B 39 -10.74 -31.31 47.01
N LEU B 40 -11.30 -30.34 46.30
CA LEU B 40 -11.43 -30.42 44.86
C LEU B 40 -10.23 -29.86 44.13
N VAL B 41 -9.54 -28.87 44.70
CA VAL B 41 -8.31 -28.40 44.10
C VAL B 41 -7.22 -29.44 44.25
N ASN B 42 -7.18 -30.14 45.38
CA ASN B 42 -6.22 -31.22 45.53
C ASN B 42 -6.52 -32.34 44.55
N LEU B 43 -7.80 -32.60 44.27
CA LEU B 43 -8.14 -33.59 43.27
C LEU B 43 -7.68 -33.15 41.88
N HIS B 44 -7.90 -31.89 41.53
CA HIS B 44 -7.44 -31.40 40.24
C HIS B 44 -5.93 -31.44 40.14
N LEU B 45 -5.24 -31.09 41.21
CA LEU B 45 -3.78 -31.14 41.19
C LEU B 45 -3.27 -32.56 41.04
N ARG B 46 -3.88 -33.50 41.77
CA ARG B 46 -3.47 -34.88 41.66
C ARG B 46 -3.76 -35.43 40.27
N ALA B 47 -4.86 -35.01 39.67
CA ALA B 47 -5.21 -35.41 38.32
C ALA B 47 -4.27 -34.80 37.29
N SER B 48 -3.75 -33.60 37.54
CA SER B 48 -2.75 -33.00 36.69
C SER B 48 -1.39 -33.65 36.87
N TYR B 49 -1.11 -34.13 38.08
CA TYR B 49 0.08 -34.92 38.33
C TYR B 49 0.05 -36.26 37.61
N THR B 50 -1.08 -36.94 37.61
CA THR B 50 -1.18 -38.20 36.90
C THR B 50 -1.03 -37.99 35.41
N TYR B 51 -1.68 -36.97 34.86
CA TYR B 51 -1.54 -36.68 33.44
C TYR B 51 -0.11 -36.28 33.10
N LEU B 52 0.57 -35.60 34.02
CA LEU B 52 1.98 -35.30 33.79
C LEU B 52 2.80 -36.58 33.74
N SER B 53 2.48 -37.55 34.59
CA SER B 53 3.20 -38.81 34.55
C SER B 53 2.91 -39.57 33.26
N LEU B 54 1.66 -39.52 32.79
CA LEU B 54 1.32 -40.20 31.55
C LEU B 54 1.99 -39.54 30.36
N GLY B 55 1.98 -38.21 30.31
CA GLY B 55 2.58 -37.52 29.18
C GLY B 55 4.07 -37.71 29.07
N PHE B 56 4.74 -38.02 30.18
CA PHE B 56 6.15 -38.29 30.16
C PHE B 56 6.45 -39.78 30.15
N PHE B 57 5.42 -40.61 30.12
CA PHE B 57 5.60 -42.03 29.91
C PHE B 57 5.53 -42.40 28.44
N PHE B 58 4.73 -41.70 27.65
CA PHE B 58 4.59 -42.00 26.23
C PHE B 58 5.60 -41.28 25.38
N ASP B 59 6.47 -40.47 25.99
CA ASP B 59 7.66 -39.99 25.30
C ASP B 59 8.90 -40.75 25.69
N ARG B 60 8.79 -41.80 26.50
CA ARG B 60 9.92 -42.64 26.80
C ARG B 60 10.45 -43.26 25.50
N ASP B 61 11.73 -43.58 25.50
CA ASP B 61 12.35 -44.08 24.28
C ASP B 61 11.75 -45.40 23.84
N ASP B 62 11.22 -46.19 24.78
CA ASP B 62 10.73 -47.52 24.49
C ASP B 62 9.22 -47.57 24.28
N VAL B 63 8.57 -46.42 24.25
CA VAL B 63 7.17 -46.31 23.87
C VAL B 63 6.99 -45.40 22.66
N ALA B 64 7.48 -44.17 22.76
CA ALA B 64 7.62 -43.27 21.61
C ALA B 64 6.28 -43.01 20.92
N LEU B 65 5.20 -42.96 21.69
CA LEU B 65 3.91 -42.56 21.16
C LEU B 65 3.77 -41.07 21.47
N GLU B 66 4.53 -40.27 20.74
CA GLU B 66 4.64 -38.85 21.06
C GLU B 66 3.32 -38.13 20.89
N GLY B 67 2.43 -38.64 20.04
CA GLY B 67 1.11 -38.06 19.95
C GLY B 67 0.33 -38.22 21.24
N VAL B 68 0.32 -39.43 21.80
CA VAL B 68 -0.32 -39.65 23.09
C VAL B 68 0.36 -38.83 24.17
N GLY B 69 1.68 -38.76 24.13
CA GLY B 69 2.40 -37.95 25.10
C GLY B 69 1.93 -36.51 25.08
N HIS B 70 1.89 -35.90 23.90
CA HIS B 70 1.42 -34.52 23.80
C HIS B 70 -0.04 -34.37 24.19
N PHE B 71 -0.87 -35.35 23.88
CA PHE B 71 -2.27 -35.29 24.31
C PHE B 71 -2.36 -35.19 25.82
N PHE B 72 -1.70 -36.09 26.52
CA PHE B 72 -1.76 -36.05 27.98
C PHE B 72 -1.06 -34.83 28.53
N ARG B 73 -0.05 -34.33 27.84
CA ARG B 73 0.62 -33.12 28.30
C ARG B 73 -0.30 -31.92 28.25
N GLU B 74 -0.91 -31.65 27.10
CA GLU B 74 -1.84 -30.54 27.01
C GLU B 74 -3.13 -30.82 27.76
N LEU B 75 -3.32 -32.04 28.27
CA LEU B 75 -4.38 -32.30 29.23
C LEU B 75 -4.01 -31.91 30.65
N ALA B 76 -2.78 -32.17 31.07
CA ALA B 76 -2.32 -31.71 32.37
C ALA B 76 -2.33 -30.20 32.48
N GLU B 77 -1.97 -29.50 31.40
CA GLU B 77 -2.12 -28.05 31.37
C GLU B 77 -3.53 -27.65 31.77
N GLU B 78 -4.54 -28.26 31.15
CA GLU B 78 -5.91 -27.84 31.38
C GLU B 78 -6.38 -28.24 32.77
N LYS B 79 -5.97 -29.41 33.26
CA LYS B 79 -6.36 -29.79 34.61
C LYS B 79 -5.77 -28.84 35.65
N ARG B 80 -4.50 -28.48 35.49
CA ARG B 80 -3.89 -27.53 36.43
C ARG B 80 -4.57 -26.18 36.34
N GLU B 81 -4.85 -25.71 35.12
CA GLU B 81 -5.61 -24.47 34.99
C GLU B 81 -6.95 -24.55 35.68
N GLY B 82 -7.60 -25.71 35.65
CA GLY B 82 -8.84 -25.88 36.37
C GLY B 82 -8.64 -25.85 37.87
N ALA B 83 -7.43 -26.17 38.32
CA ALA B 83 -7.13 -26.07 39.74
C ALA B 83 -6.93 -24.64 40.21
N GLU B 84 -6.22 -23.80 39.46
CA GLU B 84 -6.01 -22.43 39.88
C GLU B 84 -7.22 -21.55 39.61
N ARG B 85 -8.15 -22.00 38.78
CA ARG B 85 -9.42 -21.30 38.63
C ARG B 85 -10.36 -21.58 39.79
N LEU B 86 -10.19 -22.71 40.47
CA LEU B 86 -10.91 -22.99 41.70
C LEU B 86 -10.30 -22.26 42.90
N LEU B 87 -9.00 -22.01 42.87
CA LEU B 87 -8.36 -21.27 43.94
C LEU B 87 -8.69 -19.79 43.90
N GLU B 88 -8.72 -19.19 42.71
CA GLU B 88 -9.12 -17.80 42.63
C GLU B 88 -10.60 -17.60 42.91
N PHE B 89 -11.42 -18.62 42.69
CA PHE B 89 -12.79 -18.60 43.17
C PHE B 89 -12.86 -18.68 44.69
N GLN B 90 -11.97 -19.46 45.30
CA GLN B 90 -11.90 -19.51 46.75
C GLN B 90 -11.57 -18.14 47.33
N ASN B 91 -10.74 -17.36 46.63
CA ASN B 91 -10.39 -16.04 47.11
C ASN B 91 -11.52 -15.04 46.87
N ASP B 92 -12.18 -15.12 45.71
CA ASP B 92 -13.27 -14.21 45.41
C ASP B 92 -14.40 -14.34 46.43
N ARG B 93 -14.68 -15.56 46.86
CA ARG B 93 -15.73 -15.78 47.83
C ARG B 93 -15.27 -15.56 49.26
N GLY B 94 -13.99 -15.29 49.48
CA GLY B 94 -13.49 -15.04 50.81
C GLY B 94 -13.05 -16.25 51.58
N GLY B 95 -12.88 -17.38 50.93
CA GLY B 95 -12.41 -18.57 51.62
C GLY B 95 -10.91 -18.56 51.80
N ARG B 96 -10.42 -19.57 52.51
CA ARG B 96 -9.00 -19.73 52.77
C ARG B 96 -8.52 -21.02 52.11
N ALA B 97 -7.58 -20.88 51.18
CA ALA B 97 -7.05 -22.04 50.47
C ALA B 97 -6.13 -22.84 51.38
N LEU B 98 -6.48 -24.11 51.59
CA LEU B 98 -5.69 -25.02 52.40
C LEU B 98 -5.12 -26.10 51.50
N PHE B 99 -3.80 -26.11 51.33
CA PHE B 99 -3.17 -27.07 50.43
C PHE B 99 -2.83 -28.35 51.19
N GLN B 100 -2.82 -29.45 50.45
CA GLN B 100 -2.51 -30.76 51.00
C GLN B 100 -1.46 -31.41 50.11
N ASP B 101 -0.93 -32.53 50.58
CA ASP B 101 0.08 -33.26 49.82
C ASP B 101 -0.54 -33.83 48.56
N VAL B 102 -0.02 -33.43 47.40
CA VAL B 102 -0.45 -34.03 46.16
C VAL B 102 0.08 -35.45 46.09
N GLN B 103 -0.81 -36.41 46.27
CA GLN B 103 -0.39 -37.81 46.28
C GLN B 103 0.07 -38.23 44.89
N LYS B 104 1.11 -39.05 44.86
CA LYS B 104 1.74 -39.45 43.62
C LYS B 104 0.77 -40.26 42.76
N PRO B 105 1.01 -40.33 41.45
CA PRO B 105 0.09 -41.07 40.57
C PRO B 105 0.00 -42.54 40.97
N SER B 106 -1.03 -43.20 40.45
CA SER B 106 -1.29 -44.58 40.85
C SER B 106 -0.22 -45.53 40.33
N GLN B 107 0.19 -45.35 39.08
CA GLN B 107 1.13 -46.25 38.43
C GLN B 107 2.34 -45.47 37.91
N ASP B 108 3.43 -46.20 37.69
CA ASP B 108 4.57 -45.66 36.96
C ASP B 108 4.69 -46.28 35.58
N GLU B 109 4.12 -47.45 35.38
CA GLU B 109 4.04 -48.07 34.06
C GLU B 109 2.57 -48.14 33.70
N TRP B 110 2.21 -47.60 32.54
CA TRP B 110 0.80 -47.56 32.17
C TRP B 110 0.48 -48.61 31.11
N GLY B 111 1.48 -49.07 30.38
CA GLY B 111 1.29 -50.11 29.41
C GLY B 111 0.88 -49.57 28.05
N LYS B 112 0.10 -50.38 27.35
CA LYS B 112 -0.40 -49.97 26.05
C LYS B 112 -1.30 -48.74 26.18
N THR B 113 -1.41 -47.99 25.08
CA THR B 113 -2.17 -46.74 25.13
C THR B 113 -3.62 -46.98 25.52
N GLN B 114 -4.15 -48.15 25.20
CA GLN B 114 -5.54 -48.43 25.58
C GLN B 114 -5.68 -48.55 27.10
N GLU B 115 -4.84 -49.36 27.73
CA GLU B 115 -4.89 -49.51 29.17
C GLU B 115 -4.53 -48.23 29.91
N ALA B 116 -3.95 -47.25 29.22
CA ALA B 116 -3.67 -45.97 29.81
C ALA B 116 -4.83 -45.01 29.65
N MET B 117 -5.49 -45.02 28.50
CA MET B 117 -6.65 -44.16 28.29
C MET B 117 -7.86 -44.63 29.07
N GLU B 118 -7.91 -45.88 29.50
CA GLU B 118 -8.94 -46.31 30.44
C GLU B 118 -8.63 -45.89 31.87
N ALA B 119 -7.36 -45.81 32.23
CA ALA B 119 -6.97 -45.27 33.53
C ALA B 119 -7.03 -43.75 33.55
N ALA B 120 -7.13 -43.12 32.40
CA ALA B 120 -7.30 -41.68 32.31
C ALA B 120 -8.77 -41.29 32.19
N LEU B 121 -9.60 -42.19 31.67
CA LEU B 121 -11.03 -41.97 31.67
C LEU B 121 -11.68 -42.30 33.00
N ALA B 122 -11.27 -43.38 33.65
CA ALA B 122 -11.73 -43.68 35.00
C ALA B 122 -11.32 -42.61 36.00
N MET B 123 -10.32 -41.80 35.68
CA MET B 123 -9.94 -40.69 36.53
C MET B 123 -10.75 -39.43 36.22
N GLU B 124 -11.20 -39.27 34.98
CA GLU B 124 -12.11 -38.17 34.67
C GLU B 124 -13.50 -38.41 35.25
N LYS B 125 -14.07 -39.57 34.98
CA LYS B 125 -15.38 -39.93 35.52
C LYS B 125 -15.39 -39.91 37.03
N ASN B 126 -14.23 -40.03 37.67
CA ASN B 126 -14.12 -39.87 39.11
C ASN B 126 -13.92 -38.42 39.51
N LEU B 127 -13.18 -37.64 38.72
CA LEU B 127 -13.09 -36.22 38.94
C LEU B 127 -14.38 -35.49 38.61
N ASN B 128 -15.13 -35.95 37.62
CA ASN B 128 -16.42 -35.38 37.33
C ASN B 128 -17.45 -35.70 38.40
N GLN B 129 -17.33 -36.87 39.03
CA GLN B 129 -18.23 -37.19 40.14
C GLN B 129 -18.02 -36.25 41.30
N ALA B 130 -16.77 -35.86 41.57
CA ALA B 130 -16.50 -34.91 42.64
C ALA B 130 -17.12 -33.56 42.34
N LEU B 131 -17.07 -33.13 41.08
CA LEU B 131 -17.71 -31.87 40.72
C LEU B 131 -19.22 -31.94 40.91
N LEU B 132 -19.84 -33.06 40.55
CA LEU B 132 -21.27 -33.20 40.77
C LEU B 132 -21.63 -33.24 42.24
N ASP B 133 -20.81 -33.86 43.08
CA ASP B 133 -21.04 -33.81 44.52
C ASP B 133 -20.87 -32.40 45.07
N LEU B 134 -19.91 -31.64 44.55
CA LEU B 134 -19.78 -30.26 44.97
C LEU B 134 -20.99 -29.45 44.57
N HIS B 135 -21.48 -29.65 43.35
CA HIS B 135 -22.68 -28.94 42.90
C HIS B 135 -23.91 -29.36 43.68
N ALA B 136 -23.99 -30.61 44.11
CA ALA B 136 -25.09 -31.04 44.96
C ALA B 136 -25.00 -30.42 46.34
N LEU B 137 -23.80 -30.35 46.90
CA LEU B 137 -23.62 -29.68 48.18
C LEU B 137 -23.94 -28.19 48.09
N GLY B 138 -23.48 -27.54 47.02
CA GLY B 138 -23.73 -26.11 46.88
C GLY B 138 -25.20 -25.80 46.71
N SER B 139 -25.92 -26.63 45.96
CA SER B 139 -27.36 -26.47 45.86
C SER B 139 -28.07 -26.82 47.16
N ALA B 140 -27.45 -27.65 48.01
CA ALA B 140 -28.05 -27.96 49.29
C ALA B 140 -27.98 -26.77 50.24
N ARG B 141 -26.90 -26.00 50.18
CA ARG B 141 -26.75 -24.83 51.03
C ARG B 141 -27.19 -23.55 50.33
N ALA B 142 -27.86 -23.66 49.19
CA ALA B 142 -28.37 -22.53 48.44
C ALA B 142 -27.26 -21.52 48.13
N ASP B 143 -26.26 -22.00 47.39
CA ASP B 143 -25.16 -21.16 46.93
C ASP B 143 -25.26 -21.03 45.42
N PRO B 144 -26.01 -20.05 44.90
CA PRO B 144 -26.19 -19.99 43.46
C PRO B 144 -24.93 -19.63 42.70
N HIS B 145 -24.07 -18.78 43.27
CA HIS B 145 -22.86 -18.39 42.55
C HIS B 145 -21.95 -19.59 42.33
N LEU B 146 -21.85 -20.48 43.32
CA LEU B 146 -21.01 -21.65 43.15
C LEU B 146 -21.56 -22.57 42.07
N CYS B 147 -22.87 -22.80 42.08
CA CYS B 147 -23.45 -23.67 41.06
C CYS B 147 -23.27 -23.07 39.68
N ASP B 148 -23.42 -21.75 39.55
CA ASP B 148 -23.18 -21.12 38.26
C ASP B 148 -21.73 -21.26 37.84
N PHE B 149 -20.80 -21.03 38.76
CA PHE B 149 -19.38 -21.15 38.45
C PHE B 149 -19.04 -22.54 37.94
N LEU B 150 -19.52 -23.56 38.65
CA LEU B 150 -19.31 -24.93 38.19
C LEU B 150 -19.94 -25.15 36.83
N GLU B 151 -21.25 -24.90 36.71
CA GLU B 151 -21.95 -25.13 35.45
C GLU B 151 -21.25 -24.46 34.29
N SER B 152 -20.61 -23.32 34.54
CA SER B 152 -20.01 -22.56 33.45
C SER B 152 -18.63 -23.10 33.10
N HIS B 153 -17.81 -23.40 34.10
CA HIS B 153 -16.39 -23.62 33.84
C HIS B 153 -15.95 -25.07 33.89
N TYR B 154 -16.69 -25.96 34.55
CA TYR B 154 -16.17 -27.30 34.78
C TYR B 154 -17.04 -28.39 34.20
N LEU B 155 -18.34 -28.33 34.40
CA LEU B 155 -19.19 -29.49 34.09
C LEU B 155 -19.20 -29.79 32.60
N ASP B 156 -19.46 -28.78 31.78
CA ASP B 156 -19.56 -29.02 30.35
C ASP B 156 -18.21 -29.41 29.76
N LYS B 157 -17.15 -28.72 30.17
CA LYS B 157 -15.82 -29.12 29.76
C LYS B 157 -15.55 -30.58 30.09
N GLU B 158 -16.01 -31.02 31.26
CA GLU B 158 -15.70 -32.37 31.69
C GLU B 158 -16.48 -33.40 30.90
N VAL B 159 -17.76 -33.15 30.61
CA VAL B 159 -18.49 -34.11 29.80
C VAL B 159 -17.98 -34.15 28.38
N LYS B 160 -17.51 -33.03 27.84
CA LYS B 160 -16.91 -33.06 26.52
C LYS B 160 -15.59 -33.81 26.51
N LEU B 161 -14.78 -33.64 27.54
CA LEU B 161 -13.53 -34.40 27.63
C LEU B 161 -13.78 -35.89 27.79
N ILE B 162 -14.77 -36.27 28.59
CA ILE B 162 -15.09 -37.68 28.74
C ILE B 162 -15.58 -38.26 27.43
N LYS B 163 -16.38 -37.49 26.69
CA LYS B 163 -16.84 -37.94 25.38
C LYS B 163 -15.66 -38.16 24.45
N LYS B 164 -14.72 -37.21 24.44
CA LYS B 164 -13.54 -37.36 23.61
C LYS B 164 -12.74 -38.61 23.98
N MET B 165 -12.56 -38.86 25.27
CA MET B 165 -11.86 -40.04 25.72
C MET B 165 -12.58 -41.33 25.36
N GLY B 166 -13.89 -41.32 25.39
CA GLY B 166 -14.63 -42.50 24.98
C GLY B 166 -14.48 -42.77 23.50
N ASN B 167 -14.48 -41.70 22.72
CA ASN B 167 -14.18 -41.84 21.29
C ASN B 167 -12.81 -42.46 21.09
N HIS B 168 -11.80 -41.92 21.79
CA HIS B 168 -10.46 -42.50 21.69
C HIS B 168 -10.47 -43.96 22.09
N LEU B 169 -11.22 -44.31 23.14
CA LEU B 169 -11.20 -45.68 23.63
C LEU B 169 -11.79 -46.63 22.60
N THR B 170 -12.93 -46.28 22.01
CA THR B 170 -13.52 -47.18 21.04
C THR B 170 -12.70 -47.24 19.76
N ASN B 171 -12.08 -46.12 19.36
CA ASN B 171 -11.19 -46.19 18.21
C ASN B 171 -9.98 -47.06 18.49
N LEU B 172 -9.51 -47.07 19.74
CA LEU B 172 -8.40 -47.94 20.11
C LEU B 172 -8.79 -49.40 20.15
N ARG B 173 -9.98 -49.71 20.65
CA ARG B 173 -10.48 -51.08 20.59
C ARG B 173 -10.79 -51.52 19.18
N ARG B 174 -11.04 -50.57 18.27
CA ARG B 174 -11.33 -50.92 16.89
C ARG B 174 -10.07 -51.37 16.15
N VAL B 175 -8.92 -50.81 16.48
CA VAL B 175 -7.69 -51.09 15.76
C VAL B 175 -6.85 -52.09 16.52
N ALA B 176 -7.40 -52.64 17.60
CA ALA B 176 -6.66 -53.59 18.42
C ALA B 176 -6.42 -54.88 17.65
N SER B 189 1.38 -54.46 17.23
CA SER B 189 0.41 -53.43 17.56
C SER B 189 0.41 -52.33 16.53
N LEU B 190 0.28 -52.72 15.26
CA LEU B 190 0.27 -51.73 14.18
C LEU B 190 -0.90 -50.76 14.34
N GLY B 191 -2.04 -51.25 14.79
CA GLY B 191 -3.20 -50.40 14.91
C GLY B 191 -3.01 -49.27 15.90
N GLU B 192 -2.27 -49.52 16.98
CA GLU B 192 -2.03 -48.48 17.96
C GLU B 192 -1.16 -47.37 17.38
N TYR B 193 -0.11 -47.74 16.64
CA TYR B 193 0.69 -46.74 15.95
C TYR B 193 -0.14 -45.96 14.96
N LEU B 194 -0.97 -46.65 14.17
CA LEU B 194 -1.80 -45.97 13.19
C LEU B 194 -2.75 -45.00 13.87
N PHE B 195 -3.31 -45.39 15.00
CA PHE B 195 -4.20 -44.49 15.73
C PHE B 195 -3.44 -43.26 16.20
N GLU B 196 -2.31 -43.46 16.86
CA GLU B 196 -1.53 -42.32 17.33
C GLU B 196 -1.16 -41.40 16.18
N ARG B 197 -0.93 -41.95 15.00
CA ARG B 197 -0.49 -41.14 13.87
C ARG B 197 -1.65 -40.38 13.24
N LEU B 198 -2.81 -41.01 13.15
CA LEU B 198 -3.87 -40.46 12.32
C LEU B 198 -4.88 -39.66 13.12
N THR B 199 -5.12 -40.04 14.37
CA THR B 199 -6.07 -39.31 15.21
C THR B 199 -5.35 -38.30 16.10
N LEU B 200 -4.46 -38.78 16.96
CA LEU B 200 -3.90 -37.93 18.00
C LEU B 200 -2.94 -36.90 17.43
N LYS B 201 -2.04 -37.34 16.55
CA LYS B 201 -1.11 -36.39 15.95
C LYS B 201 -1.85 -35.38 15.08
N HIS B 202 -2.90 -35.83 14.39
CA HIS B 202 -3.66 -34.94 13.52
C HIS B 202 -4.32 -33.82 14.32
N ASP B 203 -4.75 -34.10 15.54
CA ASP B 203 -5.30 -33.06 16.40
C ASP B 203 -4.22 -32.27 17.15
N GLY B 204 -3.08 -32.89 17.43
CA GLY B 204 -1.99 -32.13 18.02
C GLY B 204 -1.47 -31.07 17.08
N ASP B 205 -1.52 -31.35 15.77
CA ASP B 205 -1.11 -30.35 14.80
C ASP B 205 -2.02 -29.13 14.82
N ILE B 206 -3.33 -29.33 15.01
CA ILE B 206 -4.23 -28.19 14.98
C ILE B 206 -4.26 -27.49 16.33
N GLU B 207 -3.95 -28.21 17.43
CA GLU B 207 -3.74 -27.52 18.69
C GLU B 207 -2.61 -26.51 18.57
N SER B 208 -1.49 -26.93 17.98
CA SER B 208 -0.35 -26.04 17.81
C SER B 208 -0.66 -24.93 16.80
N ALA B 209 -1.78 -25.04 16.10
CA ALA B 209 -2.20 -23.99 15.18
C ALA B 209 -3.07 -22.96 15.87
N GLN B 210 -4.04 -23.39 16.67
CA GLN B 210 -4.93 -22.45 17.37
C GLN B 210 -4.26 -21.89 18.63
N SER B 211 -3.18 -22.52 19.07
CA SER B 211 -2.51 -22.14 20.33
C SER B 211 -2.02 -20.69 20.30
N THR C 22 19.30 -58.08 -13.25
CA THR C 22 18.17 -58.75 -12.62
C THR C 22 17.14 -57.73 -12.15
N SER C 23 17.52 -56.46 -12.18
CA SER C 23 16.60 -55.41 -11.77
C SER C 23 15.45 -55.29 -12.76
N GLN C 24 14.29 -54.91 -12.26
CA GLN C 24 13.11 -54.83 -13.11
C GLN C 24 13.17 -53.63 -14.04
N ILE C 25 13.90 -52.58 -13.66
CA ILE C 25 13.99 -51.37 -14.45
C ILE C 25 15.29 -51.29 -15.25
N ARG C 26 16.20 -52.23 -15.04
CA ARG C 26 17.47 -52.22 -15.75
C ARG C 26 17.21 -52.46 -17.23
N GLN C 27 17.58 -51.49 -18.05
CA GLN C 27 17.41 -51.61 -19.49
C GLN C 27 18.53 -50.88 -20.20
N ASN C 28 19.26 -51.58 -21.07
CA ASN C 28 20.35 -51.00 -21.85
C ASN C 28 21.36 -50.33 -20.94
N TYR C 29 21.78 -51.04 -19.89
CA TYR C 29 22.74 -50.52 -18.93
C TYR C 29 23.78 -51.60 -18.69
N SER C 30 24.84 -51.57 -19.50
CA SER C 30 25.86 -52.60 -19.45
C SER C 30 26.57 -52.59 -18.10
N THR C 31 27.06 -53.77 -17.71
CA THR C 31 27.77 -53.88 -16.43
C THR C 31 29.10 -53.15 -16.50
N GLU C 32 29.69 -53.04 -17.69
CA GLU C 32 30.94 -52.31 -17.82
C GLU C 32 30.75 -50.84 -17.51
N VAL C 33 29.62 -50.26 -17.94
CA VAL C 33 29.28 -48.90 -17.55
C VAL C 33 28.94 -48.79 -16.07
N GLU C 34 28.16 -49.72 -15.54
CA GLU C 34 27.82 -49.73 -14.13
C GLU C 34 29.04 -49.77 -13.24
N ALA C 35 30.07 -50.52 -13.63
CA ALA C 35 31.31 -50.56 -12.88
C ALA C 35 32.18 -49.34 -13.13
N ALA C 36 32.21 -48.84 -14.35
CA ALA C 36 32.96 -47.62 -14.64
C ALA C 36 32.37 -46.41 -13.94
N VAL C 37 31.05 -46.41 -13.68
CA VAL C 37 30.45 -45.34 -12.91
C VAL C 37 30.85 -45.42 -11.45
N ASN C 38 30.82 -46.60 -10.84
CA ASN C 38 31.25 -46.76 -9.46
C ASN C 38 32.68 -46.30 -9.24
N ARG C 39 33.56 -46.49 -10.20
CA ARG C 39 34.91 -45.96 -10.09
C ARG C 39 34.97 -44.46 -10.31
N LEU C 40 33.91 -43.87 -10.84
CA LEU C 40 33.86 -42.43 -11.05
C LEU C 40 33.30 -41.70 -9.84
N VAL C 41 32.40 -42.32 -9.08
CA VAL C 41 31.93 -41.71 -7.85
C VAL C 41 33.04 -41.71 -6.81
N ASN C 42 33.84 -42.78 -6.77
CA ASN C 42 34.97 -42.79 -5.86
C ASN C 42 35.99 -41.73 -6.27
N LEU C 43 36.16 -41.50 -7.56
CA LEU C 43 37.03 -40.42 -7.99
C LEU C 43 36.50 -39.07 -7.57
N HIS C 44 35.20 -38.84 -7.73
CA HIS C 44 34.62 -37.56 -7.31
C HIS C 44 34.72 -37.39 -5.80
N LEU C 45 34.51 -38.46 -5.05
CA LEU C 45 34.62 -38.37 -3.60
C LEU C 45 36.06 -38.07 -3.18
N ARG C 46 37.02 -38.75 -3.81
CA ARG C 46 38.42 -38.50 -3.47
C ARG C 46 38.81 -37.08 -3.84
N ALA C 47 38.29 -36.56 -4.95
CA ALA C 47 38.54 -35.20 -5.37
C ALA C 47 37.89 -34.19 -4.45
N SER C 48 36.75 -34.53 -3.86
CA SER C 48 36.12 -33.68 -2.86
C SER C 48 36.86 -33.74 -1.54
N TYR C 49 37.45 -34.88 -1.22
CA TYR C 49 38.33 -35.01 -0.06
C TYR C 49 39.59 -34.18 -0.20
N THR C 50 40.21 -34.18 -1.37
CA THR C 50 41.40 -33.36 -1.57
C THR C 50 41.06 -31.89 -1.46
N TYR C 51 39.96 -31.47 -2.08
CA TYR C 51 39.56 -30.07 -1.98
C TYR C 51 39.20 -29.70 -0.55
N LEU C 52 38.63 -30.65 0.21
CA LEU C 52 38.39 -30.38 1.62
C LEU C 52 39.70 -30.17 2.37
N SER C 53 40.73 -30.95 2.03
CA SER C 53 42.02 -30.77 2.67
C SER C 53 42.63 -29.43 2.30
N LEU C 54 42.48 -29.03 1.04
CA LEU C 54 43.02 -27.75 0.60
C LEU C 54 42.30 -26.59 1.26
N GLY C 55 40.97 -26.65 1.33
CA GLY C 55 40.22 -25.57 1.91
C GLY C 55 40.47 -25.37 3.38
N PHE C 56 40.91 -26.41 4.07
CA PHE C 56 41.25 -26.31 5.48
C PHE C 56 42.74 -26.16 5.69
N PHE C 57 43.51 -26.11 4.61
CA PHE C 57 44.92 -25.76 4.71
C PHE C 57 45.16 -24.27 4.56
N PHE C 58 44.34 -23.58 3.76
CA PHE C 58 44.51 -22.16 3.55
C PHE C 58 43.76 -21.32 4.57
N ASP C 59 43.06 -21.95 5.50
CA ASP C 59 42.58 -21.26 6.68
C ASP C 59 43.44 -21.53 7.90
N ARG C 60 44.54 -22.24 7.76
CA ARG C 60 45.46 -22.40 8.86
C ARG C 60 45.99 -21.05 9.30
N ASP C 61 46.36 -20.95 10.57
CA ASP C 61 46.79 -19.67 11.11
C ASP C 61 48.04 -19.15 10.41
N ASP C 62 48.87 -20.04 9.88
CA ASP C 62 50.16 -19.65 9.31
C ASP C 62 50.11 -19.52 7.79
N VAL C 63 48.92 -19.62 7.19
CA VAL C 63 48.72 -19.30 5.78
C VAL C 63 47.69 -18.18 5.62
N ALA C 64 46.50 -18.36 6.17
CA ALA C 64 45.51 -17.30 6.31
C ALA C 64 45.12 -16.70 4.96
N LEU C 65 45.09 -17.52 3.92
CA LEU C 65 44.57 -17.09 2.63
C LEU C 65 43.12 -17.53 2.59
N GLU C 66 42.29 -16.83 3.36
CA GLU C 66 40.92 -17.28 3.55
C GLU C 66 40.11 -17.24 2.26
N GLY C 67 40.50 -16.38 1.33
CA GLY C 67 39.85 -16.41 0.02
C GLY C 67 40.09 -17.71 -0.70
N VAL C 68 41.34 -18.17 -0.75
CA VAL C 68 41.66 -19.45 -1.35
C VAL C 68 40.97 -20.57 -0.59
N GLY C 69 40.95 -20.47 0.74
CA GLY C 69 40.27 -21.48 1.54
C GLY C 69 38.82 -21.61 1.14
N HIS C 70 38.10 -20.49 1.09
CA HIS C 70 36.69 -20.53 0.69
C HIS C 70 36.51 -21.00 -0.74
N PHE C 71 37.41 -20.64 -1.64
CA PHE C 71 37.31 -21.13 -3.01
C PHE C 71 37.34 -22.65 -3.04
N PHE C 72 38.35 -23.25 -2.39
CA PHE C 72 38.44 -24.70 -2.39
C PHE C 72 37.29 -25.32 -1.60
N ARG C 73 36.79 -24.63 -0.60
CA ARG C 73 35.67 -25.17 0.16
C ARG C 73 34.41 -25.26 -0.71
N GLU C 74 34.02 -24.17 -1.34
CA GLU C 74 32.86 -24.22 -2.22
C GLU C 74 33.14 -25.00 -3.49
N LEU C 75 34.39 -25.41 -3.71
CA LEU C 75 34.69 -26.39 -4.75
C LEU C 75 34.44 -27.82 -4.30
N ALA C 76 34.80 -28.16 -3.07
CA ALA C 76 34.48 -29.47 -2.53
C ALA C 76 32.99 -29.72 -2.46
N GLU C 77 32.21 -28.69 -2.11
CA GLU C 77 30.75 -28.79 -2.18
C GLU C 77 30.32 -29.29 -3.56
N GLU C 78 30.83 -28.66 -4.61
CA GLU C 78 30.37 -28.99 -5.96
C GLU C 78 30.86 -30.36 -6.39
N LYS C 79 32.08 -30.73 -6.01
CA LYS C 79 32.57 -32.06 -6.37
C LYS C 79 31.75 -33.14 -5.68
N ARG C 80 31.44 -32.96 -4.40
CA ARG C 80 30.62 -33.95 -3.72
C ARG C 80 29.22 -34.01 -4.32
N GLU C 81 28.63 -32.85 -4.62
CA GLU C 81 27.34 -32.86 -5.32
C GLU C 81 27.42 -33.62 -6.63
N GLY C 82 28.54 -33.50 -7.35
CA GLY C 82 28.72 -34.26 -8.57
C GLY C 82 28.82 -35.74 -8.29
N ALA C 83 29.24 -36.11 -7.09
CA ALA C 83 29.29 -37.52 -6.73
C ALA C 83 27.93 -38.10 -6.43
N GLU C 84 27.06 -37.39 -5.71
CA GLU C 84 25.73 -37.92 -5.41
C GLU C 84 24.78 -37.79 -6.58
N ARG C 85 25.10 -36.97 -7.58
CA ARG C 85 24.33 -36.94 -8.80
C ARG C 85 24.67 -38.11 -9.71
N LEU C 86 25.86 -38.68 -9.57
CA LEU C 86 26.20 -39.92 -10.25
C LEU C 86 25.63 -41.14 -9.56
N LEU C 87 25.44 -41.07 -8.24
CA LEU C 87 24.83 -42.18 -7.52
C LEU C 87 23.34 -42.28 -7.78
N GLU C 88 22.62 -41.16 -7.83
CA GLU C 88 21.22 -41.22 -8.16
C GLU C 88 20.98 -41.57 -9.61
N PHE C 89 21.94 -41.30 -10.49
CA PHE C 89 21.88 -41.85 -11.84
C PHE C 89 22.10 -43.35 -11.85
N GLN C 90 22.97 -43.86 -10.97
CA GLN C 90 23.14 -45.30 -10.85
C GLN C 90 21.85 -45.97 -10.42
N ASN C 91 21.06 -45.29 -9.59
CA ASN C 91 19.80 -45.89 -9.15
C ASN C 91 18.73 -45.78 -10.22
N ASP C 92 18.69 -44.64 -10.93
CA ASP C 92 17.70 -44.48 -11.99
C ASP C 92 17.86 -45.52 -13.07
N ARG C 93 19.10 -45.87 -13.41
CA ARG C 93 19.34 -46.87 -14.43
C ARG C 93 19.28 -48.29 -13.90
N GLY C 94 19.09 -48.46 -12.59
CA GLY C 94 18.99 -49.78 -12.03
C GLY C 94 20.28 -50.43 -11.62
N GLY C 95 21.37 -49.68 -11.54
CA GLY C 95 22.62 -50.23 -11.10
C GLY C 95 22.71 -50.35 -9.60
N ARG C 96 23.80 -50.94 -9.14
CA ARG C 96 24.06 -51.12 -7.72
C ARG C 96 25.30 -50.33 -7.33
N ALA C 97 25.14 -49.37 -6.43
CA ALA C 97 26.25 -48.56 -6.00
C ALA C 97 27.17 -49.33 -5.07
N LEU C 98 28.43 -49.45 -5.48
CA LEU C 98 29.45 -50.14 -4.70
C LEU C 98 30.47 -49.12 -4.24
N PHE C 99 30.52 -48.89 -2.93
CA PHE C 99 31.43 -47.90 -2.40
C PHE C 99 32.79 -48.52 -2.09
N GLN C 100 33.83 -47.69 -2.17
CA GLN C 100 35.18 -48.11 -1.91
C GLN C 100 35.81 -47.12 -0.93
N ASP C 101 37.00 -47.46 -0.44
CA ASP C 101 37.69 -46.59 0.50
C ASP C 101 38.12 -45.32 -0.21
N VAL C 102 37.65 -44.18 0.29
CA VAL C 102 38.11 -42.90 -0.23
C VAL C 102 39.54 -42.69 0.23
N GLN C 103 40.47 -42.83 -0.70
CA GLN C 103 41.88 -42.69 -0.37
C GLN C 103 42.20 -41.25 0.02
N LYS C 104 43.06 -41.11 1.01
CA LYS C 104 43.39 -39.80 1.56
C LYS C 104 44.07 -38.92 0.51
N PRO C 105 44.03 -37.61 0.69
CA PRO C 105 44.65 -36.71 -0.30
C PRO C 105 46.14 -36.98 -0.45
N SER C 106 46.70 -36.45 -1.53
CA SER C 106 48.09 -36.74 -1.85
C SER C 106 49.04 -36.08 -0.86
N GLN C 107 48.77 -34.84 -0.49
CA GLN C 107 49.65 -34.08 0.38
C GLN C 107 48.90 -33.58 1.60
N ASP C 108 49.66 -33.24 2.64
CA ASP C 108 49.11 -32.51 3.77
C ASP C 108 49.60 -31.08 3.81
N GLU C 109 50.73 -30.80 3.16
CA GLU C 109 51.22 -29.44 2.99
C GLU C 109 51.18 -29.15 1.51
N TRP C 110 50.53 -28.05 1.14
CA TRP C 110 50.38 -27.75 -0.28
C TRP C 110 51.31 -26.62 -0.70
N GLY C 111 51.76 -25.81 0.24
CA GLY C 111 52.70 -24.76 -0.05
C GLY C 111 52.02 -23.48 -0.48
N LYS C 112 52.72 -22.74 -1.33
CA LYS C 112 52.17 -21.50 -1.87
C LYS C 112 50.92 -21.78 -2.69
N THR C 113 50.06 -20.76 -2.81
CA THR C 113 48.79 -20.95 -3.49
C THR C 113 48.99 -21.38 -4.93
N GLN C 114 50.11 -20.99 -5.56
CA GLN C 114 50.35 -21.41 -6.92
C GLN C 114 50.58 -22.91 -7.01
N GLU C 115 51.49 -23.43 -6.18
CA GLU C 115 51.77 -24.86 -6.19
C GLU C 115 50.58 -25.68 -5.73
N ALA C 116 49.58 -25.05 -5.13
CA ALA C 116 48.37 -25.75 -4.76
C ALA C 116 47.33 -25.73 -5.87
N MET C 117 47.21 -24.60 -6.57
CA MET C 117 46.28 -24.53 -7.69
C MET C 117 46.75 -25.32 -8.90
N GLU C 118 48.04 -25.65 -8.99
CA GLU C 118 48.49 -26.58 -10.00
C GLU C 118 48.24 -28.03 -9.61
N ALA C 119 48.24 -28.34 -8.33
CA ALA C 119 47.84 -29.66 -7.86
C ALA C 119 46.33 -29.81 -7.83
N ALA C 120 45.58 -28.72 -7.94
CA ALA C 120 44.14 -28.77 -8.05
C ALA C 120 43.68 -28.75 -9.49
N LEU C 121 44.48 -28.21 -10.40
CA LEU C 121 44.19 -28.28 -11.82
C LEU C 121 44.61 -29.61 -12.42
N ALA C 122 45.75 -30.15 -12.04
CA ALA C 122 46.14 -31.48 -12.46
C ALA C 122 45.20 -32.55 -11.95
N MET C 123 44.41 -32.25 -10.92
CA MET C 123 43.40 -33.17 -10.45
C MET C 123 42.08 -33.02 -11.21
N GLU C 124 41.79 -31.82 -11.70
CA GLU C 124 40.63 -31.65 -12.56
C GLU C 124 40.85 -32.26 -13.93
N LYS C 125 41.95 -31.92 -14.58
CA LYS C 125 42.29 -32.49 -15.88
C LYS C 125 42.40 -34.01 -15.82
N ASN C 126 42.64 -34.57 -14.64
CA ASN C 126 42.61 -36.01 -14.47
C ASN C 126 41.22 -36.53 -14.17
N LEU C 127 40.41 -35.78 -13.43
CA LEU C 127 39.01 -36.11 -13.25
C LEU C 127 38.20 -35.92 -14.52
N ASN C 128 38.52 -34.91 -15.32
CA ASN C 128 37.87 -34.73 -16.61
C ASN C 128 38.24 -35.82 -17.59
N GLN C 129 39.46 -36.35 -17.51
CA GLN C 129 39.83 -37.46 -18.38
C GLN C 129 39.01 -38.69 -18.08
N ALA C 130 38.70 -38.92 -16.80
CA ALA C 130 37.88 -40.07 -16.44
C ALA C 130 36.48 -39.92 -16.99
N LEU C 131 35.93 -38.70 -16.97
CA LEU C 131 34.62 -38.47 -17.56
C LEU C 131 34.63 -38.74 -19.05
N LEU C 132 35.68 -38.31 -19.75
CA LEU C 132 35.77 -38.57 -21.17
C LEU C 132 35.92 -40.05 -21.48
N ASP C 133 36.66 -40.80 -20.65
CA ASP C 133 36.72 -42.24 -20.83
C ASP C 133 35.38 -42.90 -20.56
N LEU C 134 34.63 -42.41 -19.58
CA LEU C 134 33.30 -42.95 -19.36
C LEU C 134 32.39 -42.66 -20.54
N HIS C 135 32.46 -41.45 -21.09
CA HIS C 135 31.66 -41.14 -22.26
C HIS C 135 32.08 -41.93 -23.48
N ALA C 136 33.36 -42.25 -23.61
CA ALA C 136 33.81 -43.11 -24.70
C ALA C 136 33.31 -44.53 -24.52
N LEU C 137 33.36 -45.04 -23.29
CA LEU C 137 32.81 -46.37 -23.02
C LEU C 137 31.31 -46.41 -23.28
N GLY C 138 30.59 -45.39 -22.82
CA GLY C 138 29.15 -45.39 -23.00
C GLY C 138 28.74 -45.31 -24.45
N SER C 139 29.46 -44.53 -25.25
CA SER C 139 29.23 -44.51 -26.68
C SER C 139 29.67 -45.80 -27.35
N ALA C 140 30.58 -46.55 -26.75
CA ALA C 140 30.98 -47.83 -27.32
C ALA C 140 29.89 -48.86 -27.14
N ARG C 141 29.17 -48.83 -26.02
CA ARG C 141 28.09 -49.76 -25.77
C ARG C 141 26.73 -49.20 -26.17
N ALA C 142 26.71 -48.08 -26.89
CA ALA C 142 25.48 -47.46 -27.37
C ALA C 142 24.51 -47.19 -26.23
N ASP C 143 24.97 -46.37 -25.29
CA ASP C 143 24.15 -45.93 -24.16
C ASP C 143 23.88 -44.45 -24.31
N PRO C 144 22.83 -44.05 -25.03
CA PRO C 144 22.61 -42.62 -25.27
C PRO C 144 22.26 -41.85 -24.03
N HIS C 145 21.51 -42.44 -23.10
CA HIS C 145 21.12 -41.72 -21.91
C HIS C 145 22.33 -41.35 -21.07
N LEU C 146 23.31 -42.25 -20.97
CA LEU C 146 24.51 -41.93 -20.21
C LEU C 146 25.30 -40.81 -20.84
N CYS C 147 25.46 -40.84 -22.17
CA CYS C 147 26.21 -39.79 -22.84
C CYS C 147 25.49 -38.45 -22.68
N ASP C 148 24.17 -38.45 -22.77
CA ASP C 148 23.43 -37.22 -22.54
C ASP C 148 23.61 -36.72 -21.12
N PHE C 149 23.51 -37.62 -20.13
CA PHE C 149 23.66 -37.22 -18.74
C PHE C 149 25.02 -36.58 -18.50
N LEU C 150 26.09 -37.22 -19.00
CA LEU C 150 27.41 -36.64 -18.89
C LEU C 150 27.48 -35.29 -19.58
N GLU C 151 27.15 -35.25 -20.88
CA GLU C 151 27.23 -34.02 -21.65
C GLU C 151 26.50 -32.88 -20.96
N SER C 152 25.41 -33.21 -20.25
CA SER C 152 24.60 -32.17 -19.65
C SER C 152 25.17 -31.69 -18.33
N HIS C 153 25.60 -32.63 -17.48
CA HIS C 153 25.86 -32.28 -16.08
C HIS C 153 27.33 -32.19 -15.72
N TYR C 154 28.23 -32.80 -16.47
CA TYR C 154 29.62 -32.90 -16.02
C TYR C 154 30.61 -32.25 -16.96
N LEU C 155 30.51 -32.53 -18.26
CA LEU C 155 31.58 -32.16 -19.18
C LEU C 155 31.75 -30.65 -19.26
N ASP C 156 30.66 -29.93 -19.51
CA ASP C 156 30.76 -28.48 -19.68
C ASP C 156 31.16 -27.80 -18.38
N LYS C 157 30.57 -28.22 -17.27
CA LYS C 157 31.00 -27.71 -15.97
C LYS C 157 32.49 -27.92 -15.77
N GLU C 158 33.01 -29.06 -16.21
CA GLU C 158 34.41 -29.35 -15.95
C GLU C 158 35.32 -28.52 -16.82
N VAL C 159 34.99 -28.31 -18.09
CA VAL C 159 35.84 -27.46 -18.91
C VAL C 159 35.78 -26.01 -18.46
N LYS C 160 34.63 -25.55 -17.95
CA LYS C 160 34.57 -24.21 -17.42
C LYS C 160 35.39 -24.07 -16.13
N LEU C 161 35.35 -25.08 -15.27
CA LEU C 161 36.17 -25.05 -14.07
C LEU C 161 37.65 -25.07 -14.39
N ILE C 162 38.06 -25.89 -15.36
CA ILE C 162 39.46 -25.93 -15.75
C ILE C 162 39.89 -24.59 -16.32
N LYS C 163 39.03 -23.96 -17.12
CA LYS C 163 39.33 -22.65 -17.65
C LYS C 163 39.52 -21.64 -16.53
N LYS C 164 38.62 -21.66 -15.54
CA LYS C 164 38.77 -20.77 -14.40
C LYS C 164 40.06 -21.00 -13.65
N MET C 165 40.45 -22.26 -13.43
CA MET C 165 41.70 -22.58 -12.77
C MET C 165 42.91 -22.14 -13.58
N GLY C 166 42.84 -22.22 -14.90
CA GLY C 166 43.95 -21.75 -15.71
C GLY C 166 44.08 -20.25 -15.63
N ASN C 167 42.94 -19.55 -15.60
CA ASN C 167 42.98 -18.11 -15.38
C ASN C 167 43.64 -17.79 -14.04
N HIS C 168 43.23 -18.49 -12.99
CA HIS C 168 43.85 -18.29 -11.68
C HIS C 168 45.34 -18.55 -11.74
N LEU C 169 45.75 -19.60 -12.47
CA LEU C 169 47.15 -19.96 -12.50
C LEU C 169 47.98 -18.89 -13.19
N THR C 170 47.52 -18.38 -14.34
CA THR C 170 48.30 -17.36 -15.01
C THR C 170 48.29 -16.05 -14.24
N ASN C 171 47.18 -15.72 -13.58
CA ASN C 171 47.18 -14.53 -12.76
C ASN C 171 48.13 -14.68 -11.58
N LEU C 172 48.28 -15.89 -11.06
CA LEU C 172 49.22 -16.14 -9.98
C LEU C 172 50.66 -16.07 -10.45
N ARG C 173 50.96 -16.59 -11.64
CA ARG C 173 52.29 -16.44 -12.21
C ARG C 173 52.58 -15.01 -12.60
N ARG C 174 51.55 -14.20 -12.83
CA ARG C 174 51.75 -12.80 -13.19
C ARG C 174 52.19 -11.97 -12.01
N VAL C 175 51.72 -12.30 -10.80
CA VAL C 175 52.00 -11.50 -9.62
C VAL C 175 53.11 -12.13 -8.80
N ALA C 176 53.73 -13.19 -9.34
CA ALA C 176 54.79 -13.88 -8.62
C ALA C 176 56.01 -13.00 -8.48
N SER C 189 55.94 -12.26 -0.69
CA SER C 189 54.90 -12.72 -1.60
C SER C 189 53.71 -11.78 -1.58
N LEU C 190 53.97 -10.50 -1.78
CA LEU C 190 52.89 -9.51 -1.78
C LEU C 190 51.89 -9.80 -2.88
N GLY C 191 52.36 -10.26 -4.03
CA GLY C 191 51.46 -10.51 -5.15
C GLY C 191 50.43 -11.58 -4.84
N GLU C 192 50.82 -12.60 -4.08
CA GLU C 192 49.88 -13.66 -3.74
C GLU C 192 48.77 -13.14 -2.84
N TYR C 193 49.13 -12.32 -1.85
CA TYR C 193 48.11 -11.69 -1.02
C TYR C 193 47.20 -10.81 -1.85
N LEU C 194 47.79 -10.00 -2.74
CA LEU C 194 46.97 -9.12 -3.57
C LEU C 194 46.01 -9.92 -4.44
N PHE C 195 46.48 -11.04 -4.98
CA PHE C 195 45.61 -11.89 -5.78
C PHE C 195 44.46 -12.42 -4.96
N GLU C 196 44.78 -13.02 -3.80
CA GLU C 196 43.73 -13.54 -2.95
C GLU C 196 42.72 -12.46 -2.56
N ARG C 197 43.19 -11.22 -2.42
CA ARG C 197 42.30 -10.16 -1.98
C ARG C 197 41.43 -9.65 -3.12
N LEU C 198 41.99 -9.56 -4.33
CA LEU C 198 41.31 -8.83 -5.38
C LEU C 198 40.54 -9.74 -6.32
N THR C 199 41.02 -10.97 -6.52
CA THR C 199 40.31 -11.91 -7.40
C THR C 199 39.42 -12.84 -6.59
N LEU C 200 40.02 -13.62 -5.69
CA LEU C 200 39.31 -14.70 -5.04
C LEU C 200 38.28 -14.19 -4.05
N LYS C 201 38.67 -13.22 -3.21
CA LYS C 201 37.72 -12.67 -2.27
C LYS C 201 36.60 -11.93 -2.98
N HIS C 202 36.94 -11.25 -4.08
CA HIS C 202 35.94 -10.50 -4.83
C HIS C 202 34.86 -11.42 -5.39
N ASP C 203 35.23 -12.63 -5.79
CA ASP C 203 34.25 -13.60 -6.24
C ASP C 203 33.58 -14.36 -5.10
N GLY C 204 34.27 -14.54 -3.98
CA GLY C 204 33.63 -15.14 -2.82
C GLY C 204 32.52 -14.27 -2.29
N ASP C 205 32.68 -12.95 -2.41
CA ASP C 205 31.62 -12.05 -1.99
C ASP C 205 30.36 -12.22 -2.82
N ILE C 206 30.51 -12.45 -4.14
CA ILE C 206 29.33 -12.56 -4.98
C ILE C 206 28.74 -13.98 -4.91
N GLU C 207 29.58 -14.98 -4.60
CA GLU C 207 29.02 -16.29 -4.29
C GLU C 207 28.06 -16.20 -3.12
N SER C 208 28.48 -15.53 -2.04
CA SER C 208 27.63 -15.38 -0.88
C SER C 208 26.43 -14.50 -1.15
N ALA C 209 26.42 -13.84 -2.31
CA ALA C 209 25.27 -13.04 -2.72
C ALA C 209 24.26 -13.85 -3.51
N GLN C 210 24.72 -14.66 -4.46
CA GLN C 210 23.80 -15.47 -5.25
C GLN C 210 23.38 -16.74 -4.52
N SER C 211 24.10 -17.08 -3.46
CA SER C 211 23.87 -18.33 -2.71
C SER C 211 22.45 -18.41 -2.15
N THR D 22 -25.14 -55.64 -13.84
CA THR D 22 -24.67 -56.31 -12.63
C THR D 22 -24.00 -55.33 -11.69
N SER D 23 -23.74 -54.12 -12.19
CA SER D 23 -23.12 -53.08 -11.36
C SER D 23 -24.07 -52.65 -10.26
N GLN D 24 -23.50 -52.27 -9.12
CA GLN D 24 -24.32 -51.90 -7.97
C GLN D 24 -24.97 -50.54 -8.18
N ILE D 25 -24.37 -49.68 -8.99
CA ILE D 25 -24.88 -48.34 -9.21
C ILE D 25 -25.63 -48.23 -10.52
N ARG D 26 -25.64 -49.27 -11.33
CA ARG D 26 -26.32 -49.23 -12.62
C ARG D 26 -27.82 -49.12 -12.38
N GLN D 27 -28.43 -48.03 -12.85
CA GLN D 27 -29.86 -47.83 -12.71
C GLN D 27 -30.39 -47.07 -13.90
N ASN D 28 -31.38 -47.64 -14.57
CA ASN D 28 -32.03 -47.03 -15.73
C ASN D 28 -30.99 -46.67 -16.79
N TYR D 29 -30.12 -47.62 -17.10
CA TYR D 29 -29.07 -47.42 -18.09
C TYR D 29 -29.07 -48.61 -19.02
N SER D 30 -29.84 -48.51 -20.10
CA SER D 30 -30.01 -49.62 -21.02
C SER D 30 -28.69 -49.97 -21.69
N THR D 31 -28.56 -51.24 -22.06
CA THR D 31 -27.35 -51.69 -22.73
C THR D 31 -27.25 -51.11 -24.13
N GLU D 32 -28.39 -50.80 -24.75
CA GLU D 32 -28.36 -50.17 -26.07
C GLU D 32 -27.74 -48.79 -26.01
N VAL D 33 -28.03 -48.04 -24.95
CA VAL D 33 -27.36 -46.76 -24.74
C VAL D 33 -25.90 -46.94 -24.37
N GLU D 34 -25.59 -47.88 -23.49
CA GLU D 34 -24.20 -48.15 -23.12
C GLU D 34 -23.35 -48.52 -24.32
N ALA D 35 -23.89 -49.25 -25.27
CA ALA D 35 -23.16 -49.57 -26.49
C ALA D 35 -23.14 -48.42 -27.47
N ALA D 36 -24.23 -47.66 -27.59
CA ALA D 36 -24.23 -46.50 -28.45
C ALA D 36 -23.30 -45.41 -27.96
N VAL D 37 -23.06 -45.33 -26.65
CA VAL D 37 -22.07 -44.40 -26.13
C VAL D 37 -20.66 -44.83 -26.49
N ASN D 38 -20.32 -46.10 -26.34
CA ASN D 38 -19.02 -46.60 -26.72
C ASN D 38 -18.69 -46.34 -28.18
N ARG D 39 -19.67 -46.40 -29.06
CA ARG D 39 -19.43 -46.04 -30.46
C ARG D 39 -19.34 -44.55 -30.66
N LEU D 40 -19.74 -43.75 -29.67
CA LEU D 40 -19.62 -42.30 -29.76
C LEU D 40 -18.29 -41.80 -29.24
N VAL D 41 -17.68 -42.48 -28.27
CA VAL D 41 -16.35 -42.10 -27.84
C VAL D 41 -15.34 -42.43 -28.93
N ASN D 42 -15.52 -43.55 -29.60
CA ASN D 42 -14.63 -43.87 -30.72
C ASN D 42 -14.80 -42.85 -31.84
N LEU D 43 -16.01 -42.36 -32.05
CA LEU D 43 -16.22 -41.31 -33.04
C LEU D 43 -15.50 -40.03 -32.63
N HIS D 44 -15.62 -39.64 -31.36
CA HIS D 44 -14.93 -38.45 -30.90
C HIS D 44 -13.42 -38.60 -30.98
N LEU D 45 -12.91 -39.79 -30.65
CA LEU D 45 -11.48 -40.01 -30.75
C LEU D 45 -11.01 -39.96 -32.19
N ARG D 46 -11.76 -40.57 -33.10
CA ARG D 46 -11.38 -40.53 -34.50
C ARG D 46 -11.44 -39.11 -35.04
N ALA D 47 -12.41 -38.34 -34.59
CA ALA D 47 -12.52 -36.94 -34.98
C ALA D 47 -11.41 -36.09 -34.41
N SER D 48 -10.91 -36.43 -33.23
CA SER D 48 -9.75 -35.76 -32.67
C SER D 48 -8.47 -36.18 -33.36
N TYR D 49 -8.40 -37.42 -33.84
CA TYR D 49 -7.31 -37.86 -34.67
C TYR D 49 -7.25 -37.16 -36.01
N THR D 50 -8.40 -36.97 -36.65
CA THR D 50 -8.42 -36.24 -37.91
C THR D 50 -7.99 -34.80 -37.72
N TYR D 51 -8.51 -34.15 -36.68
CA TYR D 51 -8.11 -32.78 -36.40
C TYR D 51 -6.64 -32.69 -36.05
N LEU D 52 -6.10 -33.70 -35.38
CA LEU D 52 -4.67 -33.73 -35.14
C LEU D 52 -3.89 -33.81 -36.44
N SER D 53 -4.39 -34.59 -37.40
CA SER D 53 -3.72 -34.68 -38.69
C SER D 53 -3.80 -33.37 -39.43
N LEU D 54 -4.94 -32.69 -39.35
CA LEU D 54 -5.09 -31.40 -40.02
C LEU D 54 -4.20 -30.35 -39.40
N GLY D 55 -4.15 -30.29 -38.07
CA GLY D 55 -3.36 -29.29 -37.40
C GLY D 55 -1.87 -29.44 -37.64
N PHE D 56 -1.42 -30.64 -37.96
CA PHE D 56 -0.02 -30.87 -38.28
C PHE D 56 0.22 -30.92 -39.77
N PHE D 57 -0.82 -30.71 -40.58
CA PHE D 57 -0.65 -30.53 -42.01
C PHE D 57 -0.48 -29.07 -42.38
N PHE D 58 -1.11 -28.16 -41.66
CA PHE D 58 -1.02 -26.74 -41.96
C PHE D 58 0.16 -26.07 -41.28
N ASP D 59 0.94 -26.81 -40.50
CA ASP D 59 2.24 -26.34 -40.07
C ASP D 59 3.37 -26.96 -40.86
N ARG D 60 3.08 -27.72 -41.89
CA ARG D 60 4.12 -28.21 -42.78
C ARG D 60 4.83 -27.04 -43.42
N ASP D 61 6.10 -27.24 -43.77
CA ASP D 61 6.90 -26.16 -44.30
C ASP D 61 6.34 -25.62 -45.61
N ASP D 62 5.63 -26.45 -46.36
CA ASP D 62 5.16 -26.08 -47.69
C ASP D 62 3.70 -25.62 -47.69
N VAL D 63 3.10 -25.47 -46.52
CA VAL D 63 1.79 -24.85 -46.37
C VAL D 63 1.86 -23.63 -45.46
N ALA D 64 2.36 -23.81 -44.24
CA ALA D 64 2.72 -22.71 -43.36
C ALA D 64 1.54 -21.80 -43.05
N LEU D 65 0.34 -22.37 -42.98
CA LEU D 65 -0.83 -21.62 -42.52
C LEU D 65 -0.96 -21.90 -41.03
N GLU D 66 -0.06 -21.32 -40.26
CA GLU D 66 0.04 -21.65 -38.84
C GLU D 66 -1.22 -21.25 -38.08
N GLY D 67 -1.95 -20.25 -38.57
CA GLY D 67 -3.23 -19.94 -37.95
C GLY D 67 -4.22 -21.08 -38.07
N VAL D 68 -4.36 -21.64 -39.28
CA VAL D 68 -5.22 -22.79 -39.48
C VAL D 68 -4.72 -23.98 -38.68
N GLY D 69 -3.41 -24.16 -38.64
CA GLY D 69 -2.84 -25.23 -37.85
C GLY D 69 -3.25 -25.14 -36.39
N HIS D 70 -3.06 -23.98 -35.79
CA HIS D 70 -3.45 -23.78 -34.40
C HIS D 70 -4.96 -23.92 -34.20
N PHE D 71 -5.76 -23.47 -35.15
CA PHE D 71 -7.20 -23.64 -35.04
C PHE D 71 -7.56 -25.12 -34.93
N PHE D 72 -7.06 -25.94 -35.86
CA PHE D 72 -7.36 -27.35 -35.81
C PHE D 72 -6.74 -28.03 -34.60
N ARG D 73 -5.60 -27.51 -34.13
CA ARG D 73 -4.98 -28.09 -32.95
C ARG D 73 -5.85 -27.87 -31.72
N GLU D 74 -6.23 -26.63 -31.43
CA GLU D 74 -7.10 -26.38 -30.30
C GLU D 74 -8.50 -26.90 -30.53
N LEU D 75 -8.82 -27.38 -31.73
CA LEU D 75 -10.03 -28.14 -31.96
C LEU D 75 -9.91 -29.60 -31.57
N ALA D 76 -8.77 -30.22 -31.88
CA ALA D 76 -8.52 -31.59 -31.42
C ALA D 76 -8.51 -31.69 -29.91
N GLU D 77 -7.95 -30.69 -29.22
CA GLU D 77 -8.05 -30.64 -27.77
C GLU D 77 -9.49 -30.78 -27.32
N GLU D 78 -10.39 -29.99 -27.91
CA GLU D 78 -11.77 -29.98 -27.44
C GLU D 78 -12.49 -31.27 -27.82
N LYS D 79 -12.21 -31.83 -28.99
CA LYS D 79 -12.83 -33.10 -29.36
C LYS D 79 -12.39 -34.21 -28.42
N ARG D 80 -11.11 -34.28 -28.10
CA ARG D 80 -10.65 -35.31 -27.18
C ARG D 80 -11.25 -35.10 -25.79
N GLU D 81 -11.31 -33.85 -25.32
CA GLU D 81 -11.98 -33.59 -24.06
C GLU D 81 -13.43 -34.05 -24.09
N GLY D 82 -14.10 -33.89 -25.23
CA GLY D 82 -15.45 -34.39 -25.36
C GLY D 82 -15.51 -35.90 -25.31
N ALA D 83 -14.41 -36.56 -25.68
CA ALA D 83 -14.36 -38.00 -25.59
C ALA D 83 -14.19 -38.51 -24.16
N GLU D 84 -13.34 -37.89 -23.36
CA GLU D 84 -13.16 -38.33 -21.98
C GLU D 84 -14.28 -37.87 -21.07
N ARG D 85 -15.06 -36.88 -21.49
CA ARG D 85 -16.27 -36.53 -20.75
C ARG D 85 -17.40 -37.50 -21.00
N LEU D 86 -17.39 -38.20 -22.12
CA LEU D 86 -18.31 -39.29 -22.36
C LEU D 86 -17.89 -40.56 -21.66
N LEU D 87 -16.61 -40.76 -21.45
CA LEU D 87 -16.14 -41.93 -20.72
C LEU D 87 -16.40 -41.83 -19.23
N GLU D 88 -16.22 -40.67 -18.63
CA GLU D 88 -16.55 -40.51 -17.23
C GLU D 88 -18.04 -40.53 -16.99
N PHE D 89 -18.84 -40.17 -17.98
CA PHE D 89 -20.27 -40.41 -17.91
C PHE D 89 -20.61 -41.89 -17.99
N GLN D 90 -19.86 -42.64 -18.78
CA GLN D 90 -20.05 -44.09 -18.82
C GLN D 90 -19.78 -44.71 -17.47
N ASN D 91 -18.82 -44.16 -16.72
CA ASN D 91 -18.52 -44.70 -15.40
C ASN D 91 -19.56 -44.27 -14.37
N ASP D 92 -20.00 -43.02 -14.44
CA ASP D 92 -20.99 -42.53 -13.49
C ASP D 92 -22.28 -43.33 -13.59
N ARG D 93 -22.68 -43.71 -14.79
CA ARG D 93 -23.89 -44.48 -14.97
C ARG D 93 -23.67 -45.97 -14.75
N GLY D 94 -22.44 -46.40 -14.53
CA GLY D 94 -22.16 -47.80 -14.27
C GLY D 94 -21.91 -48.64 -15.50
N GLY D 95 -21.67 -48.04 -16.65
CA GLY D 95 -21.36 -48.79 -17.84
C GLY D 95 -19.91 -49.23 -17.88
N ARG D 96 -19.60 -50.01 -18.90
CA ARG D 96 -18.24 -50.51 -19.11
C ARG D 96 -17.69 -49.95 -20.41
N ALA D 97 -16.60 -49.19 -20.32
CA ALA D 97 -16.01 -48.59 -21.49
C ALA D 97 -15.28 -49.64 -22.32
N LEU D 98 -15.70 -49.79 -23.57
CA LEU D 98 -15.08 -50.73 -24.50
C LEU D 98 -14.41 -49.93 -25.60
N PHE D 99 -13.09 -50.00 -25.66
CA PHE D 99 -12.36 -49.23 -26.65
C PHE D 99 -12.19 -50.02 -27.93
N GLN D 100 -12.08 -49.30 -29.04
CA GLN D 100 -11.90 -49.90 -30.35
C GLN D 100 -10.74 -49.21 -31.04
N ASP D 101 -10.34 -49.75 -32.18
CA ASP D 101 -9.23 -49.18 -32.94
C ASP D 101 -9.65 -47.83 -33.49
N VAL D 102 -8.92 -46.79 -33.12
CA VAL D 102 -9.16 -45.48 -33.71
C VAL D 102 -8.67 -45.51 -35.14
N GLN D 103 -9.61 -45.53 -36.08
CA GLN D 103 -9.25 -45.61 -37.49
C GLN D 103 -8.56 -44.33 -37.94
N LYS D 104 -7.55 -44.48 -38.79
CA LYS D 104 -6.74 -43.36 -39.22
C LYS D 104 -7.57 -42.35 -40.00
N PRO D 105 -7.12 -41.10 -40.08
CA PRO D 105 -7.89 -40.09 -40.80
C PRO D 105 -8.10 -40.46 -42.26
N SER D 106 -9.04 -39.77 -42.90
CA SER D 106 -9.41 -40.11 -44.26
C SER D 106 -8.31 -39.78 -45.25
N GLN D 107 -7.67 -38.63 -45.09
CA GLN D 107 -6.66 -38.15 -46.02
C GLN D 107 -5.36 -37.85 -45.29
N ASP D 108 -4.28 -37.82 -46.06
CA ASP D 108 -3.01 -37.30 -45.55
C ASP D 108 -2.67 -35.97 -46.18
N GLU D 109 -3.24 -35.66 -47.34
CA GLU D 109 -3.11 -34.36 -47.96
C GLU D 109 -4.50 -33.74 -47.98
N TRP D 110 -4.63 -32.54 -47.44
CA TRP D 110 -5.95 -31.93 -47.36
C TRP D 110 -6.11 -30.84 -48.40
N GLY D 111 -5.03 -30.29 -48.90
CA GLY D 111 -5.08 -29.30 -49.95
C GLY D 111 -5.23 -27.89 -49.40
N LYS D 112 -5.91 -27.06 -50.18
CA LYS D 112 -6.15 -25.69 -49.77
C LYS D 112 -7.02 -25.67 -48.51
N THR D 113 -6.91 -24.57 -47.76
CA THR D 113 -7.63 -24.47 -46.50
C THR D 113 -9.13 -24.61 -46.68
N GLN D 114 -9.65 -24.22 -47.84
CA GLN D 114 -11.08 -24.35 -48.07
C GLN D 114 -11.48 -25.81 -48.16
N GLU D 115 -10.80 -26.58 -49.00
CA GLU D 115 -11.10 -27.99 -49.14
C GLU D 115 -10.83 -28.77 -47.87
N ALA D 116 -10.10 -28.19 -46.92
CA ALA D 116 -9.89 -28.83 -45.64
C ALA D 116 -10.97 -28.47 -44.64
N MET D 117 -11.43 -27.22 -44.64
CA MET D 117 -12.50 -26.82 -43.74
C MET D 117 -13.85 -27.38 -44.16
N GLU D 118 -14.00 -27.80 -45.42
CA GLU D 118 -15.19 -28.54 -45.80
C GLU D 118 -15.13 -30.00 -45.40
N ALA D 119 -13.93 -30.58 -45.35
CA ALA D 119 -13.76 -31.92 -44.82
C ALA D 119 -13.77 -31.94 -43.30
N ALA D 120 -13.64 -30.78 -42.66
CA ALA D 120 -13.76 -30.66 -41.22
C ALA D 120 -15.17 -30.29 -40.79
N LEU D 121 -15.93 -29.64 -41.66
CA LEU D 121 -17.34 -29.39 -41.39
C LEU D 121 -18.21 -30.59 -41.69
N ALA D 122 -17.95 -31.30 -42.78
CA ALA D 122 -18.65 -32.54 -43.06
C ALA D 122 -18.38 -33.61 -42.00
N MET D 123 -17.31 -33.46 -41.22
CA MET D 123 -17.05 -34.36 -40.11
C MET D 123 -17.75 -33.92 -38.85
N GLU D 124 -17.98 -32.63 -38.66
CA GLU D 124 -18.79 -32.16 -37.55
C GLU D 124 -20.25 -32.48 -37.73
N LYS D 125 -20.82 -32.12 -38.89
CA LYS D 125 -22.20 -32.43 -39.19
C LYS D 125 -22.48 -33.92 -39.15
N ASN D 126 -21.44 -34.75 -39.32
CA ASN D 126 -21.58 -36.18 -39.15
C ASN D 126 -21.41 -36.61 -37.70
N LEU D 127 -20.52 -35.96 -36.96
CA LEU D 127 -20.42 -36.19 -35.53
C LEU D 127 -21.61 -35.65 -34.76
N ASN D 128 -22.18 -34.53 -35.21
CA ASN D 128 -23.40 -34.02 -34.60
C ASN D 128 -24.60 -34.90 -34.89
N GLN D 129 -24.64 -35.55 -36.05
CA GLN D 129 -25.72 -36.48 -36.33
C GLN D 129 -25.69 -37.67 -35.39
N ALA D 130 -24.49 -38.14 -35.04
CA ALA D 130 -24.38 -39.24 -34.10
C ALA D 130 -24.90 -38.85 -32.72
N LEU D 131 -24.61 -37.62 -32.31
CA LEU D 131 -25.14 -37.14 -31.03
C LEU D 131 -26.65 -37.07 -31.05
N LEU D 132 -27.24 -36.62 -32.14
CA LEU D 132 -28.69 -36.58 -32.24
C LEU D 132 -29.30 -37.97 -32.27
N ASP D 133 -28.66 -38.94 -32.91
CA ASP D 133 -29.13 -40.31 -32.83
C ASP D 133 -29.01 -40.89 -31.43
N LEU D 134 -27.95 -40.54 -30.72
CA LEU D 134 -27.85 -40.97 -29.33
C LEU D 134 -28.95 -40.36 -28.48
N HIS D 135 -29.23 -39.08 -28.67
CA HIS D 135 -30.31 -38.44 -27.93
C HIS D 135 -31.66 -38.99 -28.31
N ALA D 136 -31.86 -39.41 -29.55
CA ALA D 136 -33.11 -40.04 -29.93
C ALA D 136 -33.23 -41.42 -29.30
N LEU D 137 -32.15 -42.18 -29.27
CA LEU D 137 -32.16 -43.48 -28.60
C LEU D 137 -32.42 -43.32 -27.11
N GLY D 138 -31.75 -42.35 -26.47
CA GLY D 138 -31.94 -42.17 -25.05
C GLY D 138 -33.35 -41.75 -24.67
N SER D 139 -33.95 -40.89 -25.49
CA SER D 139 -35.34 -40.54 -25.29
C SER D 139 -36.27 -41.69 -25.61
N ALA D 140 -35.84 -42.64 -26.45
CA ALA D 140 -36.67 -43.80 -26.73
C ALA D 140 -36.73 -44.75 -25.55
N ARG D 141 -35.63 -44.88 -24.81
CA ARG D 141 -35.58 -45.74 -23.64
C ARG D 141 -35.86 -44.97 -22.35
N ALA D 142 -36.31 -43.72 -22.45
CA ALA D 142 -36.65 -42.90 -21.30
C ALA D 142 -35.48 -42.79 -20.33
N ASP D 143 -34.38 -42.23 -20.84
CA ASP D 143 -33.20 -41.97 -20.05
C ASP D 143 -33.02 -40.47 -19.92
N PRO D 144 -33.63 -39.83 -18.93
CA PRO D 144 -33.57 -38.36 -18.85
C PRO D 144 -32.18 -37.84 -18.54
N HIS D 145 -31.40 -38.55 -17.72
CA HIS D 145 -30.09 -38.06 -17.38
C HIS D 145 -29.19 -38.00 -18.60
N LEU D 146 -29.28 -38.99 -19.49
CA LEU D 146 -28.47 -38.97 -20.69
C LEU D 146 -28.85 -37.80 -21.60
N CYS D 147 -30.15 -37.58 -21.79
CA CYS D 147 -30.57 -36.48 -22.65
C CYS D 147 -30.14 -35.15 -22.07
N ASP D 148 -30.22 -35.00 -20.74
CA ASP D 148 -29.74 -33.78 -20.12
C ASP D 148 -28.24 -33.61 -20.31
N PHE D 149 -27.47 -34.68 -20.11
CA PHE D 149 -26.03 -34.62 -20.27
C PHE D 149 -25.66 -34.17 -21.68
N LEU D 150 -26.29 -34.79 -22.68
CA LEU D 150 -26.04 -34.38 -24.06
C LEU D 150 -26.43 -32.92 -24.26
N GLU D 151 -27.70 -32.58 -23.97
CA GLU D 151 -28.18 -31.22 -24.19
C GLU D 151 -27.26 -30.20 -23.54
N SER D 152 -26.64 -30.55 -22.42
CA SER D 152 -25.84 -29.59 -21.69
C SER D 152 -24.44 -29.48 -22.28
N HIS D 153 -23.80 -30.61 -22.60
CA HIS D 153 -22.38 -30.59 -22.86
C HIS D 153 -22.00 -30.72 -24.33
N TYR D 154 -22.86 -31.24 -25.19
CA TYR D 154 -22.44 -31.56 -26.55
C TYR D 154 -23.23 -30.83 -27.62
N LEU D 155 -24.55 -30.81 -27.52
CA LEU D 155 -25.37 -30.37 -28.63
C LEU D 155 -25.13 -28.90 -28.94
N ASP D 156 -25.20 -28.04 -27.94
CA ASP D 156 -25.08 -26.60 -28.19
C ASP D 156 -23.65 -26.25 -28.62
N LYS D 157 -22.65 -26.84 -27.96
CA LYS D 157 -21.28 -26.68 -28.41
C LYS D 157 -21.13 -27.06 -29.86
N GLU D 158 -21.80 -28.12 -30.29
CA GLU D 158 -21.61 -28.60 -31.64
C GLU D 158 -22.28 -27.69 -32.65
N VAL D 159 -23.48 -27.19 -32.36
CA VAL D 159 -24.09 -26.26 -33.31
C VAL D 159 -23.34 -24.94 -33.38
N LYS D 160 -22.75 -24.50 -32.27
CA LYS D 160 -21.93 -23.29 -32.32
C LYS D 160 -20.66 -23.52 -33.12
N LEU D 161 -20.03 -24.68 -32.97
CA LEU D 161 -18.84 -24.98 -33.77
C LEU D 161 -19.17 -25.09 -35.25
N ILE D 162 -20.28 -25.72 -35.59
CA ILE D 162 -20.67 -25.80 -36.99
C ILE D 162 -20.95 -24.42 -37.56
N LYS D 163 -21.59 -23.56 -36.77
CA LYS D 163 -21.82 -22.20 -37.22
C LYS D 163 -20.52 -21.47 -37.47
N LYS D 164 -19.55 -21.62 -36.56
CA LYS D 164 -18.25 -21.01 -36.76
C LYS D 164 -17.57 -21.52 -38.02
N MET D 165 -17.63 -22.82 -38.27
CA MET D 165 -17.04 -23.39 -39.48
C MET D 165 -17.74 -22.92 -40.74
N GLY D 166 -19.05 -22.71 -40.69
CA GLY D 166 -19.74 -22.18 -41.85
C GLY D 166 -19.33 -20.76 -42.13
N ASN D 167 -19.16 -19.97 -41.06
CA ASN D 167 -18.64 -18.63 -41.22
C ASN D 167 -17.26 -18.66 -41.89
N HIS D 168 -16.38 -19.52 -41.39
CA HIS D 168 -15.06 -19.66 -42.00
C HIS D 168 -15.18 -20.05 -43.46
N LEU D 169 -16.10 -20.95 -43.77
CA LEU D 169 -16.21 -21.44 -45.15
C LEU D 169 -16.66 -20.32 -46.09
N THR D 170 -17.66 -19.55 -45.70
CA THR D 170 -18.11 -18.49 -46.58
C THR D 170 -17.08 -17.37 -46.68
N ASN D 171 -16.37 -17.09 -45.59
CA ASN D 171 -15.30 -16.10 -45.69
C ASN D 171 -14.19 -16.60 -46.60
N LEU D 172 -13.94 -17.90 -46.62
CA LEU D 172 -12.94 -18.46 -47.51
C LEU D 172 -13.38 -18.44 -48.96
N ARG D 173 -14.65 -18.71 -49.24
CA ARG D 173 -15.17 -18.57 -50.58
C ARG D 173 -15.25 -17.13 -51.02
N ARG D 174 -15.30 -16.19 -50.08
CA ARG D 174 -15.35 -14.78 -50.42
C ARG D 174 -14.01 -14.27 -50.91
N VAL D 175 -12.92 -14.80 -50.38
CA VAL D 175 -11.59 -14.30 -50.71
C VAL D 175 -10.93 -15.20 -51.73
N ALA D 176 -11.67 -16.16 -52.26
CA ALA D 176 -11.12 -17.10 -53.23
C ALA D 176 -10.79 -16.39 -54.54
N SER D 189 -3.03 -17.32 -54.37
CA SER D 189 -4.01 -17.48 -53.30
C SER D 189 -3.79 -16.45 -52.20
N LEU D 190 -3.71 -15.18 -52.60
CA LEU D 190 -3.50 -14.12 -51.61
C LEU D 190 -4.64 -14.08 -50.61
N GLY D 191 -5.87 -14.32 -51.07
CA GLY D 191 -7.01 -14.24 -50.17
C GLY D 191 -6.94 -15.24 -49.04
N GLU D 192 -6.41 -16.43 -49.31
CA GLU D 192 -6.31 -17.45 -48.27
C GLU D 192 -5.31 -17.03 -47.20
N TYR D 193 -4.17 -16.48 -47.61
CA TYR D 193 -3.23 -15.94 -46.63
C TYR D 193 -3.85 -14.82 -45.83
N LEU D 194 -4.55 -13.90 -46.50
CA LEU D 194 -5.17 -12.79 -45.80
C LEU D 194 -6.20 -13.28 -44.79
N PHE D 195 -6.96 -14.30 -45.16
CA PHE D 195 -7.93 -14.87 -44.23
C PHE D 195 -7.24 -15.46 -43.02
N GLU D 196 -6.23 -16.31 -43.25
CA GLU D 196 -5.51 -16.91 -42.14
C GLU D 196 -4.91 -15.85 -41.23
N ARG D 197 -4.50 -14.71 -41.81
CA ARG D 197 -3.85 -13.68 -41.02
C ARG D 197 -4.85 -12.86 -40.22
N LEU D 198 -6.01 -12.57 -40.82
CA LEU D 198 -6.88 -11.56 -40.23
C LEU D 198 -7.99 -12.18 -39.40
N THR D 199 -8.45 -13.38 -39.76
CA THR D 199 -9.51 -14.04 -38.99
C THR D 199 -8.93 -15.03 -37.99
N LEU D 200 -8.21 -16.03 -38.51
CA LEU D 200 -7.82 -17.16 -37.68
C LEU D 200 -6.73 -16.77 -36.68
N LYS D 201 -5.71 -16.05 -37.14
CA LYS D 201 -4.66 -15.62 -36.23
C LYS D 201 -5.21 -14.63 -35.20
N HIS D 202 -6.13 -13.77 -35.63
CA HIS D 202 -6.70 -12.79 -34.72
C HIS D 202 -7.45 -13.45 -33.57
N ASP D 203 -8.09 -14.59 -33.82
CA ASP D 203 -8.74 -15.34 -32.76
C ASP D 203 -7.80 -16.26 -32.02
N GLY D 204 -6.74 -16.74 -32.66
CA GLY D 204 -5.75 -17.51 -31.94
C GLY D 204 -5.03 -16.67 -30.90
N ASP D 205 -4.86 -15.38 -31.18
CA ASP D 205 -4.26 -14.49 -30.20
C ASP D 205 -5.13 -14.35 -28.95
N ILE D 206 -6.45 -14.30 -29.11
CA ILE D 206 -7.30 -14.12 -27.94
C ILE D 206 -7.53 -15.46 -27.23
N GLU D 207 -7.44 -16.58 -27.96
CA GLU D 207 -7.43 -17.87 -27.27
C GLU D 207 -6.26 -17.93 -26.29
N SER D 208 -5.08 -17.54 -26.75
CA SER D 208 -3.90 -17.58 -25.89
C SER D 208 -3.98 -16.54 -24.79
N ALA D 209 -4.97 -15.65 -24.87
CA ALA D 209 -5.20 -14.67 -23.81
C ALA D 209 -6.15 -15.20 -22.74
N GLN D 210 -7.25 -15.82 -23.14
CA GLN D 210 -8.20 -16.35 -22.17
C GLN D 210 -7.74 -17.70 -21.62
N SER D 211 -6.79 -18.34 -22.29
CA SER D 211 -6.32 -19.68 -21.91
C SER D 211 -5.78 -19.74 -20.49
N THR E 22 -25.36 -48.76 30.17
CA THR E 22 -24.31 -49.70 29.79
C THR E 22 -23.19 -49.01 29.04
N SER E 23 -23.42 -47.75 28.67
CA SER E 23 -22.41 -46.98 27.97
C SER E 23 -21.24 -46.70 28.89
N GLN E 24 -20.04 -46.62 28.31
CA GLN E 24 -18.85 -46.42 29.12
C GLN E 24 -18.75 -44.98 29.63
N ILE E 25 -19.37 -44.04 28.92
CA ILE E 25 -19.30 -42.63 29.30
C ILE E 25 -20.56 -42.18 30.01
N ARG E 26 -21.58 -43.02 30.10
CA ARG E 26 -22.83 -42.65 30.75
C ARG E 26 -22.58 -42.44 32.23
N GLN E 27 -22.82 -41.23 32.72
CA GLN E 27 -22.63 -40.91 34.12
C GLN E 27 -23.65 -39.87 34.54
N ASN E 28 -24.42 -40.20 35.58
CA ASN E 28 -25.42 -39.29 36.13
C ASN E 28 -26.38 -38.82 35.04
N TYR E 29 -26.89 -39.76 34.26
CA TYR E 29 -27.80 -39.47 33.17
C TYR E 29 -28.97 -40.44 33.27
N SER E 30 -30.00 -40.04 34.00
CA SER E 30 -31.13 -40.90 34.26
C SER E 30 -31.86 -41.25 32.96
N THR E 31 -32.49 -42.42 32.95
CA THR E 31 -33.24 -42.83 31.77
C THR E 31 -34.48 -41.98 31.57
N GLU E 32 -35.01 -41.44 32.67
CA GLU E 32 -36.18 -40.57 32.55
C GLU E 32 -35.83 -39.30 31.80
N VAL E 33 -34.64 -38.75 32.04
CA VAL E 33 -34.17 -37.62 31.25
C VAL E 33 -33.84 -38.02 29.82
N GLU E 34 -33.18 -39.16 29.62
CA GLU E 34 -32.87 -39.63 28.28
C GLU E 34 -34.11 -39.82 27.44
N ALA E 35 -35.20 -40.29 28.03
CA ALA E 35 -36.46 -40.42 27.31
C ALA E 35 -37.17 -39.09 27.15
N ALA E 36 -37.13 -38.23 28.16
CA ALA E 36 -37.73 -36.91 28.04
C ALA E 36 -37.02 -36.04 27.01
N VAL E 37 -35.73 -36.27 26.79
CA VAL E 37 -35.02 -35.57 25.73
C VAL E 37 -35.46 -36.05 24.35
N ASN E 38 -35.58 -37.35 24.15
CA ASN E 38 -36.05 -37.89 22.88
C ASN E 38 -37.43 -37.37 22.50
N ARG E 39 -38.30 -37.14 23.46
CA ARG E 39 -39.59 -36.53 23.17
C ARG E 39 -39.48 -35.04 22.92
N LEU E 40 -38.34 -34.43 23.25
CA LEU E 40 -38.13 -33.02 23.00
C LEU E 40 -37.51 -32.77 21.64
N VAL E 41 -36.71 -33.69 21.12
CA VAL E 41 -36.20 -33.55 19.76
C VAL E 41 -37.33 -33.75 18.77
N ASN E 42 -38.23 -34.68 19.03
CA ASN E 42 -39.38 -34.83 18.17
C ASN E 42 -40.26 -33.60 18.21
N LEU E 43 -40.37 -32.95 19.36
CA LEU E 43 -41.11 -31.71 19.44
C LEU E 43 -40.44 -30.63 18.61
N HIS E 44 -39.12 -30.50 18.72
CA HIS E 44 -38.43 -29.50 17.92
C HIS E 44 -38.53 -29.79 16.44
N LEU E 45 -38.45 -31.06 16.06
CA LEU E 45 -38.59 -31.41 14.65
C LEU E 45 -39.99 -31.10 14.15
N ARG E 46 -41.00 -31.43 14.93
CA ARG E 46 -42.37 -31.13 14.51
C ARG E 46 -42.60 -29.64 14.42
N ALA E 47 -42.00 -28.88 15.33
CA ALA E 47 -42.09 -27.43 15.29
C ALA E 47 -41.35 -26.83 14.12
N SER E 48 -40.27 -27.46 13.68
CA SER E 48 -39.57 -27.04 12.47
C SER E 48 -40.34 -27.43 11.23
N TYR E 49 -41.07 -28.54 11.27
CA TYR E 49 -41.97 -28.92 10.20
C TYR E 49 -43.12 -27.96 10.04
N THR E 50 -43.72 -27.51 11.15
CA THR E 50 -44.80 -26.54 11.07
C THR E 50 -44.31 -25.23 10.51
N TYR E 51 -43.15 -24.76 10.99
CA TYR E 51 -42.60 -23.52 10.46
C TYR E 51 -42.23 -23.66 8.99
N LEU E 52 -41.80 -24.84 8.57
CA LEU E 52 -41.56 -25.06 7.16
C LEU E 52 -42.85 -24.95 6.36
N SER E 53 -43.95 -25.46 6.91
CA SER E 53 -45.23 -25.34 6.23
C SER E 53 -45.67 -23.89 6.16
N LEU E 54 -45.45 -23.14 7.23
CA LEU E 54 -45.85 -21.74 7.24
C LEU E 54 -45.01 -20.93 6.27
N GLY E 55 -43.70 -21.16 6.24
CA GLY E 55 -42.84 -20.39 5.37
C GLY E 55 -43.10 -20.64 3.90
N PHE E 56 -43.66 -21.79 3.56
CA PHE E 56 -44.02 -22.09 2.18
C PHE E 56 -45.49 -21.85 1.92
N PHE E 57 -46.24 -21.37 2.91
CA PHE E 57 -47.59 -20.92 2.69
C PHE E 57 -47.65 -19.44 2.37
N PHE E 58 -46.75 -18.64 2.92
CA PHE E 58 -46.76 -17.20 2.69
C PHE E 58 -45.94 -16.81 1.47
N ASP E 59 -45.33 -17.77 0.79
CA ASP E 59 -44.81 -17.54 -0.55
C ASP E 59 -45.71 -18.09 -1.64
N ARG E 60 -46.88 -18.58 -1.29
CA ARG E 60 -47.85 -18.97 -2.31
C ARG E 60 -48.23 -17.77 -3.14
N ASP E 61 -48.61 -18.03 -4.39
CA ASP E 61 -48.91 -16.93 -5.31
C ASP E 61 -50.08 -16.09 -4.83
N ASP E 62 -50.99 -16.67 -4.05
CA ASP E 62 -52.21 -15.98 -3.65
C ASP E 62 -52.11 -15.40 -2.25
N VAL E 63 -50.94 -15.44 -1.64
CA VAL E 63 -50.66 -14.73 -0.39
C VAL E 63 -49.52 -13.74 -0.56
N ALA E 64 -48.37 -14.22 -1.02
CA ALA E 64 -47.27 -13.37 -1.46
C ALA E 64 -46.79 -12.42 -0.37
N LEU E 65 -46.83 -12.88 0.88
CA LEU E 65 -46.24 -12.13 1.98
C LEU E 65 -44.84 -12.69 2.18
N GLU E 66 -43.95 -12.38 1.24
CA GLU E 66 -42.64 -13.00 1.21
C GLU E 66 -41.81 -12.65 2.44
N GLY E 67 -42.08 -11.50 3.06
CA GLY E 67 -41.42 -11.20 4.32
C GLY E 67 -41.78 -12.19 5.41
N VAL E 68 -43.08 -12.46 5.57
CA VAL E 68 -43.51 -13.46 6.55
C VAL E 68 -42.97 -14.83 6.17
N GLY E 69 -42.98 -15.15 4.89
CA GLY E 69 -42.43 -16.41 4.45
C GLY E 69 -40.99 -16.58 4.88
N HIS E 70 -40.15 -15.60 4.60
CA HIS E 70 -38.75 -15.65 5.00
C HIS E 70 -38.58 -15.68 6.52
N PHE E 71 -39.43 -14.97 7.24
CA PHE E 71 -39.36 -15.01 8.70
C PHE E 71 -39.56 -16.43 9.20
N PHE E 72 -40.63 -17.08 8.76
CA PHE E 72 -40.88 -18.45 9.21
C PHE E 72 -39.84 -19.41 8.67
N ARG E 73 -39.28 -19.12 7.50
CA ARG E 73 -38.23 -19.99 6.97
C ARG E 73 -36.99 -19.95 7.83
N GLU E 74 -36.45 -18.77 8.10
CA GLU E 74 -35.29 -18.66 8.98
C GLU E 74 -35.64 -19.00 10.42
N LEU E 75 -36.91 -19.17 10.75
CA LEU E 75 -37.29 -19.74 12.03
C LEU E 75 -37.22 -21.26 12.05
N ALA E 76 -37.64 -21.91 10.98
CA ALA E 76 -37.48 -23.35 10.88
C ALA E 76 -36.02 -23.77 10.91
N GLU E 77 -35.14 -23.00 10.27
CA GLU E 77 -33.71 -23.24 10.40
C GLU E 77 -33.30 -23.33 11.86
N GLU E 78 -33.71 -22.35 12.66
CA GLU E 78 -33.27 -22.30 14.05
C GLU E 78 -33.90 -23.41 14.88
N LYS E 79 -35.17 -23.73 14.62
CA LYS E 79 -35.79 -24.83 15.36
C LYS E 79 -35.10 -26.15 15.06
N ARG E 80 -34.81 -26.41 13.78
CA ARG E 80 -34.11 -27.65 13.46
C ARG E 80 -32.72 -27.67 14.06
N GLU E 81 -31.99 -26.55 14.01
CA GLU E 81 -30.71 -26.49 14.68
C GLU E 81 -30.84 -26.78 16.16
N GLY E 82 -31.92 -26.33 16.79
CA GLY E 82 -32.15 -26.66 18.18
C GLY E 82 -32.43 -28.13 18.38
N ALA E 83 -32.92 -28.80 17.35
CA ALA E 83 -33.14 -30.23 17.45
C ALA E 83 -31.84 -31.03 17.36
N GLU E 84 -30.92 -30.69 16.47
CA GLU E 84 -29.67 -31.42 16.36
C GLU E 84 -28.68 -31.05 17.46
N ARG E 85 -28.90 -29.92 18.14
CA ARG E 85 -28.09 -29.60 19.30
C ARG E 85 -28.54 -30.39 20.52
N LEU E 86 -29.80 -30.83 20.55
CA LEU E 86 -30.26 -31.75 21.57
C LEU E 86 -29.83 -33.18 21.31
N LEU E 87 -29.67 -33.56 20.04
CA LEU E 87 -29.20 -34.88 19.70
C LEU E 87 -27.72 -35.07 20.00
N GLU E 88 -26.89 -34.08 19.72
CA GLU E 88 -25.48 -34.18 20.06
C GLU E 88 -25.26 -34.10 21.56
N PHE E 89 -26.16 -33.47 22.30
CA PHE E 89 -26.15 -33.58 23.74
C PHE E 89 -26.53 -34.96 24.22
N GLN E 90 -27.46 -35.61 23.53
CA GLN E 90 -27.80 -36.98 23.86
C GLN E 90 -26.60 -37.90 23.67
N ASN E 91 -25.75 -37.62 22.69
CA ASN E 91 -24.58 -38.45 22.47
C ASN E 91 -23.49 -38.14 23.48
N ASP E 92 -23.30 -36.86 23.81
CA ASP E 92 -22.27 -36.48 24.76
C ASP E 92 -22.53 -37.11 26.12
N ARG E 93 -23.79 -37.19 26.52
CA ARG E 93 -24.12 -37.79 27.81
C ARG E 93 -24.23 -39.30 27.74
N GLY E 94 -24.10 -39.90 26.56
CA GLY E 94 -24.14 -41.32 26.43
C GLY E 94 -25.51 -41.92 26.23
N GLY E 95 -26.51 -41.11 25.91
CA GLY E 95 -27.83 -41.63 25.65
C GLY E 95 -27.96 -42.20 24.25
N ARG E 96 -29.12 -42.77 23.98
CA ARG E 96 -29.43 -43.36 22.67
C ARG E 96 -30.58 -42.59 22.05
N ALA E 97 -30.33 -41.99 20.90
CA ALA E 97 -31.35 -41.21 20.21
C ALA E 97 -32.38 -42.14 19.57
N LEU E 98 -33.63 -41.99 19.96
CA LEU E 98 -34.74 -42.76 19.43
C LEU E 98 -35.65 -41.83 18.66
N PHE E 99 -35.71 -42.01 17.35
CA PHE E 99 -36.50 -41.13 16.52
C PHE E 99 -37.93 -41.66 16.40
N GLN E 100 -38.87 -40.74 16.20
CA GLN E 100 -40.27 -41.06 16.05
C GLN E 100 -40.80 -40.36 14.82
N ASP E 101 -42.03 -40.70 14.43
CA ASP E 101 -42.64 -40.10 13.27
C ASP E 101 -42.91 -38.62 13.53
N VAL E 102 -42.32 -37.76 12.72
CA VAL E 102 -42.62 -36.34 12.81
C VAL E 102 -44.04 -36.12 12.29
N GLN E 103 -44.97 -35.85 13.19
CA GLN E 103 -46.35 -35.67 12.82
C GLN E 103 -46.51 -34.40 11.99
N LYS E 104 -47.38 -34.47 10.99
CA LYS E 104 -47.57 -33.37 10.06
C LYS E 104 -48.11 -32.14 10.78
N PRO E 105 -47.94 -30.96 10.20
CA PRO E 105 -48.43 -29.74 10.85
C PRO E 105 -49.93 -29.79 11.06
N SER E 106 -50.42 -28.87 11.92
CA SER E 106 -51.82 -28.90 12.29
C SER E 106 -52.71 -28.49 11.12
N GLN E 107 -52.32 -27.45 10.39
CA GLN E 107 -53.12 -26.90 9.32
C GLN E 107 -52.35 -26.89 8.01
N ASP E 108 -53.09 -26.81 6.91
CA ASP E 108 -52.48 -26.53 5.62
C ASP E 108 -52.81 -25.14 5.13
N GLU E 109 -53.89 -24.54 5.64
CA GLU E 109 -54.22 -23.15 5.37
C GLU E 109 -54.12 -22.41 6.69
N TRP E 110 -53.33 -21.35 6.71
CA TRP E 110 -53.14 -20.64 7.97
C TRP E 110 -53.93 -19.34 8.01
N GLY E 111 -54.30 -18.81 6.86
CA GLY E 111 -55.11 -17.63 6.79
C GLY E 111 -54.29 -16.35 6.81
N LYS E 112 -54.87 -15.32 7.39
CA LYS E 112 -54.18 -14.05 7.52
C LYS E 112 -52.95 -14.19 8.40
N THR E 113 -51.99 -13.29 8.21
CA THR E 113 -50.73 -13.40 8.93
C THR E 113 -50.95 -13.34 10.43
N GLN E 114 -52.00 -12.65 10.89
CA GLN E 114 -52.26 -12.60 12.33
C GLN E 114 -52.65 -13.96 12.86
N GLU E 115 -53.63 -14.60 12.23
CA GLU E 115 -54.07 -15.92 12.67
C GLU E 115 -52.98 -16.98 12.51
N ALA E 116 -51.94 -16.68 11.75
CA ALA E 116 -50.81 -17.59 11.63
C ALA E 116 -49.76 -17.33 12.70
N MET E 117 -49.49 -16.08 13.03
CA MET E 117 -48.54 -15.76 14.08
C MET E 117 -49.07 -16.08 15.47
N GLU E 118 -50.39 -16.21 15.63
CA GLU E 118 -50.93 -16.74 16.88
C GLU E 118 -50.83 -18.25 16.95
N ALA E 119 -50.90 -18.94 15.83
CA ALA E 119 -50.67 -20.37 15.80
C ALA E 119 -49.18 -20.71 15.85
N ALA E 120 -48.32 -19.72 15.62
CA ALA E 120 -46.88 -19.90 15.76
C ALA E 120 -46.39 -19.49 17.13
N LEU E 121 -47.11 -18.60 17.82
CA LEU E 121 -46.80 -18.27 19.19
C LEU E 121 -47.34 -19.28 20.17
N ALA E 122 -48.55 -19.78 19.96
CA ALA E 122 -49.08 -20.86 20.77
C ALA E 122 -48.27 -22.13 20.63
N MET E 123 -47.49 -22.26 19.57
CA MET E 123 -46.59 -23.39 19.43
C MET E 123 -45.25 -23.17 20.11
N GLU E 124 -44.80 -21.92 20.22
CA GLU E 124 -43.61 -21.62 21.00
C GLU E 124 -43.87 -21.74 22.49
N LYS E 125 -44.92 -21.10 22.99
CA LYS E 125 -45.29 -21.19 24.38
C LYS E 125 -45.58 -22.62 24.80
N ASN E 126 -45.90 -23.50 23.85
CA ASN E 126 -46.03 -24.91 24.13
C ASN E 126 -44.71 -25.65 24.03
N LEU E 127 -43.84 -25.25 23.11
CA LEU E 127 -42.49 -25.79 23.07
C LEU E 127 -41.64 -25.30 24.22
N ASN E 128 -41.84 -24.07 24.67
CA ASN E 128 -41.14 -23.58 25.84
C ASN E 128 -41.60 -24.25 27.11
N GLN E 129 -42.88 -24.64 27.19
CA GLN E 129 -43.35 -25.38 28.35
C GLN E 129 -42.67 -26.73 28.45
N ALA E 130 -42.43 -27.38 27.31
CA ALA E 130 -41.74 -28.66 27.34
C ALA E 130 -40.32 -28.51 27.84
N LEU E 131 -39.65 -27.43 27.45
CA LEU E 131 -38.31 -27.18 27.96
C LEU E 131 -38.31 -26.96 29.45
N LEU E 132 -39.29 -26.22 29.96
CA LEU E 132 -39.39 -26.02 31.40
C LEU E 132 -39.70 -27.30 32.15
N ASP E 133 -40.52 -28.18 31.59
CA ASP E 133 -40.73 -29.48 32.20
C ASP E 133 -39.49 -30.34 32.17
N LEU E 134 -38.70 -30.26 31.09
CA LEU E 134 -37.45 -30.99 31.07
C LEU E 134 -36.49 -30.46 32.12
N HIS E 135 -36.41 -29.14 32.27
CA HIS E 135 -35.55 -28.57 33.30
C HIS E 135 -36.03 -28.89 34.69
N ALA E 136 -37.34 -29.01 34.89
CA ALA E 136 -37.86 -29.44 36.20
C ALA E 136 -37.53 -30.89 36.47
N LEU E 137 -37.65 -31.74 35.46
CA LEU E 137 -37.26 -33.14 35.62
C LEU E 137 -35.78 -33.27 35.89
N GLY E 138 -34.95 -32.53 35.16
CA GLY E 138 -33.52 -32.64 35.35
C GLY E 138 -33.08 -32.16 36.72
N SER E 139 -33.69 -31.09 37.22
CA SER E 139 -33.43 -30.66 38.57
C SER E 139 -33.98 -31.62 39.61
N ALA E 140 -35.00 -32.41 39.25
CA ALA E 140 -35.52 -33.39 40.18
C ALA E 140 -34.56 -34.55 40.35
N ARG E 141 -33.87 -34.95 39.29
CA ARG E 141 -32.90 -36.03 39.36
C ARG E 141 -31.48 -35.52 39.58
N ALA E 142 -31.32 -34.25 39.92
CA ALA E 142 -30.02 -33.65 40.20
C ALA E 142 -29.05 -33.86 39.05
N ASP E 143 -29.43 -33.32 37.89
CA ASP E 143 -28.59 -33.35 36.70
C ASP E 143 -28.15 -31.94 36.38
N PRO E 144 -27.05 -31.45 36.96
CA PRO E 144 -26.68 -30.05 36.74
C PRO E 144 -26.26 -29.75 35.32
N HIS E 145 -25.60 -30.69 34.65
CA HIS E 145 -25.16 -30.41 33.29
C HIS E 145 -26.34 -30.19 32.35
N LEU E 146 -27.42 -30.95 32.54
CA LEU E 146 -28.59 -30.77 31.69
C LEU E 146 -29.23 -29.41 31.94
N CYS E 147 -29.37 -29.02 33.20
CA CYS E 147 -29.99 -27.74 33.50
C CYS E 147 -29.13 -26.60 32.95
N ASP E 148 -27.81 -26.73 33.05
CA ASP E 148 -26.94 -25.71 32.46
C ASP E 148 -27.09 -25.65 30.94
N PHE E 149 -27.11 -26.82 30.30
CA PHE E 149 -27.26 -26.87 28.85
C PHE E 149 -28.53 -26.18 28.40
N LEU E 150 -29.65 -26.51 29.06
CA LEU E 150 -30.91 -25.85 28.75
C LEU E 150 -30.81 -24.34 29.00
N GLU E 151 -30.45 -23.95 30.22
CA GLU E 151 -30.39 -22.54 30.57
C GLU E 151 -29.53 -21.77 29.57
N SER E 152 -28.52 -22.41 29.01
CA SER E 152 -27.60 -21.70 28.13
C SER E 152 -28.14 -21.61 26.71
N HIS E 153 -28.68 -22.71 26.18
CA HIS E 153 -28.94 -22.78 24.76
C HIS E 153 -30.40 -22.64 24.36
N TYR E 154 -31.36 -22.88 25.25
CA TYR E 154 -32.74 -22.95 24.83
C TYR E 154 -33.64 -21.94 25.52
N LEU E 155 -33.54 -21.81 26.83
CA LEU E 155 -34.54 -21.05 27.57
C LEU E 155 -34.54 -19.59 27.19
N ASP E 156 -33.37 -18.96 27.21
CA ASP E 156 -33.32 -17.53 26.92
C ASP E 156 -33.66 -17.24 25.47
N LYS E 157 -33.15 -18.05 24.55
CA LYS E 157 -33.54 -17.92 23.16
C LYS E 157 -35.05 -18.00 23.01
N GLU E 158 -35.68 -18.88 23.77
CA GLU E 158 -37.11 -19.09 23.60
C GLU E 158 -37.91 -17.93 24.15
N VAL E 159 -37.53 -17.38 25.31
CA VAL E 159 -38.25 -16.22 25.80
C VAL E 159 -38.04 -15.00 24.92
N LYS E 160 -36.87 -14.86 24.32
CA LYS E 160 -36.66 -13.76 23.39
C LYS E 160 -37.48 -13.93 22.12
N LEU E 161 -37.58 -15.16 21.61
CA LEU E 161 -38.42 -15.40 20.44
C LEU E 161 -39.89 -15.16 20.74
N ILE E 162 -40.36 -15.59 21.91
CA ILE E 162 -41.75 -15.36 22.27
C ILE E 162 -42.02 -13.86 22.39
N LYS E 163 -41.07 -13.12 22.96
CA LYS E 163 -41.22 -11.68 23.06
C LYS E 163 -41.31 -11.05 21.67
N LYS E 164 -40.45 -11.49 20.75
CA LYS E 164 -40.51 -10.98 19.39
C LYS E 164 -41.85 -11.28 18.74
N MET E 165 -42.37 -12.49 18.92
CA MET E 165 -43.66 -12.85 18.36
C MET E 165 -44.80 -12.06 18.98
N GLY E 166 -44.71 -11.73 20.26
CA GLY E 166 -45.74 -10.91 20.87
C GLY E 166 -45.72 -9.51 20.33
N ASN E 167 -44.51 -8.98 20.11
CA ASN E 167 -44.39 -7.70 19.44
C ASN E 167 -45.03 -7.72 18.06
N HIS E 168 -44.72 -8.76 17.28
CA HIS E 168 -45.35 -8.90 15.97
C HIS E 168 -46.86 -8.97 16.09
N LEU E 169 -47.36 -9.68 17.10
CA LEU E 169 -48.80 -9.86 17.22
C LEU E 169 -49.49 -8.54 17.53
N THR E 170 -48.95 -7.77 18.46
CA THR E 170 -49.59 -6.49 18.78
C THR E 170 -49.45 -5.50 17.65
N ASN E 171 -48.33 -5.52 16.94
CA ASN E 171 -48.22 -4.64 15.77
C ASN E 171 -49.20 -5.05 14.69
N LEU E 172 -49.49 -6.34 14.56
CA LEU E 172 -50.48 -6.80 13.60
C LEU E 172 -51.89 -6.43 14.02
N ARG E 173 -52.23 -6.52 15.30
CA ARG E 173 -53.51 -6.05 15.77
C ARG E 173 -53.64 -4.54 15.70
N ARG E 174 -52.52 -3.82 15.67
CA ARG E 174 -52.56 -2.37 15.59
C ARG E 174 -52.93 -1.90 14.20
N VAL E 175 -52.52 -2.64 13.16
CA VAL E 175 -52.74 -2.22 11.79
C VAL E 175 -53.93 -2.95 11.19
N ALA E 176 -54.64 -3.70 12.01
CA ALA E 176 -55.78 -4.46 11.54
C ALA E 176 -56.92 -3.53 11.11
N SER E 189 -56.93 -5.27 3.47
CA SER E 189 -55.92 -5.53 4.49
C SER E 189 -54.63 -4.78 4.20
N LEU E 190 -54.74 -3.48 3.99
CA LEU E 190 -53.57 -2.67 3.71
C LEU E 190 -52.57 -2.72 4.86
N GLY E 191 -53.07 -2.75 6.09
CA GLY E 191 -52.19 -2.74 7.23
C GLY E 191 -51.29 -3.95 7.29
N GLU E 192 -51.81 -5.11 6.88
CA GLU E 192 -50.99 -6.31 6.90
C GLU E 192 -49.86 -6.24 5.89
N TYR E 193 -50.14 -5.73 4.69
CA TYR E 193 -49.07 -5.50 3.73
C TYR E 193 -48.05 -4.51 4.25
N LEU E 194 -48.52 -3.41 4.84
CA LEU E 194 -47.60 -2.41 5.38
C LEU E 194 -46.72 -3.00 6.46
N PHE E 195 -47.30 -3.85 7.31
CA PHE E 195 -46.51 -4.49 8.35
C PHE E 195 -45.45 -5.39 7.74
N GLU E 196 -45.85 -6.27 6.83
CA GLU E 196 -44.88 -7.15 6.20
C GLU E 196 -43.77 -6.36 5.51
N ARG E 197 -44.10 -5.19 4.99
CA ARG E 197 -43.11 -4.41 4.25
C ARG E 197 -42.16 -3.67 5.19
N LEU E 198 -42.69 -3.15 6.30
CA LEU E 198 -41.91 -2.21 7.08
C LEU E 198 -41.22 -2.87 8.27
N THR E 199 -41.83 -3.92 8.83
CA THR E 199 -41.21 -4.61 9.97
C THR E 199 -40.45 -5.84 9.50
N LEU E 200 -41.16 -6.78 8.88
CA LEU E 200 -40.58 -8.10 8.62
C LEU E 200 -39.52 -8.02 7.52
N LYS E 201 -39.82 -7.33 6.43
CA LYS E 201 -38.84 -7.21 5.36
C LYS E 201 -37.63 -6.41 5.84
N HIS E 202 -37.87 -5.39 6.66
CA HIS E 202 -36.77 -4.56 7.15
C HIS E 202 -35.79 -5.38 7.98
N ASP E 203 -36.28 -6.36 8.74
CA ASP E 203 -35.40 -7.24 9.48
C ASP E 203 -34.85 -8.39 8.64
N GLY E 204 -35.58 -8.84 7.62
CA GLY E 204 -35.03 -9.83 6.73
C GLY E 204 -33.84 -9.30 5.95
N ASP E 205 -33.85 -8.01 5.66
CA ASP E 205 -32.70 -7.39 4.99
C ASP E 205 -31.46 -7.45 5.87
N ILE E 206 -31.61 -7.23 7.18
CA ILE E 206 -30.43 -7.21 8.03
C ILE E 206 -30.01 -8.64 8.42
N GLU E 207 -30.95 -9.58 8.42
CA GLU E 207 -30.55 -10.98 8.54
C GLU E 207 -29.61 -11.37 7.41
N SER E 208 -29.97 -11.02 6.18
CA SER E 208 -29.14 -11.34 5.03
C SER E 208 -27.84 -10.55 5.04
N ALA E 209 -27.73 -9.57 5.94
CA ALA E 209 -26.49 -8.81 6.09
C ALA E 209 -25.56 -9.46 7.11
N GLN E 210 -26.09 -9.86 8.25
CA GLN E 210 -25.25 -10.49 9.28
C GLN E 210 -24.99 -11.96 8.97
N SER E 211 -25.78 -12.54 8.07
CA SER E 211 -25.69 -13.97 7.75
C SER E 211 -24.31 -14.38 7.25
N THR F 22 -13.84 58.28 17.44
CA THR F 22 -13.52 58.89 16.16
C THR F 22 -13.19 57.81 15.12
N SER F 23 -13.03 56.58 15.59
CA SER F 23 -12.73 55.48 14.68
C SER F 23 -13.94 55.20 13.79
N GLN F 24 -13.66 54.75 12.57
CA GLN F 24 -14.73 54.51 11.61
C GLN F 24 -15.52 53.26 11.97
N ILE F 25 -14.90 52.31 12.67
CA ILE F 25 -15.56 51.06 13.01
C ILE F 25 -16.04 51.04 14.44
N ARG F 26 -15.73 52.07 15.21
CA ARG F 26 -16.15 52.13 16.60
C ARG F 26 -17.67 52.23 16.67
N GLN F 27 -18.32 51.24 17.28
CA GLN F 27 -19.76 51.25 17.42
C GLN F 27 -20.16 50.57 18.71
N ASN F 28 -20.90 51.28 19.55
CA ASN F 28 -21.39 50.75 20.83
C ASN F 28 -20.22 50.23 21.67
N TYR F 29 -19.19 51.04 21.79
CA TYR F 29 -18.00 50.68 22.55
C TYR F 29 -17.65 51.85 23.44
N SER F 30 -18.20 51.86 24.65
CA SER F 30 -18.02 52.97 25.56
C SER F 30 -16.55 53.12 25.96
N THR F 31 -16.17 54.35 26.27
CA THR F 31 -14.80 54.62 26.68
C THR F 31 -14.51 54.00 28.04
N GLU F 32 -15.54 53.86 28.87
CA GLU F 32 -15.35 53.24 30.17
C GLU F 32 -14.96 51.78 30.03
N VAL F 33 -15.56 51.08 29.06
CA VAL F 33 -15.13 49.72 28.75
C VAL F 33 -13.77 49.69 28.10
N GLU F 34 -13.49 50.59 27.16
CA GLU F 34 -12.19 50.65 26.52
C GLU F 34 -11.06 50.87 27.51
N ALA F 35 -11.29 51.68 28.54
CA ALA F 35 -10.31 51.87 29.59
C ALA F 35 -10.25 50.73 30.57
N ALA F 36 -11.40 50.14 30.91
CA ALA F 36 -11.41 48.98 31.77
C ALA F 36 -10.76 47.76 31.14
N VAL F 37 -10.79 47.67 29.81
CA VAL F 37 -10.07 46.61 29.13
C VAL F 37 -8.56 46.82 29.20
N ASN F 38 -8.09 48.03 28.95
CA ASN F 38 -6.67 48.32 29.05
C ASN F 38 -6.10 48.01 30.43
N ARG F 39 -6.88 48.20 31.50
CA ARG F 39 -6.42 47.81 32.82
C ARG F 39 -6.51 46.30 33.03
N LEU F 40 -7.20 45.59 32.15
CA LEU F 40 -7.28 44.15 32.25
C LEU F 40 -6.17 43.45 31.49
N VAL F 41 -5.67 44.04 30.41
CA VAL F 41 -4.52 43.47 29.73
C VAL F 41 -3.28 43.65 30.58
N ASN F 42 -3.16 44.78 31.27
CA ASN F 42 -2.04 44.95 32.18
C ASN F 42 -2.11 43.96 33.33
N LEU F 43 -3.33 43.65 33.79
CA LEU F 43 -3.47 42.62 34.81
C LEU F 43 -3.06 41.26 34.30
N HIS F 44 -3.47 40.91 33.08
CA HIS F 44 -3.07 39.62 32.52
C HIS F 44 -1.57 39.57 32.31
N LEU F 45 -0.96 40.66 31.85
CA LEU F 45 0.48 40.67 31.66
C LEU F 45 1.20 40.54 32.98
N ARG F 46 0.74 41.25 34.02
CA ARG F 46 1.39 41.14 35.32
C ARG F 46 1.23 39.74 35.88
N ALA F 47 0.08 39.12 35.65
CA ALA F 47 -0.15 37.75 36.09
C ALA F 47 0.69 36.75 35.33
N SER F 48 1.00 37.02 34.06
CA SER F 48 1.91 36.20 33.29
C SER F 48 3.35 36.42 33.71
N TYR F 49 3.68 37.63 34.15
CA TYR F 49 4.98 37.90 34.73
C TYR F 49 5.19 37.18 36.05
N THR F 50 4.18 37.15 36.92
CA THR F 50 4.30 36.43 38.17
C THR F 50 4.46 34.95 37.92
N TYR F 51 3.67 34.39 37.02
CA TYR F 51 3.80 32.97 36.70
C TYR F 51 5.15 32.68 36.07
N LEU F 52 5.69 33.61 35.29
CA LEU F 52 7.03 33.42 34.76
C LEU F 52 8.05 33.39 35.88
N SER F 53 7.87 34.22 36.91
CA SER F 53 8.78 34.19 38.03
C SER F 53 8.67 32.89 38.81
N LEU F 54 7.44 32.40 38.96
CA LEU F 54 7.24 31.14 39.68
C LEU F 54 7.83 29.97 38.91
N GLY F 55 7.61 29.92 37.61
CA GLY F 55 8.11 28.82 36.82
C GLY F 55 9.61 28.75 36.76
N PHE F 56 10.28 29.87 36.96
CA PHE F 56 11.74 29.89 37.00
C PHE F 56 12.27 29.89 38.41
N PHE F 57 11.39 29.83 39.41
CA PHE F 57 11.81 29.61 40.77
C PHE F 57 11.84 28.15 41.14
N PHE F 58 10.95 27.34 40.58
CA PHE F 58 10.89 25.92 40.88
C PHE F 58 11.80 25.09 39.99
N ASP F 59 12.51 25.72 39.06
CA ASP F 59 13.63 25.07 38.39
C ASP F 59 14.97 25.49 38.93
N ARG F 60 15.00 26.29 40.00
CA ARG F 60 16.26 26.61 40.64
C ARG F 60 16.90 25.33 41.15
N ASP F 61 18.23 25.36 41.25
CA ASP F 61 18.95 24.16 41.64
C ASP F 61 18.58 23.70 43.04
N ASP F 62 18.17 24.62 43.90
CA ASP F 62 17.91 24.31 45.31
C ASP F 62 16.44 24.07 45.60
N VAL F 63 15.60 24.02 44.57
CA VAL F 63 14.21 23.60 44.69
C VAL F 63 13.93 22.39 43.81
N ALA F 64 14.20 22.50 42.52
CA ALA F 64 14.21 21.36 41.60
C ALA F 64 12.88 20.64 41.55
N LEU F 65 11.79 21.38 41.69
CA LEU F 65 10.45 20.82 41.50
C LEU F 65 10.06 21.13 40.06
N GLU F 66 10.70 20.42 39.14
CA GLU F 66 10.57 20.75 37.72
C GLU F 66 9.15 20.55 37.22
N GLY F 67 8.38 19.67 37.87
CA GLY F 67 6.98 19.55 37.52
C GLY F 67 6.20 20.83 37.81
N VAL F 68 6.38 21.38 39.01
CA VAL F 68 5.75 22.65 39.35
C VAL F 68 6.25 23.75 38.44
N GLY F 69 7.55 23.75 38.14
CA GLY F 69 8.10 24.73 37.23
C GLY F 69 7.40 24.71 35.90
N HIS F 70 7.30 23.54 35.28
CA HIS F 70 6.61 23.42 34.00
C HIS F 70 5.14 23.77 34.10
N PHE F 71 4.48 23.43 35.20
CA PHE F 71 3.09 23.82 35.37
C PHE F 71 2.94 25.33 35.31
N PHE F 72 3.72 26.06 36.10
CA PHE F 72 3.62 27.51 36.08
C PHE F 72 4.09 28.09 34.75
N ARG F 73 5.03 27.41 34.09
CA ARG F 73 5.47 27.91 32.80
C ARG F 73 4.37 27.83 31.76
N GLU F 74 3.76 26.66 31.58
CA GLU F 74 2.65 26.56 30.64
C GLU F 74 1.41 27.27 31.14
N LEU F 75 1.42 27.78 32.37
CA LEU F 75 0.39 28.70 32.82
C LEU F 75 0.65 30.14 32.38
N ALA F 76 1.90 30.58 32.44
CA ALA F 76 2.25 31.90 31.92
C ALA F 76 1.98 32.02 30.43
N GLU F 77 2.24 30.95 29.67
CA GLU F 77 1.85 30.92 28.26
C GLU F 77 0.38 31.28 28.10
N GLU F 78 -0.48 30.63 28.86
CA GLU F 78 -1.92 30.82 28.70
C GLU F 78 -2.36 32.20 29.17
N LYS F 79 -1.76 32.70 30.26
CA LYS F 79 -2.11 34.04 30.70
C LYS F 79 -1.72 35.10 29.68
N ARG F 80 -0.52 34.98 29.11
CA ARG F 80 -0.11 35.93 28.09
C ARG F 80 -1.00 35.83 26.86
N GLU F 81 -1.32 34.60 26.43
CA GLU F 81 -2.26 34.45 25.34
C GLU F 81 -3.59 35.12 25.64
N GLY F 82 -4.04 35.05 26.89
CA GLY F 82 -5.25 35.74 27.27
C GLY F 82 -5.10 37.25 27.22
N ALA F 83 -3.87 37.73 27.34
CA ALA F 83 -3.62 39.15 27.21
C ALA F 83 -3.67 39.64 25.77
N GLU F 84 -3.09 38.91 24.82
CA GLU F 84 -3.13 39.34 23.43
C GLU F 84 -4.46 39.04 22.76
N ARG F 85 -5.28 38.19 23.35
CA ARG F 85 -6.64 38.01 22.87
C ARG F 85 -7.55 39.14 23.31
N LEU F 86 -7.22 39.81 24.40
CA LEU F 86 -7.91 41.03 24.79
C LEU F 86 -7.46 42.24 24.00
N LEU F 87 -6.21 42.25 23.54
CA LEU F 87 -5.74 43.35 22.71
C LEU F 87 -6.31 43.30 21.30
N GLU F 88 -6.41 42.11 20.70
CA GLU F 88 -7.03 42.02 19.40
C GLU F 88 -8.53 42.27 19.45
N PHE F 89 -9.16 42.02 20.60
CA PHE F 89 -10.53 42.47 20.79
C PHE F 89 -10.62 43.97 20.91
N GLN F 90 -9.63 44.61 21.52
CA GLN F 90 -9.59 46.07 21.57
C GLN F 90 -9.51 46.65 20.17
N ASN F 91 -8.81 45.97 19.27
CA ASN F 91 -8.69 46.47 17.90
C ASN F 91 -9.96 46.21 17.11
N ASP F 92 -10.56 45.03 17.29
CA ASP F 92 -11.78 44.71 16.56
C ASP F 92 -12.89 45.69 16.89
N ARG F 93 -12.99 46.11 18.14
CA ARG F 93 -14.02 47.05 18.54
C ARG F 93 -13.63 48.50 18.25
N GLY F 94 -12.42 48.74 17.79
CA GLY F 94 -12.01 50.09 17.46
C GLY F 94 -11.39 50.87 18.58
N GLY F 95 -11.02 50.22 19.68
CA GLY F 95 -10.38 50.91 20.77
C GLY F 95 -8.90 51.14 20.52
N ARG F 96 -8.27 51.85 21.44
CA ARG F 96 -6.85 52.15 21.37
C ARG F 96 -6.15 51.51 22.55
N ALA F 97 -5.22 50.61 22.26
CA ALA F 97 -4.49 49.91 23.31
C ALA F 97 -3.48 50.83 23.95
N LEU F 98 -3.60 51.02 25.26
CA LEU F 98 -2.70 51.86 26.04
C LEU F 98 -1.95 50.96 27.00
N PHE F 99 -0.64 50.83 26.78
CA PHE F 99 0.16 49.96 27.62
C PHE F 99 0.69 50.70 28.83
N GLN F 100 0.90 49.96 29.92
CA GLN F 100 1.41 50.52 31.15
C GLN F 100 2.58 49.66 31.62
N ASP F 101 3.28 50.13 32.65
CA ASP F 101 4.40 49.40 33.18
C ASP F 101 3.92 48.12 33.84
N VAL F 102 4.40 46.98 33.36
CA VAL F 102 4.10 45.71 34.00
C VAL F 102 4.86 45.66 35.32
N GLN F 103 4.15 45.82 36.42
CA GLN F 103 4.78 45.84 37.72
C GLN F 103 5.35 44.46 38.05
N LYS F 104 6.51 44.45 38.69
CA LYS F 104 7.22 43.22 38.97
C LYS F 104 6.42 42.33 39.93
N PRO F 105 6.70 41.03 39.95
CA PRO F 105 5.95 40.14 40.82
C PRO F 105 6.09 40.52 42.28
N SER F 106 5.19 39.97 43.10
CA SER F 106 5.16 40.36 44.51
C SER F 106 6.37 39.85 45.26
N GLN F 107 6.78 38.62 45.01
CA GLN F 107 7.88 37.99 45.73
C GLN F 107 8.95 37.52 44.77
N ASP F 108 10.16 37.32 45.30
CA ASP F 108 11.20 36.62 44.57
C ASP F 108 11.46 35.24 45.15
N GLU F 109 11.10 35.02 46.41
CA GLU F 109 11.16 33.71 47.02
C GLU F 109 9.73 33.31 47.32
N TRP F 110 9.31 32.13 46.84
CA TRP F 110 7.93 31.73 47.04
C TRP F 110 7.81 30.66 48.12
N GLY F 111 8.90 29.95 48.39
CA GLY F 111 8.90 28.97 49.45
C GLY F 111 8.44 27.61 48.98
N LYS F 112 7.82 26.87 49.89
CA LYS F 112 7.30 25.56 49.56
C LYS F 112 6.21 25.68 48.50
N THR F 113 6.00 24.58 47.77
CA THR F 113 5.05 24.61 46.66
C THR F 113 3.65 24.96 47.14
N GLN F 114 3.32 24.62 48.38
CA GLN F 114 1.99 24.97 48.88
C GLN F 114 1.84 26.47 49.03
N GLU F 115 2.78 27.12 49.70
CA GLU F 115 2.72 28.56 49.88
C GLU F 115 2.84 29.31 48.55
N ALA F 116 3.28 28.64 47.49
CA ALA F 116 3.32 29.25 46.18
C ALA F 116 2.02 29.07 45.42
N MET F 117 1.40 27.89 45.53
CA MET F 117 0.13 27.66 44.88
C MET F 117 -1.01 28.40 45.54
N GLU F 118 -0.86 28.83 46.79
CA GLU F 118 -1.83 29.74 47.39
C GLU F 118 -1.64 31.17 46.95
N ALA F 119 -0.40 31.57 46.65
CA ALA F 119 -0.14 32.88 46.07
C ALA F 119 -0.46 32.90 44.58
N ALA F 120 -0.62 31.75 43.96
CA ALA F 120 -1.03 31.67 42.57
C ALA F 120 -2.54 31.50 42.43
N LEU F 121 -3.20 30.97 43.44
CA LEU F 121 -4.66 30.92 43.46
C LEU F 121 -5.26 32.25 43.90
N ALA F 122 -4.69 32.90 44.91
CA ALA F 122 -5.15 34.23 45.29
C ALA F 122 -4.94 35.24 44.18
N MET F 123 -4.07 34.95 43.21
CA MET F 123 -3.91 35.81 42.06
C MET F 123 -4.90 35.49 40.95
N GLU F 124 -5.35 34.24 40.85
CA GLU F 124 -6.41 33.91 39.92
C GLU F 124 -7.76 34.45 40.39
N LYS F 125 -8.13 34.17 41.64
CA LYS F 125 -9.37 34.67 42.19
C LYS F 125 -9.42 36.18 42.19
N ASN F 126 -8.27 36.85 42.13
CA ASN F 126 -8.23 38.29 41.96
C ASN F 126 -8.28 38.70 40.51
N LEU F 127 -7.67 37.94 39.61
CA LEU F 127 -7.81 38.16 38.19
C LEU F 127 -9.20 37.81 37.68
N ASN F 128 -9.82 36.78 38.24
CA ASN F 128 -11.20 36.46 37.90
C ASN F 128 -12.18 37.50 38.40
N GLN F 129 -11.89 38.14 39.53
CA GLN F 129 -12.75 39.22 40.00
C GLN F 129 -12.73 40.39 39.04
N ALA F 130 -11.56 40.68 38.46
CA ALA F 130 -11.49 41.77 37.49
C ALA F 130 -12.31 41.47 36.26
N LEU F 131 -12.30 40.21 35.81
CA LEU F 131 -13.14 39.83 34.68
C LEU F 131 -14.60 39.99 34.99
N LEU F 132 -15.03 39.60 36.20
CA LEU F 132 -16.42 39.78 36.57
C LEU F 132 -16.81 41.24 36.69
N ASP F 133 -15.91 42.10 37.16
CA ASP F 133 -16.19 43.53 37.16
C ASP F 133 -16.27 44.10 35.76
N LEU F 134 -15.43 43.60 34.85
CA LEU F 134 -15.53 44.04 33.46
C LEU F 134 -16.86 43.59 32.86
N HIS F 135 -17.28 42.36 33.13
CA HIS F 135 -18.56 41.89 32.62
C HIS F 135 -19.74 42.64 33.25
N ALA F 136 -19.61 43.06 34.49
CA ALA F 136 -20.65 43.88 35.10
C ALA F 136 -20.71 45.26 34.48
N LEU F 137 -19.54 45.86 34.22
CA LEU F 137 -19.51 47.14 33.54
C LEU F 137 -20.06 47.04 32.13
N GLY F 138 -19.69 45.99 31.40
CA GLY F 138 -20.17 45.86 30.04
C GLY F 138 -21.67 45.64 29.96
N SER F 139 -22.23 44.87 30.89
CA SER F 139 -23.67 44.73 30.98
C SER F 139 -24.33 46.01 31.46
N ALA F 140 -23.62 46.87 32.17
CA ALA F 140 -24.19 48.13 32.59
C ALA F 140 -24.34 49.09 31.41
N ARG F 141 -23.41 49.07 30.48
CA ARG F 141 -23.47 49.92 29.30
C ARG F 141 -24.09 49.22 28.11
N ALA F 142 -24.70 48.06 28.32
CA ALA F 142 -25.38 47.29 27.27
C ALA F 142 -24.44 47.02 26.10
N ASP F 143 -23.36 46.30 26.40
CA ASP F 143 -22.40 45.88 25.39
C ASP F 143 -22.47 44.37 25.26
N PRO F 144 -23.36 43.84 24.42
CA PRO F 144 -23.52 42.38 24.37
C PRO F 144 -22.32 41.67 23.80
N HIS F 145 -21.63 42.25 22.83
CA HIS F 145 -20.48 41.58 22.25
C HIS F 145 -19.38 41.38 23.27
N LEU F 146 -19.16 42.36 24.14
CA LEU F 146 -18.13 42.21 25.16
C LEU F 146 -18.50 41.11 26.15
N CYS F 147 -19.75 41.08 26.59
CA CYS F 147 -20.15 40.05 27.54
C CYS F 147 -20.04 38.67 26.90
N ASP F 148 -20.40 38.55 25.63
CA ASP F 148 -20.23 37.27 24.95
C ASP F 148 -18.77 36.89 24.84
N PHE F 149 -17.91 37.84 24.48
CA PHE F 149 -16.48 37.55 24.36
C PHE F 149 -15.91 37.05 25.67
N LEU F 150 -16.23 37.74 26.76
CA LEU F 150 -15.78 37.29 28.07
C LEU F 150 -16.33 35.90 28.38
N GLU F 151 -17.66 35.76 28.35
CA GLU F 151 -18.29 34.48 28.68
C GLU F 151 -17.67 33.33 27.89
N SER F 152 -17.24 33.61 26.66
CA SER F 152 -16.75 32.55 25.82
C SER F 152 -15.29 32.22 26.11
N HIS F 153 -14.44 33.24 26.28
CA HIS F 153 -13.01 33.02 26.26
C HIS F 153 -12.34 33.07 27.62
N TYR F 154 -12.93 33.71 28.63
CA TYR F 154 -12.21 33.96 29.87
C TYR F 154 -12.87 33.33 31.08
N LEU F 155 -14.18 33.51 31.25
CA LEU F 155 -14.81 33.18 32.52
C LEU F 155 -14.73 31.68 32.81
N ASP F 156 -15.13 30.86 31.84
CA ASP F 156 -15.15 29.42 32.09
C ASP F 156 -13.75 28.86 32.24
N LYS F 157 -12.82 29.30 31.39
CA LYS F 157 -11.43 28.93 31.56
C LYS F 157 -10.94 29.27 32.96
N GLU F 158 -11.35 30.42 33.48
CA GLU F 158 -10.84 30.86 34.76
C GLU F 158 -11.42 30.04 35.91
N VAL F 159 -12.70 29.73 35.87
CA VAL F 159 -13.25 28.89 36.93
C VAL F 159 -12.69 27.48 36.87
N LYS F 160 -12.42 26.96 35.68
CA LYS F 160 -11.78 25.65 35.60
C LYS F 160 -10.36 25.68 36.13
N LEU F 161 -9.61 26.73 35.84
CA LEU F 161 -8.25 26.85 36.37
C LEU F 161 -8.27 26.99 37.89
N ILE F 162 -9.18 27.78 38.43
CA ILE F 162 -9.27 27.91 39.88
C ILE F 162 -9.64 26.58 40.52
N LYS F 163 -10.53 25.82 39.89
CA LYS F 163 -10.88 24.50 40.40
C LYS F 163 -9.65 23.59 40.41
N LYS F 164 -8.88 23.61 39.32
CA LYS F 164 -7.66 22.81 39.27
C LYS F 164 -6.69 23.21 40.36
N MET F 165 -6.51 24.50 40.60
CA MET F 165 -5.61 24.96 41.65
C MET F 165 -6.11 24.59 43.03
N GLY F 166 -7.42 24.57 43.25
CA GLY F 166 -7.94 24.15 44.53
C GLY F 166 -7.70 22.67 44.76
N ASN F 167 -7.86 21.88 43.69
CA ASN F 167 -7.51 20.48 43.78
C ASN F 167 -6.04 20.30 44.15
N HIS F 168 -5.16 21.03 43.48
CA HIS F 168 -3.74 20.97 43.81
C HIS F 168 -3.51 21.37 45.26
N LEU F 169 -4.22 22.39 45.73
CA LEU F 169 -3.99 22.86 47.09
C LEU F 169 -4.39 21.83 48.12
N THR F 170 -5.55 21.21 47.95
CA THR F 170 -5.97 20.21 48.93
C THR F 170 -5.11 18.96 48.84
N ASN F 171 -4.67 18.59 47.64
CA ASN F 171 -3.76 17.45 47.55
C ASN F 171 -2.43 17.77 48.21
N LEU F 172 -1.99 19.03 48.16
CA LEU F 172 -0.77 19.42 48.83
C LEU F 172 -0.92 19.45 50.33
N ARG F 173 -2.06 19.91 50.85
CA ARG F 173 -2.31 19.83 52.27
C ARG F 173 -2.52 18.41 52.74
N ARG F 174 -2.88 17.50 51.85
CA ARG F 174 -3.08 16.11 52.23
C ARG F 174 -1.76 15.40 52.45
N VAL F 175 -0.71 15.77 51.71
CA VAL F 175 0.56 15.07 51.78
C VAL F 175 1.54 15.86 52.63
N ALA F 176 1.05 16.92 53.28
CA ALA F 176 1.92 17.76 54.11
C ALA F 176 2.39 16.99 55.33
N SER F 189 10.02 16.78 53.63
CA SER F 189 8.88 17.09 52.77
C SER F 189 8.73 16.05 51.68
N LEU F 190 8.70 14.79 52.06
CA LEU F 190 8.56 13.72 51.08
C LEU F 190 7.24 13.84 50.32
N GLY F 191 6.18 14.26 51.01
CA GLY F 191 4.89 14.35 50.36
C GLY F 191 4.88 15.35 49.21
N GLU F 192 5.62 16.44 49.35
CA GLU F 192 5.66 17.44 48.29
C GLU F 192 6.35 16.89 47.05
N TYR F 193 7.46 16.17 47.24
CA TYR F 193 8.11 15.51 46.12
C TYR F 193 7.18 14.50 45.47
N LEU F 194 6.50 13.69 46.29
CA LEU F 194 5.60 12.69 45.74
C LEU F 194 4.48 13.34 44.94
N PHE F 195 3.95 14.46 45.43
CA PHE F 195 2.92 15.16 44.70
C PHE F 195 3.44 15.66 43.36
N GLU F 196 4.58 16.35 43.38
CA GLU F 196 5.15 16.84 42.13
C GLU F 196 5.40 15.71 41.15
N ARG F 197 5.74 14.53 41.65
CA ARG F 197 6.07 13.42 40.77
C ARG F 197 4.83 12.76 40.21
N LEU F 198 3.78 12.63 41.03
CA LEU F 198 2.66 11.77 40.64
C LEU F 198 1.52 12.56 40.03
N THR F 199 1.32 13.80 40.45
CA THR F 199 0.23 14.61 39.88
C THR F 199 0.75 15.53 38.77
N LEU F 200 1.69 16.41 39.12
CA LEU F 200 2.07 17.47 38.20
C LEU F 200 2.87 16.94 37.02
N LYS F 201 3.85 16.07 37.29
CA LYS F 201 4.62 15.49 36.20
C LYS F 201 3.74 14.61 35.32
N HIS F 202 2.80 13.89 35.94
CA HIS F 202 1.93 13.01 35.18
C HIS F 202 1.08 13.79 34.18
N ASP F 203 0.67 15.00 34.54
CA ASP F 203 -0.06 15.85 33.61
C ASP F 203 0.84 16.62 32.66
N GLY F 204 2.07 16.95 33.08
CA GLY F 204 3.00 17.56 32.16
C GLY F 204 3.36 16.64 31.02
N ASP F 205 3.40 15.33 31.30
CA ASP F 205 3.66 14.37 30.24
C ASP F 205 2.56 14.38 29.19
N ILE F 206 1.30 14.52 29.60
CA ILE F 206 0.22 14.48 28.62
C ILE F 206 0.04 15.83 27.94
N GLU F 207 0.44 16.92 28.62
CA GLU F 207 0.51 18.21 27.91
C GLU F 207 1.45 18.11 26.73
N SER F 208 2.64 17.55 26.95
CA SER F 208 3.62 17.42 25.88
C SER F 208 3.16 16.41 24.83
N ALA F 209 2.09 15.67 25.11
CA ALA F 209 1.52 14.75 24.15
C ALA F 209 0.47 15.42 23.28
N GLN F 210 -0.43 16.19 23.87
CA GLN F 210 -1.46 16.87 23.09
C GLN F 210 -0.94 18.14 22.44
N SER F 211 0.21 18.62 22.89
CA SER F 211 0.78 19.89 22.41
C SER F 211 1.03 19.88 20.91
N THR G 22 19.85 48.31 -34.22
CA THR G 22 19.62 49.31 -33.19
C THR G 22 19.18 48.65 -31.88
N SER G 23 18.87 47.36 -31.96
CA SER G 23 18.48 46.62 -30.77
C SER G 23 19.65 46.50 -29.80
N GLN G 24 19.34 46.48 -28.51
CA GLN G 24 20.40 46.42 -27.51
C GLN G 24 21.05 45.05 -27.44
N ILE G 25 20.31 44.00 -27.82
CA ILE G 25 20.82 42.65 -27.76
C ILE G 25 21.29 42.13 -29.11
N ARG G 26 21.08 42.91 -30.17
CA ARG G 26 21.48 42.49 -31.50
C ARG G 26 23.00 42.40 -31.57
N GLN G 27 23.52 41.20 -31.83
CA GLN G 27 24.96 41.02 -31.94
C GLN G 27 25.26 39.94 -32.96
N ASN G 28 26.07 40.27 -33.95
CA ASN G 28 26.46 39.33 -34.99
C ASN G 28 25.24 38.70 -35.66
N TYR G 29 24.30 39.54 -36.05
CA TYR G 29 23.07 39.10 -36.68
C TYR G 29 22.84 39.97 -37.89
N SER G 30 23.37 39.56 -39.04
CA SER G 30 23.31 40.34 -40.25
C SER G 30 21.85 40.53 -40.70
N THR G 31 21.60 41.64 -41.38
CA THR G 31 20.27 41.91 -41.87
C THR G 31 19.90 40.95 -42.99
N GLU G 32 20.89 40.45 -43.73
CA GLU G 32 20.61 39.48 -44.78
C GLU G 32 20.06 38.19 -44.20
N VAL G 33 20.60 37.75 -43.05
CA VAL G 33 20.03 36.62 -42.35
C VAL G 33 18.67 36.93 -41.75
N GLU G 34 18.52 38.10 -41.13
CA GLU G 34 17.23 38.49 -40.57
C GLU G 34 16.13 38.52 -41.61
N ALA G 35 16.43 38.94 -42.83
CA ALA G 35 15.46 38.92 -43.90
C ALA G 35 15.26 37.54 -44.49
N ALA G 36 16.33 36.75 -44.61
CA ALA G 36 16.21 35.39 -45.08
C ALA G 36 15.44 34.51 -44.11
N VAL G 37 15.48 34.82 -42.82
CA VAL G 37 14.64 34.11 -41.86
C VAL G 37 13.18 34.45 -42.01
N ASN G 38 12.83 35.72 -42.17
CA ASN G 38 11.46 36.13 -42.38
C ASN G 38 10.84 35.47 -43.61
N ARG G 39 11.62 35.24 -44.67
CA ARG G 39 11.11 34.50 -45.80
C ARG G 39 11.02 33.02 -45.55
N LEU G 40 11.64 32.53 -44.48
CA LEU G 40 11.57 31.13 -44.13
C LEU G 40 10.39 30.82 -43.21
N VAL G 41 9.97 31.77 -42.38
CA VAL G 41 8.78 31.57 -41.58
C VAL G 41 7.55 31.60 -42.48
N ASN G 42 7.54 32.47 -43.48
CA ASN G 42 6.44 32.48 -44.42
C ASN G 42 6.40 31.19 -45.21
N LEU G 43 7.55 30.62 -45.53
CA LEU G 43 7.58 29.32 -46.19
C LEU G 43 7.01 28.23 -45.29
N HIS G 44 7.40 28.23 -44.02
CA HIS G 44 6.88 27.23 -43.10
C HIS G 44 5.38 27.40 -42.91
N LEU G 45 4.91 28.64 -42.82
CA LEU G 45 3.48 28.87 -42.67
C LEU G 45 2.71 28.43 -43.91
N ARG G 46 3.24 28.73 -45.09
CA ARG G 46 2.58 28.30 -46.31
C ARG G 46 2.57 26.78 -46.42
N ALA G 47 3.64 26.13 -45.98
CA ALA G 47 3.71 24.69 -45.98
C ALA G 47 2.78 24.07 -44.97
N SER G 48 2.53 24.74 -43.85
CA SER G 48 1.53 24.29 -42.89
C SER G 48 0.13 24.54 -43.38
N TYR G 49 -0.08 25.58 -44.17
CA TYR G 49 -1.34 25.81 -44.84
C TYR G 49 -1.65 24.75 -45.88
N THR G 50 -0.66 24.34 -46.68
CA THR G 50 -0.88 23.29 -47.65
C THR G 50 -1.20 21.97 -46.96
N TYR G 51 -0.47 21.64 -45.91
CA TYR G 51 -0.76 20.41 -45.18
C TYR G 51 -2.12 20.47 -44.52
N LEU G 52 -2.53 21.66 -44.07
CA LEU G 52 -3.88 21.78 -43.55
C LEU G 52 -4.91 21.51 -44.62
N SER G 53 -4.66 21.97 -45.84
CA SER G 53 -5.59 21.71 -46.93
C SER G 53 -5.62 20.22 -47.27
N LEU G 54 -4.46 19.57 -47.24
CA LEU G 54 -4.41 18.14 -47.52
C LEU G 54 -5.11 17.34 -46.45
N GLY G 55 -4.88 17.67 -45.19
CA GLY G 55 -5.48 16.92 -44.12
C GLY G 55 -6.98 17.03 -44.07
N PHE G 56 -7.54 18.11 -44.61
CA PHE G 56 -8.98 18.27 -44.68
C PHE G 56 -9.53 17.89 -46.04
N PHE G 57 -8.68 17.44 -46.95
CA PHE G 57 -9.13 16.86 -48.20
C PHE G 57 -9.33 15.37 -48.10
N PHE G 58 -8.54 14.68 -47.30
CA PHE G 58 -8.64 13.24 -47.15
C PHE G 58 -9.62 12.83 -46.07
N ASP G 59 -10.24 13.78 -45.39
CA ASP G 59 -11.41 13.48 -44.58
C ASP G 59 -12.70 13.88 -45.26
N ARG G 60 -12.66 14.30 -46.51
CA ARG G 60 -13.88 14.55 -47.24
C ARG G 60 -14.68 13.26 -47.36
N ASP G 61 -15.99 13.39 -47.48
CA ASP G 61 -16.85 12.22 -47.50
C ASP G 61 -16.56 11.32 -48.69
N ASP G 62 -16.05 11.88 -49.79
CA ASP G 62 -15.86 11.13 -51.02
C ASP G 62 -14.42 10.65 -51.18
N VAL G 63 -13.58 10.83 -50.17
CA VAL G 63 -12.25 10.24 -50.14
C VAL G 63 -12.08 9.34 -48.93
N ALA G 64 -12.32 9.87 -47.73
CA ALA G 64 -12.45 9.08 -46.51
C ALA G 64 -11.20 8.26 -46.22
N LEU G 65 -10.03 8.80 -46.56
CA LEU G 65 -8.77 8.18 -46.18
C LEU G 65 -8.33 8.86 -44.89
N GLU G 66 -9.02 8.55 -43.80
CA GLU G 66 -8.84 9.28 -42.56
C GLU G 66 -7.44 9.09 -41.99
N GLY G 67 -6.78 7.97 -42.32
CA GLY G 67 -5.40 7.82 -41.93
C GLY G 67 -4.50 8.85 -42.58
N VAL G 68 -4.64 9.03 -43.90
CA VAL G 68 -3.87 10.05 -44.60
C VAL G 68 -4.23 11.43 -44.07
N GLY G 69 -5.52 11.65 -43.82
CA GLY G 69 -5.94 12.92 -43.26
C GLY G 69 -5.23 13.24 -41.97
N HIS G 70 -5.25 12.30 -41.02
CA HIS G 70 -4.56 12.50 -39.75
C HIS G 70 -3.06 12.65 -39.92
N PHE G 71 -2.46 11.93 -40.86
CA PHE G 71 -1.03 12.08 -41.10
C PHE G 71 -0.71 13.52 -41.50
N PHE G 72 -1.43 14.05 -42.49
CA PHE G 72 -1.16 15.41 -42.92
C PHE G 72 -1.55 16.42 -41.85
N ARG G 73 -2.54 16.08 -41.03
CA ARG G 73 -2.91 17.00 -39.94
C ARG G 73 -1.81 17.12 -38.92
N GLU G 74 -1.33 16.01 -38.38
CA GLU G 74 -0.22 16.07 -37.43
C GLU G 74 1.08 16.47 -38.10
N LEU G 75 1.11 16.56 -39.42
CA LEU G 75 2.23 17.19 -40.12
C LEU G 75 2.13 18.70 -40.13
N ALA G 76 0.95 19.25 -40.36
CA ALA G 76 0.74 20.68 -40.27
C ALA G 76 1.05 21.22 -38.88
N GLU G 77 0.68 20.48 -37.84
CA GLU G 77 1.08 20.84 -36.49
C GLU G 77 2.58 21.07 -36.41
N GLU G 78 3.36 20.12 -36.92
CA GLU G 78 4.81 20.21 -36.79
C GLU G 78 5.39 21.31 -37.65
N LYS G 79 4.84 21.52 -38.85
CA LYS G 79 5.33 22.61 -39.68
C LYS G 79 5.07 23.96 -39.04
N ARG G 80 3.88 24.15 -38.49
CA ARG G 80 3.59 25.41 -37.81
C ARG G 80 4.47 25.59 -36.59
N GLU G 81 4.66 24.54 -35.80
CA GLU G 81 5.60 24.62 -34.70
C GLU G 81 7.00 25.01 -35.16
N GLY G 82 7.41 24.51 -36.32
CA GLY G 82 8.70 24.92 -36.87
C GLY G 82 8.70 26.38 -37.28
N ALA G 83 7.53 26.94 -37.57
CA ALA G 83 7.45 28.35 -37.89
C ALA G 83 7.57 29.24 -36.66
N GLU G 84 6.92 28.90 -35.55
CA GLU G 84 7.02 29.73 -34.36
C GLU G 84 8.33 29.51 -33.61
N ARG G 85 9.05 28.43 -33.88
CA ARG G 85 10.38 28.25 -33.35
C ARG G 85 11.40 29.09 -34.10
N LEU G 86 11.13 29.44 -35.35
CA LEU G 86 11.95 30.39 -36.07
C LEU G 86 11.64 31.82 -35.70
N LEU G 87 10.41 32.11 -35.28
CA LEU G 87 10.08 33.45 -34.84
C LEU G 87 10.66 33.77 -33.48
N GLU G 88 10.64 32.83 -32.54
CA GLU G 88 11.26 33.08 -31.25
C GLU G 88 12.78 33.12 -31.35
N PHE G 89 13.36 32.47 -32.35
CA PHE G 89 14.76 32.68 -32.65
C PHE G 89 15.02 34.07 -33.21
N GLN G 90 14.10 34.59 -34.02
CA GLN G 90 14.22 35.96 -34.50
C GLN G 90 14.22 36.95 -33.36
N ASN G 91 13.46 36.66 -32.30
CA ASN G 91 13.43 37.57 -31.16
C ASN G 91 14.67 37.42 -30.30
N ASP G 92 15.12 36.18 -30.10
CA ASP G 92 16.32 35.97 -29.28
C ASP G 92 17.53 36.67 -29.86
N ARG G 93 17.65 36.68 -31.19
CA ARG G 93 18.77 37.33 -31.83
C ARG G 93 18.55 38.83 -32.01
N GLY G 94 17.38 39.33 -31.67
CA GLY G 94 17.12 40.75 -31.77
C GLY G 94 16.58 41.22 -33.10
N GLY G 95 16.13 40.31 -33.95
CA GLY G 95 15.55 40.70 -35.21
C GLY G 95 14.11 41.15 -35.07
N ARG G 96 13.55 41.61 -36.18
CA ARG G 96 12.17 42.07 -36.23
C ARG G 96 11.39 41.17 -37.17
N ALA G 97 10.37 40.51 -36.64
CA ALA G 97 9.55 39.62 -37.44
C ALA G 97 8.63 40.40 -38.36
N LEU G 98 8.77 40.18 -39.65
CA LEU G 98 7.95 40.82 -40.67
C LEU G 98 7.08 39.76 -41.33
N PHE G 99 5.78 39.85 -41.12
CA PHE G 99 4.88 38.85 -41.66
C PHE G 99 4.42 39.25 -43.05
N GLN G 100 4.10 38.24 -43.85
CA GLN G 100 3.64 38.44 -45.22
C GLN G 100 2.38 37.61 -45.42
N ASP G 101 1.73 37.82 -46.56
CA ASP G 101 0.51 37.09 -46.87
C ASP G 101 0.85 35.62 -47.09
N VAL G 102 0.25 34.75 -46.29
CA VAL G 102 0.40 33.32 -46.52
C VAL G 102 -0.39 32.95 -47.77
N GLN G 103 0.33 32.68 -48.84
CA GLN G 103 -0.32 32.36 -50.11
C GLN G 103 -1.04 31.03 -50.01
N LYS G 104 -2.20 30.95 -50.64
CA LYS G 104 -3.05 29.78 -50.55
C LYS G 104 -2.37 28.57 -51.17
N PRO G 105 -2.79 27.36 -50.80
CA PRO G 105 -2.15 26.16 -51.34
C PRO G 105 -2.26 26.10 -52.85
N SER G 106 -1.46 25.22 -53.45
CA SER G 106 -1.39 25.16 -54.90
C SER G 106 -2.67 24.58 -55.50
N GLN G 107 -3.21 23.54 -54.88
CA GLN G 107 -4.38 22.84 -55.40
C GLN G 107 -5.48 22.80 -54.36
N ASP G 108 -6.71 22.58 -54.83
CA ASP G 108 -7.81 22.26 -53.94
C ASP G 108 -8.23 20.81 -54.08
N GLU G 109 -7.92 20.18 -55.20
CA GLU G 109 -8.13 18.74 -55.38
C GLU G 109 -6.74 18.12 -55.52
N TRP G 110 -6.47 17.12 -54.69
CA TRP G 110 -5.14 16.52 -54.73
C TRP G 110 -5.15 15.17 -55.43
N GLY G 111 -6.31 14.54 -55.50
CA GLY G 111 -6.44 13.28 -56.21
C GLY G 111 -6.14 12.09 -55.32
N LYS G 112 -5.61 11.05 -55.96
CA LYS G 112 -5.22 9.85 -55.23
C LYS G 112 -4.11 10.16 -54.24
N THR G 113 -4.02 9.33 -53.20
CA THR G 113 -3.06 9.58 -52.14
C THR G 113 -1.64 9.62 -52.67
N GLN G 114 -1.36 8.89 -53.75
CA GLN G 114 -0.01 8.92 -54.31
C GLN G 114 0.31 10.28 -54.89
N GLU G 115 -0.57 10.79 -55.75
CA GLU G 115 -0.35 12.10 -56.35
C GLU G 115 -0.37 13.22 -55.33
N ALA G 116 -0.86 12.96 -54.12
CA ALA G 116 -0.82 13.95 -53.06
C ALA G 116 0.46 13.85 -52.26
N MET G 117 0.95 12.64 -52.00
CA MET G 117 2.20 12.49 -51.27
C MET G 117 3.41 12.86 -52.10
N GLU G 118 3.28 12.90 -53.43
CA GLU G 118 4.34 13.47 -54.25
C GLU G 118 4.31 14.98 -54.27
N ALA G 119 3.13 15.58 -54.15
CA ALA G 119 3.03 17.02 -54.00
C ALA G 119 3.36 17.47 -52.59
N ALA G 120 3.41 16.55 -51.63
CA ALA G 120 3.83 16.85 -50.27
C ALA G 120 5.31 16.58 -50.06
N LEU G 121 5.89 15.68 -50.85
CA LEU G 121 7.33 15.49 -50.83
C LEU G 121 8.08 16.52 -51.64
N ALA G 122 7.57 16.90 -52.81
CA ALA G 122 8.16 17.99 -53.57
C ALA G 122 8.08 19.32 -52.82
N MET G 123 7.20 19.43 -51.83
CA MET G 123 7.15 20.61 -50.99
C MET G 123 8.12 20.54 -49.83
N GLU G 124 8.43 19.34 -49.34
CA GLU G 124 9.46 19.20 -48.33
C GLU G 124 10.84 19.41 -48.92
N LYS G 125 11.17 18.72 -50.00
CA LYS G 125 12.45 18.90 -50.67
C LYS G 125 12.66 20.32 -51.13
N ASN G 126 11.60 21.10 -51.29
CA ASN G 126 11.72 22.52 -51.57
C ASN G 126 11.83 23.35 -50.31
N LEU G 127 11.15 22.96 -49.23
CA LEU G 127 11.34 23.60 -47.95
C LEU G 127 12.69 23.26 -47.33
N ASN G 128 13.19 22.05 -47.54
CA ASN G 128 14.52 21.70 -47.09
C ASN G 128 15.60 22.43 -47.86
N GLN G 129 15.38 22.72 -49.14
CA GLN G 129 16.34 23.50 -49.89
C GLN G 129 16.46 24.90 -49.35
N ALA G 130 15.35 25.49 -48.91
CA ALA G 130 15.41 26.82 -48.32
C ALA G 130 16.21 26.81 -47.03
N LEU G 131 16.06 25.76 -46.22
CA LEU G 131 16.86 25.67 -45.01
C LEU G 131 18.34 25.55 -45.33
N LEU G 132 18.70 24.77 -46.35
CA LEU G 132 20.10 24.68 -46.74
C LEU G 132 20.64 25.98 -47.28
N ASP G 133 19.85 26.75 -48.01
CA ASP G 133 20.28 28.07 -48.44
C ASP G 133 20.43 29.02 -47.27
N LEU G 134 19.56 28.93 -46.28
CA LEU G 134 19.73 29.74 -45.09
C LEU G 134 21.01 29.37 -44.35
N HIS G 135 21.29 28.08 -44.22
CA HIS G 135 22.51 27.66 -43.58
C HIS G 135 23.75 28.03 -44.37
N ALA G 136 23.67 28.07 -45.69
CA ALA G 136 24.78 28.54 -46.50
C ALA G 136 24.99 30.03 -46.33
N LEU G 137 23.91 30.80 -46.29
CA LEU G 137 24.02 32.22 -46.03
C LEU G 137 24.59 32.50 -44.65
N GLY G 138 24.11 31.77 -43.64
CA GLY G 138 24.59 32.01 -42.29
C GLY G 138 26.06 31.66 -42.12
N SER G 139 26.51 30.59 -42.76
CA SER G 139 27.93 30.28 -42.77
C SER G 139 28.72 31.27 -43.61
N ALA G 140 28.09 31.94 -44.56
CA ALA G 140 28.80 32.95 -45.34
C ALA G 140 29.08 34.19 -44.51
N ARG G 141 28.15 34.56 -43.63
CA ARG G 141 28.33 35.72 -42.76
C ARG G 141 28.89 35.35 -41.41
N ALA G 142 29.36 34.12 -41.24
CA ALA G 142 29.96 33.65 -39.99
C ALA G 142 29.02 33.84 -38.81
N ASP G 143 27.86 33.19 -38.90
CA ASP G 143 26.87 33.22 -37.82
C ASP G 143 26.78 31.81 -37.24
N PRO G 144 27.62 31.47 -36.26
CA PRO G 144 27.62 30.09 -35.77
C PRO G 144 26.35 29.72 -35.03
N HIS G 145 25.75 30.65 -34.30
CA HIS G 145 24.54 30.31 -33.56
C HIS G 145 23.40 29.93 -34.50
N LEU G 146 23.28 30.62 -35.63
CA LEU G 146 22.23 30.28 -36.58
C LEU G 146 22.46 28.89 -37.17
N CYS G 147 23.70 28.59 -37.56
CA CYS G 147 23.96 27.28 -38.14
C CYS G 147 23.71 26.18 -37.12
N ASP G 148 24.07 26.42 -35.85
CA ASP G 148 23.77 25.44 -34.83
C ASP G 148 22.28 25.27 -34.64
N PHE G 149 21.54 26.37 -34.59
CA PHE G 149 20.09 26.30 -34.42
C PHE G 149 19.45 25.49 -35.53
N LEU G 150 19.83 25.77 -36.77
CA LEU G 150 19.32 24.99 -37.89
C LEU G 150 19.70 23.52 -37.75
N GLU G 151 21.00 23.25 -37.65
CA GLU G 151 21.49 21.87 -37.56
C GLU G 151 20.76 21.10 -36.47
N SER G 152 20.37 21.78 -35.39
CA SER G 152 19.77 21.09 -34.27
C SER G 152 18.29 20.85 -34.49
N HIS G 153 17.57 21.86 -34.98
CA HIS G 153 16.11 21.81 -34.92
C HIS G 153 15.42 21.51 -36.25
N TYR G 154 16.07 21.74 -37.38
CA TYR G 154 15.36 21.68 -38.65
C TYR G 154 15.94 20.65 -39.61
N LEU G 155 17.26 20.63 -39.79
CA LEU G 155 17.83 19.85 -40.89
C LEU G 155 17.58 18.36 -40.70
N ASP G 156 17.90 17.82 -39.53
CA ASP G 156 17.77 16.38 -39.33
C ASP G 156 16.31 15.97 -39.33
N LYS G 157 15.44 16.75 -38.67
CA LYS G 157 14.01 16.49 -38.75
C LYS G 157 13.54 16.44 -40.20
N GLU G 158 14.07 17.33 -41.03
CA GLU G 158 13.59 17.40 -42.40
C GLU G 158 14.06 16.22 -43.23
N VAL G 159 15.31 15.79 -43.07
CA VAL G 159 15.75 14.61 -43.81
C VAL G 159 15.04 13.36 -43.34
N LYS G 160 14.72 13.27 -42.05
CA LYS G 160 13.94 12.11 -41.59
C LYS G 160 12.52 12.14 -42.13
N LEU G 161 11.90 13.31 -42.19
CA LEU G 161 10.57 13.41 -42.76
C LEU G 161 10.56 13.07 -44.24
N ILE G 162 11.57 13.55 -44.98
CA ILE G 162 11.64 13.22 -46.40
C ILE G 162 11.84 11.73 -46.59
N LYS G 163 12.66 11.11 -45.74
CA LYS G 163 12.85 9.66 -45.82
C LYS G 163 11.53 8.93 -45.57
N LYS G 164 10.79 9.37 -44.56
CA LYS G 164 9.49 8.76 -44.29
C LYS G 164 8.55 8.90 -45.47
N MET G 165 8.50 10.07 -46.09
CA MET G 165 7.66 10.29 -47.26
C MET G 165 8.08 9.46 -48.45
N GLY G 166 9.38 9.23 -48.63
CA GLY G 166 9.84 8.39 -49.71
C GLY G 166 9.43 6.94 -49.48
N ASN G 167 9.52 6.51 -48.22
CA ASN G 167 9.01 5.19 -47.87
C ASN G 167 7.53 5.07 -48.21
N HIS G 168 6.74 6.06 -47.80
CA HIS G 168 5.32 6.06 -48.14
C HIS G 168 5.11 6.01 -49.63
N LEU G 169 5.93 6.75 -50.39
CA LEU G 169 5.73 6.82 -51.83
C LEU G 169 6.00 5.48 -52.48
N THR G 170 7.09 4.82 -52.10
CA THR G 170 7.38 3.53 -52.72
C THR G 170 6.39 2.47 -52.28
N ASN G 171 5.93 2.52 -51.04
CA ASN G 171 4.90 1.58 -50.62
C ASN G 171 3.60 1.83 -51.37
N LEU G 172 3.31 3.08 -51.71
CA LEU G 172 2.12 3.38 -52.49
C LEU G 172 2.25 2.93 -53.93
N ARG G 173 3.43 3.09 -54.53
CA ARG G 173 3.66 2.56 -55.87
C ARG G 173 3.70 1.04 -55.88
N ARG G 174 3.96 0.42 -54.74
CA ARG G 174 4.01 -1.04 -54.67
C ARG G 174 2.60 -1.64 -54.70
N VAL G 175 1.63 -0.94 -54.13
CA VAL G 175 0.29 -1.48 -54.00
C VAL G 175 -0.61 -0.89 -55.08
N ALA G 176 -0.03 -0.14 -56.00
CA ALA G 176 -0.80 0.49 -57.06
C ALA G 176 -1.37 -0.55 -58.01
N SER G 189 -8.96 0.60 -56.48
CA SER G 189 -7.78 1.03 -55.74
C SER G 189 -7.73 0.37 -54.37
N LEU G 190 -7.84 -0.96 -54.35
CA LEU G 190 -7.80 -1.69 -53.10
C LEU G 190 -6.47 -1.48 -52.38
N GLY G 191 -5.38 -1.39 -53.13
CA GLY G 191 -4.08 -1.26 -52.51
C GLY G 191 -3.95 0.03 -51.74
N GLU G 192 -4.56 1.11 -52.22
CA GLU G 192 -4.47 2.38 -51.51
C GLU G 192 -5.20 2.32 -50.17
N TYR G 193 -6.38 1.71 -50.17
CA TYR G 193 -7.09 1.49 -48.90
C TYR G 193 -6.27 0.63 -47.96
N LEU G 194 -5.70 -0.47 -48.48
CA LEU G 194 -4.90 -1.34 -47.63
C LEU G 194 -3.71 -0.61 -47.04
N PHE G 195 -3.07 0.25 -47.84
CA PHE G 195 -1.95 1.02 -47.34
C PHE G 195 -2.40 1.96 -46.24
N GLU G 196 -3.46 2.73 -46.48
CA GLU G 196 -3.95 3.64 -45.46
C GLU G 196 -4.31 2.90 -44.17
N ARG G 197 -4.78 1.66 -44.30
CA ARG G 197 -5.22 0.93 -43.13
C ARG G 197 -4.05 0.33 -42.37
N LEU G 198 -3.04 -0.15 -43.09
CA LEU G 198 -2.02 -0.97 -42.43
C LEU G 198 -0.78 -0.17 -42.07
N THR G 199 -0.45 0.87 -42.84
CA THR G 199 0.73 1.68 -42.54
C THR G 199 0.33 2.94 -41.77
N LEU G 200 -0.51 3.77 -42.38
CA LEU G 200 -0.77 5.10 -41.84
C LEU G 200 -1.60 5.04 -40.57
N LYS G 201 -2.67 4.25 -40.58
CA LYS G 201 -3.48 4.12 -39.38
C LYS G 201 -2.71 3.46 -38.26
N HIS G 202 -1.86 2.49 -38.60
CA HIS G 202 -1.08 1.79 -37.59
C HIS G 202 -0.13 2.73 -36.87
N ASP G 203 0.40 3.73 -37.57
CA ASP G 203 1.24 4.74 -36.93
C ASP G 203 0.44 5.86 -36.29
N GLY G 204 -0.75 6.17 -36.81
CA GLY G 204 -1.59 7.14 -36.14
C GLY G 204 -2.04 6.65 -34.78
N ASP G 205 -2.21 5.33 -34.64
CA ASP G 205 -2.57 4.78 -33.35
C ASP G 205 -1.46 4.99 -32.32
N ILE G 206 -0.20 4.86 -32.73
CA ILE G 206 0.89 5.00 -31.77
C ILE G 206 1.22 6.47 -31.54
N GLU G 207 0.94 7.34 -32.51
CA GLU G 207 1.02 8.78 -32.24
C GLU G 207 0.09 9.15 -31.11
N SER G 208 -1.16 8.68 -31.16
CA SER G 208 -2.13 8.98 -30.13
C SER G 208 -1.77 8.31 -28.81
N ALA G 209 -0.80 7.41 -28.83
CA ALA G 209 -0.32 6.77 -27.62
C ALA G 209 0.81 7.55 -26.98
N GLN G 210 1.79 8.00 -27.76
CA GLN G 210 2.90 8.77 -27.21
C GLN G 210 2.53 10.22 -26.98
N SER G 211 1.43 10.66 -27.58
CA SER G 211 1.00 12.08 -27.52
C SER G 211 0.79 12.55 -26.09
N THR H 22 -23.92 17.48 -55.04
CA THR H 22 -23.67 16.21 -55.70
C THR H 22 -23.14 15.18 -54.72
N SER H 23 -22.78 15.64 -53.53
CA SER H 23 -22.28 14.73 -52.50
C SER H 23 -23.39 13.80 -52.03
N GLN H 24 -23.01 12.59 -51.66
CA GLN H 24 -24.00 11.61 -51.24
C GLN H 24 -24.58 11.92 -49.88
N ILE H 25 -23.82 12.62 -49.04
CA ILE H 25 -24.26 12.94 -47.69
C ILE H 25 -24.79 14.36 -47.57
N ARG H 26 -24.68 15.16 -48.63
CA ARG H 26 -25.14 16.54 -48.59
C ARG H 26 -26.66 16.56 -48.44
N GLN H 27 -27.13 17.14 -47.35
CA GLN H 27 -28.57 17.23 -47.11
C GLN H 27 -28.88 18.51 -46.36
N ASN H 28 -29.76 19.33 -46.92
CA ASN H 28 -30.18 20.58 -46.29
C ASN H 28 -28.98 21.46 -45.97
N TYR H 29 -28.08 21.62 -46.95
CA TYR H 29 -26.88 22.41 -46.78
C TYR H 29 -26.76 23.31 -47.99
N SER H 30 -27.33 24.51 -47.88
CA SER H 30 -27.37 25.44 -49.00
C SER H 30 -25.97 25.87 -49.39
N THR H 31 -25.81 26.20 -50.67
CA THR H 31 -24.50 26.65 -51.15
C THR H 31 -24.16 28.02 -50.59
N GLU H 32 -25.18 28.82 -50.26
CA GLU H 32 -24.91 30.13 -49.66
C GLU H 32 -24.27 29.98 -48.29
N VAL H 33 -24.72 28.99 -47.51
CA VAL H 33 -24.07 28.68 -46.25
C VAL H 33 -22.70 28.06 -46.46
N GLU H 34 -22.56 27.15 -47.40
CA GLU H 34 -21.26 26.54 -47.69
C GLU H 34 -20.21 27.58 -48.08
N ALA H 35 -20.61 28.60 -48.82
CA ALA H 35 -19.70 29.68 -49.18
C ALA H 35 -19.49 30.65 -48.04
N ALA H 36 -20.52 30.95 -47.26
CA ALA H 36 -20.36 31.81 -46.10
C ALA H 36 -19.50 31.18 -45.03
N VAL H 37 -19.47 29.85 -44.94
CA VAL H 37 -18.56 29.18 -44.03
C VAL H 37 -17.12 29.30 -44.49
N ASN H 38 -16.85 29.08 -45.77
CA ASN H 38 -15.50 29.23 -46.29
C ASN H 38 -14.93 30.62 -46.06
N ARG H 39 -15.76 31.66 -46.10
CA ARG H 39 -15.28 32.99 -45.77
C ARG H 39 -15.11 33.18 -44.28
N LEU H 40 -15.65 32.29 -43.47
CA LEU H 40 -15.49 32.37 -42.03
C LEU H 40 -14.25 31.63 -41.54
N VAL H 41 -13.83 30.57 -42.22
CA VAL H 41 -12.57 29.93 -41.87
C VAL H 41 -11.41 30.83 -42.23
N ASN H 42 -11.50 31.52 -43.36
CA ASN H 42 -10.45 32.47 -43.71
C ASN H 42 -10.40 33.61 -42.70
N LEU H 43 -11.56 34.03 -42.19
CA LEU H 43 -11.55 35.03 -41.15
C LEU H 43 -10.89 34.52 -39.88
N HIS H 44 -11.21 33.29 -39.47
CA HIS H 44 -10.58 32.73 -38.29
C HIS H 44 -9.09 32.56 -38.48
N LEU H 45 -8.66 32.13 -39.67
CA LEU H 45 -7.24 31.98 -39.92
C LEU H 45 -6.54 33.33 -39.91
N ARG H 46 -7.14 34.35 -40.51
CA ARG H 46 -6.53 35.66 -40.50
C ARG H 46 -6.46 36.23 -39.09
N ALA H 47 -7.48 35.95 -38.27
CA ALA H 47 -7.49 36.37 -36.89
C ALA H 47 -6.47 35.62 -36.05
N SER H 48 -6.18 34.37 -36.39
CA SER H 48 -5.12 33.63 -35.74
C SER H 48 -3.75 34.09 -36.19
N TYR H 49 -3.64 34.55 -37.43
CA TYR H 49 -2.42 35.17 -37.92
C TYR H 49 -2.13 36.48 -37.23
N THR H 50 -3.15 37.32 -37.02
CA THR H 50 -2.94 38.57 -36.31
C THR H 50 -2.52 38.32 -34.87
N TYR H 51 -3.19 37.39 -34.20
CA TYR H 51 -2.80 37.06 -32.84
C TYR H 51 -1.41 36.47 -32.78
N LEU H 52 -1.02 35.71 -33.80
CA LEU H 52 0.35 35.22 -33.85
C LEU H 52 1.34 36.38 -33.97
N SER H 53 0.99 37.40 -34.75
CA SER H 53 1.86 38.56 -34.87
C SER H 53 1.94 39.32 -33.56
N LEU H 54 0.82 39.43 -32.85
CA LEU H 54 0.82 40.13 -31.57
C LEU H 54 1.61 39.37 -30.53
N GLY H 55 1.43 38.06 -30.46
CA GLY H 55 2.14 37.28 -29.46
C GLY H 55 3.63 37.26 -29.65
N PHE H 56 4.10 37.49 -30.87
CA PHE H 56 5.53 37.57 -31.13
C PHE H 56 6.01 39.01 -31.21
N PHE H 57 5.13 39.96 -30.99
CA PHE H 57 5.54 41.34 -30.83
C PHE H 57 5.81 41.70 -29.38
N PHE H 58 5.08 41.11 -28.43
CA PHE H 58 5.26 41.40 -27.02
C PHE H 58 6.32 40.53 -26.38
N ASP H 59 6.94 39.63 -27.13
CA ASP H 59 8.16 38.98 -26.68
C ASP H 59 9.40 39.57 -27.32
N ARG H 60 9.26 40.64 -28.10
CA ARG H 60 10.43 41.33 -28.61
C ARG H 60 11.27 41.85 -27.46
N ASP H 61 12.57 41.98 -27.71
CA ASP H 61 13.47 42.38 -26.63
C ASP H 61 13.15 43.77 -26.12
N ASP H 62 12.55 44.63 -26.94
CA ASP H 62 12.32 46.02 -26.57
C ASP H 62 10.90 46.26 -26.09
N VAL H 63 10.12 45.21 -25.90
CA VAL H 63 8.81 45.28 -25.25
C VAL H 63 8.76 44.40 -24.02
N ALA H 64 9.05 43.11 -24.20
CA ALA H 64 9.27 42.18 -23.09
C ALA H 64 8.08 42.09 -22.16
N LEU H 65 6.88 42.21 -22.69
CA LEU H 65 5.67 41.97 -21.92
C LEU H 65 5.27 40.52 -22.18
N GLU H 66 6.04 39.61 -21.60
CA GLU H 66 5.90 38.20 -21.92
C GLU H 66 4.54 37.65 -21.49
N GLY H 67 3.92 38.27 -20.48
CA GLY H 67 2.57 37.88 -20.14
C GLY H 67 1.59 38.16 -21.26
N VAL H 68 1.64 39.36 -21.82
CA VAL H 68 0.79 39.70 -22.96
C VAL H 68 1.12 38.80 -24.14
N GLY H 69 2.41 38.55 -24.36
CA GLY H 69 2.82 37.66 -25.42
C GLY H 69 2.17 36.30 -25.31
N HIS H 70 2.28 35.68 -24.14
CA HIS H 70 1.66 34.39 -23.93
C HIS H 70 0.15 34.43 -24.02
N PHE H 71 -0.48 35.51 -23.57
CA PHE H 71 -1.92 35.64 -23.71
C PHE H 71 -2.33 35.58 -25.18
N PHE H 72 -1.69 36.40 -26.01
CA PHE H 72 -2.05 36.39 -27.43
C PHE H 72 -1.64 35.09 -28.10
N ARG H 73 -0.59 34.45 -27.60
CA ARG H 73 -0.19 33.17 -28.17
C ARG H 73 -1.24 32.10 -27.92
N GLU H 74 -1.64 31.90 -26.67
CA GLU H 74 -2.69 30.92 -26.38
C GLU H 74 -4.04 31.39 -26.89
N LEU H 75 -4.15 32.63 -27.37
CA LEU H 75 -5.34 33.05 -28.10
C LEU H 75 -5.31 32.63 -29.56
N ALA H 76 -4.16 32.73 -30.21
CA ALA H 76 -4.02 32.23 -31.57
C ALA H 76 -4.27 30.74 -31.66
N GLU H 77 -3.80 29.98 -30.67
CA GLU H 77 -4.15 28.56 -30.59
C GLU H 77 -5.64 28.36 -30.70
N GLU H 78 -6.42 29.09 -29.90
CA GLU H 78 -7.86 28.87 -29.85
C GLU H 78 -8.52 29.35 -31.13
N LYS H 79 -8.06 30.46 -31.71
CA LYS H 79 -8.64 30.91 -32.96
C LYS H 79 -8.40 29.90 -34.08
N ARG H 80 -7.19 29.37 -34.17
CA ARG H 80 -6.92 28.37 -35.20
C ARG H 80 -7.74 27.11 -34.96
N GLU H 81 -7.84 26.66 -33.70
CA GLU H 81 -8.71 25.54 -33.40
C GLU H 81 -10.14 25.82 -33.84
N GLY H 82 -10.61 27.04 -33.68
CA GLY H 82 -11.93 27.40 -34.16
C GLY H 82 -12.02 27.35 -35.65
N ALA H 83 -10.90 27.51 -36.34
CA ALA H 83 -10.90 27.40 -37.79
C ALA H 83 -10.99 25.96 -38.27
N GLU H 84 -10.27 25.04 -37.66
CA GLU H 84 -10.34 23.64 -38.11
C GLU H 84 -11.58 22.94 -37.60
N ARG H 85 -12.26 23.49 -36.60
CA ARG H 85 -13.56 22.97 -36.21
C ARG H 85 -14.65 23.39 -37.16
N LEU H 86 -14.47 24.50 -37.87
CA LEU H 86 -15.37 24.88 -38.94
C LEU H 86 -15.11 24.10 -40.22
N LEU H 87 -13.88 23.68 -40.45
CA LEU H 87 -13.57 22.87 -41.61
C LEU H 87 -14.08 21.45 -41.49
N GLU H 88 -13.97 20.84 -40.32
CA GLU H 88 -14.53 19.51 -40.14
C GLU H 88 -16.04 19.53 -40.12
N PHE H 89 -16.66 20.65 -39.76
CA PHE H 89 -18.09 20.81 -39.97
C PHE H 89 -18.43 20.93 -41.44
N GLN H 90 -17.58 21.58 -42.23
CA GLN H 90 -17.80 21.64 -43.66
C GLN H 90 -17.76 20.24 -44.28
N ASN H 91 -16.94 19.36 -43.73
CA ASN H 91 -16.87 18.01 -44.27
C ASN H 91 -18.05 17.17 -43.80
N ASP H 92 -18.45 17.32 -42.54
CA ASP H 92 -19.58 16.57 -42.01
C ASP H 92 -20.85 16.86 -42.79
N ARG H 93 -21.05 18.12 -43.18
CA ARG H 93 -22.23 18.48 -43.93
C ARG H 93 -22.09 18.23 -45.42
N GLY H 94 -20.93 17.80 -45.88
CA GLY H 94 -20.72 17.48 -47.27
C GLY H 94 -20.28 18.64 -48.13
N GLY H 95 -19.85 19.73 -47.54
CA GLY H 95 -19.36 20.85 -48.32
C GLY H 95 -17.94 20.65 -48.79
N ARG H 96 -17.47 21.59 -49.60
CA ARG H 96 -16.11 21.57 -50.13
C ARG H 96 -15.35 22.77 -49.59
N ALA H 97 -14.27 22.49 -48.86
CA ALA H 97 -13.46 23.56 -48.29
C ALA H 97 -12.63 24.24 -49.36
N LEU H 98 -12.84 25.54 -49.51
CA LEU H 98 -12.11 26.35 -50.48
C LEU H 98 -11.24 27.33 -49.72
N PHE H 99 -9.92 27.16 -49.80
CA PHE H 99 -9.01 28.01 -49.07
C PHE H 99 -8.65 29.24 -49.88
N GLN H 100 -8.34 30.32 -49.17
CA GLN H 100 -7.97 31.58 -49.79
C GLN H 100 -6.69 32.08 -49.13
N ASP H 101 -6.12 33.12 -49.71
CA ASP H 101 -4.89 33.69 -49.17
C ASP H 101 -5.16 34.32 -47.82
N VAL H 102 -4.49 33.84 -46.78
CA VAL H 102 -4.59 34.48 -45.49
C VAL H 102 -3.86 35.81 -45.53
N GLN H 103 -4.63 36.89 -45.55
CA GLN H 103 -4.05 38.21 -45.66
C GLN H 103 -3.26 38.55 -44.40
N LYS H 104 -2.13 39.22 -44.58
CA LYS H 104 -1.23 39.51 -43.48
C LYS H 104 -1.90 40.43 -42.46
N PRO H 105 -1.40 40.45 -41.23
CA PRO H 105 -2.02 41.30 -40.20
C PRO H 105 -1.99 42.77 -40.59
N SER H 106 -2.79 43.56 -39.89
CA SER H 106 -2.94 44.96 -40.25
C SER H 106 -1.67 45.75 -39.95
N GLN H 107 -1.05 45.50 -38.80
CA GLN H 107 0.11 46.25 -38.36
C GLN H 107 1.28 45.31 -38.09
N ASP H 108 2.48 45.88 -38.09
CA ASP H 108 3.65 45.18 -37.58
C ASP H 108 4.13 45.76 -36.26
N GLU H 109 3.76 47.00 -35.97
CA GLU H 109 4.03 47.61 -34.66
C GLU H 109 2.68 47.86 -34.03
N TRP H 110 2.49 47.36 -32.81
CA TRP H 110 1.19 47.51 -32.17
C TRP H 110 1.22 48.58 -31.09
N GLY H 111 2.40 48.88 -30.57
CA GLY H 111 2.55 49.93 -29.60
C GLY H 111 2.34 49.43 -28.18
N LYS H 112 1.82 50.32 -27.34
CA LYS H 112 1.54 49.97 -25.96
C LYS H 112 0.47 48.87 -25.90
N THR H 113 0.47 48.12 -24.80
CA THR H 113 -0.43 47.00 -24.67
C THR H 113 -1.89 47.44 -24.78
N GLN H 114 -2.20 48.66 -24.39
CA GLN H 114 -3.58 49.13 -24.49
C GLN H 114 -3.98 49.29 -25.95
N GLU H 115 -3.18 49.99 -26.74
CA GLU H 115 -3.50 50.16 -28.15
C GLU H 115 -3.47 48.86 -28.92
N ALA H 116 -2.89 47.80 -28.34
CA ALA H 116 -2.92 46.50 -28.98
C ALA H 116 -4.14 45.70 -28.57
N MET H 117 -4.56 45.79 -27.32
CA MET H 117 -5.75 45.08 -26.88
C MET H 117 -7.03 45.72 -27.41
N GLU H 118 -6.98 46.98 -27.84
CA GLU H 118 -8.11 47.55 -28.57
C GLU H 118 -8.14 47.13 -30.03
N ALA H 119 -6.98 46.87 -30.62
CA ALA H 119 -6.94 46.31 -31.96
C ALA H 119 -7.21 44.82 -31.95
N ALA H 120 -7.16 44.18 -30.79
CA ALA H 120 -7.51 42.78 -30.67
C ALA H 120 -8.96 42.59 -30.25
N LEU H 121 -9.55 43.59 -29.60
CA LEU H 121 -10.98 43.56 -29.31
C LEU H 121 -11.82 43.99 -30.49
N ALA H 122 -11.39 45.01 -31.23
CA ALA H 122 -12.07 45.40 -32.46
C ALA H 122 -12.01 44.29 -33.51
N MET H 123 -11.08 43.36 -33.38
CA MET H 123 -11.03 42.21 -34.27
C MET H 123 -11.93 41.08 -33.80
N GLU H 124 -12.15 40.95 -32.50
CA GLU H 124 -13.12 39.99 -32.00
C GLU H 124 -14.55 40.42 -32.30
N LYS H 125 -14.90 41.65 -31.94
CA LYS H 125 -16.22 42.18 -32.22
C LYS H 125 -16.52 42.18 -33.70
N ASN H 126 -15.50 42.16 -34.55
CA ASN H 126 -15.70 42.00 -35.98
C ASN H 126 -15.78 40.55 -36.39
N LEU H 127 -15.02 39.67 -35.75
CA LEU H 127 -15.17 38.24 -35.97
C LEU H 127 -16.46 37.69 -35.40
N ASN H 128 -16.91 38.23 -34.27
CA ASN H 128 -18.21 37.84 -33.72
C ASN H 128 -19.36 38.32 -34.58
N GLN H 129 -19.22 39.46 -35.25
CA GLN H 129 -20.26 39.92 -36.15
C GLN H 129 -20.41 38.97 -37.33
N ALA H 130 -19.29 38.42 -37.82
CA ALA H 130 -19.38 37.47 -38.92
C ALA H 130 -20.10 36.20 -38.49
N LEU H 131 -19.86 35.75 -37.26
CA LEU H 131 -20.59 34.60 -36.76
C LEU H 131 -22.07 34.87 -36.66
N LEU H 132 -22.46 36.05 -36.20
CA LEU H 132 -23.87 36.39 -36.14
C LEU H 132 -24.51 36.50 -37.51
N ASP H 133 -23.78 37.02 -38.50
CA ASP H 133 -24.30 37.01 -39.86
C ASP H 133 -24.43 35.61 -40.42
N LEU H 134 -23.50 34.72 -40.09
CA LEU H 134 -23.64 33.33 -40.51
C LEU H 134 -24.85 32.69 -39.86
N HIS H 135 -25.06 32.94 -38.58
CA HIS H 135 -26.23 32.39 -37.91
C HIS H 135 -27.53 32.99 -38.44
N ALA H 136 -27.51 34.25 -38.85
CA ALA H 136 -28.69 34.82 -39.48
C ALA H 136 -28.96 34.22 -40.84
N LEU H 137 -27.91 33.99 -41.63
CA LEU H 137 -28.08 33.33 -42.90
C LEU H 137 -28.58 31.90 -42.72
N GLY H 138 -28.00 31.17 -41.77
CA GLY H 138 -28.42 29.79 -41.57
C GLY H 138 -29.85 29.66 -41.11
N SER H 139 -30.29 30.57 -40.24
CA SER H 139 -31.69 30.62 -39.86
C SER H 139 -32.58 31.08 -41.00
N ALA H 140 -32.04 31.83 -41.97
CA ALA H 140 -32.84 32.24 -43.11
C ALA H 140 -33.11 31.07 -44.04
N ARG H 141 -32.15 30.16 -44.19
CA ARG H 141 -32.33 28.99 -45.03
C ARG H 141 -32.80 27.77 -44.24
N ALA H 142 -33.20 27.96 -42.99
CA ALA H 142 -33.71 26.89 -42.14
C ALA H 142 -32.71 25.73 -42.05
N ASP H 143 -31.53 26.06 -41.53
CA ASP H 143 -30.49 25.07 -41.27
C ASP H 143 -30.30 24.93 -39.77
N PRO H 144 -31.05 24.06 -39.11
CA PRO H 144 -30.97 23.99 -37.65
C PRO H 144 -29.65 23.46 -37.16
N HIS H 145 -29.04 22.52 -37.86
CA HIS H 145 -27.78 21.96 -37.40
C HIS H 145 -26.69 23.02 -37.37
N LEU H 146 -26.66 23.90 -38.36
CA LEU H 146 -25.65 24.95 -38.38
C LEU H 146 -25.85 25.91 -37.23
N CYS H 147 -27.10 26.33 -36.97
CA CYS H 147 -27.35 27.25 -35.88
C CYS H 147 -26.98 26.61 -34.55
N ASP H 148 -27.28 25.33 -34.38
CA ASP H 148 -26.88 24.65 -33.16
C ASP H 148 -25.36 24.57 -33.02
N PHE H 149 -24.67 24.23 -34.11
CA PHE H 149 -23.22 24.16 -34.08
C PHE H 149 -22.61 25.48 -33.66
N LEU H 150 -23.07 26.57 -34.28
CA LEU H 150 -22.59 27.89 -33.89
C LEU H 150 -22.90 28.18 -32.42
N GLU H 151 -24.19 28.11 -32.06
CA GLU H 151 -24.60 28.41 -30.69
C GLU H 151 -23.78 27.63 -29.68
N SER H 152 -23.36 26.41 -30.04
CA SER H 152 -22.67 25.57 -29.08
C SER H 152 -21.18 25.91 -29.00
N HIS H 153 -20.54 26.12 -30.15
CA HIS H 153 -19.09 26.13 -30.17
C HIS H 153 -18.47 27.52 -30.32
N TYR H 154 -19.19 28.50 -30.83
CA TYR H 154 -18.55 29.77 -31.19
C TYR H 154 -19.13 30.96 -30.45
N LEU H 155 -20.46 31.08 -30.41
CA LEU H 155 -21.06 32.33 -29.95
C LEU H 155 -20.73 32.60 -28.49
N ASP H 156 -20.96 31.63 -27.62
CA ASP H 156 -20.75 31.86 -26.20
C ASP H 156 -19.28 32.05 -25.88
N LYS H 157 -18.42 31.24 -26.48
CA LYS H 157 -16.98 31.45 -26.34
C LYS H 157 -16.60 32.86 -26.74
N GLU H 158 -17.21 33.38 -27.80
CA GLU H 158 -16.81 34.68 -28.31
C GLU H 158 -17.28 35.80 -27.39
N VAL H 159 -18.50 35.72 -26.86
CA VAL H 159 -18.92 36.76 -25.93
C VAL H 159 -18.14 36.71 -24.64
N LYS H 160 -17.73 35.52 -24.18
CA LYS H 160 -16.89 35.45 -23.00
C LYS H 160 -15.50 36.02 -23.26
N LEU H 161 -14.93 35.76 -24.44
CA LEU H 161 -13.65 36.33 -24.78
C LEU H 161 -13.71 37.85 -24.89
N ILE H 162 -14.77 38.37 -25.50
CA ILE H 162 -14.92 39.82 -25.60
C ILE H 162 -15.07 40.44 -24.21
N LYS H 163 -15.81 39.77 -23.33
CA LYS H 163 -15.93 40.26 -21.97
C LYS H 163 -14.58 40.30 -21.28
N LYS H 164 -13.79 39.24 -21.44
CA LYS H 164 -12.46 39.22 -20.86
C LYS H 164 -11.60 40.34 -21.40
N MET H 165 -11.64 40.59 -22.70
CA MET H 165 -10.87 41.67 -23.29
C MET H 165 -11.33 43.04 -22.82
N GLY H 166 -12.62 43.21 -22.58
CA GLY H 166 -13.10 44.48 -22.06
C GLY H 166 -12.62 44.70 -20.64
N ASN H 167 -12.61 43.62 -19.85
CA ASN H 167 -12.03 43.71 -18.52
C ASN H 167 -10.58 44.12 -18.59
N HIS H 168 -9.80 43.48 -19.46
CA HIS H 168 -8.41 43.86 -19.64
C HIS H 168 -8.29 45.32 -20.06
N LEU H 169 -9.17 45.77 -20.94
CA LEU H 169 -9.06 47.14 -21.43
C LEU H 169 -9.31 48.15 -20.33
N THR H 170 -10.34 47.94 -19.52
CA THR H 170 -10.61 48.90 -18.46
C THR H 170 -9.55 48.83 -17.37
N ASN H 171 -9.03 47.64 -17.09
CA ASN H 171 -7.94 47.57 -16.13
C ASN H 171 -6.69 48.27 -16.65
N LEU H 172 -6.48 48.24 -17.97
CA LEU H 172 -5.35 48.95 -18.55
C LEU H 172 -5.55 50.45 -18.54
N ARG H 173 -6.76 50.92 -18.80
CA ARG H 173 -7.04 52.34 -18.66
C ARG H 173 -7.02 52.81 -17.22
N ARG H 174 -7.19 51.89 -16.27
CA ARG H 174 -7.17 52.25 -14.87
C ARG H 174 -5.75 52.51 -14.38
N VAL H 175 -4.77 51.81 -14.94
CA VAL H 175 -3.40 51.91 -14.46
C VAL H 175 -2.59 52.80 -15.40
N ALA H 176 -3.26 53.44 -16.35
CA ALA H 176 -2.57 54.29 -17.31
C ALA H 176 -2.01 55.53 -16.62
N SER H 189 5.59 54.04 -17.72
CA SER H 189 4.44 53.17 -17.84
C SER H 189 4.50 52.05 -16.81
N LEU H 190 4.66 52.43 -15.55
CA LEU H 190 4.73 51.44 -14.48
C LEU H 190 3.44 50.64 -14.39
N GLY H 191 2.31 51.29 -14.63
CA GLY H 191 1.03 50.61 -14.50
C GLY H 191 0.89 49.47 -15.49
N GLU H 192 1.43 49.64 -16.69
CA GLU H 192 1.33 48.59 -17.70
C GLU H 192 2.14 47.37 -17.29
N TYR H 193 3.34 47.58 -16.77
CA TYR H 193 4.12 46.47 -16.24
C TYR H 193 3.40 45.79 -15.09
N LEU H 194 2.85 46.59 -14.17
CA LEU H 194 2.14 46.00 -13.03
C LEU H 194 0.95 45.18 -13.50
N PHE H 195 0.23 45.66 -14.50
CA PHE H 195 -0.89 44.90 -15.04
C PHE H 195 -0.42 43.59 -15.63
N GLU H 196 0.59 43.64 -16.50
CA GLU H 196 1.09 42.41 -17.11
C GLU H 196 1.56 41.42 -16.04
N ARG H 197 2.08 41.94 -14.92
CA ARG H 197 2.62 41.05 -13.90
C ARG H 197 1.53 40.45 -13.04
N LEU H 198 0.49 41.24 -12.73
CA LEU H 198 -0.45 40.81 -11.70
C LEU H 198 -1.69 40.17 -12.29
N THR H 199 -2.11 40.59 -13.48
CA THR H 199 -3.30 40.01 -14.10
C THR H 199 -2.92 38.92 -15.10
N LEU H 200 -2.15 39.30 -16.13
CA LEU H 200 -1.93 38.40 -17.24
C LEU H 200 -1.02 37.24 -16.86
N LYS H 201 0.08 37.53 -16.17
CA LYS H 201 0.97 36.45 -15.75
C LYS H 201 0.28 35.55 -14.74
N HIS H 202 -0.54 36.13 -13.87
CA HIS H 202 -1.23 35.34 -12.86
C HIS H 202 -2.17 34.32 -13.50
N ASP H 203 -2.79 34.68 -14.62
CA ASP H 203 -3.63 33.73 -15.34
C ASP H 203 -2.84 32.82 -16.28
N GLY H 204 -1.70 33.28 -16.79
CA GLY H 204 -0.87 32.39 -17.57
C GLY H 204 -0.31 31.25 -16.73
N ASP H 205 -0.07 31.52 -15.45
CA ASP H 205 0.38 30.46 -14.55
C ASP H 205 -0.68 29.38 -14.39
N ILE H 206 -1.95 29.76 -14.31
CA ILE H 206 -2.98 28.74 -14.10
C ILE H 206 -3.37 28.07 -15.42
N GLU H 207 -3.18 28.76 -16.55
CA GLU H 207 -3.31 28.07 -17.84
C GLU H 207 -2.33 26.92 -17.91
N SER H 208 -1.07 27.17 -17.56
CA SER H 208 -0.06 26.13 -17.60
C SER H 208 -0.30 25.06 -16.55
N ALA H 209 -1.24 25.31 -15.64
CA ALA H 209 -1.62 24.31 -14.64
C ALA H 209 -2.75 23.42 -15.14
N GLN H 210 -3.77 23.99 -15.74
CA GLN H 210 -4.89 23.19 -16.24
C GLN H 210 -4.57 22.55 -17.59
N SER H 211 -3.52 23.05 -18.25
CA SER H 211 -3.17 22.59 -19.60
C SER H 211 -2.88 21.10 -19.65
N THR I 22 57.53 19.11 15.86
CA THR I 22 58.20 18.49 14.73
C THR I 22 57.19 17.88 13.77
N SER I 23 55.94 17.80 14.21
CA SER I 23 54.89 17.26 13.36
C SER I 23 54.63 18.18 12.18
N GLN I 24 54.25 17.58 11.05
CA GLN I 24 54.04 18.38 9.84
C GLN I 24 52.76 19.20 9.93
N ILE I 25 51.79 18.75 10.71
CA ILE I 25 50.51 19.43 10.82
C ILE I 25 50.41 20.27 12.09
N ARG I 26 51.41 20.20 12.96
CA ARG I 26 51.39 20.97 14.20
C ARG I 26 51.47 22.45 13.88
N GLN I 27 50.44 23.20 14.26
CA GLN I 27 50.42 24.63 14.02
C GLN I 27 49.66 25.33 15.14
N ASN I 28 50.32 26.28 15.79
CA ASN I 28 49.72 27.06 16.86
C ASN I 28 49.18 26.13 17.96
N TYR I 29 50.00 25.19 18.38
CA TYR I 29 49.62 24.23 19.40
C TYR I 29 50.75 24.14 20.41
N SER I 30 50.69 24.98 21.43
CA SER I 30 51.76 25.08 22.40
C SER I 30 51.92 23.77 23.16
N THR I 31 53.14 23.51 23.61
CA THR I 31 53.40 22.30 24.38
C THR I 31 52.73 22.35 25.74
N GLU I 32 52.53 23.56 26.27
CA GLU I 32 51.85 23.69 27.56
C GLU I 32 50.41 23.22 27.45
N VAL I 33 49.74 23.54 26.33
CA VAL I 33 48.41 23.01 26.08
C VAL I 33 48.43 21.52 25.80
N GLU I 34 49.38 21.04 25.00
CA GLU I 34 49.50 19.62 24.72
C GLU I 34 49.68 18.79 25.99
N ALA I 35 50.44 19.31 26.94
CA ALA I 35 50.60 18.62 28.22
C ALA I 35 49.40 18.80 29.13
N ALA I 36 48.78 19.97 29.14
CA ALA I 36 47.57 20.17 29.92
C ALA I 36 46.40 19.35 29.42
N VAL I 37 46.37 19.03 28.12
CA VAL I 37 45.36 18.13 27.61
C VAL I 37 45.59 16.70 28.07
N ASN I 38 46.83 16.21 28.01
CA ASN I 38 47.13 14.87 28.49
C ASN I 38 46.77 14.67 29.95
N ARG I 39 46.89 15.69 30.78
CA ARG I 39 46.43 15.58 32.16
C ARG I 39 44.92 15.67 32.28
N LEU I 40 44.24 16.10 31.22
CA LEU I 40 42.79 16.16 31.23
C LEU I 40 42.16 14.88 30.75
N VAL I 41 42.80 14.13 29.86
CA VAL I 41 42.29 12.82 29.48
C VAL I 41 42.44 11.85 30.63
N ASN I 42 43.54 11.94 31.37
CA ASN I 42 43.69 11.10 32.55
C ASN I 42 42.63 11.45 33.60
N LEU I 43 42.28 12.72 33.71
CA LEU I 43 41.21 13.10 34.62
C LEU I 43 39.88 12.52 34.16
N HIS I 44 39.58 12.61 32.87
CA HIS I 44 38.34 12.04 32.38
C HIS I 44 38.31 10.53 32.55
N LEU I 45 39.43 9.86 32.32
CA LEU I 45 39.48 8.42 32.50
C LEU I 45 39.29 8.05 33.96
N ARG I 46 39.94 8.78 34.87
CA ARG I 46 39.78 8.49 36.28
C ARG I 46 38.36 8.74 36.73
N ALA I 47 37.72 9.78 36.19
CA ALA I 47 36.33 10.07 36.49
C ALA I 47 35.39 9.04 35.93
N SER I 48 35.73 8.42 34.79
CA SER I 48 34.95 7.32 34.25
C SER I 48 35.18 6.05 35.04
N TYR I 49 36.37 5.87 35.60
CA TYR I 49 36.63 4.78 36.51
C TYR I 49 35.86 4.88 37.80
N THR I 50 35.77 6.08 38.38
CA THR I 50 34.99 6.27 39.58
C THR I 50 33.51 6.01 39.33
N TYR I 51 32.99 6.53 38.22
CA TYR I 51 31.60 6.27 37.89
C TYR I 51 31.35 4.80 37.61
N LEU I 52 32.34 4.11 37.04
CA LEU I 52 32.20 2.67 36.87
C LEU I 52 32.12 1.97 38.21
N SER I 53 32.90 2.43 39.19
CA SER I 53 32.83 1.83 40.51
C SER I 53 31.49 2.11 41.17
N LEU I 54 30.97 3.32 40.99
CA LEU I 54 29.68 3.66 41.57
C LEU I 54 28.56 2.86 40.93
N GLY I 55 28.56 2.75 39.61
CA GLY I 55 27.51 2.03 38.93
C GLY I 55 27.47 0.56 39.26
N PHE I 56 28.59 -0.01 39.67
CA PHE I 56 28.63 -1.40 40.08
C PHE I 56 28.57 -1.55 41.59
N PHE I 57 28.45 -0.46 42.31
CA PHE I 57 28.16 -0.51 43.73
C PHE I 57 26.68 -0.49 44.03
N PHE I 58 25.89 0.20 43.22
CA PHE I 58 24.45 0.29 43.45
C PHE I 58 23.69 -0.84 42.77
N ASP I 59 24.38 -1.75 42.09
CA ASP I 59 23.77 -3.00 41.70
C ASP I 59 24.19 -4.15 42.59
N ARG I 60 24.94 -3.88 43.66
CA ARG I 60 25.24 -4.93 44.62
C ARG I 60 23.96 -5.46 45.23
N ASP I 61 24.00 -6.72 45.66
CA ASP I 61 22.79 -7.35 46.17
C ASP I 61 22.26 -6.65 47.40
N ASP I 62 23.13 -6.00 48.18
CA ASP I 62 22.74 -5.40 49.44
C ASP I 62 22.47 -3.91 49.34
N VAL I 63 22.46 -3.36 48.12
CA VAL I 63 22.01 -2.00 47.87
C VAL I 63 20.84 -1.99 46.90
N ALA I 64 21.03 -2.58 45.72
CA ALA I 64 19.93 -2.86 44.79
C ALA I 64 19.19 -1.59 44.37
N LEU I 65 19.91 -0.48 44.26
CA LEU I 65 19.33 0.74 43.70
C LEU I 65 19.70 0.76 42.23
N GLU I 66 19.05 -0.12 41.46
CA GLU I 66 19.45 -0.35 40.08
C GLU I 66 19.25 0.90 39.23
N GLY I 67 18.33 1.77 39.62
CA GLY I 67 18.21 3.04 38.92
C GLY I 67 19.45 3.89 39.05
N VAL I 68 19.95 4.04 40.28
CA VAL I 68 21.18 4.77 40.51
C VAL I 68 22.34 4.09 39.80
N GLY I 69 22.37 2.76 39.85
CA GLY I 69 23.40 2.03 39.16
C GLY I 69 23.44 2.35 37.68
N HIS I 70 22.30 2.27 37.01
CA HIS I 70 22.23 2.60 35.60
C HIS I 70 22.55 4.06 35.32
N PHE I 71 22.15 4.97 36.21
CA PHE I 71 22.51 6.36 36.02
C PHE I 71 24.02 6.54 35.98
N PHE I 72 24.72 6.01 36.98
CA PHE I 72 26.17 6.14 37.01
C PHE I 72 26.82 5.36 35.88
N ARG I 73 26.20 4.27 35.44
CA ARG I 73 26.76 3.52 34.33
C ARG I 73 26.71 4.32 33.04
N GLU I 74 25.55 4.83 32.66
CA GLU I 74 25.46 5.66 31.47
C GLU I 74 26.14 7.00 31.66
N LEU I 75 26.58 7.33 32.88
CA LEU I 75 27.47 8.46 33.08
C LEU I 75 28.92 8.14 32.78
N ALA I 76 29.39 6.96 33.18
CA ALA I 76 30.73 6.52 32.83
C ALA I 76 30.92 6.42 31.33
N GLU I 77 29.90 5.93 30.61
CA GLU I 77 29.93 5.95 29.16
C GLU I 77 30.28 7.33 28.64
N GLU I 78 29.57 8.35 29.13
CA GLU I 78 29.76 9.69 28.60
C GLU I 78 31.10 10.28 29.00
N LYS I 79 31.55 10.00 30.22
CA LYS I 79 32.86 10.49 30.63
C LYS I 79 33.97 9.88 29.79
N ARG I 80 33.90 8.57 29.54
CA ARG I 80 34.91 7.94 28.70
C ARG I 80 34.85 8.48 27.28
N GLU I 81 33.65 8.64 26.74
CA GLU I 81 33.53 9.28 25.42
C GLU I 81 34.17 10.66 25.41
N GLY I 82 34.02 11.41 26.50
CA GLY I 82 34.68 12.70 26.58
C GLY I 82 36.19 12.57 26.64
N ALA I 83 36.68 11.43 27.09
CA ALA I 83 38.12 11.20 27.09
C ALA I 83 38.66 10.89 25.70
N GLU I 84 37.99 10.07 24.90
CA GLU I 84 38.49 9.76 23.57
C GLU I 84 38.21 10.87 22.58
N ARG I 85 37.31 11.79 22.90
CA ARG I 85 37.14 12.98 22.08
C ARG I 85 38.23 14.00 22.32
N LEU I 86 38.86 13.98 23.49
CA LEU I 86 40.04 14.78 23.74
C LEU I 86 41.28 14.17 23.14
N LEU I 87 41.35 12.85 23.02
CA LEU I 87 42.48 12.21 22.38
C LEU I 87 42.50 12.40 20.87
N GLU I 88 41.35 12.32 20.22
CA GLU I 88 41.31 12.58 18.79
C GLU I 88 41.52 14.04 18.47
N PHE I 89 41.21 14.94 19.41
CA PHE I 89 41.62 16.33 19.27
C PHE I 89 43.13 16.48 19.41
N GLN I 90 43.74 15.70 20.29
CA GLN I 90 45.20 15.72 20.41
C GLN I 90 45.85 15.30 19.10
N ASN I 91 45.23 14.37 18.38
CA ASN I 91 45.80 13.92 17.12
C ASN I 91 45.55 14.94 16.01
N ASP I 92 44.36 15.53 15.98
CA ASP I 92 44.05 16.52 14.95
C ASP I 92 44.99 17.70 15.03
N ARG I 93 45.36 18.12 16.22
CA ARG I 93 46.26 19.24 16.38
C ARG I 93 47.72 18.85 16.27
N GLY I 94 48.01 17.56 16.14
CA GLY I 94 49.37 17.11 15.99
C GLY I 94 50.11 16.83 17.27
N GLY I 95 49.42 16.73 18.40
CA GLY I 95 50.07 16.41 19.65
C GLY I 95 50.33 14.93 19.79
N ARG I 96 51.00 14.58 20.87
CA ARG I 96 51.33 13.19 21.18
C ARG I 96 50.63 12.80 22.48
N ALA I 97 49.77 11.80 22.40
CA ALA I 97 49.03 11.34 23.57
C ALA I 97 49.93 10.54 24.49
N LEU I 98 50.07 11.01 25.72
CA LEU I 98 50.88 10.36 26.74
C LEU I 98 49.94 9.85 27.83
N PHE I 99 49.84 8.54 27.95
CA PHE I 99 48.94 7.95 28.93
C PHE I 99 49.64 7.77 30.27
N GLN I 100 48.85 7.82 31.33
CA GLN I 100 49.36 7.66 32.68
C GLN I 100 48.49 6.64 33.39
N ASP I 101 48.92 6.23 34.59
CA ASP I 101 48.18 5.25 35.37
C ASP I 101 46.87 5.85 35.82
N VAL I 102 45.76 5.23 35.42
CA VAL I 102 44.45 5.66 35.92
C VAL I 102 44.35 5.26 37.38
N GLN I 103 44.44 6.23 38.26
CA GLN I 103 44.40 5.95 39.68
C GLN I 103 43.02 5.45 40.09
N LYS I 104 43.01 4.49 41.00
CA LYS I 104 41.77 3.84 41.41
C LYS I 104 40.83 4.84 42.08
N PRO I 105 39.54 4.53 42.12
CA PRO I 105 38.57 5.46 42.72
C PRO I 105 38.90 5.71 44.20
N SER I 106 38.29 6.76 44.73
CA SER I 106 38.60 7.17 46.09
C SER I 106 38.09 6.18 47.11
N GLN I 107 36.88 5.68 46.92
CA GLN I 107 36.23 4.79 47.87
C GLN I 107 35.82 3.49 47.20
N ASP I 108 35.62 2.46 48.02
CA ASP I 108 34.97 1.24 47.55
C ASP I 108 33.56 1.09 48.12
N GLU I 109 33.28 1.77 49.22
CA GLU I 109 31.94 1.83 49.78
C GLU I 109 31.50 3.28 49.68
N TRP I 110 30.35 3.52 49.07
CA TRP I 110 29.91 4.89 48.88
C TRP I 110 28.79 5.25 49.84
N GLY I 111 28.09 4.26 50.36
CA GLY I 111 27.05 4.49 51.33
C GLY I 111 25.71 4.78 50.70
N LYS I 112 24.92 5.59 51.39
CA LYS I 112 23.62 5.98 50.88
C LYS I 112 23.77 6.76 49.59
N THR I 113 22.71 6.74 48.78
CA THR I 113 22.77 7.38 47.47
C THR I 113 23.08 8.87 47.58
N GLN I 114 22.68 9.50 48.68
CA GLN I 114 22.97 10.91 48.84
C GLN I 114 24.47 11.14 49.01
N GLU I 115 25.10 10.42 49.93
CA GLU I 115 26.53 10.57 50.13
C GLU I 115 27.34 10.14 48.93
N ALA I 116 26.73 9.42 47.99
CA ALA I 116 27.41 9.06 46.76
C ALA I 116 27.23 10.12 45.68
N MET I 117 26.05 10.71 45.57
CA MET I 117 25.83 11.77 44.60
C MET I 117 26.53 13.07 44.98
N GLU I 118 26.89 13.25 46.25
CA GLU I 118 27.75 14.36 46.63
C GLU I 118 29.21 14.09 46.31
N ALA I 119 29.65 12.84 46.36
CA ALA I 119 30.98 12.48 45.92
C ALA I 119 31.07 12.40 44.40
N ALA I 120 29.95 12.37 43.71
CA ALA I 120 29.93 12.42 42.26
C ALA I 120 29.74 13.82 41.73
N LEU I 121 29.15 14.71 42.51
CA LEU I 121 29.08 16.12 42.15
C LEU I 121 30.37 16.86 42.49
N ALA I 122 30.99 16.59 43.63
CA ALA I 122 32.29 17.15 43.94
C ALA I 122 33.36 16.70 42.96
N MET I 123 33.13 15.60 42.25
CA MET I 123 34.04 15.18 41.21
C MET I 123 33.77 15.85 39.87
N GLU I 124 32.52 16.21 39.61
CA GLU I 124 32.21 17.00 38.41
C GLU I 124 32.70 18.43 38.55
N LYS I 125 32.34 19.10 39.65
CA LYS I 125 32.81 20.45 39.89
C LYS I 125 34.32 20.55 39.93
N ASN I 126 35.00 19.44 40.20
CA ASN I 126 36.45 19.40 40.11
C ASN I 126 36.93 19.08 38.71
N LEU I 127 36.23 18.24 37.97
CA LEU I 127 36.52 18.03 36.57
C LEU I 127 36.17 19.23 35.71
N ASN I 128 35.10 19.95 36.04
CA ASN I 128 34.77 21.18 35.35
C ASN I 128 35.78 22.28 35.62
N GLN I 129 36.36 22.31 36.82
CA GLN I 129 37.40 23.29 37.09
C GLN I 129 38.63 23.06 36.23
N ALA I 130 38.96 21.79 35.98
CA ALA I 130 40.10 21.50 35.11
C ALA I 130 39.84 21.98 33.69
N LEU I 131 38.60 21.81 33.21
CA LEU I 131 38.27 22.32 31.89
C LEU I 131 38.39 23.82 31.82
N LEU I 132 37.94 24.53 32.85
CA LEU I 132 38.08 25.97 32.87
C LEU I 132 39.52 26.42 32.95
N ASP I 133 40.38 25.71 33.68
CA ASP I 133 41.79 26.01 33.66
C ASP I 133 42.42 25.74 32.31
N LEU I 134 42.00 24.69 31.62
CA LEU I 134 42.49 24.45 30.28
C LEU I 134 42.05 25.56 29.33
N HIS I 135 40.81 26.00 29.43
CA HIS I 135 40.35 27.10 28.60
C HIS I 135 41.04 28.41 28.93
N ALA I 136 41.40 28.62 30.19
CA ALA I 136 42.17 29.81 30.54
C ALA I 136 43.58 29.73 29.99
N LEU I 137 44.20 28.57 30.07
CA LEU I 137 45.52 28.40 29.47
C LEU I 137 45.48 28.57 27.96
N GLY I 138 44.49 27.99 27.30
CA GLY I 138 44.40 28.10 25.86
C GLY I 138 44.17 29.52 25.40
N SER I 139 43.34 30.27 26.12
CA SER I 139 43.18 31.68 25.83
C SER I 139 44.41 32.50 26.17
N ALA I 140 45.25 32.00 27.08
CA ALA I 140 46.49 32.71 27.39
C ALA I 140 47.50 32.58 26.26
N ARG I 141 47.53 31.43 25.60
CA ARG I 141 48.45 31.22 24.48
C ARG I 141 47.79 31.50 23.14
N ALA I 142 46.60 32.10 23.13
CA ALA I 142 45.90 32.47 21.91
C ALA I 142 45.69 31.26 21.01
N ASP I 143 44.98 30.27 21.54
CA ASP I 143 44.62 29.07 20.80
C ASP I 143 43.11 29.07 20.59
N PRO I 144 42.61 29.69 19.53
CA PRO I 144 41.15 29.80 19.38
C PRO I 144 40.49 28.46 19.11
N HIS I 145 41.14 27.57 18.38
CA HIS I 145 40.51 26.29 18.08
C HIS I 145 40.28 25.48 19.34
N LEU I 146 41.22 25.51 20.28
CA LEU I 146 41.04 24.78 21.52
C LEU I 146 39.89 25.35 22.33
N CYS I 147 39.81 26.68 22.44
CA CYS I 147 38.72 27.28 23.20
C CYS I 147 37.38 26.97 22.56
N ASP I 148 37.32 26.99 21.23
CA ASP I 148 36.08 26.62 20.56
C ASP I 148 35.72 25.17 20.82
N PHE I 149 36.70 24.27 20.73
CA PHE I 149 36.45 22.85 20.96
C PHE I 149 35.89 22.62 22.36
N LEU I 150 36.52 23.23 23.36
CA LEU I 150 36.01 23.12 24.72
C LEU I 150 34.60 23.69 24.82
N GLU I 151 34.44 24.96 24.44
CA GLU I 151 33.13 25.61 24.54
C GLU I 151 32.04 24.79 23.89
N SER I 152 32.39 24.07 22.82
CA SER I 152 31.37 23.33 22.08
C SER I 152 31.05 21.99 22.74
N HIS I 153 32.08 21.26 23.16
CA HIS I 153 31.87 19.85 23.50
C HIS I 153 31.88 19.56 24.99
N TYR I 154 32.46 20.40 25.84
CA TYR I 154 32.66 20.03 27.22
C TYR I 154 31.96 20.96 28.21
N LEU I 155 32.11 22.27 28.03
CA LEU I 155 31.71 23.20 29.08
C LEU I 155 30.20 23.16 29.32
N ASP I 156 29.41 23.27 28.25
CA ASP I 156 27.97 23.32 28.42
C ASP I 156 27.43 21.98 28.90
N LYS I 157 27.93 20.88 28.33
CA LYS I 157 27.57 19.57 28.85
C LYS I 157 27.84 19.46 30.33
N GLU I 158 28.97 20.03 30.78
CA GLU I 158 29.34 19.86 32.17
C GLU I 158 28.47 20.70 33.09
N VAL I 159 28.13 21.92 32.71
CA VAL I 159 27.24 22.70 33.56
C VAL I 159 25.84 22.11 33.59
N LYS I 160 25.38 21.51 32.48
CA LYS I 160 24.09 20.85 32.51
C LYS I 160 24.11 19.61 33.39
N LEU I 161 25.20 18.84 33.35
CA LEU I 161 25.31 17.67 34.21
C LEU I 161 25.37 18.07 35.68
N ILE I 162 26.10 19.13 36.00
CA ILE I 162 26.17 19.59 37.39
C ILE I 162 24.80 20.06 37.85
N LYS I 163 24.07 20.74 36.98
CA LYS I 163 22.72 21.17 37.32
C LYS I 163 21.83 19.96 37.61
N LYS I 164 21.91 18.94 36.75
CA LYS I 164 21.13 17.74 36.99
C LYS I 164 21.49 17.07 38.31
N MET I 165 22.78 16.99 38.64
CA MET I 165 23.20 16.42 39.90
C MET I 165 22.75 17.24 41.10
N GLY I 166 22.70 18.56 40.97
CA GLY I 166 22.20 19.38 42.06
C GLY I 166 20.73 19.16 42.27
N ASN I 167 19.99 19.02 41.17
CA ASN I 167 18.58 18.67 41.28
C ASN I 167 18.41 17.34 42.01
N HIS I 168 19.18 16.33 41.61
CA HIS I 168 19.14 15.04 42.30
C HIS I 168 19.47 15.21 43.77
N LEU I 169 20.45 16.04 44.10
CA LEU I 169 20.86 16.17 45.49
C LEU I 169 19.77 16.80 46.33
N THR I 170 19.15 17.86 45.84
CA THR I 170 18.09 18.48 46.63
C THR I 170 16.87 17.59 46.72
N ASN I 171 16.55 16.85 45.65
CA ASN I 171 15.44 15.93 45.75
C ASN I 171 15.74 14.81 46.74
N LEU I 172 17.00 14.41 46.86
CA LEU I 172 17.39 13.41 47.83
C LEU I 172 17.35 13.94 49.25
N ARG I 173 17.76 15.18 49.48
CA ARG I 173 17.61 15.80 50.78
C ARG I 173 16.16 16.08 51.12
N ARG I 174 15.30 16.17 50.13
CA ARG I 174 13.88 16.42 50.38
C ARG I 174 13.18 15.17 50.91
N VAL I 175 13.60 14.00 50.48
CA VAL I 175 12.93 12.77 50.84
C VAL I 175 13.69 12.06 51.95
N ALA I 176 14.71 12.71 52.49
CA ALA I 176 15.52 12.12 53.56
C ALA I 176 14.70 11.96 54.83
N SER I 189 14.70 4.14 55.13
CA SER I 189 15.03 5.03 54.02
C SER I 189 14.05 4.86 52.88
N LEU I 190 12.75 4.96 53.19
CA LEU I 190 11.74 4.82 52.17
C LEU I 190 11.88 5.90 51.10
N GLY I 191 12.25 7.11 51.50
CA GLY I 191 12.35 8.19 50.55
C GLY I 191 13.40 7.94 49.49
N GLU I 192 14.49 7.29 49.85
CA GLU I 192 15.55 7.01 48.88
C GLU I 192 15.07 6.01 47.85
N TYR I 193 14.36 4.97 48.27
CA TYR I 193 13.77 4.03 47.33
C TYR I 193 12.77 4.74 46.42
N LEU I 194 11.92 5.58 47.01
CA LEU I 194 10.92 6.29 46.20
C LEU I 194 11.60 7.17 45.17
N PHE I 195 12.68 7.84 45.56
CA PHE I 195 13.41 8.67 44.61
C PHE I 195 13.97 7.85 43.49
N GLU I 196 14.68 6.76 43.82
CA GLU I 196 15.25 5.91 42.78
C GLU I 196 14.16 5.39 41.84
N ARG I 197 12.97 5.15 42.37
CA ARG I 197 11.91 4.57 41.55
C ARG I 197 11.25 5.62 40.66
N LEU I 198 11.07 6.83 41.18
CA LEU I 198 10.21 7.78 40.48
C LEU I 198 11.01 8.76 39.63
N THR I 199 12.24 9.10 40.04
CA THR I 199 13.05 10.02 39.26
C THR I 199 14.03 9.26 38.35
N LEU I 200 14.90 8.47 38.97
CA LEU I 200 16.01 7.89 38.22
C LEU I 200 15.55 6.81 37.27
N LYS I 201 14.68 5.92 37.74
CA LYS I 201 14.18 4.86 36.86
C LYS I 201 13.33 5.46 35.75
N HIS I 202 12.55 6.50 36.06
CA HIS I 202 11.71 7.13 35.07
C HIS I 202 12.51 7.72 33.93
N ASP I 203 13.71 8.24 34.22
CA ASP I 203 14.59 8.74 33.17
C ASP I 203 15.42 7.65 32.52
N GLY I 204 15.74 6.58 33.26
CA GLY I 204 16.41 5.46 32.63
C GLY I 204 15.55 4.79 31.59
N ASP I 205 14.24 4.79 31.80
CA ASP I 205 13.33 4.24 30.81
C ASP I 205 13.38 5.03 29.51
N ILE I 206 13.48 6.36 29.59
CA ILE I 206 13.46 7.15 28.37
C ILE I 206 14.85 7.19 27.73
N GLU I 207 15.91 7.01 28.52
CA GLU I 207 17.22 6.80 27.92
C GLU I 207 17.21 5.58 27.02
N SER I 208 16.65 4.47 27.51
CA SER I 208 16.59 3.25 26.72
C SER I 208 15.63 3.39 25.55
N ALA I 209 14.86 4.48 25.52
CA ALA I 209 13.98 4.75 24.39
C ALA I 209 14.67 5.57 23.32
N GLN I 210 15.40 6.61 23.69
CA GLN I 210 16.09 7.44 22.71
C GLN I 210 17.41 6.80 22.26
N SER I 211 17.88 5.81 23.01
CA SER I 211 19.18 5.16 22.75
C SER I 211 19.25 4.55 21.36
N THR J 22 29.07 -12.97 53.84
CA THR J 22 28.04 -12.38 54.69
C THR J 22 26.84 -11.94 53.86
N SER J 23 27.02 -11.95 52.54
CA SER J 23 25.92 -11.56 51.65
C SER J 23 24.80 -12.59 51.73
N GLN J 24 23.57 -12.11 51.55
CA GLN J 24 22.42 -13.00 51.66
C GLN J 24 22.32 -13.93 50.45
N ILE J 25 22.85 -13.51 49.31
CA ILE J 25 22.75 -14.30 48.08
C ILE J 25 24.04 -15.05 47.79
N ARG J 26 25.09 -14.83 48.57
CA ARG J 26 26.36 -15.50 48.34
C ARG J 26 26.20 -16.99 48.60
N GLN J 27 26.42 -17.81 47.57
CA GLN J 27 26.31 -19.25 47.71
C GLN J 27 27.31 -19.92 46.79
N ASN J 28 28.16 -20.77 47.36
CA ASN J 28 29.16 -21.51 46.60
C ASN J 28 30.03 -20.57 45.79
N TYR J 29 30.53 -19.51 46.43
CA TYR J 29 31.36 -18.52 45.77
C TYR J 29 32.56 -18.26 46.65
N SER J 30 33.62 -19.04 46.44
CA SER J 30 34.80 -18.96 47.28
C SER J 30 35.45 -17.58 47.17
N THR J 31 36.12 -17.19 48.26
CA THR J 31 36.81 -15.91 48.25
C THR J 31 38.00 -15.92 47.32
N GLU J 32 38.59 -17.10 47.10
CA GLU J 32 39.71 -17.20 46.17
C GLU J 32 39.27 -16.88 44.75
N VAL J 33 38.07 -17.33 44.36
CA VAL J 33 37.50 -16.94 43.09
C VAL J 33 37.11 -15.49 43.05
N GLU J 34 36.48 -14.98 44.11
CA GLU J 34 36.11 -13.58 44.17
C GLU J 34 37.30 -12.66 44.03
N ALA J 35 38.44 -13.02 44.60
CA ALA J 35 39.64 -12.24 44.44
C ALA J 35 40.31 -12.45 43.08
N ALA J 36 40.29 -13.67 42.57
CA ALA J 36 40.83 -13.92 41.25
C ALA J 36 40.04 -13.25 40.15
N VAL J 37 38.73 -13.03 40.37
CA VAL J 37 37.94 -12.26 39.43
C VAL J 37 38.31 -10.79 39.44
N ASN J 38 38.46 -10.20 40.62
CA ASN J 38 38.87 -8.80 40.72
C ASN J 38 40.20 -8.53 40.04
N ARG J 39 41.13 -9.48 40.06
CA ARG J 39 42.36 -9.31 39.32
C ARG J 39 42.18 -9.54 37.83
N LEU J 40 41.05 -10.10 37.42
CA LEU J 40 40.77 -10.29 36.01
C LEU J 40 40.05 -9.10 35.39
N VAL J 41 39.26 -8.37 36.16
CA VAL J 41 38.66 -7.15 35.64
C VAL J 41 39.73 -6.08 35.48
N ASN J 42 40.69 -6.01 36.40
CA ASN J 42 41.78 -5.09 36.22
C ASN J 42 42.63 -5.44 35.01
N LEU J 43 42.78 -6.74 34.73
CA LEU J 43 43.48 -7.15 33.53
C LEU J 43 42.71 -6.72 32.28
N HIS J 44 41.40 -6.92 32.27
CA HIS J 44 40.61 -6.52 31.11
C HIS J 44 40.63 -5.00 30.94
N LEU J 45 40.58 -4.26 32.03
CA LEU J 45 40.65 -2.81 31.94
C LEU J 45 41.99 -2.35 31.43
N ARG J 46 43.07 -2.95 31.92
CA ARG J 46 44.39 -2.58 31.44
C ARG J 46 44.56 -2.93 29.97
N ALA J 47 43.99 -4.05 29.54
CA ALA J 47 44.03 -4.46 28.16
C ALA J 47 43.20 -3.54 27.28
N SER J 48 42.11 -3.00 27.80
CA SER J 48 41.32 -2.01 27.08
C SER J 48 42.02 -0.67 27.03
N TYR J 49 42.79 -0.34 28.06
CA TYR J 49 43.64 0.84 28.05
C TYR J 49 44.75 0.75 27.02
N THR J 50 45.40 -0.41 26.91
CA THR J 50 46.43 -0.57 25.90
C THR J 50 45.85 -0.46 24.50
N TYR J 51 44.72 -1.11 24.27
CA TYR J 51 44.09 -1.01 22.96
C TYR J 51 43.63 0.41 22.67
N LEU J 52 43.22 1.14 23.69
CA LEU J 52 42.89 2.55 23.49
C LEU J 52 44.12 3.34 23.08
N SER J 53 45.27 3.02 23.66
CA SER J 53 46.50 3.70 23.28
C SER J 53 46.89 3.35 21.85
N LEU J 54 46.71 2.09 21.47
CA LEU J 54 47.05 1.67 20.12
C LEU J 54 46.12 2.32 19.10
N GLY J 55 44.82 2.34 19.38
CA GLY J 55 43.88 2.90 18.44
C GLY J 55 44.06 4.39 18.22
N PHE J 56 44.64 5.09 19.19
CA PHE J 56 44.93 6.50 19.03
C PHE J 56 46.37 6.76 18.64
N PHE J 57 47.15 5.70 18.45
CA PHE J 57 48.47 5.84 17.88
C PHE J 57 48.46 5.70 16.36
N PHE J 58 47.58 4.89 15.82
CA PHE J 58 47.50 4.68 14.39
C PHE J 58 46.60 5.68 13.69
N ASP J 59 45.99 6.59 14.43
CA ASP J 59 45.37 7.76 13.84
C ASP J 59 46.22 9.01 13.98
N ARG J 60 47.44 8.88 14.50
CA ARG J 60 48.35 10.02 14.51
C ARG J 60 48.62 10.47 13.09
N ASP J 61 48.94 11.76 12.94
CA ASP J 61 49.13 12.31 11.62
C ASP J 61 50.29 11.66 10.90
N ASP J 62 51.28 11.15 11.63
CA ASP J 62 52.49 10.61 11.02
C ASP J 62 52.47 9.10 10.88
N VAL J 63 51.33 8.47 11.18
CA VAL J 63 51.11 7.05 10.88
C VAL J 63 49.93 6.86 9.95
N ALA J 64 48.77 7.38 10.34
CA ALA J 64 47.61 7.49 9.45
C ALA J 64 47.17 6.14 8.91
N LEU J 65 47.30 5.09 9.72
CA LEU J 65 46.75 3.79 9.36
C LEU J 65 45.39 3.70 10.04
N GLU J 66 44.43 4.45 9.50
CA GLU J 66 43.15 4.62 10.16
C GLU J 66 42.39 3.29 10.24
N GLY J 67 42.66 2.37 9.33
CA GLY J 67 42.06 1.05 9.45
C GLY J 67 42.52 0.33 10.70
N VAL J 68 43.84 0.31 10.93
CA VAL J 68 44.37 -0.29 12.15
C VAL J 68 43.86 0.45 13.37
N GLY J 69 43.80 1.78 13.29
CA GLY J 69 43.26 2.55 14.39
C GLY J 69 41.86 2.12 14.76
N HIS J 70 40.97 2.05 13.78
CA HIS J 70 39.61 1.61 14.04
C HIS J 70 39.54 0.18 14.53
N PHE J 71 40.40 -0.70 14.02
CA PHE J 71 40.42 -2.07 14.51
C PHE J 71 40.71 -2.10 16.00
N PHE J 72 41.77 -1.44 16.42
CA PHE J 72 42.10 -1.44 17.84
C PHE J 72 41.06 -0.69 18.65
N ARG J 73 40.42 0.31 18.06
CA ARG J 73 39.37 1.03 18.79
C ARG J 73 38.19 0.14 19.08
N GLU J 74 37.62 -0.51 18.06
CA GLU J 74 36.52 -1.43 18.29
C GLU J 74 36.96 -2.68 19.02
N LEU J 75 38.27 -2.88 19.21
CA LEU J 75 38.75 -3.91 20.12
C LEU J 75 38.73 -3.48 21.57
N ALA J 76 39.11 -2.23 21.86
CA ALA J 76 39.00 -1.70 23.20
C ALA J 76 37.56 -1.69 23.69
N GLU J 77 36.62 -1.35 22.81
CA GLU J 77 35.20 -1.47 23.16
C GLU J 77 34.90 -2.85 23.70
N GLU J 78 35.32 -3.89 22.99
CA GLU J 78 34.95 -5.25 23.38
C GLU J 78 35.68 -5.67 24.65
N LYS J 79 36.94 -5.27 24.81
CA LYS J 79 37.65 -5.61 26.04
C LYS J 79 37.00 -4.96 27.25
N ARG J 80 36.62 -3.69 27.13
CA ARG J 80 35.96 -3.03 28.25
C ARG J 80 34.61 -3.67 28.53
N GLU J 81 33.85 -3.98 27.49
CA GLU J 81 32.60 -4.71 27.70
C GLU J 81 32.84 -6.03 28.42
N GLY J 82 33.94 -6.71 28.11
CA GLY J 82 34.27 -7.92 28.82
C GLY J 82 34.62 -7.66 30.27
N ALA J 83 35.06 -6.44 30.58
CA ALA J 83 35.33 -6.09 31.96
C ALA J 83 34.07 -5.83 32.76
N GLU J 84 33.08 -5.13 32.21
CA GLU J 84 31.86 -4.87 32.96
C GLU J 84 30.93 -6.08 32.98
N ARG J 85 31.13 -7.05 32.11
CA ARG J 85 30.41 -8.30 32.19
C ARG J 85 30.96 -9.19 33.29
N LEU J 86 32.22 -9.03 33.65
CA LEU J 86 32.78 -9.70 34.80
C LEU J 86 32.39 -9.03 36.11
N LEU J 87 32.16 -7.72 36.10
CA LEU J 87 31.73 -7.03 37.29
C LEU J 87 30.28 -7.32 37.62
N GLU J 88 29.40 -7.39 36.64
CA GLU J 88 28.02 -7.75 36.93
C GLU J 88 27.88 -9.22 37.31
N PHE J 89 28.81 -10.07 36.88
CA PHE J 89 28.89 -11.42 37.41
C PHE J 89 29.35 -11.43 38.86
N GLN J 90 30.27 -10.53 39.22
CA GLN J 90 30.67 -10.41 40.61
C GLN J 90 29.50 -10.03 41.50
N ASN J 91 28.59 -9.21 40.97
CA ASN J 91 27.43 -8.80 41.76
C ASN J 91 26.39 -9.91 41.82
N ASP J 92 26.18 -10.61 40.71
CA ASP J 92 25.19 -11.70 40.70
C ASP J 92 25.56 -12.79 41.70
N ARG J 93 26.84 -13.09 41.83
CA ARG J 93 27.29 -14.10 42.75
C ARG J 93 27.44 -13.58 44.17
N GLY J 94 27.26 -12.28 44.38
CA GLY J 94 27.35 -11.72 45.71
C GLY J 94 28.73 -11.29 46.15
N GLY J 95 29.66 -11.17 45.22
CA GLY J 95 30.99 -10.70 45.57
C GLY J 95 31.05 -9.20 45.68
N ARG J 96 32.21 -8.71 46.09
CA ARG J 96 32.46 -7.28 46.23
C ARG J 96 33.54 -6.86 45.25
N ALA J 97 33.19 -5.96 44.34
CA ALA J 97 34.14 -5.49 43.35
C ALA J 97 35.15 -4.54 43.98
N LEU J 98 36.43 -4.92 43.88
CA LEU J 98 37.53 -4.11 44.40
C LEU J 98 38.35 -3.62 43.23
N PHE J 99 38.33 -2.31 43.00
CA PHE J 99 39.04 -1.74 41.88
C PHE J 99 40.48 -1.40 42.26
N GLN J 100 41.36 -1.45 41.28
CA GLN J 100 42.76 -1.14 41.47
C GLN J 100 43.19 -0.15 40.39
N ASP J 101 44.40 0.38 40.54
CA ASP J 101 44.92 1.33 39.58
C ASP J 101 45.15 0.65 38.25
N VAL J 102 44.48 1.14 37.21
CA VAL J 102 44.74 0.63 35.86
C VAL J 102 46.11 1.14 35.42
N GLN J 103 47.08 0.23 35.39
CA GLN J 103 48.43 0.61 35.04
C GLN J 103 48.49 1.00 33.56
N LYS J 104 49.29 2.03 33.28
CA LYS J 104 49.37 2.59 31.95
C LYS J 104 49.93 1.57 30.96
N PRO J 105 49.67 1.74 29.67
CA PRO J 105 50.16 0.78 28.69
C PRO J 105 51.67 0.67 28.70
N SER J 106 52.17 -0.39 28.07
CA SER J 106 53.60 -0.68 28.12
C SER J 106 54.40 0.35 27.33
N GLN J 107 53.92 0.72 26.15
CA GLN J 107 54.64 1.61 25.26
C GLN J 107 53.77 2.81 24.90
N ASP J 108 54.44 3.88 24.45
CA ASP J 108 53.74 5.00 23.83
C ASP J 108 53.99 5.05 22.34
N GLU J 109 55.08 4.44 21.87
CA GLU J 109 55.34 4.29 20.44
C GLU J 109 55.29 2.81 20.15
N TRP J 110 54.47 2.42 19.18
CA TRP J 110 54.32 1.00 18.89
C TRP J 110 55.07 0.61 17.62
N GLY J 111 55.34 1.57 16.75
CA GLY J 111 56.11 1.32 15.55
C GLY J 111 55.24 0.86 14.40
N LYS J 112 55.82 0.03 13.55
CA LYS J 112 55.09 -0.51 12.41
C LYS J 112 53.93 -1.36 12.89
N THR J 113 52.92 -1.51 12.03
CA THR J 113 51.72 -2.22 12.42
C THR J 113 52.03 -3.67 12.80
N GLN J 114 53.08 -4.25 12.22
CA GLN J 114 53.42 -5.61 12.58
C GLN J 114 53.91 -5.70 14.02
N GLU J 115 54.86 -4.85 14.40
CA GLU J 115 55.38 -4.86 15.76
C GLU J 115 54.33 -4.44 16.76
N ALA J 116 53.22 -3.86 16.32
CA ALA J 116 52.12 -3.52 17.21
C ALA J 116 51.13 -4.66 17.35
N MET J 117 50.85 -5.38 16.26
CA MET J 117 49.95 -6.51 16.32
C MET J 117 50.58 -7.71 17.02
N GLU J 118 51.91 -7.76 17.12
CA GLU J 118 52.53 -8.77 17.97
C GLU J 118 52.50 -8.39 19.43
N ALA J 119 52.53 -7.10 19.75
CA ALA J 119 52.34 -6.66 21.12
C ALA J 119 50.88 -6.68 21.53
N ALA J 120 49.97 -6.79 20.58
CA ALA J 120 48.56 -6.94 20.87
C ALA J 120 48.13 -8.40 20.91
N LEU J 121 48.85 -9.28 20.22
CA LEU J 121 48.62 -10.71 20.34
C LEU J 121 49.26 -11.30 21.57
N ALA J 122 50.49 -10.89 21.92
CA ALA J 122 51.10 -11.32 23.15
C ALA J 122 50.33 -10.84 24.38
N MET J 123 49.48 -9.82 24.22
CA MET J 123 48.62 -9.39 25.30
C MET J 123 47.32 -10.18 25.36
N GLU J 124 46.84 -10.68 24.23
CA GLU J 124 45.69 -11.56 24.24
C GLU J 124 46.05 -12.94 24.80
N LYS J 125 47.09 -13.55 24.28
CA LYS J 125 47.55 -14.84 24.77
C LYS J 125 47.92 -14.79 26.24
N ASN J 126 48.21 -13.61 26.77
CA ASN J 126 48.42 -13.45 28.20
C ASN J 126 47.13 -13.18 28.94
N LEU J 127 46.18 -12.47 28.34
CA LEU J 127 44.86 -12.32 28.90
C LEU J 127 44.05 -13.62 28.83
N ASN J 128 44.23 -14.40 27.78
CA ASN J 128 43.60 -15.71 27.70
C ASN J 128 44.16 -16.69 28.71
N GLN J 129 45.45 -16.58 29.03
CA GLN J 129 46.02 -17.44 30.05
C GLN J 129 45.41 -17.16 31.41
N ALA J 130 45.12 -15.89 31.70
CA ALA J 130 44.48 -15.55 32.97
C ALA J 130 43.09 -16.15 33.05
N LEU J 131 42.35 -16.14 31.93
CA LEU J 131 41.04 -16.76 31.93
C LEU J 131 41.13 -18.26 32.17
N LEU J 132 42.11 -18.92 31.56
CA LEU J 132 42.29 -20.34 31.79
C LEU J 132 42.69 -20.66 33.22
N ASP J 133 43.51 -19.81 33.85
CA ASP J 133 43.82 -19.99 35.26
C ASP J 133 42.60 -19.75 36.14
N LEU J 134 41.76 -18.80 35.78
CA LEU J 134 40.52 -18.61 36.53
C LEU J 134 39.62 -19.83 36.39
N HIS J 135 39.50 -20.37 35.19
CA HIS J 135 38.68 -21.56 35.00
C HIS J 135 39.27 -22.77 35.70
N ALA J 136 40.59 -22.87 35.80
CA ALA J 136 41.20 -23.95 36.57
C ALA J 136 40.94 -23.79 38.05
N LEU J 137 41.03 -22.56 38.56
CA LEU J 137 40.71 -22.31 39.96
C LEU J 137 39.25 -22.60 40.24
N GLY J 138 38.35 -22.16 39.37
CA GLY J 138 36.93 -22.39 39.60
C GLY J 138 36.56 -23.85 39.58
N SER J 139 37.16 -24.63 38.68
CA SER J 139 36.97 -26.06 38.69
C SER J 139 37.63 -26.72 39.88
N ALA J 140 38.65 -26.10 40.47
CA ALA J 140 39.27 -26.66 41.66
C ALA J 140 38.36 -26.52 42.87
N ARG J 141 37.61 -25.43 42.96
CA ARG J 141 36.70 -25.21 44.06
C ARG J 141 35.27 -25.64 43.73
N ALA J 142 35.08 -26.35 42.62
CA ALA J 142 33.79 -26.87 42.21
C ALA J 142 32.76 -25.75 42.11
N ASP J 143 33.04 -24.79 41.23
CA ASP J 143 32.13 -23.69 40.95
C ASP J 143 31.62 -23.84 39.54
N PRO J 144 30.54 -24.58 39.31
CA PRO J 144 30.10 -24.83 37.93
C PRO J 144 29.59 -23.59 37.24
N HIS J 145 28.92 -22.69 37.97
CA HIS J 145 28.39 -21.50 37.32
C HIS J 145 29.50 -20.63 36.76
N LEU J 146 30.61 -20.52 37.48
CA LEU J 146 31.72 -19.71 36.99
C LEU J 146 32.33 -20.32 35.74
N CYS J 147 32.54 -21.64 35.74
CA CYS J 147 33.11 -22.28 34.57
C CYS J 147 32.18 -22.14 33.37
N ASP J 148 30.87 -22.26 33.59
CA ASP J 148 29.94 -22.06 32.49
C ASP J 148 29.98 -20.63 31.98
N PHE J 149 30.01 -19.65 32.89
CA PHE J 149 30.06 -18.25 32.50
C PHE J 149 31.28 -17.98 31.64
N LEU J 150 32.45 -18.45 32.09
CA LEU J 150 33.67 -18.29 31.30
C LEU J 150 33.52 -18.98 29.94
N GLU J 151 33.23 -20.28 29.96
CA GLU J 151 33.12 -21.05 28.71
C GLU J 151 32.19 -20.37 27.73
N SER J 152 31.16 -19.69 28.23
CA SER J 152 30.17 -19.11 27.35
C SER J 152 30.61 -17.77 26.80
N HIS J 153 31.17 -16.91 27.66
CA HIS J 153 31.33 -15.51 27.29
C HIS J 153 32.76 -15.11 26.95
N TYR J 154 33.77 -15.84 27.39
CA TYR J 154 35.14 -15.34 27.26
C TYR J 154 36.03 -16.26 26.46
N LEU J 155 36.02 -17.57 26.73
CA LEU J 155 37.04 -18.44 26.18
C LEU J 155 36.95 -18.52 24.67
N ASP J 156 35.76 -18.78 24.13
CA ASP J 156 35.64 -18.95 22.69
C ASP J 156 35.88 -17.64 21.96
N LYS J 157 35.34 -16.55 22.49
CA LYS J 157 35.64 -15.23 21.93
C LYS J 157 37.13 -15.00 21.88
N GLU J 158 37.85 -15.42 22.92
CA GLU J 158 39.27 -15.13 22.98
C GLU J 158 40.06 -15.96 22.00
N VAL J 159 39.73 -17.25 21.84
CA VAL J 159 40.44 -18.03 20.84
C VAL J 159 40.13 -17.58 19.43
N LYS J 160 38.91 -17.10 19.18
CA LYS J 160 38.61 -16.56 17.86
C LYS J 160 39.36 -15.26 17.60
N LEU J 161 39.47 -14.40 18.62
CA LEU J 161 40.24 -13.18 18.45
C LEU J 161 41.72 -13.46 18.23
N ILE J 162 42.28 -14.42 18.96
CA ILE J 162 43.68 -14.76 18.77
C ILE J 162 43.90 -15.33 17.37
N LYS J 163 42.96 -16.13 16.89
CA LYS J 163 43.06 -16.65 15.54
C LYS J 163 43.04 -15.52 14.52
N LYS J 164 42.14 -14.56 14.70
CA LYS J 164 42.10 -13.42 13.81
C LYS J 164 43.40 -12.63 13.83
N MET J 165 43.97 -12.41 15.00
CA MET J 165 45.24 -11.71 15.12
C MET J 165 46.39 -12.47 14.48
N GLY J 166 46.37 -13.80 14.56
CA GLY J 166 47.40 -14.58 13.90
C GLY J 166 47.29 -14.49 12.39
N ASN J 167 46.06 -14.50 11.90
CA ASN J 167 45.84 -14.26 10.48
C ASN J 167 46.39 -12.91 10.06
N HIS J 168 46.08 -11.87 10.83
CA HIS J 168 46.63 -10.55 10.54
C HIS J 168 48.14 -10.57 10.56
N LEU J 169 48.74 -11.28 11.50
CA LEU J 169 50.18 -11.27 11.63
C LEU J 169 50.84 -11.94 10.43
N THR J 170 50.32 -13.09 10.01
CA THR J 170 50.94 -13.75 8.86
C THR J 170 50.70 -12.96 7.58
N ASN J 171 49.53 -12.34 7.44
CA ASN J 171 49.31 -11.50 6.27
C ASN J 171 50.24 -10.31 6.27
N LEU J 172 50.58 -9.78 7.45
CA LEU J 172 51.51 -8.68 7.54
C LEU J 172 52.94 -9.11 7.24
N ARG J 173 53.35 -10.29 7.69
CA ARG J 173 54.65 -10.82 7.32
C ARG J 173 54.71 -11.20 5.84
N ARG J 174 53.58 -11.45 5.22
CA ARG J 174 53.55 -11.80 3.81
C ARG J 174 53.81 -10.60 2.92
N VAL J 175 53.37 -9.42 3.34
CA VAL J 175 53.48 -8.23 2.52
C VAL J 175 54.65 -7.38 2.97
N ALA J 176 55.45 -7.90 3.89
CA ALA J 176 56.59 -7.16 4.40
C ALA J 176 57.65 -6.97 3.33
N SER J 189 57.24 0.81 2.69
CA SER J 189 56.32 -0.13 3.31
C SER J 189 54.99 -0.13 2.58
N LEU J 190 55.04 -0.32 1.26
CA LEU J 190 53.81 -0.36 0.47
C LEU J 190 52.90 -1.48 0.92
N GLY J 191 53.48 -2.62 1.29
CA GLY J 191 52.65 -3.76 1.66
C GLY J 191 51.82 -3.49 2.90
N GLU J 192 52.35 -2.72 3.84
CA GLU J 192 51.59 -2.41 5.04
C GLU J 192 50.39 -1.54 4.73
N TYR J 193 50.57 -0.54 3.88
CA TYR J 193 49.44 0.26 3.42
C TYR J 193 48.42 -0.59 2.69
N LEU J 194 48.88 -1.45 1.80
CA LEU J 194 47.96 -2.31 1.05
C LEU J 194 47.18 -3.20 2.00
N PHE J 195 47.83 -3.74 3.01
CA PHE J 195 47.14 -4.57 3.99
C PHE J 195 46.07 -3.78 4.72
N GLU J 196 46.45 -2.62 5.25
CA GLU J 196 45.47 -1.79 5.97
C GLU J 196 44.30 -1.43 5.06
N ARG J 197 44.55 -1.28 3.77
CA ARG J 197 43.48 -0.85 2.87
C ARG J 197 42.58 -2.02 2.49
N LEU J 198 43.15 -3.20 2.30
CA LEU J 198 42.38 -4.27 1.69
C LEU J 198 41.80 -5.23 2.71
N THR J 199 42.47 -5.43 3.83
CA THR J 199 41.96 -6.33 4.87
C THR J 199 41.21 -5.55 5.95
N LEU J 200 41.92 -4.63 6.62
CA LEU J 200 41.38 -4.02 7.82
C LEU J 200 40.24 -3.05 7.49
N LYS J 201 40.45 -2.20 6.49
CA LYS J 201 39.40 -1.28 6.10
C LYS J 201 38.19 -2.03 5.55
N HIS J 202 38.43 -3.11 4.81
CA HIS J 202 37.36 -3.88 4.23
C HIS J 202 36.45 -4.48 5.31
N ASP J 203 37.03 -4.87 6.44
CA ASP J 203 36.23 -5.35 7.56
C ASP J 203 35.68 -4.23 8.43
N GLY J 204 36.35 -3.09 8.50
CA GLY J 204 35.79 -1.97 9.21
C GLY J 204 34.53 -1.45 8.55
N ASP J 205 34.47 -1.57 7.22
CA ASP J 205 33.27 -1.17 6.49
C ASP J 205 32.08 -2.05 6.87
N ILE J 206 32.30 -3.35 7.06
CA ILE J 206 31.17 -4.23 7.36
C ILE J 206 30.84 -4.18 8.86
N GLU J 207 31.81 -3.85 9.71
CA GLU J 207 31.48 -3.57 11.10
C GLU J 207 30.48 -2.42 11.18
N SER J 208 30.75 -1.34 10.45
CA SER J 208 29.86 -0.18 10.46
C SER J 208 28.53 -0.50 9.78
N ALA J 209 28.45 -1.65 9.12
CA ALA J 209 27.19 -2.08 8.52
C ALA J 209 26.35 -2.91 9.49
N GLN J 210 26.97 -3.85 10.20
CA GLN J 210 26.21 -4.67 11.15
C GLN J 210 25.99 -3.96 12.46
N SER J 211 26.74 -2.87 12.70
CA SER J 211 26.69 -2.14 13.96
C SER J 211 25.29 -1.61 14.28
N THR K 22 19.62 9.44 -58.72
CA THR K 22 18.38 9.00 -59.34
C THR K 22 17.31 8.73 -58.30
N SER K 23 17.72 8.70 -57.04
CA SER K 23 16.78 8.47 -55.95
C SER K 23 15.82 9.65 -55.82
N GLN K 24 14.59 9.36 -55.40
CA GLN K 24 13.59 10.41 -55.31
C GLN K 24 13.85 11.34 -54.13
N ILE K 25 14.52 10.83 -53.09
CA ILE K 25 14.79 11.62 -51.90
C ILE K 25 16.20 12.17 -51.86
N ARG K 26 17.04 11.80 -52.82
CA ARG K 26 18.41 12.28 -52.85
C ARG K 26 18.42 13.77 -53.10
N GLN K 27 18.95 14.53 -52.16
CA GLN K 27 19.03 15.98 -52.29
C GLN K 27 20.28 16.49 -51.59
N ASN K 28 21.12 17.21 -52.33
CA ASN K 28 22.35 17.78 -51.79
C ASN K 28 23.20 16.71 -51.13
N TYR K 29 23.41 15.60 -51.84
CA TYR K 29 24.20 14.50 -51.33
C TYR K 29 25.16 14.08 -52.43
N SER K 30 26.34 14.68 -52.44
CA SER K 30 27.31 14.44 -53.48
C SER K 30 27.76 12.98 -53.48
N THR K 31 28.15 12.50 -54.66
CA THR K 31 28.63 11.13 -54.76
C THR K 31 29.97 10.96 -54.07
N GLU K 32 30.76 12.04 -53.99
CA GLU K 32 32.04 11.95 -53.30
C GLU K 32 31.84 11.69 -51.81
N VAL K 33 30.81 12.32 -51.22
CA VAL K 33 30.45 12.01 -49.85
C VAL K 33 29.85 10.61 -49.71
N GLU K 34 28.97 10.22 -50.62
CA GLU K 34 28.38 8.89 -50.58
C GLU K 34 29.44 7.80 -50.65
N ALA K 35 30.49 7.99 -51.43
CA ALA K 35 31.57 7.04 -51.50
C ALA K 35 32.51 7.15 -50.30
N ALA K 36 32.77 8.35 -49.81
CA ALA K 36 33.59 8.51 -48.61
C ALA K 36 32.91 7.94 -47.38
N VAL K 37 31.58 7.92 -47.35
CA VAL K 37 30.88 7.27 -46.25
C VAL K 37 31.02 5.76 -46.32
N ASN K 38 30.85 5.16 -47.49
CA ASN K 38 31.02 3.73 -47.64
C ASN K 38 32.40 3.25 -47.22
N ARG K 39 33.44 4.05 -47.43
CA ARG K 39 34.76 3.70 -46.93
C ARG K 39 34.90 3.93 -45.45
N LEU K 40 33.96 4.64 -44.83
CA LEU K 40 33.99 4.87 -43.40
C LEU K 40 33.23 3.78 -42.64
N VAL K 41 32.21 3.19 -43.23
CA VAL K 41 31.54 2.06 -42.59
C VAL K 41 32.46 0.85 -42.60
N ASN K 42 33.20 0.65 -43.68
CA ASN K 42 34.17 -0.43 -43.71
C ASN K 42 35.26 -0.21 -42.68
N LEU K 43 35.65 1.05 -42.47
CA LEU K 43 36.62 1.33 -41.42
C LEU K 43 36.06 1.01 -40.04
N HIS K 44 34.82 1.41 -39.78
CA HIS K 44 34.21 1.11 -38.50
C HIS K 44 34.05 -0.39 -38.31
N LEU K 45 33.68 -1.12 -39.36
CA LEU K 45 33.54 -2.56 -39.25
C LEU K 45 34.89 -3.22 -38.99
N ARG K 46 35.93 -2.78 -39.69
CA ARG K 46 37.25 -3.35 -39.46
C ARG K 46 37.74 -3.04 -38.07
N ALA K 47 37.43 -1.85 -37.56
CA ALA K 47 37.79 -1.48 -36.20
C ALA K 47 37.01 -2.25 -35.17
N SER K 48 35.79 -2.64 -35.46
CA SER K 48 35.02 -3.50 -34.59
C SER K 48 35.50 -4.94 -34.65
N TYR K 49 36.00 -5.36 -35.81
CA TYR K 49 36.65 -6.65 -35.93
C TYR K 49 37.95 -6.73 -35.14
N THR K 50 38.76 -5.69 -35.17
CA THR K 50 39.99 -5.69 -34.38
C THR K 50 39.68 -5.73 -32.90
N TYR K 51 38.71 -4.92 -32.45
CA TYR K 51 38.34 -4.94 -31.05
C TYR K 51 37.74 -6.28 -30.66
N LEU K 52 37.03 -6.93 -31.57
CA LEU K 52 36.55 -8.28 -31.28
C LEU K 52 37.71 -9.24 -31.10
N SER K 53 38.76 -9.10 -31.90
CA SER K 53 39.92 -9.95 -31.74
C SER K 53 40.63 -9.68 -30.43
N LEU K 54 40.72 -8.41 -30.04
CA LEU K 54 41.36 -8.06 -28.78
C LEU K 54 40.56 -8.57 -27.60
N GLY K 55 39.24 -8.40 -27.62
CA GLY K 55 38.42 -8.83 -26.51
C GLY K 55 38.43 -10.32 -26.30
N PHE K 56 38.70 -11.09 -27.35
CA PHE K 56 38.79 -12.54 -27.23
C PHE K 56 40.23 -13.01 -27.11
N PHE K 57 41.19 -12.08 -27.09
CA PHE K 57 42.55 -12.41 -26.77
C PHE K 57 42.86 -12.30 -25.30
N PHE K 58 42.22 -11.36 -24.61
CA PHE K 58 42.45 -11.16 -23.19
C PHE K 58 41.56 -12.03 -22.32
N ASP K 59 40.69 -12.84 -22.91
CA ASP K 59 40.04 -13.90 -22.19
C ASP K 59 40.65 -15.26 -22.46
N ARG K 60 41.75 -15.31 -23.21
CA ARG K 60 42.46 -16.57 -23.38
C ARG K 60 42.94 -17.07 -22.03
N ASP K 61 43.08 -18.39 -21.93
CA ASP K 61 43.45 -18.98 -20.65
C ASP K 61 44.81 -18.51 -20.16
N ASP K 62 45.70 -18.14 -21.08
CA ASP K 62 47.07 -17.80 -20.73
C ASP K 62 47.29 -16.30 -20.62
N VAL K 63 46.23 -15.50 -20.70
CA VAL K 63 46.28 -14.08 -20.40
C VAL K 63 45.33 -13.72 -19.26
N ALA K 64 44.05 -14.06 -19.40
CA ALA K 64 43.08 -14.01 -18.32
C ALA K 64 42.95 -12.62 -17.72
N LEU K 65 43.08 -11.59 -18.55
CA LEU K 65 42.81 -10.22 -18.13
C LEU K 65 41.38 -9.93 -18.54
N GLU K 66 40.44 -10.54 -17.81
CA GLU K 66 39.04 -10.50 -18.22
C GLU K 66 38.48 -9.08 -18.18
N GLY K 67 39.05 -8.21 -17.34
CA GLY K 67 38.64 -6.83 -17.37
C GLY K 67 38.96 -6.16 -18.69
N VAL K 68 40.19 -6.34 -19.18
CA VAL K 68 40.56 -5.81 -20.49
C VAL K 68 39.73 -6.46 -21.57
N GLY K 69 39.49 -7.76 -21.46
CA GLY K 69 38.64 -8.44 -22.42
C GLY K 69 37.28 -7.80 -22.52
N HIS K 70 36.61 -7.61 -21.40
CA HIS K 70 35.30 -6.97 -21.40
C HIS K 70 35.36 -5.53 -21.88
N PHE K 71 36.42 -4.80 -21.57
CA PHE K 71 36.55 -3.45 -22.07
C PHE K 71 36.55 -3.43 -23.59
N PHE K 72 37.40 -4.25 -24.20
CA PHE K 72 37.45 -4.28 -25.66
C PHE K 72 36.18 -4.86 -26.25
N ARG K 73 35.51 -5.76 -25.53
CA ARG K 73 34.26 -6.31 -26.02
C ARG K 73 33.18 -5.24 -26.10
N GLU K 74 32.93 -4.54 -25.00
CA GLU K 74 31.94 -3.47 -25.04
C GLU K 74 32.42 -2.27 -25.85
N LEU K 75 33.68 -2.27 -26.30
CA LEU K 75 34.13 -1.32 -27.30
C LEU K 75 33.77 -1.72 -28.72
N ALA K 76 33.90 -3.01 -29.04
CA ALA K 76 33.45 -3.49 -30.34
C ALA K 76 31.96 -3.30 -30.55
N GLU K 77 31.16 -3.51 -29.49
CA GLU K 77 29.74 -3.17 -29.56
C GLU K 77 29.54 -1.75 -30.07
N GLU K 78 30.24 -0.79 -29.47
CA GLU K 78 30.02 0.60 -29.81
C GLU K 78 30.54 0.92 -31.20
N LYS K 79 31.67 0.34 -31.59
CA LYS K 79 32.17 0.59 -32.93
C LYS K 79 31.22 0.05 -33.99
N ARG K 80 30.69 -1.15 -33.78
CA ARG K 80 29.73 -1.69 -34.74
C ARG K 80 28.47 -0.85 -34.77
N GLU K 81 27.97 -0.45 -33.61
CA GLU K 81 26.83 0.47 -33.59
C GLU K 81 27.11 1.74 -34.36
N GLY K 82 28.35 2.24 -34.28
CA GLY K 82 28.70 3.41 -35.06
C GLY K 82 28.73 3.11 -36.55
N ALA K 83 28.91 1.85 -36.92
CA ALA K 83 28.87 1.46 -38.32
C ALA K 83 27.45 1.41 -38.86
N GLU K 84 26.49 0.86 -38.12
CA GLU K 84 25.12 0.79 -38.61
C GLU K 84 24.40 2.12 -38.48
N ARG K 85 24.90 3.03 -37.68
CA ARG K 85 24.36 4.38 -37.65
C ARG K 85 24.82 5.20 -38.84
N LEU K 86 25.96 4.86 -39.43
CA LEU K 86 26.37 5.45 -40.68
C LEU K 86 25.66 4.85 -41.88
N LEU K 87 25.24 3.60 -41.80
CA LEU K 87 24.49 2.99 -42.87
C LEU K 87 23.06 3.49 -42.94
N GLU K 88 22.40 3.68 -41.80
CA GLU K 88 21.07 4.25 -41.83
C GLU K 88 21.07 5.72 -42.20
N PHE K 89 22.18 6.42 -41.97
CA PHE K 89 22.34 7.74 -42.54
C PHE K 89 22.53 7.71 -44.04
N GLN K 90 23.22 6.69 -44.56
CA GLN K 90 23.33 6.52 -46.00
C GLN K 90 21.96 6.32 -46.63
N ASN K 91 21.05 5.65 -45.93
CA ASN K 91 19.72 5.42 -46.47
C ASN K 91 18.87 6.67 -46.37
N ASP K 92 18.97 7.38 -45.24
CA ASP K 92 18.19 8.60 -45.07
C ASP K 92 18.51 9.63 -46.13
N ARG K 93 19.78 9.74 -46.51
CA ARG K 93 20.17 10.70 -47.53
C ARG K 93 19.97 10.17 -48.93
N GLY K 94 19.57 8.92 -49.09
CA GLY K 94 19.32 8.37 -50.40
C GLY K 94 20.50 7.74 -51.07
N GLY K 95 21.58 7.48 -50.35
CA GLY K 95 22.73 6.81 -50.93
C GLY K 95 22.54 5.32 -51.02
N ARG K 96 23.52 4.67 -51.64
CA ARG K 96 23.53 3.23 -51.80
C ARG K 96 24.70 2.64 -51.03
N ALA K 97 24.41 1.78 -50.07
CA ALA K 97 25.44 1.17 -49.26
C ALA K 97 26.17 0.10 -50.05
N LEU K 98 27.48 0.26 -50.20
CA LEU K 98 28.33 -0.68 -50.92
C LEU K 98 29.28 -1.31 -49.91
N PHE K 99 29.11 -2.60 -49.66
CA PHE K 99 29.95 -3.27 -48.68
C PHE K 99 31.20 -3.82 -49.33
N GLN K 100 32.26 -3.92 -48.53
CA GLN K 100 33.54 -4.42 -48.98
C GLN K 100 34.02 -5.48 -47.98
N ASP K 101 35.09 -6.17 -48.35
CA ASP K 101 35.63 -7.21 -47.49
C ASP K 101 36.21 -6.58 -46.23
N VAL K 102 35.69 -6.97 -45.08
CA VAL K 102 36.26 -6.53 -43.82
C VAL K 102 37.61 -7.22 -43.63
N GLN K 103 38.68 -6.48 -43.80
CA GLN K 103 40.01 -7.06 -43.71
C GLN K 103 40.29 -7.47 -42.27
N LYS K 104 40.97 -8.60 -42.12
CA LYS K 104 41.23 -9.19 -40.82
C LYS K 104 42.10 -8.27 -39.98
N PRO K 105 42.07 -8.42 -38.66
CA PRO K 105 42.87 -7.55 -37.79
C PRO K 105 44.36 -7.66 -38.10
N SER K 106 45.12 -6.69 -37.60
CA SER K 106 46.53 -6.62 -37.93
C SER K 106 47.31 -7.76 -37.28
N GLN K 107 47.01 -8.07 -36.02
CA GLN K 107 47.75 -9.07 -35.27
C GLN K 107 46.81 -10.13 -34.74
N ASP K 108 47.38 -11.28 -34.40
CA ASP K 108 46.66 -12.29 -33.64
C ASP K 108 47.19 -12.41 -32.22
N GLU K 109 48.41 -11.96 -31.98
CA GLU K 109 48.96 -11.87 -30.64
C GLU K 109 49.19 -10.40 -30.36
N TRP K 110 48.63 -9.91 -29.25
CA TRP K 110 48.75 -8.48 -28.97
C TRP K 110 49.78 -8.22 -27.88
N GLY K 111 50.07 -9.22 -27.05
CA GLY K 111 51.08 -9.09 -26.03
C GLY K 111 50.52 -8.53 -24.74
N LYS K 112 51.37 -7.80 -24.03
CA LYS K 112 50.96 -7.17 -22.79
C LYS K 112 49.87 -6.15 -23.05
N THR K 113 49.07 -5.87 -22.02
CA THR K 113 47.93 -4.98 -22.17
C THR K 113 48.37 -3.60 -22.64
N GLN K 114 49.58 -3.18 -22.29
CA GLN K 114 50.05 -1.87 -22.73
C GLN K 114 50.26 -1.85 -24.23
N GLU K 115 50.99 -2.81 -24.77
CA GLU K 115 51.23 -2.88 -26.20
C GLU K 115 49.96 -3.13 -26.99
N ALA K 116 48.88 -3.55 -26.32
CA ALA K 116 47.60 -3.71 -26.99
C ALA K 116 46.79 -2.43 -26.95
N MET K 117 46.82 -1.70 -25.84
CA MET K 117 46.10 -0.44 -25.76
C MET K 117 46.75 0.66 -26.58
N GLU K 118 48.03 0.53 -26.94
CA GLU K 118 48.63 1.43 -27.90
C GLU K 118 48.26 1.08 -29.33
N ALA K 119 48.03 -0.19 -29.62
CA ALA K 119 47.52 -0.60 -30.92
C ALA K 119 46.04 -0.36 -31.05
N ALA K 120 45.35 -0.11 -29.93
CA ALA K 120 43.94 0.25 -29.96
C ALA K 120 43.74 1.75 -29.94
N LEU K 121 44.70 2.51 -29.43
CA LEU K 121 44.65 3.96 -29.52
C LEU K 121 45.14 4.46 -30.87
N ALA K 122 46.19 3.89 -31.43
CA ALA K 122 46.62 4.22 -32.77
C ALA K 122 45.56 3.87 -33.81
N MET K 123 44.63 2.99 -33.48
CA MET K 123 43.51 2.71 -34.37
C MET K 123 42.36 3.67 -34.20
N GLU K 124 42.18 4.23 -33.00
CA GLU K 124 41.19 5.28 -32.81
C GLU K 124 41.63 6.58 -33.44
N LYS K 125 42.84 7.04 -33.14
CA LYS K 125 43.38 8.24 -33.74
C LYS K 125 43.45 8.16 -35.25
N ASN K 126 43.46 6.96 -35.80
CA ASN K 126 43.37 6.77 -37.24
C ASN K 126 41.93 6.72 -37.73
N LEU K 127 41.02 6.13 -36.94
CA LEU K 127 39.61 6.21 -37.24
C LEU K 127 39.03 7.59 -37.04
N ASN K 128 39.53 8.33 -36.05
CA ASN K 128 39.11 9.71 -35.88
C ASN K 128 39.62 10.62 -36.99
N GLN K 129 40.79 10.32 -37.55
CA GLN K 129 41.28 11.10 -38.68
C GLN K 129 40.38 10.93 -39.88
N ALA K 130 39.85 9.72 -40.09
CA ALA K 130 38.95 9.50 -41.21
C ALA K 130 37.66 10.29 -41.04
N LEU K 131 37.16 10.37 -39.80
CA LEU K 131 35.98 11.18 -39.55
C LEU K 131 36.24 12.66 -39.84
N LEU K 132 37.40 13.16 -39.44
CA LEU K 132 37.74 14.53 -39.74
C LEU K 132 37.91 14.80 -41.22
N ASP K 133 38.46 13.86 -41.97
CA ASP K 133 38.51 14.00 -43.41
C ASP K 133 37.14 13.96 -44.04
N LEU K 134 36.23 13.13 -43.52
CA LEU K 134 34.87 13.14 -44.01
C LEU K 134 34.19 14.47 -43.73
N HIS K 135 34.39 15.01 -42.53
CA HIS K 135 33.81 16.31 -42.21
C HIS K 135 34.42 17.43 -43.03
N ALA K 136 35.70 17.33 -43.38
CA ALA K 136 36.30 18.31 -44.27
C ALA K 136 35.75 18.21 -45.68
N LEU K 137 35.56 16.99 -46.18
CA LEU K 137 34.95 16.80 -47.48
C LEU K 137 33.51 17.31 -47.49
N GLY K 138 32.73 17.00 -46.45
CA GLY K 138 31.36 17.44 -46.42
C GLY K 138 31.21 18.94 -46.34
N SER K 139 32.09 19.59 -45.59
CA SER K 139 32.10 21.05 -45.58
C SER K 139 32.62 21.62 -46.89
N ALA K 140 33.39 20.86 -47.66
CA ALA K 140 33.85 21.34 -48.95
C ALA K 140 32.72 21.34 -49.96
N ARG K 141 31.82 20.37 -49.89
CA ARG K 141 30.69 20.31 -50.80
C ARG K 141 29.43 20.94 -50.21
N ALA K 142 29.57 21.66 -49.10
CA ALA K 142 28.46 22.36 -48.45
C ALA K 142 27.31 21.41 -48.14
N ASP K 143 27.62 20.40 -47.32
CA ASP K 143 26.62 19.45 -46.85
C ASP K 143 26.42 19.65 -45.36
N PRO K 144 25.53 20.55 -44.95
CA PRO K 144 25.40 20.83 -43.51
C PRO K 144 24.85 19.68 -42.72
N HIS K 145 23.93 18.89 -43.28
CA HIS K 145 23.37 17.80 -42.52
C HIS K 145 24.42 16.76 -42.18
N LEU K 146 25.34 16.49 -43.10
CA LEU K 146 26.40 15.53 -42.81
C LEU K 146 27.32 16.03 -41.71
N CYS K 147 27.71 17.30 -41.77
CA CYS K 147 28.58 17.84 -40.74
C CYS K 147 27.90 17.83 -39.39
N ASP K 148 26.60 18.14 -39.36
CA ASP K 148 25.87 18.06 -38.10
C ASP K 148 25.80 16.64 -37.58
N PHE K 149 25.51 15.67 -38.46
CA PHE K 149 25.44 14.28 -38.06
C PHE K 149 26.74 13.82 -37.45
N LEU K 150 27.86 14.12 -38.11
CA LEU K 150 29.16 13.78 -37.56
C LEU K 150 29.39 14.46 -36.23
N GLU K 151 29.29 15.79 -36.20
CA GLU K 151 29.54 16.54 -34.98
C GLU K 151 28.72 16.01 -33.82
N SER K 152 27.53 15.50 -34.10
CA SER K 152 26.64 15.07 -33.04
C SER K 152 26.98 13.65 -32.56
N HIS K 153 27.24 12.74 -33.49
CA HIS K 153 27.26 11.33 -33.13
C HIS K 153 28.65 10.71 -33.06
N TYR K 154 29.65 11.29 -33.71
CA TYR K 154 30.93 10.60 -33.84
C TYR K 154 32.09 11.37 -33.22
N LEU K 155 32.22 12.66 -33.53
CA LEU K 155 33.44 13.37 -33.19
C LEU K 155 33.65 13.45 -31.69
N ASP K 156 32.64 13.88 -30.94
CA ASP K 156 32.82 14.05 -29.51
C ASP K 156 33.01 12.70 -28.82
N LYS K 157 32.21 11.71 -29.20
CA LYS K 157 32.42 10.36 -28.69
C LYS K 157 33.84 9.90 -28.92
N GLU K 158 34.41 10.23 -30.08
CA GLU K 158 35.73 9.73 -30.41
C GLU K 158 36.81 10.44 -29.61
N VAL K 159 36.70 11.75 -29.41
CA VAL K 159 37.70 12.41 -28.59
C VAL K 159 37.60 11.99 -27.14
N LYS K 160 36.40 11.70 -26.65
CA LYS K 160 36.28 11.19 -25.28
C LYS K 160 36.87 9.80 -25.16
N LEU K 161 36.65 8.93 -26.15
CA LEU K 161 37.25 7.61 -26.12
C LEU K 161 38.76 7.66 -26.19
N ILE K 162 39.31 8.54 -27.03
CA ILE K 162 40.75 8.67 -27.11
C ILE K 162 41.31 9.19 -25.78
N LYS K 163 40.62 10.12 -25.15
CA LYS K 163 41.05 10.60 -23.84
C LYS K 163 41.06 9.47 -22.83
N LYS K 164 40.01 8.66 -22.83
CA LYS K 164 39.97 7.52 -21.92
C LYS K 164 41.12 6.55 -22.17
N MET K 165 41.42 6.27 -23.43
CA MET K 165 42.52 5.39 -23.76
C MET K 165 43.87 5.97 -23.37
N GLY K 166 44.04 7.28 -23.46
CA GLY K 166 45.27 7.90 -23.04
C GLY K 166 45.43 7.80 -21.54
N ASN K 167 44.33 7.99 -20.82
CA ASN K 167 44.36 7.78 -19.37
C ASN K 167 44.79 6.35 -19.05
N HIS K 168 44.18 5.37 -19.72
CA HIS K 168 44.57 3.98 -19.51
C HIS K 168 46.04 3.78 -19.82
N LEU K 169 46.53 4.42 -20.88
CA LEU K 169 47.92 4.20 -21.27
C LEU K 169 48.89 4.74 -20.24
N THR K 170 48.64 5.95 -19.74
CA THR K 170 49.55 6.49 -18.74
C THR K 170 49.44 5.75 -17.42
N ASN K 171 48.24 5.30 -17.06
CA ASN K 171 48.13 4.49 -15.85
C ASN K 171 48.86 3.17 -16.01
N LEU K 172 48.88 2.62 -17.22
CA LEU K 172 49.62 1.38 -17.47
C LEU K 172 51.11 1.60 -17.46
N ARG K 173 51.60 2.71 -17.99
CA ARG K 173 53.01 3.04 -17.88
C ARG K 173 53.41 3.39 -16.46
N ARG K 174 52.46 3.80 -15.64
CA ARG K 174 52.76 4.14 -14.26
C ARG K 174 53.01 2.90 -13.40
N VAL K 175 52.32 1.80 -13.71
CA VAL K 175 52.41 0.59 -12.90
C VAL K 175 53.34 -0.42 -13.56
N ALA K 176 54.02 0.00 -14.62
CA ALA K 176 54.91 -0.91 -15.33
C ALA K 176 56.12 -1.24 -14.48
N SER K 189 54.71 -8.90 -13.63
CA SER K 189 53.83 -7.82 -14.07
C SER K 189 52.68 -7.63 -13.11
N LEU K 190 53.00 -7.47 -11.83
CA LEU K 190 51.97 -7.26 -10.82
C LEU K 190 51.17 -6.00 -11.11
N GLY K 191 51.83 -4.96 -11.59
CA GLY K 191 51.13 -3.71 -11.84
C GLY K 191 50.03 -3.83 -12.87
N GLU K 192 50.25 -4.67 -13.89
CA GLU K 192 49.24 -4.84 -14.92
C GLU K 192 48.01 -5.54 -14.37
N TYR K 193 48.21 -6.56 -13.54
CA TYR K 193 47.08 -7.20 -12.87
C TYR K 193 46.35 -6.21 -11.97
N LEU K 194 47.10 -5.43 -11.20
CA LEU K 194 46.47 -4.46 -10.31
C LEU K 194 45.66 -3.44 -11.10
N PHE K 195 46.18 -3.00 -12.24
CA PHE K 195 45.44 -2.07 -13.07
C PHE K 195 44.16 -2.69 -13.58
N GLU K 196 44.25 -3.89 -14.16
CA GLU K 196 43.04 -4.56 -14.65
C GLU K 196 42.02 -4.74 -13.55
N ARG K 197 42.48 -4.95 -12.31
CA ARG K 197 41.56 -5.22 -11.22
C ARG K 197 40.92 -3.93 -10.70
N LEU K 198 41.69 -2.85 -10.63
CA LEU K 198 41.22 -1.69 -9.90
C LEU K 198 40.61 -0.64 -10.82
N THR K 199 41.07 -0.54 -12.05
CA THR K 199 40.51 0.44 -13.00
C THR K 199 39.46 -0.20 -13.89
N LEU K 200 39.88 -1.21 -14.67
CA LEU K 200 39.03 -1.72 -15.73
C LEU K 200 37.87 -2.52 -15.18
N LYS K 201 38.13 -3.40 -14.21
CA LYS K 201 37.04 -4.16 -13.61
C LYS K 201 36.09 -3.26 -12.86
N HIS K 202 36.63 -2.23 -12.20
CA HIS K 202 35.79 -1.30 -11.44
C HIS K 202 34.81 -0.58 -12.34
N ASP K 203 35.20 -0.27 -13.57
CA ASP K 203 34.29 0.34 -14.52
C ASP K 203 33.42 -0.66 -15.25
N GLY K 204 33.90 -1.90 -15.43
CA GLY K 204 33.04 -2.92 -16.00
C GLY K 204 31.88 -3.25 -15.09
N ASP K 205 32.09 -3.14 -13.78
CA ASP K 205 31.00 -3.36 -12.84
C ASP K 205 29.91 -2.31 -13.01
N ILE K 206 30.27 -1.06 -13.25
CA ILE K 206 29.25 -0.02 -13.35
C ILE K 206 28.63 0.00 -14.74
N GLU K 207 29.36 -0.47 -15.76
CA GLU K 207 28.74 -0.68 -17.06
C GLU K 207 27.58 -1.67 -16.93
N SER K 208 27.83 -2.78 -16.25
CA SER K 208 26.79 -3.79 -16.06
C SER K 208 25.69 -3.29 -15.15
N ALA K 209 25.89 -2.15 -14.51
CA ALA K 209 24.85 -1.54 -13.69
C ALA K 209 23.97 -0.59 -14.49
N GLN K 210 24.57 0.26 -15.33
CA GLN K 210 23.78 1.20 -16.12
C GLN K 210 23.21 0.52 -17.36
N SER K 211 23.73 -0.65 -17.72
CA SER K 211 23.33 -1.35 -18.94
C SER K 211 21.84 -1.66 -18.98
N THR L 22 50.10 -26.82 -26.62
CA THR L 22 51.05 -26.32 -25.64
C THR L 22 50.33 -25.60 -24.51
N SER L 23 49.04 -25.35 -24.70
CA SER L 23 48.24 -24.70 -23.67
C SER L 23 48.09 -25.60 -22.46
N GLN L 24 48.01 -24.98 -21.28
CA GLN L 24 47.92 -25.77 -20.06
C GLN L 24 46.56 -26.41 -19.89
N ILE L 25 45.52 -25.82 -20.49
CA ILE L 25 44.17 -26.33 -20.35
C ILE L 25 43.73 -27.13 -21.57
N ARG L 26 44.54 -27.17 -22.61
CA ARG L 26 44.19 -27.91 -23.82
C ARG L 26 44.14 -29.40 -23.51
N GLN L 27 42.96 -30.00 -23.68
CA GLN L 27 42.81 -31.42 -23.44
C GLN L 27 41.77 -31.99 -24.39
N ASN L 28 42.16 -33.01 -25.14
CA ASN L 28 41.27 -33.68 -26.09
C ASN L 28 40.67 -32.67 -27.07
N TYR L 29 41.52 -31.83 -27.63
CA TYR L 29 41.07 -30.80 -28.57
C TYR L 29 42.00 -30.85 -29.78
N SER L 30 41.64 -31.66 -30.76
CA SER L 30 42.48 -31.88 -31.92
C SER L 30 42.66 -30.58 -32.71
N THR L 31 43.81 -30.47 -33.38
CA THR L 31 44.07 -29.29 -34.19
C THR L 31 43.15 -29.23 -35.40
N GLU L 32 42.70 -30.38 -35.88
CA GLU L 32 41.78 -30.40 -37.00
C GLU L 32 40.46 -29.76 -36.63
N VAL L 33 39.98 -30.01 -35.41
CA VAL L 33 38.80 -29.32 -34.91
C VAL L 33 39.06 -27.85 -34.65
N GLU L 34 40.21 -27.51 -34.04
CA GLU L 34 40.55 -26.13 -33.80
C GLU L 34 40.60 -25.30 -35.07
N ALA L 35 41.09 -25.89 -36.17
CA ALA L 35 41.09 -25.21 -37.45
C ALA L 35 39.74 -25.21 -38.12
N ALA L 36 38.98 -26.29 -38.00
CA ALA L 36 37.63 -26.32 -38.54
C ALA L 36 36.70 -25.36 -37.83
N VAL L 37 36.95 -25.07 -36.56
CA VAL L 37 36.17 -24.06 -35.87
C VAL L 37 36.50 -22.66 -36.37
N ASN L 38 37.78 -22.34 -36.55
CA ASN L 38 38.16 -21.04 -37.08
C ASN L 38 37.56 -20.76 -38.44
N ARG L 39 37.39 -21.78 -39.28
CA ARG L 39 36.69 -21.58 -40.54
C ARG L 39 35.20 -21.48 -40.37
N LEU L 40 34.67 -21.83 -39.21
CA LEU L 40 33.26 -21.71 -38.95
C LEU L 40 32.89 -20.35 -38.36
N VAL L 41 33.79 -19.72 -37.62
CA VAL L 41 33.53 -18.37 -37.15
C VAL L 41 33.59 -17.40 -38.31
N ASN L 42 34.51 -17.61 -39.25
CA ASN L 42 34.53 -16.78 -40.43
C ASN L 42 33.28 -16.97 -41.26
N LEU L 43 32.74 -18.18 -41.31
CA LEU L 43 31.47 -18.40 -41.99
C LEU L 43 30.34 -17.66 -41.31
N HIS L 44 30.28 -17.73 -39.98
CA HIS L 44 29.23 -17.03 -39.26
C HIS L 44 29.37 -15.52 -39.43
N LEU L 45 30.60 -15.01 -39.42
CA LEU L 45 30.79 -13.58 -39.61
C LEU L 45 30.39 -13.16 -41.02
N ARG L 46 30.76 -13.95 -42.03
CA ARG L 46 30.37 -13.61 -43.39
C ARG L 46 28.86 -13.68 -43.56
N ALA L 47 28.22 -14.63 -42.90
CA ALA L 47 26.76 -14.74 -42.92
C ALA L 47 26.09 -13.59 -42.20
N SER L 48 26.72 -13.06 -41.16
CA SER L 48 26.20 -11.88 -40.49
C SER L 48 26.44 -10.62 -41.31
N TYR L 49 27.52 -10.59 -42.08
CA TYR L 49 27.75 -9.52 -43.03
C TYR L 49 26.73 -9.51 -44.15
N THR L 50 26.39 -10.67 -44.69
CA THR L 50 25.37 -10.72 -45.73
C THR L 50 24.02 -10.29 -45.20
N TYR L 51 23.65 -10.75 -44.01
CA TYR L 51 22.38 -10.34 -43.43
C TYR L 51 22.39 -8.85 -43.12
N LEU L 52 23.54 -8.31 -42.74
CA LEU L 52 23.63 -6.86 -42.56
C LEU L 52 23.39 -6.13 -43.86
N SER L 53 23.92 -6.67 -44.97
CA SER L 53 23.68 -6.04 -46.26
C SER L 53 22.22 -6.13 -46.65
N LEU L 54 21.58 -7.27 -46.37
CA LEU L 54 20.18 -7.42 -46.69
C LEU L 54 19.31 -6.50 -45.86
N GLY L 55 19.58 -6.41 -44.56
CA GLY L 55 18.77 -5.58 -43.70
C GLY L 55 18.85 -4.11 -44.02
N PHE L 56 19.95 -3.68 -44.64
CA PHE L 56 20.09 -2.29 -45.06
C PHE L 56 19.77 -2.11 -46.53
N PHE L 57 19.37 -3.17 -47.21
CA PHE L 57 18.83 -3.05 -48.55
C PHE L 57 17.33 -2.87 -48.57
N PHE L 58 16.62 -3.48 -47.62
CA PHE L 58 15.17 -3.38 -47.56
C PHE L 58 14.70 -2.17 -46.78
N ASP L 59 15.62 -1.38 -46.23
CA ASP L 59 15.26 -0.05 -45.75
C ASP L 59 15.66 1.05 -46.71
N ARG L 60 16.15 0.71 -47.89
CA ARG L 60 16.40 1.72 -48.90
C ARG L 60 15.11 2.42 -49.26
N ASP L 61 15.22 3.68 -49.69
CA ASP L 61 14.03 4.47 -49.97
C ASP L 61 13.20 3.86 -51.08
N ASP L 62 13.82 3.12 -51.99
CA ASP L 62 13.12 2.61 -53.17
C ASP L 62 12.68 1.16 -53.00
N VAL L 63 12.82 0.60 -51.80
CA VAL L 63 12.26 -0.70 -51.46
C VAL L 63 11.30 -0.59 -50.29
N ALA L 64 11.77 -0.04 -49.17
CA ALA L 64 10.93 0.35 -48.06
C ALA L 64 10.12 -0.81 -47.50
N LEU L 65 10.69 -2.00 -47.51
CA LEU L 65 10.08 -3.15 -46.85
C LEU L 65 10.71 -3.24 -45.48
N GLU L 66 10.33 -2.31 -44.61
CA GLU L 66 11.01 -2.16 -43.33
C GLU L 66 10.82 -3.39 -42.44
N GLY L 67 9.73 -4.13 -42.64
CA GLY L 67 9.58 -5.39 -41.92
C GLY L 67 10.65 -6.39 -42.30
N VAL L 68 10.89 -6.58 -43.60
CA VAL L 68 11.95 -7.46 -44.04
C VAL L 68 13.31 -6.94 -43.57
N GLY L 69 13.49 -5.62 -43.63
CA GLY L 69 14.73 -5.05 -43.15
C GLY L 69 15.00 -5.40 -41.70
N HIS L 70 14.02 -5.18 -40.83
CA HIS L 70 14.18 -5.54 -39.43
C HIS L 70 14.35 -7.02 -39.22
N PHE L 71 13.68 -7.86 -40.00
CA PHE L 71 13.88 -9.29 -39.89
C PHE L 71 15.33 -9.66 -40.12
N PHE L 72 15.89 -9.19 -41.24
CA PHE L 72 17.29 -9.52 -41.54
C PHE L 72 18.23 -8.86 -40.55
N ARG L 73 17.85 -7.70 -40.02
CA ARG L 73 18.70 -7.05 -39.03
C ARG L 73 18.80 -7.87 -37.75
N GLU L 74 17.66 -8.23 -37.16
CA GLU L 74 17.70 -9.06 -35.97
C GLU L 74 18.15 -10.48 -36.28
N LEU L 75 18.32 -10.83 -37.55
CA LEU L 75 18.99 -12.06 -37.91
C LEU L 75 20.50 -11.93 -37.90
N ALA L 76 21.03 -10.82 -38.38
CA ALA L 76 22.46 -10.57 -38.29
C ALA L 76 22.94 -10.51 -36.85
N GLU L 77 22.14 -9.92 -35.97
CA GLU L 77 22.45 -9.96 -34.54
C GLU L 77 22.71 -11.39 -34.09
N GLU L 78 21.79 -12.30 -34.43
CA GLU L 78 21.89 -13.67 -33.94
C GLU L 78 23.05 -14.41 -34.58
N LYS L 79 23.30 -14.17 -35.88
CA LYS L 79 24.44 -14.82 -36.51
C LYS L 79 25.75 -14.36 -35.90
N ARG L 80 25.90 -13.07 -35.66
CA ARG L 80 27.12 -12.59 -35.02
C ARG L 80 27.26 -13.15 -33.62
N GLU L 81 26.17 -13.17 -32.84
CA GLU L 81 26.22 -13.80 -31.53
C GLU L 81 26.65 -15.25 -31.63
N GLY L 82 26.23 -15.96 -32.67
CA GLY L 82 26.67 -17.31 -32.87
C GLY L 82 28.15 -17.39 -33.20
N ALA L 83 28.69 -16.31 -33.75
CA ALA L 83 30.12 -16.27 -34.03
C ALA L 83 30.96 -16.06 -32.77
N GLU L 84 30.56 -15.17 -31.87
CA GLU L 84 31.33 -14.95 -30.65
C GLU L 84 31.11 -16.03 -29.61
N ARG L 85 30.05 -16.83 -29.75
CA ARG L 85 29.88 -17.99 -28.91
C ARG L 85 30.76 -19.15 -29.35
N LEU L 86 31.16 -19.18 -30.62
CA LEU L 86 32.16 -20.13 -31.08
C LEU L 86 33.57 -19.69 -30.73
N LEU L 87 33.82 -18.40 -30.62
CA LEU L 87 35.12 -17.92 -30.21
C LEU L 87 35.39 -18.14 -28.74
N GLU L 88 34.41 -17.92 -27.88
CA GLU L 88 34.62 -18.20 -26.47
C GLU L 88 34.69 -19.69 -26.19
N PHE L 89 34.09 -20.52 -27.04
CA PHE L 89 34.34 -21.95 -26.97
C PHE L 89 35.75 -22.30 -27.41
N GLN L 90 36.29 -21.59 -28.39
CA GLN L 90 37.68 -21.79 -28.78
C GLN L 90 38.62 -21.47 -27.62
N ASN L 91 38.27 -20.49 -26.80
CA ASN L 91 39.12 -20.15 -25.66
C ASN L 91 38.96 -21.15 -24.53
N ASP L 92 37.72 -21.57 -24.28
CA ASP L 92 37.49 -22.54 -23.20
C ASP L 92 38.24 -23.83 -23.44
N ARG L 93 38.31 -24.28 -24.68
CA ARG L 93 39.01 -25.50 -25.00
C ARG L 93 40.50 -25.29 -25.18
N GLY L 94 40.98 -24.06 -25.11
CA GLY L 94 42.40 -23.79 -25.21
C GLY L 94 42.91 -23.58 -26.61
N GLY L 95 42.03 -23.37 -27.59
CA GLY L 95 42.47 -23.11 -28.94
C GLY L 95 42.89 -21.68 -29.14
N ARG L 96 43.40 -21.39 -30.34
CA ARG L 96 43.84 -20.05 -30.71
C ARG L 96 42.97 -19.55 -31.85
N ALA L 97 42.26 -18.45 -31.60
CA ALA L 97 41.39 -17.88 -32.61
C ALA L 97 42.21 -17.19 -33.70
N LEU L 98 42.04 -17.65 -34.94
CA LEU L 98 42.71 -17.09 -36.09
C LEU L 98 41.67 -16.44 -36.98
N PHE L 99 41.73 -15.12 -37.10
CA PHE L 99 40.74 -14.41 -37.89
C PHE L 99 41.19 -14.29 -39.33
N GLN L 100 40.21 -14.21 -40.23
CA GLN L 100 40.47 -14.09 -41.65
C GLN L 100 39.64 -12.95 -42.20
N ASP L 101 39.88 -12.58 -43.46
CA ASP L 101 39.14 -11.51 -44.08
C ASP L 101 37.69 -11.92 -44.27
N VAL L 102 36.78 -11.17 -43.68
CA VAL L 102 35.37 -11.41 -43.92
C VAL L 102 35.04 -10.97 -45.34
N GLN L 103 34.83 -11.94 -46.22
CA GLN L 103 34.56 -11.62 -47.61
C GLN L 103 33.21 -10.94 -47.75
N LYS L 104 33.15 -9.98 -48.65
CA LYS L 104 31.95 -9.15 -48.82
C LYS L 104 30.78 -10.02 -49.29
N PRO L 105 29.55 -9.55 -49.08
CA PRO L 105 28.39 -10.33 -49.50
C PRO L 105 28.39 -10.59 -51.00
N SER L 106 27.56 -11.55 -51.41
CA SER L 106 27.56 -11.97 -52.80
C SER L 106 26.99 -10.89 -53.72
N GLN L 107 25.91 -10.25 -53.30
CA GLN L 107 25.23 -9.26 -54.12
C GLN L 107 25.12 -7.93 -53.38
N ASP L 108 24.90 -6.88 -54.15
CA ASP L 108 24.51 -5.59 -53.58
C ASP L 108 23.07 -5.25 -53.87
N GLU L 109 22.49 -5.86 -54.90
CA GLU L 109 21.07 -5.74 -55.19
C GLU L 109 20.47 -7.12 -55.01
N TRP L 110 19.43 -7.22 -54.18
CA TRP L 110 18.86 -8.53 -53.91
C TRP L 110 17.55 -8.73 -54.64
N GLY L 111 16.89 -7.64 -55.02
CA GLY L 111 15.67 -7.72 -55.79
C GLY L 111 14.45 -7.84 -54.91
N LYS L 112 13.44 -8.54 -55.44
CA LYS L 112 12.22 -8.76 -54.68
C LYS L 112 12.51 -9.58 -53.44
N THR L 113 11.63 -9.44 -52.44
CA THR L 113 11.86 -10.11 -51.16
C THR L 113 11.94 -11.62 -51.33
N GLN L 114 11.26 -12.17 -52.33
CA GLN L 114 11.34 -13.61 -52.54
C GLN L 114 12.73 -14.03 -52.98
N GLU L 115 13.27 -13.37 -54.01
CA GLU L 115 14.61 -13.70 -54.48
C GLU L 115 15.68 -13.40 -53.45
N ALA L 116 15.35 -12.63 -52.41
CA ALA L 116 16.28 -12.39 -51.33
C ALA L 116 16.18 -13.44 -50.24
N MET L 117 14.96 -13.87 -49.91
CA MET L 117 14.80 -14.91 -48.91
C MET L 117 15.24 -16.27 -49.41
N GLU L 118 15.33 -16.49 -50.72
CA GLU L 118 15.96 -17.69 -51.23
C GLU L 118 17.47 -17.62 -51.21
N ALA L 119 18.05 -16.43 -51.34
CA ALA L 119 19.48 -16.25 -51.17
C ALA L 119 19.87 -16.21 -49.70
N ALA L 120 18.90 -16.06 -48.80
CA ALA L 120 19.14 -16.12 -47.38
C ALA L 120 18.89 -17.51 -46.81
N LEU L 121 18.04 -18.30 -47.47
CA LEU L 121 17.87 -19.69 -47.10
C LEU L 121 18.95 -20.58 -47.65
N ALA L 122 19.38 -20.37 -48.89
CA ALA L 122 20.51 -21.10 -49.45
C ALA L 122 21.79 -20.80 -48.70
N MET L 123 21.85 -19.70 -47.94
CA MET L 123 22.99 -19.41 -47.09
C MET L 123 22.88 -20.06 -45.73
N GLU L 124 21.67 -20.27 -45.23
CA GLU L 124 21.50 -21.03 -44.01
C GLU L 124 21.76 -22.51 -44.22
N LYS L 125 21.12 -23.11 -45.22
CA LYS L 125 21.34 -24.51 -45.55
C LYS L 125 22.80 -24.80 -45.88
N ASN L 126 23.56 -23.78 -46.27
CA ASN L 126 24.99 -23.93 -46.45
C ASN L 126 25.77 -23.71 -45.17
N LEU L 127 25.33 -22.80 -44.31
CA LEU L 127 25.90 -22.64 -42.99
C LEU L 127 25.57 -23.81 -42.08
N ASN L 128 24.37 -24.38 -42.21
CA ASN L 128 24.02 -25.57 -41.46
C ASN L 128 24.80 -26.79 -41.91
N GLN L 129 25.15 -26.87 -43.19
CA GLN L 129 25.98 -27.97 -43.66
C GLN L 129 27.36 -27.91 -43.04
N ALA L 130 27.90 -26.71 -42.86
CA ALA L 130 29.21 -26.58 -42.22
C ALA L 130 29.16 -27.05 -40.78
N LEU L 131 28.07 -26.73 -40.08
CA LEU L 131 27.93 -27.22 -38.71
C LEU L 131 27.86 -28.73 -38.65
N LEU L 132 27.14 -29.35 -39.58
CA LEU L 132 27.08 -30.79 -39.62
C LEU L 132 28.41 -31.43 -39.96
N ASP L 133 29.20 -30.81 -40.84
CA ASP L 133 30.55 -31.30 -41.09
C ASP L 133 31.44 -31.14 -39.89
N LEU L 134 31.29 -30.05 -39.13
CA LEU L 134 32.06 -29.91 -37.91
C LEU L 134 31.67 -30.96 -36.90
N HIS L 135 30.37 -31.24 -36.76
CA HIS L 135 29.95 -32.28 -35.85
C HIS L 135 30.39 -33.67 -36.30
N ALA L 136 30.47 -33.91 -37.59
CA ALA L 136 31.01 -35.17 -38.08
C ALA L 136 32.49 -35.29 -37.81
N LEU L 137 33.24 -34.21 -38.00
CA LEU L 137 34.65 -34.22 -37.67
C LEU L 137 34.87 -34.42 -36.18
N GLY L 138 34.10 -33.73 -35.34
CA GLY L 138 34.27 -33.86 -33.92
C GLY L 138 33.94 -35.24 -33.41
N SER L 139 32.92 -35.87 -33.96
CA SER L 139 32.62 -37.25 -33.63
C SER L 139 33.66 -38.21 -34.20
N ALA L 140 34.37 -37.81 -35.25
CA ALA L 140 35.43 -38.66 -35.79
C ALA L 140 36.64 -38.69 -34.87
N ARG L 141 36.94 -37.56 -34.23
CA ARG L 141 38.07 -37.49 -33.30
C ARG L 141 37.65 -37.71 -31.86
N ALA L 142 36.42 -38.17 -31.64
CA ALA L 142 35.91 -38.45 -30.30
C ALA L 142 36.03 -37.24 -29.39
N ASP L 143 35.36 -36.16 -29.78
CA ASP L 143 35.31 -34.95 -28.98
C ASP L 143 33.89 -34.75 -28.49
N PRO L 144 33.51 -35.33 -27.35
CA PRO L 144 32.11 -35.25 -26.93
C PRO L 144 31.69 -33.84 -26.55
N HIS L 145 32.57 -33.05 -25.95
CA HIS L 145 32.18 -31.70 -25.54
C HIS L 145 31.82 -30.85 -26.75
N LEU L 146 32.56 -30.99 -27.85
CA LEU L 146 32.25 -30.22 -29.03
C LEU L 146 30.90 -30.62 -29.61
N CYS L 147 30.63 -31.92 -29.69
CA CYS L 147 29.35 -32.36 -30.24
C CYS L 147 28.21 -31.89 -29.36
N ASP L 148 28.39 -31.93 -28.04
CA ASP L 148 27.36 -31.42 -27.15
C ASP L 148 27.14 -29.92 -27.35
N PHE L 149 28.24 -29.16 -27.44
CA PHE L 149 28.13 -27.72 -27.63
C PHE L 149 27.36 -27.39 -28.90
N LEU L 150 27.71 -28.06 -30.00
CA LEU L 150 26.97 -27.86 -31.24
C LEU L 150 25.51 -28.24 -31.07
N GLU L 151 25.25 -29.49 -30.66
CA GLU L 151 23.88 -29.97 -30.51
C GLU L 151 23.04 -29.03 -29.67
N SER L 152 23.67 -28.37 -28.70
CA SER L 152 22.92 -27.52 -27.78
C SER L 152 22.66 -26.14 -28.36
N HIS L 153 23.68 -25.54 -28.98
CA HIS L 153 23.60 -24.12 -29.28
C HIS L 153 23.36 -23.79 -30.74
N TYR L 154 23.66 -24.69 -31.67
CA TYR L 154 23.64 -24.32 -33.08
C TYR L 154 22.66 -25.13 -33.91
N LEU L 155 22.66 -26.45 -33.76
CA LEU L 155 21.95 -27.30 -34.71
C LEU L 155 20.44 -27.05 -34.66
N ASP L 156 19.86 -27.09 -33.46
CA ASP L 156 18.42 -26.95 -33.35
C ASP L 156 17.97 -25.54 -33.73
N LYS L 157 18.71 -24.53 -33.28
CA LYS L 157 18.44 -23.17 -33.71
C LYS L 157 18.44 -23.07 -35.24
N GLU L 158 19.37 -23.77 -35.88
CA GLU L 158 19.50 -23.63 -37.32
C GLU L 158 18.37 -24.32 -38.05
N VAL L 159 17.95 -25.50 -37.60
CA VAL L 159 16.82 -26.14 -38.27
C VAL L 159 15.53 -25.37 -38.03
N LYS L 160 15.37 -24.75 -36.87
CA LYS L 160 14.19 -23.93 -36.66
C LYS L 160 14.22 -22.68 -37.53
N LEU L 161 15.37 -22.06 -37.69
CA LEU L 161 15.47 -20.90 -38.58
C LEU L 161 15.21 -21.27 -40.02
N ILE L 162 15.73 -22.40 -40.47
CA ILE L 162 15.47 -22.84 -41.84
C ILE L 162 13.99 -23.12 -42.04
N LYS L 163 13.35 -23.73 -41.04
CA LYS L 163 11.92 -23.97 -41.12
C LYS L 163 11.15 -22.65 -41.24
N LYS L 164 11.53 -21.67 -40.43
CA LYS L 164 10.88 -20.37 -40.52
C LYS L 164 11.07 -19.73 -41.88
N MET L 165 12.27 -19.81 -42.44
CA MET L 165 12.53 -19.28 -43.77
C MET L 165 11.75 -20.00 -44.86
N GLY L 166 11.55 -21.31 -44.71
CA GLY L 166 10.76 -22.04 -45.68
C GLY L 166 9.31 -21.63 -45.62
N ASN L 167 8.82 -21.41 -44.39
CA ASN L 167 7.47 -20.87 -44.24
C ASN L 167 7.35 -19.53 -44.93
N HIS L 168 8.30 -18.64 -44.70
CA HIS L 168 8.28 -17.35 -45.37
C HIS L 168 8.32 -17.52 -46.87
N LEU L 169 9.11 -18.46 -47.37
CA LEU L 169 9.22 -18.62 -48.81
C LEU L 169 7.92 -19.08 -49.43
N THR L 170 7.27 -20.07 -48.82
CA THR L 170 6.01 -20.53 -49.41
C THR L 170 4.92 -19.50 -49.26
N ASN L 171 4.91 -18.75 -48.17
CA ASN L 171 3.93 -17.67 -48.06
C ASN L 171 4.18 -16.59 -49.09
N LEU L 172 5.45 -16.36 -49.44
CA LEU L 172 5.77 -15.39 -50.48
C LEU L 172 5.38 -15.88 -51.86
N ARG L 173 5.58 -17.16 -52.15
CA ARG L 173 5.12 -17.73 -53.40
C ARG L 173 3.61 -17.81 -53.47
N ARG L 174 2.93 -17.81 -52.32
CA ARG L 174 1.48 -17.87 -52.30
C ARG L 174 0.86 -16.54 -52.70
N VAL L 175 1.51 -15.43 -52.36
CA VAL L 175 0.94 -14.11 -52.60
C VAL L 175 1.57 -13.49 -53.84
N ALA L 176 2.37 -14.27 -54.56
CA ALA L 176 3.04 -13.75 -55.75
C ALA L 176 2.02 -13.47 -56.85
N SER L 189 2.98 -5.70 -57.19
CA SER L 189 3.39 -6.66 -56.16
C SER L 189 2.67 -6.38 -54.85
N LEU L 190 1.34 -6.31 -54.91
CA LEU L 190 0.56 -6.07 -53.71
C LEU L 190 0.77 -7.16 -52.68
N GLY L 191 0.89 -8.41 -53.15
CA GLY L 191 1.03 -9.51 -52.21
C GLY L 191 2.28 -9.42 -51.37
N GLU L 192 3.36 -8.90 -51.95
CA GLU L 192 4.60 -8.78 -51.20
C GLU L 192 4.46 -7.75 -50.09
N TYR L 193 3.83 -6.63 -50.39
CA TYR L 193 3.55 -5.63 -49.35
C TYR L 193 2.66 -6.23 -48.27
N LEU L 194 1.60 -6.93 -48.67
CA LEU L 194 0.70 -7.53 -47.70
C LEU L 194 1.43 -8.51 -46.80
N PHE L 195 2.33 -9.30 -47.38
CA PHE L 195 3.11 -10.24 -46.59
C PHE L 195 3.98 -9.51 -45.59
N GLU L 196 4.75 -8.53 -46.06
CA GLU L 196 5.60 -7.77 -45.14
C GLU L 196 4.79 -7.14 -44.03
N ARG L 197 3.55 -6.74 -44.33
CA ARG L 197 2.76 -6.04 -43.33
C ARG L 197 2.15 -7.01 -42.32
N LEU L 198 1.72 -8.19 -42.79
CA LEU L 198 0.89 -9.03 -41.94
C LEU L 198 1.69 -10.12 -41.25
N THR L 199 2.76 -10.60 -41.87
CA THR L 199 3.59 -11.64 -41.26
C THR L 199 4.80 -11.03 -40.56
N LEU L 200 5.65 -10.34 -41.32
CA LEU L 200 6.95 -9.93 -40.81
C LEU L 200 6.81 -8.81 -39.79
N LYS L 201 6.00 -7.80 -40.10
CA LYS L 201 5.81 -6.72 -39.14
C LYS L 201 5.11 -7.22 -37.88
N HIS L 202 4.16 -8.14 -38.05
CA HIS L 202 3.44 -8.68 -36.91
C HIS L 202 4.36 -9.39 -35.93
N ASP L 203 5.40 -10.06 -36.44
CA ASP L 203 6.39 -10.68 -35.57
C ASP L 203 7.46 -9.71 -35.11
N GLY L 204 7.77 -8.68 -35.89
CA GLY L 204 8.70 -7.67 -35.41
C GLY L 204 8.14 -6.91 -34.22
N ASP L 205 6.82 -6.75 -34.18
CA ASP L 205 6.19 -6.11 -33.04
C ASP L 205 6.38 -6.92 -31.77
N ILE L 206 6.30 -8.25 -31.86
CA ILE L 206 6.41 -9.06 -30.65
C ILE L 206 7.87 -9.29 -30.29
N GLU L 207 8.78 -9.23 -31.26
CA GLU L 207 10.20 -9.20 -30.92
C GLU L 207 10.51 -8.01 -30.04
N SER L 208 10.01 -6.83 -30.43
CA SER L 208 10.26 -5.62 -29.64
C SER L 208 9.52 -5.66 -28.31
N ALA L 209 8.64 -6.65 -28.13
CA ALA L 209 7.96 -6.82 -26.86
C ALA L 209 8.73 -7.74 -25.93
N GLN L 210 9.24 -8.86 -26.42
CA GLN L 210 9.99 -9.79 -25.58
C GLN L 210 11.44 -9.33 -25.39
N SER L 211 11.89 -8.39 -26.24
CA SER L 211 13.28 -7.93 -26.22
C SER L 211 13.69 -7.36 -24.87
N THR M 22 -31.54 -25.57 -47.87
CA THR M 22 -30.46 -25.37 -48.85
C THR M 22 -29.21 -24.85 -48.17
N SER M 23 -29.35 -24.44 -46.91
CA SER M 23 -28.21 -23.93 -46.17
C SER M 23 -27.21 -25.05 -45.90
N GLN M 24 -25.93 -24.69 -45.84
CA GLN M 24 -24.90 -25.70 -45.66
C GLN M 24 -24.88 -26.23 -44.24
N ILE M 25 -25.34 -25.43 -43.27
CA ILE M 25 -25.31 -25.82 -41.87
C ILE M 25 -26.67 -26.29 -41.39
N ARG M 26 -27.70 -26.20 -42.22
CA ARG M 26 -29.03 -26.63 -41.82
C ARG M 26 -29.05 -28.12 -41.62
N GLN M 27 -29.34 -28.57 -40.41
CA GLN M 27 -29.40 -29.98 -40.10
C GLN M 27 -30.45 -30.23 -39.04
N ASN M 28 -31.41 -31.11 -39.35
CA ASN M 28 -32.48 -31.47 -38.42
C ASN M 28 -33.22 -30.23 -37.94
N TYR M 29 -33.60 -29.37 -38.87
CA TYR M 29 -34.31 -28.14 -38.55
C TYR M 29 -35.48 -28.03 -39.50
N SER M 30 -36.63 -28.57 -39.09
CA SER M 30 -37.80 -28.62 -39.93
C SER M 30 -38.29 -27.21 -40.25
N THR M 31 -38.92 -27.08 -41.41
CA THR M 31 -39.46 -25.79 -41.82
C THR M 31 -40.64 -25.38 -40.94
N GLU M 32 -41.35 -26.37 -40.38
CA GLU M 32 -42.46 -26.06 -39.49
C GLU M 32 -41.96 -25.38 -38.23
N VAL M 33 -40.82 -25.83 -37.70
CA VAL M 33 -40.18 -25.15 -36.58
C VAL M 33 -39.62 -23.79 -36.98
N GLU M 34 -38.95 -23.71 -38.14
CA GLU M 34 -38.43 -22.44 -38.61
C GLU M 34 -39.51 -21.38 -38.77
N ALA M 35 -40.69 -21.77 -39.22
CA ALA M 35 -41.80 -20.85 -39.33
C ALA M 35 -42.46 -20.57 -37.99
N ALA M 36 -42.57 -21.57 -37.12
CA ALA M 36 -43.12 -21.35 -35.79
C ALA M 36 -42.23 -20.47 -34.94
N VAL M 37 -40.91 -20.48 -35.19
CA VAL M 37 -40.02 -19.56 -34.50
C VAL M 37 -40.22 -18.14 -34.97
N ASN M 38 -40.32 -17.90 -36.28
CA ASN M 38 -40.57 -16.57 -36.80
C ASN M 38 -41.85 -15.96 -36.25
N ARG M 39 -42.88 -16.75 -36.01
CA ARG M 39 -44.08 -16.23 -35.37
C ARG M 39 -43.89 -16.02 -33.88
N LEU M 40 -42.83 -16.55 -33.30
CA LEU M 40 -42.55 -16.34 -31.89
C LEU M 40 -41.69 -15.12 -31.64
N VAL M 41 -40.83 -14.75 -32.59
CA VAL M 41 -40.09 -13.50 -32.45
C VAL M 41 -41.02 -12.32 -32.62
N ASN M 42 -41.98 -12.42 -33.54
CA ASN M 42 -42.96 -11.36 -33.67
C ASN M 42 -43.82 -11.25 -32.43
N LEU M 43 -44.12 -12.38 -31.77
CA LEU M 43 -44.83 -12.32 -30.51
C LEU M 43 -44.00 -11.64 -29.44
N HIS M 44 -42.73 -11.97 -29.34
CA HIS M 44 -41.87 -11.32 -28.35
C HIS M 44 -41.72 -9.83 -28.64
N LEU M 45 -41.61 -9.46 -29.91
CA LEU M 45 -41.50 -8.05 -30.24
C LEU M 45 -42.78 -7.31 -29.92
N ARG M 46 -43.93 -7.90 -30.23
CA ARG M 46 -45.19 -7.26 -29.91
C ARG M 46 -45.37 -7.13 -28.40
N ALA M 47 -44.93 -8.13 -27.66
CA ALA M 47 -44.98 -8.09 -26.20
C ALA M 47 -44.04 -7.06 -25.62
N SER M 48 -42.91 -6.82 -26.27
CA SER M 48 -42.00 -5.76 -25.86
C SER M 48 -42.54 -4.39 -26.24
N TYR M 49 -43.28 -4.31 -27.33
CA TYR M 49 -43.99 -3.09 -27.68
C TYR M 49 -45.08 -2.74 -26.70
N THR M 50 -45.86 -3.72 -26.25
CA THR M 50 -46.89 -3.46 -25.27
C THR M 50 -46.28 -3.01 -23.95
N TYR M 51 -45.22 -3.68 -23.51
CA TYR M 51 -44.57 -3.27 -22.28
C TYR M 51 -43.95 -1.89 -22.43
N LEU M 52 -43.47 -1.54 -23.62
CA LEU M 52 -42.98 -0.19 -23.83
C LEU M 52 -44.10 0.81 -23.69
N SER M 53 -45.29 0.48 -24.19
CA SER M 53 -46.43 1.37 -24.04
C SER M 53 -46.83 1.51 -22.59
N LEU M 54 -46.79 0.41 -21.84
CA LEU M 54 -47.15 0.46 -20.43
C LEU M 54 -46.14 1.27 -19.64
N GLY M 55 -44.86 1.07 -19.89
CA GLY M 55 -43.84 1.77 -19.15
C GLY M 55 -43.84 3.26 -19.38
N PHE M 56 -44.36 3.70 -20.52
CA PHE M 56 -44.48 5.12 -20.81
C PHE M 56 -45.86 5.65 -20.54
N PHE M 57 -46.76 4.79 -20.06
CA PHE M 57 -48.05 5.25 -19.57
C PHE M 57 -48.03 5.57 -18.10
N PHE M 58 -47.23 4.86 -17.30
CA PHE M 58 -47.16 5.09 -15.87
C PHE M 58 -46.14 6.14 -15.50
N ASP M 59 -45.44 6.71 -16.47
CA ASP M 59 -44.68 7.92 -16.24
C ASP M 59 -45.39 9.16 -16.76
N ARG M 60 -46.62 9.03 -17.24
CA ARG M 60 -47.38 10.20 -17.62
C ARG M 60 -47.59 11.09 -16.40
N ASP M 61 -47.76 12.38 -16.65
CA ASP M 61 -47.86 13.33 -15.55
C ASP M 61 -49.08 13.06 -14.68
N ASP M 62 -50.13 12.47 -15.25
CA ASP M 62 -51.39 12.28 -14.53
C ASP M 62 -51.53 10.88 -13.95
N VAL M 63 -50.48 10.07 -14.01
CA VAL M 63 -50.42 8.79 -13.32
C VAL M 63 -49.25 8.75 -12.35
N ALA M 64 -48.04 9.00 -12.85
CA ALA M 64 -46.86 9.24 -12.02
C ALA M 64 -46.56 8.07 -11.09
N LEU M 65 -46.83 6.86 -11.55
CA LEU M 65 -46.43 5.66 -10.81
C LEU M 65 -45.10 5.22 -11.39
N GLU M 66 -44.06 5.98 -11.09
CA GLU M 66 -42.78 5.79 -11.75
C GLU M 66 -42.17 4.44 -11.41
N GLY M 67 -42.52 3.86 -10.27
CA GLY M 67 -42.08 2.51 -9.98
C GLY M 67 -42.65 1.50 -10.96
N VAL M 68 -43.96 1.57 -11.21
CA VAL M 68 -44.59 0.70 -12.20
C VAL M 68 -44.01 0.96 -13.57
N GLY M 69 -43.80 2.24 -13.89
CA GLY M 69 -43.19 2.58 -15.16
C GLY M 69 -41.86 1.90 -15.37
N HIS M 70 -40.96 2.03 -14.40
CA HIS M 70 -39.67 1.38 -14.48
C HIS M 70 -39.77 -0.13 -14.51
N PHE M 71 -40.71 -0.71 -13.78
CA PHE M 71 -40.90 -2.15 -13.84
C PHE M 71 -41.22 -2.60 -15.25
N PHE M 72 -42.20 -1.97 -15.88
CA PHE M 72 -42.55 -2.36 -17.24
C PHE M 72 -41.45 -2.01 -18.23
N ARG M 73 -40.68 -0.96 -17.94
CA ARG M 73 -39.58 -0.62 -18.82
C ARG M 73 -38.51 -1.69 -18.81
N GLU M 74 -38.01 -2.06 -17.64
CA GLU M 74 -37.02 -3.12 -17.57
C GLU M 74 -37.61 -4.48 -17.88
N LEU M 75 -38.93 -4.58 -18.04
CA LEU M 75 -39.55 -5.77 -18.61
C LEU M 75 -39.51 -5.80 -20.12
N ALA M 76 -39.74 -4.66 -20.77
CA ALA M 76 -39.60 -4.58 -22.22
C ALA M 76 -38.17 -4.87 -22.66
N GLU M 77 -37.17 -4.39 -21.90
CA GLU M 77 -35.80 -4.76 -22.17
C GLU M 77 -35.65 -6.28 -22.27
N GLU M 78 -36.18 -7.01 -21.29
CA GLU M 78 -35.99 -8.45 -21.24
C GLU M 78 -36.77 -9.15 -22.34
N LYS M 79 -37.98 -8.67 -22.64
CA LYS M 79 -38.74 -9.28 -23.73
C LYS M 79 -38.04 -9.10 -25.06
N ARG M 80 -37.53 -7.90 -25.33
CA ARG M 80 -36.81 -7.69 -26.58
C ARG M 80 -35.55 -8.53 -26.63
N GLU M 81 -34.81 -8.60 -25.52
CA GLU M 81 -33.66 -9.50 -25.49
C GLU M 81 -34.05 -10.94 -25.78
N GLY M 82 -35.23 -11.36 -25.30
CA GLY M 82 -35.70 -12.70 -25.63
C GLY M 82 -36.03 -12.84 -27.09
N ALA M 83 -36.35 -11.73 -27.76
CA ALA M 83 -36.60 -11.77 -29.19
C ALA M 83 -35.33 -11.92 -30.01
N GLU M 84 -34.26 -11.20 -29.67
CA GLU M 84 -33.02 -11.32 -30.44
C GLU M 84 -32.24 -12.57 -30.08
N ARG M 85 -32.55 -13.21 -28.96
CA ARG M 85 -31.96 -14.50 -28.65
C ARG M 85 -32.63 -15.61 -29.44
N LEU M 86 -33.88 -15.42 -29.86
CA LEU M 86 -34.53 -16.34 -30.77
C LEU M 86 -34.09 -16.14 -32.21
N LEU M 87 -33.71 -14.92 -32.58
CA LEU M 87 -33.21 -14.67 -33.92
C LEU M 87 -31.82 -15.22 -34.13
N GLU M 88 -30.93 -15.08 -33.15
CA GLU M 88 -29.61 -15.68 -33.29
C GLU M 88 -29.65 -17.19 -33.22
N PHE M 89 -30.66 -17.76 -32.56
CA PHE M 89 -30.89 -19.19 -32.68
C PHE M 89 -31.39 -19.58 -34.05
N GLN M 90 -32.20 -18.73 -34.69
CA GLN M 90 -32.61 -18.99 -36.06
C GLN M 90 -31.42 -19.02 -37.00
N ASN M 91 -30.40 -18.20 -36.72
CA ASN M 91 -29.22 -18.19 -37.58
C ASN M 91 -28.32 -19.37 -37.28
N ASP M 92 -28.17 -19.73 -36.02
CA ASP M 92 -27.32 -20.86 -35.66
C ASP M 92 -27.82 -22.15 -36.29
N ARG M 93 -29.14 -22.33 -36.34
CA ARG M 93 -29.71 -23.52 -36.94
C ARG M 93 -29.82 -23.43 -38.45
N GLY M 94 -29.49 -22.29 -39.04
CA GLY M 94 -29.54 -22.15 -40.47
C GLY M 94 -30.87 -21.70 -41.04
N GLY M 95 -31.78 -21.21 -40.21
CA GLY M 95 -33.04 -20.72 -40.70
C GLY M 95 -32.93 -19.32 -41.26
N ARG M 96 -34.03 -18.84 -41.82
CA ARG M 96 -34.12 -17.51 -42.40
C ARG M 96 -35.13 -16.69 -41.61
N ALA M 97 -34.67 -15.61 -41.01
CA ALA M 97 -35.54 -14.75 -40.22
C ALA M 97 -36.45 -13.93 -41.12
N LEU M 98 -37.75 -14.10 -40.93
CA LEU M 98 -38.76 -13.38 -41.69
C LEU M 98 -39.51 -12.46 -40.73
N PHE M 99 -39.33 -11.17 -40.92
CA PHE M 99 -39.96 -10.21 -40.02
C PHE M 99 -41.35 -9.83 -40.52
N GLN M 100 -42.21 -9.47 -39.57
CA GLN M 100 -43.57 -9.09 -39.87
C GLN M 100 -43.87 -7.78 -39.16
N ASP M 101 -45.02 -7.18 -39.47
CA ASP M 101 -45.40 -5.93 -38.86
C ASP M 101 -45.69 -6.16 -37.38
N VAL M 102 -44.95 -5.45 -36.53
CA VAL M 102 -45.24 -5.50 -35.10
C VAL M 102 -46.53 -4.75 -34.84
N GLN M 103 -47.60 -5.47 -34.57
CA GLN M 103 -48.89 -4.86 -34.37
C GLN M 103 -48.89 -4.03 -33.09
N LYS M 104 -49.57 -2.89 -33.15
CA LYS M 104 -49.56 -1.94 -32.04
C LYS M 104 -50.21 -2.55 -30.80
N PRO M 105 -49.91 -2.03 -29.62
CA PRO M 105 -50.49 -2.59 -28.39
C PRO M 105 -52.01 -2.53 -28.40
N SER M 106 -52.61 -3.29 -27.49
CA SER M 106 -54.06 -3.41 -27.49
C SER M 106 -54.72 -2.12 -27.05
N GLN M 107 -54.18 -1.47 -26.02
CA GLN M 107 -54.78 -0.27 -25.46
C GLN M 107 -53.78 0.88 -25.46
N ASP M 108 -54.32 2.09 -25.37
CA ASP M 108 -53.48 3.26 -25.09
C ASP M 108 -53.70 3.79 -23.69
N GLU M 109 -54.84 3.48 -23.09
CA GLU M 109 -55.09 3.79 -21.68
C GLU M 109 -55.21 2.47 -20.95
N TRP M 110 -54.43 2.30 -19.89
CA TRP M 110 -54.43 1.03 -19.19
C TRP M 110 -55.20 1.12 -17.88
N GLY M 111 -55.34 2.32 -17.34
CA GLY M 111 -56.12 2.52 -16.14
C GLY M 111 -55.28 2.35 -14.89
N LYS M 112 -55.95 1.88 -13.84
CA LYS M 112 -55.26 1.63 -12.58
C LYS M 112 -54.21 0.54 -12.76
N THR M 113 -53.22 0.55 -11.87
CA THR M 113 -52.11 -0.38 -12.01
C THR M 113 -52.58 -1.83 -11.95
N GLN M 114 -53.68 -2.09 -11.24
CA GLN M 114 -54.18 -3.45 -11.18
C GLN M 114 -54.70 -3.90 -12.54
N GLU M 115 -55.56 -3.11 -13.16
CA GLU M 115 -56.10 -3.46 -14.47
C GLU M 115 -55.02 -3.49 -15.54
N ALA M 116 -53.85 -2.92 -15.27
CA ALA M 116 -52.74 -3.01 -16.20
C ALA M 116 -51.89 -4.23 -15.96
N MET M 117 -51.66 -4.62 -14.71
CA MET M 117 -50.90 -5.82 -14.42
C MET M 117 -51.68 -7.08 -14.73
N GLU M 118 -53.01 -7.03 -14.84
CA GLU M 118 -53.76 -8.15 -15.36
C GLU M 118 -53.71 -8.24 -16.86
N ALA M 119 -53.59 -7.11 -17.56
CA ALA M 119 -53.38 -7.11 -18.99
C ALA M 119 -51.94 -7.42 -19.35
N ALA M 120 -51.03 -7.36 -18.38
CA ALA M 120 -49.64 -7.74 -18.59
C ALA M 120 -49.39 -9.19 -18.19
N LEU M 121 -50.20 -9.74 -17.29
CA LEU M 121 -50.13 -11.15 -16.97
C LEU M 121 -50.86 -12.01 -17.98
N ALA M 122 -52.02 -11.58 -18.44
CA ALA M 122 -52.70 -12.28 -19.52
C ALA M 122 -51.91 -12.29 -20.80
N MET M 123 -50.95 -11.38 -20.94
CA MET M 123 -50.06 -11.39 -22.09
C MET M 123 -48.86 -12.30 -21.89
N GLU M 124 -48.42 -12.49 -20.66
CA GLU M 124 -47.38 -13.47 -20.38
C GLU M 124 -47.90 -14.89 -20.50
N LYS M 125 -49.01 -15.20 -19.83
CA LYS M 125 -49.62 -16.52 -19.93
C LYS M 125 -50.00 -16.86 -21.36
N ASN M 126 -50.17 -15.87 -22.22
CA ASN M 126 -50.38 -16.11 -23.63
C ASN M 126 -49.08 -16.25 -24.40
N LEU M 127 -48.05 -15.50 -24.02
CA LEU M 127 -46.72 -15.68 -24.58
C LEU M 127 -46.08 -16.97 -24.11
N ASN M 128 -46.32 -17.38 -22.87
CA ASN M 128 -45.84 -18.66 -22.39
C ASN M 128 -46.53 -19.83 -23.06
N GLN M 129 -47.80 -19.67 -23.43
CA GLN M 129 -48.49 -20.72 -24.16
C GLN M 129 -47.86 -20.94 -25.53
N ALA M 130 -47.43 -19.86 -26.18
CA ALA M 130 -46.79 -20.00 -27.48
C ALA M 130 -45.47 -20.75 -27.35
N LEU M 131 -44.72 -20.49 -26.28
CA LEU M 131 -43.49 -21.22 -26.06
C LEU M 131 -43.76 -22.70 -25.84
N LEU M 132 -44.79 -23.03 -25.09
CA LEU M 132 -45.14 -24.43 -24.89
C LEU M 132 -45.60 -25.10 -26.16
N ASP M 133 -46.33 -24.40 -27.02
CA ASP M 133 -46.67 -24.96 -28.32
C ASP M 133 -45.45 -25.15 -29.21
N LEU M 134 -44.49 -24.23 -29.14
CA LEU M 134 -43.26 -24.41 -29.89
C LEU M 134 -42.50 -25.62 -29.38
N HIS M 135 -42.42 -25.80 -28.06
CA HIS M 135 -41.75 -26.96 -27.51
C HIS M 135 -42.48 -28.25 -27.83
N ALA M 136 -43.80 -28.22 -27.92
CA ALA M 136 -44.54 -29.40 -28.34
C ALA M 136 -44.29 -29.73 -29.79
N LEU M 137 -44.26 -28.71 -30.65
CA LEU M 137 -43.93 -28.93 -32.05
C LEU M 137 -42.51 -29.45 -32.21
N GLY M 138 -41.56 -28.88 -31.49
CA GLY M 138 -40.18 -29.32 -31.62
C GLY M 138 -39.98 -30.74 -31.15
N SER M 139 -40.65 -31.13 -30.07
CA SER M 139 -40.62 -32.52 -29.64
C SER M 139 -41.37 -33.43 -30.60
N ALA M 140 -42.32 -32.89 -31.37
CA ALA M 140 -43.02 -33.72 -32.35
C ALA M 140 -42.12 -34.06 -33.53
N ARG M 141 -41.26 -33.12 -33.92
CA ARG M 141 -40.34 -33.36 -35.03
C ARG M 141 -38.97 -33.83 -34.56
N ALA M 142 -38.85 -34.20 -33.28
CA ALA M 142 -37.61 -34.71 -32.71
C ALA M 142 -36.46 -33.73 -32.93
N ASP M 143 -36.62 -32.53 -32.39
CA ASP M 143 -35.58 -31.51 -32.43
C ASP M 143 -35.07 -31.28 -31.03
N PRO M 144 -34.08 -32.04 -30.56
CA PRO M 144 -33.65 -31.92 -29.17
C PRO M 144 -32.98 -30.59 -28.88
N HIS M 145 -32.23 -30.03 -29.82
CA HIS M 145 -31.55 -28.77 -29.55
C HIS M 145 -32.54 -27.65 -29.30
N LEU M 146 -33.65 -27.63 -30.05
CA LEU M 146 -34.65 -26.59 -29.84
C LEU M 146 -35.31 -26.73 -28.47
N CYS M 147 -35.66 -27.96 -28.08
CA CYS M 147 -36.29 -28.15 -26.78
C CYS M 147 -35.32 -27.76 -25.66
N ASP M 148 -34.04 -28.09 -25.81
CA ASP M 148 -33.08 -27.67 -24.81
C ASP M 148 -32.95 -26.16 -24.76
N PHE M 149 -32.88 -25.50 -25.92
CA PHE M 149 -32.76 -24.06 -25.95
C PHE M 149 -33.93 -23.39 -25.25
N LEU M 150 -35.16 -23.85 -25.55
CA LEU M 150 -36.32 -23.32 -24.86
C LEU M 150 -36.24 -23.57 -23.37
N GLU M 151 -36.10 -24.85 -22.99
CA GLU M 151 -36.06 -25.22 -21.57
C GLU M 151 -35.04 -24.38 -20.81
N SER M 152 -33.95 -24.02 -21.48
CA SER M 152 -32.87 -23.31 -20.78
C SER M 152 -33.16 -21.82 -20.68
N HIS M 153 -33.63 -21.21 -21.76
CA HIS M 153 -33.63 -19.76 -21.82
C HIS M 153 -34.99 -19.11 -21.65
N TYR M 154 -36.09 -19.81 -21.88
CA TYR M 154 -37.38 -19.15 -21.93
C TYR M 154 -38.37 -19.68 -20.90
N LEU M 155 -38.50 -20.99 -20.78
CA LEU M 155 -39.61 -21.55 -20.00
C LEU M 155 -39.51 -21.17 -18.53
N ASP M 156 -38.35 -21.40 -17.92
CA ASP M 156 -38.22 -21.14 -16.50
C ASP M 156 -38.30 -19.65 -16.20
N LYS M 157 -37.64 -18.83 -17.02
CA LYS M 157 -37.78 -17.39 -16.88
C LYS M 157 -39.24 -16.98 -16.94
N GLU M 158 -40.01 -17.61 -17.81
CA GLU M 158 -41.40 -17.18 -17.98
C GLU M 158 -42.26 -17.60 -16.81
N VAL M 159 -42.07 -18.80 -16.27
CA VAL M 159 -42.86 -19.17 -15.09
C VAL M 159 -42.47 -18.35 -13.89
N LYS M 160 -41.20 -17.97 -13.76
CA LYS M 160 -40.82 -17.09 -12.66
C LYS M 160 -41.41 -15.70 -12.82
N LEU M 161 -41.44 -15.17 -14.04
CA LEU M 161 -42.06 -13.88 -14.27
C LEU M 161 -43.55 -13.90 -14.00
N ILE M 162 -44.23 -14.96 -14.42
CA ILE M 162 -45.66 -15.08 -14.16
C ILE M 162 -45.92 -15.17 -12.66
N LYS M 163 -45.06 -15.90 -11.94
CA LYS M 163 -45.21 -15.97 -10.49
C LYS M 163 -45.05 -14.60 -9.87
N LYS M 164 -44.04 -13.84 -10.31
CA LYS M 164 -43.85 -12.49 -9.80
C LYS M 164 -45.06 -11.62 -10.08
N MET M 165 -45.62 -11.69 -11.27
CA MET M 165 -46.80 -10.91 -11.61
C MET M 165 -48.02 -11.32 -10.79
N GLY M 166 -48.16 -12.60 -10.47
CA GLY M 166 -49.25 -13.03 -9.64
C GLY M 166 -49.11 -12.50 -8.23
N ASN M 167 -47.87 -12.50 -7.73
CA ASN M 167 -47.61 -11.87 -6.44
C ASN M 167 -48.00 -10.40 -6.46
N HIS M 168 -47.59 -9.68 -7.50
CA HIS M 168 -47.97 -8.28 -7.62
C HIS M 168 -49.48 -8.13 -7.67
N LEU M 169 -50.16 -9.03 -8.37
CA LEU M 169 -51.60 -8.89 -8.51
C LEU M 169 -52.31 -9.09 -7.18
N THR M 170 -51.92 -10.11 -6.42
CA THR M 170 -52.60 -10.32 -5.15
C THR M 170 -52.24 -9.22 -4.15
N ASN M 171 -51.00 -8.72 -4.19
CA ASN M 171 -50.67 -7.60 -3.32
C ASN M 171 -51.46 -6.36 -3.69
N LEU M 172 -51.75 -6.19 -4.98
CA LEU M 172 -52.56 -5.06 -5.42
C LEU M 172 -54.01 -5.21 -5.02
N ARG M 173 -54.57 -6.42 -5.11
CA ARG M 173 -55.91 -6.66 -4.62
C ARG M 173 -56.00 -6.57 -3.10
N ARG M 174 -54.88 -6.76 -2.41
CA ARG M 174 -54.87 -6.67 -0.95
C ARG M 174 -54.99 -5.23 -0.48
N VAL M 175 -54.42 -4.29 -1.22
CA VAL M 175 -54.38 -2.90 -0.79
C VAL M 175 -55.45 -2.10 -1.50
N ALA M 176 -56.32 -2.77 -2.24
CA ALA M 176 -57.37 -2.10 -2.98
C ALA M 176 -58.39 -1.48 -2.03
N SER M 189 -57.08 6.04 -3.74
CA SER M 189 -56.28 4.86 -4.03
C SER M 189 -54.94 4.92 -3.31
N LEU M 190 -55.00 5.14 -2.00
CA LEU M 190 -53.77 5.20 -1.22
C LEU M 190 -52.99 3.90 -1.29
N GLY M 191 -53.71 2.77 -1.30
CA GLY M 191 -53.04 1.49 -1.31
C GLY M 191 -52.19 1.29 -2.55
N GLU M 192 -52.65 1.79 -3.68
CA GLU M 192 -51.87 1.64 -4.91
C GLU M 192 -50.57 2.41 -4.86
N TYR M 193 -50.63 3.64 -4.33
CA TYR M 193 -49.41 4.41 -4.13
C TYR M 193 -48.48 3.71 -3.16
N LEU M 194 -49.03 3.21 -2.05
CA LEU M 194 -48.20 2.51 -1.07
C LEU M 194 -47.53 1.29 -1.68
N PHE M 195 -48.27 0.55 -2.52
CA PHE M 195 -47.69 -0.61 -3.18
C PHE M 195 -46.55 -0.18 -4.09
N GLU M 196 -46.80 0.80 -4.96
CA GLU M 196 -45.75 1.24 -5.87
C GLU M 196 -44.52 1.72 -5.10
N ARG M 197 -44.73 2.29 -3.91
CA ARG M 197 -43.60 2.84 -3.15
C ARG M 197 -42.84 1.74 -2.44
N LEU M 198 -43.53 0.74 -1.90
CA LEU M 198 -42.88 -0.17 -0.98
C LEU M 198 -42.43 -1.46 -1.66
N THR M 199 -43.15 -1.90 -2.69
CA THR M 199 -42.75 -3.13 -3.40
C THR M 199 -41.95 -2.79 -4.65
N LEU M 200 -42.55 -2.05 -5.58
CA LEU M 200 -41.95 -1.89 -6.90
C LEU M 200 -40.73 -1.00 -6.84
N LYS M 201 -40.82 0.12 -6.15
CA LYS M 201 -39.66 1.00 -6.03
C LYS M 201 -38.53 0.32 -5.26
N HIS M 202 -38.89 -0.45 -4.23
CA HIS M 202 -37.89 -1.14 -3.44
C HIS M 202 -37.09 -2.12 -4.27
N ASP M 203 -37.71 -2.77 -5.24
CA ASP M 203 -37.00 -3.66 -6.15
C ASP M 203 -36.34 -2.93 -7.30
N GLY M 204 -36.88 -1.79 -7.73
CA GLY M 204 -36.20 -0.99 -8.73
C GLY M 204 -34.88 -0.46 -8.22
N ASP M 205 -34.81 -0.17 -6.92
CA ASP M 205 -33.55 0.29 -6.33
C ASP M 205 -32.49 -0.79 -6.41
N ILE M 206 -32.86 -2.06 -6.20
CA ILE M 206 -31.85 -3.11 -6.21
C ILE M 206 -31.53 -3.55 -7.63
N GLU M 207 -32.47 -3.38 -8.56
CA GLU M 207 -32.13 -3.56 -9.98
C GLU M 207 -31.02 -2.62 -10.37
N SER M 208 -31.14 -1.34 -10.01
CA SER M 208 -30.13 -0.36 -10.35
C SER M 208 -28.84 -0.60 -9.58
N ALA M 209 -28.87 -1.51 -8.61
CA ALA M 209 -27.66 -1.88 -7.88
C ALA M 209 -26.94 -3.05 -8.54
N GLN M 210 -27.66 -4.08 -8.94
CA GLN M 210 -27.03 -5.24 -9.59
C GLN M 210 -26.75 -4.97 -11.06
N SER M 211 -27.37 -3.94 -11.62
CA SER M 211 -27.26 -3.62 -13.05
C SER M 211 -25.83 -3.38 -13.48
N THR N 22 -55.41 19.31 -21.77
CA THR N 22 -56.12 19.14 -20.51
C THR N 22 -55.16 18.77 -19.39
N SER N 23 -53.93 18.43 -19.77
CA SER N 23 -52.92 18.08 -18.79
C SER N 23 -52.55 19.29 -17.94
N GLN N 24 -52.20 19.04 -16.68
CA GLN N 24 -51.89 20.14 -15.78
C GLN N 24 -50.55 20.76 -16.10
N ILE N 25 -49.64 20.00 -16.69
CA ILE N 25 -48.30 20.49 -16.99
C ILE N 25 -48.14 20.89 -18.45
N ARG N 26 -49.16 20.64 -19.27
CA ARG N 26 -49.08 20.97 -20.68
C ARG N 26 -49.02 22.48 -20.85
N GLN N 27 -47.93 22.97 -21.43
CA GLN N 27 -47.76 24.41 -21.64
C GLN N 27 -46.97 24.63 -22.91
N ASN N 28 -47.54 25.40 -23.84
CA ASN N 28 -46.88 25.74 -25.11
C ASN N 28 -46.46 24.47 -25.85
N TYR N 29 -47.38 23.52 -25.96
CA TYR N 29 -47.11 22.26 -26.63
C TYR N 29 -48.27 21.98 -27.57
N SER N 30 -48.15 22.46 -28.80
CA SER N 30 -49.22 22.34 -29.77
C SER N 30 -49.51 20.88 -30.08
N THR N 31 -50.77 20.62 -30.45
CA THR N 31 -51.16 19.26 -30.80
C THR N 31 -50.51 18.82 -32.10
N GLU N 32 -50.20 19.77 -32.98
CA GLU N 32 -49.53 19.43 -34.23
C GLU N 32 -48.13 18.88 -33.97
N VAL N 33 -47.42 19.46 -33.00
CA VAL N 33 -46.15 18.91 -32.57
C VAL N 33 -46.31 17.59 -31.85
N GLU N 34 -47.28 17.49 -30.95
CA GLU N 34 -47.53 16.23 -30.24
C GLU N 34 -47.82 15.09 -31.18
N ALA N 35 -48.54 15.34 -32.27
CA ALA N 35 -48.79 14.32 -33.27
C ALA N 35 -47.60 14.08 -34.17
N ALA N 36 -46.87 15.12 -34.54
CA ALA N 36 -45.66 14.95 -35.33
C ALA N 36 -44.58 14.21 -34.59
N VAL N 37 -44.55 14.31 -33.25
CA VAL N 37 -43.62 13.52 -32.47
C VAL N 37 -43.99 12.06 -32.46
N ASN N 38 -45.26 11.73 -32.27
CA ASN N 38 -45.72 10.34 -32.31
C ASN N 38 -45.39 9.66 -33.62
N ARG N 39 -45.43 10.39 -34.74
CA ARG N 39 -45.01 9.81 -36.01
C ARG N 39 -43.51 9.71 -36.13
N LEU N 40 -42.77 10.37 -35.26
CA LEU N 40 -41.32 10.29 -35.26
C LEU N 40 -40.80 9.15 -34.39
N VAL N 41 -41.51 8.79 -33.33
CA VAL N 41 -41.11 7.62 -32.55
C VAL N 41 -41.38 6.37 -33.35
N ASN N 42 -42.48 6.32 -34.09
CA ASN N 42 -42.72 5.18 -34.95
C ASN N 42 -41.67 5.08 -36.04
N LEU N 43 -41.19 6.22 -36.54
CA LEU N 43 -40.11 6.18 -37.51
C LEU N 43 -38.83 5.64 -36.89
N HIS N 44 -38.50 6.09 -35.68
CA HIS N 44 -37.31 5.59 -35.01
C HIS N 44 -37.44 4.11 -34.70
N LEU N 45 -38.62 3.66 -34.29
CA LEU N 45 -38.80 2.24 -34.01
C LEU N 45 -38.68 1.42 -35.29
N ARG N 46 -39.27 1.89 -36.38
CA ARG N 46 -39.16 1.16 -37.63
C ARG N 46 -37.73 1.12 -38.12
N ALA N 47 -36.99 2.21 -37.92
CA ALA N 47 -35.58 2.25 -38.28
C ALA N 47 -34.74 1.36 -37.41
N SER N 48 -35.11 1.16 -36.15
CA SER N 48 -34.44 0.22 -35.28
C SER N 48 -34.80 -1.21 -35.64
N TYR N 49 -36.01 -1.44 -36.12
CA TYR N 49 -36.40 -2.73 -36.65
C TYR N 49 -35.65 -3.10 -37.90
N THR N 50 -35.45 -2.16 -38.82
CA THR N 50 -34.67 -2.44 -40.02
C THR N 50 -33.23 -2.75 -39.67
N TYR N 51 -32.64 -1.97 -38.78
CA TYR N 51 -31.27 -2.24 -38.36
C TYR N 51 -31.16 -3.56 -37.64
N LEU N 52 -32.19 -3.94 -36.89
CA LEU N 52 -32.20 -5.27 -36.28
C LEU N 52 -32.21 -6.35 -37.34
N SER N 53 -32.96 -6.15 -38.42
CA SER N 53 -32.98 -7.13 -39.49
C SER N 53 -31.63 -7.20 -40.18
N LEU N 54 -30.98 -6.05 -40.38
CA LEU N 54 -29.68 -6.04 -41.02
C LEU N 54 -28.63 -6.70 -40.15
N GLY N 55 -28.63 -6.41 -38.86
CA GLY N 55 -27.64 -6.97 -37.98
C GLY N 55 -27.74 -8.47 -37.83
N PHE N 56 -28.92 -9.02 -38.06
CA PHE N 56 -29.10 -10.47 -38.01
C PHE N 56 -29.08 -11.08 -39.39
N PHE N 57 -28.87 -10.28 -40.42
CA PHE N 57 -28.63 -10.81 -41.75
C PHE N 57 -27.15 -11.03 -42.02
N PHE N 58 -26.28 -10.20 -41.46
CA PHE N 58 -24.85 -10.32 -41.68
C PHE N 58 -24.18 -11.26 -40.69
N ASP N 59 -24.94 -11.83 -39.76
CA ASP N 59 -24.46 -12.96 -38.99
C ASP N 59 -25.01 -14.28 -39.49
N ARG N 60 -25.74 -14.29 -40.60
CA ARG N 60 -26.17 -15.54 -41.18
C ARG N 60 -24.95 -16.36 -41.58
N ASP N 61 -25.11 -17.68 -41.59
CA ASP N 61 -23.99 -18.56 -41.87
C ASP N 61 -23.42 -18.33 -43.26
N ASP N 62 -24.24 -17.87 -44.19
CA ASP N 62 -23.81 -17.74 -45.59
C ASP N 62 -23.39 -16.33 -45.95
N VAL N 63 -23.30 -15.44 -44.97
CA VAL N 63 -22.72 -14.11 -45.14
C VAL N 63 -21.54 -13.91 -44.22
N ALA N 64 -21.75 -14.08 -42.91
CA ALA N 64 -20.68 -14.16 -41.92
C ALA N 64 -19.81 -12.91 -41.91
N LEU N 65 -20.42 -11.76 -42.16
CA LEU N 65 -19.71 -10.49 -42.00
C LEU N 65 -20.06 -9.98 -40.62
N GLU N 66 -19.48 -10.63 -39.61
CA GLU N 66 -19.87 -10.37 -38.23
C GLU N 66 -19.53 -8.95 -37.80
N GLY N 67 -18.53 -8.34 -38.43
CA GLY N 67 -18.28 -6.93 -38.16
C GLY N 67 -19.43 -6.05 -38.58
N VAL N 68 -19.94 -6.23 -39.80
CA VAL N 68 -21.10 -5.49 -40.25
C VAL N 68 -22.31 -5.81 -39.38
N GLY N 69 -22.46 -7.07 -39.02
CA GLY N 69 -23.55 -7.45 -38.14
C GLY N 69 -23.53 -6.67 -36.84
N HIS N 70 -22.39 -6.67 -36.16
CA HIS N 70 -22.26 -5.91 -34.92
C HIS N 70 -22.44 -4.42 -35.12
N PHE N 71 -21.97 -3.87 -36.24
CA PHE N 71 -22.19 -2.46 -36.51
C PHE N 71 -23.67 -2.13 -36.54
N PHE N 72 -24.43 -2.88 -37.33
CA PHE N 72 -25.86 -2.63 -37.42
C PHE N 72 -26.56 -2.94 -36.10
N ARG N 73 -26.04 -3.90 -35.34
CA ARG N 73 -26.65 -4.21 -34.06
C ARG N 73 -26.51 -3.05 -33.09
N GLU N 74 -25.29 -2.57 -32.87
CA GLU N 74 -25.10 -1.42 -32.00
C GLU N 74 -25.65 -0.14 -32.60
N LEU N 75 -26.08 -0.17 -33.86
CA LEU N 75 -26.86 0.92 -34.43
C LEU N 75 -28.33 0.85 -34.06
N ALA N 76 -28.92 -0.34 -34.08
CA ALA N 76 -30.28 -0.50 -33.62
C ALA N 76 -30.46 -0.12 -32.17
N GLU N 77 -29.47 -0.46 -31.33
CA GLU N 77 -29.48 0.01 -29.94
C GLU N 77 -29.68 1.51 -29.90
N GLU N 78 -28.89 2.26 -30.67
CA GLU N 78 -28.93 3.71 -30.58
C GLU N 78 -30.22 4.26 -31.16
N LYS N 79 -30.72 3.66 -32.24
CA LYS N 79 -31.98 4.13 -32.80
C LYS N 79 -33.13 3.92 -31.83
N ARG N 80 -33.17 2.76 -31.18
CA ARG N 80 -34.23 2.53 -30.20
C ARG N 80 -34.09 3.47 -29.02
N GLU N 81 -32.87 3.68 -28.53
CA GLU N 81 -32.66 4.68 -27.49
C GLU N 81 -33.16 6.04 -27.91
N GLY N 82 -32.97 6.40 -29.18
CA GLY N 82 -33.50 7.66 -29.67
C GLY N 82 -35.00 7.67 -29.69
N ALA N 83 -35.62 6.50 -29.78
CA ALA N 83 -37.07 6.42 -29.72
C ALA N 83 -37.62 6.62 -28.32
N GLU N 84 -37.02 6.02 -27.29
CA GLU N 84 -37.52 6.19 -25.94
C GLU N 84 -37.11 7.52 -25.33
N ARG N 85 -36.14 8.21 -25.91
CA ARG N 85 -35.83 9.57 -25.50
C ARG N 85 -36.82 10.57 -26.06
N LEU N 86 -37.47 10.25 -27.17
CA LEU N 86 -38.58 11.04 -27.68
C LEU N 86 -39.87 10.77 -26.93
N LEU N 87 -40.05 9.58 -26.40
CA LEU N 87 -41.23 9.27 -25.62
C LEU N 87 -41.20 9.92 -24.24
N GLU N 88 -40.05 9.93 -23.58
CA GLU N 88 -39.96 10.62 -22.31
C GLU N 88 -40.03 12.13 -22.47
N PHE N 89 -39.65 12.66 -23.63
CA PHE N 89 -39.93 14.05 -23.93
C PHE N 89 -41.40 14.30 -24.14
N GLN N 90 -42.11 13.35 -24.74
CA GLN N 90 -43.55 13.47 -24.87
C GLN N 90 -44.23 13.54 -23.52
N ASN N 91 -43.68 12.83 -22.53
CA ASN N 91 -44.27 12.86 -21.19
C ASN N 91 -43.91 14.14 -20.46
N ASP N 92 -42.66 14.59 -20.60
CA ASP N 92 -42.24 15.81 -19.93
C ASP N 92 -43.06 17.00 -20.37
N ARG N 93 -43.40 17.06 -21.66
CA ARG N 93 -44.19 18.16 -22.17
C ARG N 93 -45.69 17.97 -21.95
N GLY N 94 -46.10 16.81 -21.44
CA GLY N 94 -47.49 16.57 -21.17
C GLY N 94 -48.28 15.98 -22.30
N GLY N 95 -47.62 15.47 -23.34
CA GLY N 95 -48.32 14.84 -24.43
C GLY N 95 -48.72 13.42 -24.10
N ARG N 96 -49.46 12.81 -25.03
CA ARG N 96 -49.92 11.44 -24.90
C ARG N 96 -49.29 10.60 -26.00
N ALA N 97 -48.52 9.60 -25.60
CA ALA N 97 -47.86 8.73 -26.55
C ALA N 97 -48.85 7.79 -27.19
N LEU N 98 -48.96 7.86 -28.51
CA LEU N 98 -49.84 6.99 -29.29
C LEU N 98 -48.99 6.08 -30.15
N PHE N 99 -49.02 4.79 -29.86
CA PHE N 99 -48.19 3.85 -30.59
C PHE N 99 -48.93 3.33 -31.82
N GLN N 100 -48.16 2.96 -32.83
CA GLN N 100 -48.71 2.44 -34.08
C GLN N 100 -47.95 1.16 -34.42
N ASP N 101 -48.45 0.46 -35.43
CA ASP N 101 -47.82 -0.79 -35.85
C ASP N 101 -46.46 -0.48 -36.46
N VAL N 102 -45.41 -1.06 -35.87
CA VAL N 102 -44.09 -0.94 -36.46
C VAL N 102 -44.05 -1.79 -37.72
N GLN N 103 -44.06 -1.13 -38.87
CA GLN N 103 -44.08 -1.84 -40.13
C GLN N 103 -42.76 -2.58 -40.34
N LYS N 104 -42.85 -3.77 -40.91
CA LYS N 104 -41.69 -4.63 -41.08
C LYS N 104 -40.67 -3.99 -42.01
N PRO N 105 -39.41 -4.42 -41.94
CA PRO N 105 -38.39 -3.83 -42.79
C PRO N 105 -38.71 -4.01 -44.27
N SER N 106 -38.01 -3.25 -45.11
CA SER N 106 -38.31 -3.26 -46.53
C SER N 106 -37.90 -4.57 -47.18
N GLN N 107 -36.75 -5.09 -46.83
CA GLN N 107 -36.21 -6.30 -47.45
C GLN N 107 -35.92 -7.35 -46.39
N ASP N 108 -35.83 -8.61 -46.84
CA ASP N 108 -35.29 -9.67 -46.02
C ASP N 108 -33.92 -10.13 -46.49
N GLU N 109 -33.60 -9.87 -47.75
CA GLU N 109 -32.26 -10.11 -48.28
C GLU N 109 -31.68 -8.74 -48.63
N TRP N 110 -30.51 -8.44 -48.10
CA TRP N 110 -29.92 -7.13 -48.34
C TRP N 110 -28.80 -7.21 -49.36
N GLY N 111 -28.20 -8.37 -49.54
CA GLY N 111 -27.18 -8.55 -50.53
C GLY N 111 -25.79 -8.22 -49.99
N LYS N 112 -24.95 -7.75 -50.90
CA LYS N 112 -23.60 -7.35 -50.52
C LYS N 112 -23.65 -6.19 -49.53
N THR N 113 -22.58 -6.06 -48.74
CA THR N 113 -22.56 -5.04 -47.70
C THR N 113 -22.71 -3.64 -48.27
N GLN N 114 -22.28 -3.43 -49.51
CA GLN N 114 -22.44 -2.11 -50.11
C GLN N 114 -23.91 -1.80 -50.36
N GLU N 115 -24.62 -2.71 -51.01
CA GLU N 115 -26.04 -2.49 -51.27
C GLU N 115 -26.87 -2.45 -50.00
N ALA N 116 -26.31 -2.89 -48.89
CA ALA N 116 -27.00 -2.78 -47.61
C ALA N 116 -26.70 -1.46 -46.91
N MET N 117 -25.46 -0.98 -46.99
CA MET N 117 -25.12 0.30 -46.39
C MET N 117 -25.70 1.47 -47.16
N GLU N 118 -26.07 1.29 -48.43
CA GLU N 118 -26.82 2.31 -49.13
C GLU N 118 -28.29 2.30 -48.77
N ALA N 119 -28.85 1.15 -48.44
CA ALA N 119 -30.20 1.07 -47.92
C ALA N 119 -30.28 1.48 -46.46
N ALA N 120 -29.14 1.55 -45.77
CA ALA N 120 -29.09 2.04 -44.40
C ALA N 120 -28.77 3.52 -44.35
N LEU N 121 -28.10 4.06 -45.36
CA LEU N 121 -27.89 5.49 -45.46
C LEU N 121 -29.10 6.22 -46.01
N ALA N 122 -29.76 5.67 -47.03
CA ALA N 122 -31.00 6.23 -47.52
C ALA N 122 -32.10 6.21 -46.46
N MET N 123 -31.97 5.37 -45.43
CA MET N 123 -32.89 5.39 -44.32
C MET N 123 -32.53 6.41 -43.27
N GLU N 124 -31.25 6.71 -43.11
CA GLU N 124 -30.85 7.80 -42.22
C GLU N 124 -31.19 9.15 -42.80
N LYS N 125 -30.81 9.41 -44.04
CA LYS N 125 -31.13 10.66 -44.71
C LYS N 125 -32.63 10.88 -44.80
N ASN N 126 -33.42 9.83 -44.71
CA ASN N 126 -34.86 9.95 -44.63
C ASN N 126 -35.35 10.14 -43.21
N LEU N 127 -34.71 9.50 -42.23
CA LEU N 127 -35.00 9.77 -40.83
C LEU N 127 -34.51 11.13 -40.39
N ASN N 128 -33.39 11.60 -40.92
CA ASN N 128 -32.93 12.95 -40.65
C ASN N 128 -33.83 14.00 -41.26
N GLN N 129 -34.44 13.72 -42.41
CA GLN N 129 -35.37 14.67 -42.99
C GLN N 129 -36.59 14.84 -42.11
N ALA N 130 -37.05 13.75 -41.49
CA ALA N 130 -38.20 13.86 -40.58
C ALA N 130 -37.86 14.72 -39.38
N LEU N 131 -36.64 14.60 -38.86
CA LEU N 131 -36.23 15.45 -37.75
C LEU N 131 -36.20 16.91 -38.16
N LEU N 132 -35.71 17.21 -39.35
CA LEU N 132 -35.71 18.58 -39.82
C LEU N 132 -37.10 19.12 -40.06
N ASP N 133 -38.03 18.31 -40.53
CA ASP N 133 -39.41 18.74 -40.63
C ASP N 133 -40.05 18.96 -39.27
N LEU N 134 -39.71 18.14 -38.29
CA LEU N 134 -40.19 18.39 -36.94
C LEU N 134 -39.64 19.69 -36.39
N HIS N 135 -38.36 19.95 -36.61
CA HIS N 135 -37.78 21.20 -36.15
C HIS N 135 -38.34 22.40 -36.88
N ALA N 136 -38.71 22.25 -38.15
CA ALA N 136 -39.36 23.33 -38.86
C ALA N 136 -40.76 23.58 -38.33
N LEU N 137 -41.50 22.51 -38.04
CA LEU N 137 -42.82 22.66 -37.44
C LEU N 137 -42.73 23.29 -36.06
N GLY N 138 -41.78 22.85 -35.24
CA GLY N 138 -41.66 23.40 -33.91
C GLY N 138 -41.28 24.87 -33.90
N SER N 139 -40.40 25.27 -34.82
CA SER N 139 -40.09 26.68 -34.98
C SER N 139 -41.25 27.46 -35.57
N ALA N 140 -42.16 26.79 -36.29
CA ALA N 140 -43.32 27.48 -36.82
C ALA N 140 -44.32 27.81 -35.72
N ARG N 141 -44.45 26.93 -34.73
CA ARG N 141 -45.35 27.17 -33.62
C ARG N 141 -44.66 27.79 -32.42
N ALA N 142 -43.41 28.25 -32.59
CA ALA N 142 -42.65 28.91 -31.54
C ALA N 142 -42.55 28.02 -30.30
N ASP N 143 -41.94 26.84 -30.49
CA ASP N 143 -41.69 25.92 -29.39
C ASP N 143 -40.19 25.83 -29.18
N PRO N 144 -39.60 26.70 -28.37
CA PRO N 144 -38.15 26.69 -28.23
C PRO N 144 -37.60 25.46 -27.55
N HIS N 145 -38.32 24.90 -26.59
CA HIS N 145 -37.82 23.73 -25.90
C HIS N 145 -37.68 22.55 -26.84
N LEU N 146 -38.64 22.39 -27.76
CA LEU N 146 -38.55 21.29 -28.70
C LEU N 146 -37.37 21.46 -29.64
N CYS N 147 -37.16 22.67 -30.15
CA CYS N 147 -36.04 22.90 -31.05
C CYS N 147 -34.72 22.66 -30.32
N ASP N 148 -34.64 23.09 -29.07
CA ASP N 148 -33.42 22.83 -28.30
C ASP N 148 -33.22 21.34 -28.09
N PHE N 149 -34.27 20.61 -27.73
CA PHE N 149 -34.17 19.18 -27.51
C PHE N 149 -33.66 18.48 -28.76
N LEU N 150 -34.25 18.80 -29.91
CA LEU N 150 -33.77 18.22 -31.16
C LEU N 150 -32.32 18.58 -31.42
N GLU N 151 -32.03 19.89 -31.45
CA GLU N 151 -30.67 20.36 -31.74
C GLU N 151 -29.65 19.67 -30.84
N SER N 152 -30.04 19.35 -29.61
CA SER N 152 -29.09 18.79 -28.66
C SER N 152 -28.92 17.29 -28.86
N HIS N 153 -30.02 16.56 -29.05
CA HIS N 153 -29.96 15.11 -28.94
C HIS N 153 -30.01 14.36 -30.25
N TYR N 154 -30.52 14.96 -31.32
CA TYR N 154 -30.78 14.19 -32.53
C TYR N 154 -30.03 14.69 -33.75
N LEU N 155 -30.04 16.00 -34.00
CA LEU N 155 -29.56 16.51 -35.28
C LEU N 155 -28.08 16.25 -35.46
N ASP N 156 -27.26 16.61 -34.48
CA ASP N 156 -25.83 16.47 -34.63
C ASP N 156 -25.42 15.00 -34.68
N LYS N 157 -26.02 14.19 -33.80
CA LYS N 157 -25.80 12.74 -33.87
C LYS N 157 -26.11 12.21 -35.25
N GLU N 158 -27.17 12.72 -35.87
CA GLU N 158 -27.59 12.17 -37.14
C GLU N 158 -26.65 12.57 -38.26
N VAL N 159 -26.19 13.83 -38.28
CA VAL N 159 -25.24 14.21 -39.32
C VAL N 159 -23.91 13.51 -39.14
N LYS N 160 -23.50 13.24 -37.90
CA LYS N 160 -22.28 12.48 -37.71
C LYS N 160 -22.43 11.03 -38.15
N LEU N 161 -23.59 10.43 -37.89
CA LEU N 161 -23.83 9.07 -38.35
C LEU N 161 -23.89 8.98 -39.86
N ILE N 162 -24.52 9.96 -40.51
CA ILE N 162 -24.57 9.97 -41.97
C ILE N 162 -23.17 10.13 -42.54
N LYS N 163 -22.35 10.99 -41.92
CA LYS N 163 -20.98 11.14 -42.36
C LYS N 163 -20.21 9.83 -42.25
N LYS N 164 -20.38 9.14 -41.11
CA LYS N 164 -19.73 7.84 -40.95
C LYS N 164 -20.17 6.85 -42.01
N MET N 165 -21.46 6.79 -42.31
CA MET N 165 -21.97 5.90 -43.34
C MET N 165 -21.46 6.26 -44.72
N GLY N 166 -21.28 7.54 -45.01
CA GLY N 166 -20.73 7.93 -46.28
C GLY N 166 -19.28 7.51 -46.41
N ASN N 167 -18.54 7.64 -45.31
CA ASN N 167 -17.18 7.14 -45.28
C ASN N 167 -17.15 5.64 -45.57
N HIS N 168 -18.01 4.88 -44.88
CA HIS N 168 -18.10 3.46 -45.13
C HIS N 168 -18.44 3.18 -46.59
N LEU N 169 -19.34 3.96 -47.17
CA LEU N 169 -19.77 3.69 -48.53
C LEU N 169 -18.63 3.92 -49.52
N THR N 170 -17.89 5.02 -49.38
CA THR N 170 -16.80 5.26 -50.31
C THR N 170 -15.67 4.26 -50.10
N ASN N 171 -15.42 3.87 -48.85
CA ASN N 171 -14.40 2.84 -48.64
C ASN N 171 -14.83 1.51 -49.24
N LEU N 172 -16.13 1.23 -49.24
CA LEU N 172 -16.63 0.02 -49.86
C LEU N 172 -16.55 0.07 -51.37
N ARG N 173 -16.85 1.21 -51.98
CA ARG N 173 -16.67 1.37 -53.41
C ARG N 173 -15.20 1.38 -53.80
N ARG N 174 -14.32 1.70 -52.88
CA ARG N 174 -12.89 1.72 -53.17
C ARG N 174 -12.32 0.31 -53.28
N VAL N 175 -12.85 -0.62 -52.50
CA VAL N 175 -12.31 -1.97 -52.46
C VAL N 175 -13.16 -2.91 -53.30
N ALA N 176 -14.10 -2.36 -54.04
CA ALA N 176 -14.99 -3.18 -54.86
C ALA N 176 -14.22 -3.81 -56.01
N SER N 189 -14.99 -11.29 -53.86
CA SER N 189 -15.20 -10.07 -53.10
C SER N 189 -14.22 -9.97 -51.94
N LEU N 190 -12.93 -10.10 -52.26
CA LEU N 190 -11.91 -10.00 -51.22
C LEU N 190 -11.93 -8.65 -50.55
N GLY N 191 -12.19 -7.59 -51.31
CA GLY N 191 -12.17 -6.26 -50.74
C GLY N 191 -13.21 -6.07 -49.66
N GLU N 192 -14.37 -6.69 -49.84
CA GLU N 192 -15.43 -6.54 -48.84
C GLU N 192 -15.04 -7.21 -47.53
N TYR N 193 -14.44 -8.40 -47.61
CA TYR N 193 -13.92 -9.04 -46.41
C TYR N 193 -12.84 -8.20 -45.76
N LEU N 194 -11.91 -7.68 -46.56
CA LEU N 194 -10.85 -6.85 -46.01
C LEU N 194 -11.41 -5.62 -45.31
N PHE N 195 -12.43 -5.01 -45.90
CA PHE N 195 -13.06 -3.85 -45.28
C PHE N 195 -13.68 -4.24 -43.95
N GLU N 196 -14.50 -5.28 -43.93
CA GLU N 196 -15.13 -5.71 -42.69
C GLU N 196 -14.08 -6.03 -41.63
N ARG N 197 -12.92 -6.52 -42.04
CA ARG N 197 -11.91 -6.92 -41.07
C ARG N 197 -11.14 -5.73 -40.54
N LEU N 198 -10.85 -4.75 -41.40
CA LEU N 198 -9.89 -3.72 -41.03
C LEU N 198 -10.58 -2.45 -40.54
N THR N 199 -11.76 -2.14 -41.05
CA THR N 199 -12.48 -0.94 -40.59
C THR N 199 -13.49 -1.29 -39.51
N LEU N 200 -14.45 -2.14 -39.86
CA LEU N 200 -15.61 -2.34 -38.99
C LEU N 200 -15.23 -3.12 -37.74
N LYS N 201 -14.47 -4.20 -37.90
CA LYS N 201 -14.06 -4.96 -36.73
C LYS N 201 -13.12 -4.13 -35.85
N HIS N 202 -12.27 -3.33 -36.47
CA HIS N 202 -11.33 -2.51 -35.71
C HIS N 202 -12.07 -1.51 -34.81
N ASP N 203 -13.20 -1.00 -35.26
CA ASP N 203 -14.02 -0.11 -34.44
C ASP N 203 -14.93 -0.86 -33.49
N GLY N 204 -15.37 -2.06 -33.86
CA GLY N 204 -16.14 -2.87 -32.93
C GLY N 204 -15.33 -3.26 -31.72
N ASP N 205 -14.03 -3.45 -31.90
CA ASP N 205 -13.16 -3.75 -30.77
C ASP N 205 -13.10 -2.59 -29.78
N ILE N 206 -13.07 -1.35 -30.28
CA ILE N 206 -12.96 -0.22 -29.37
C ILE N 206 -14.33 0.14 -28.78
N GLU N 207 -15.42 -0.16 -29.49
CA GLU N 207 -16.73 -0.04 -28.88
C GLU N 207 -16.81 -0.92 -27.64
N SER N 208 -16.38 -2.18 -27.75
CA SER N 208 -16.41 -3.09 -26.62
C SER N 208 -15.42 -2.68 -25.55
N ALA N 209 -14.55 -1.72 -25.84
CA ALA N 209 -13.63 -1.20 -24.85
C ALA N 209 -14.22 -0.03 -24.08
N GLN N 210 -14.85 0.91 -24.77
CA GLN N 210 -15.44 2.07 -24.10
C GLN N 210 -16.81 1.73 -23.49
N SER N 211 -17.39 0.60 -23.91
CA SER N 211 -18.74 0.21 -23.48
C SER N 211 -18.84 0.07 -21.97
N THR O 22 -23.41 52.12 -25.20
CA THR O 22 -22.19 52.90 -25.04
C THR O 22 -21.05 52.04 -24.53
N SER O 23 -21.39 50.83 -24.09
CA SER O 23 -20.37 49.90 -23.60
C SER O 23 -19.45 49.47 -24.73
N GLN O 24 -18.19 49.22 -24.39
CA GLN O 24 -17.22 48.85 -25.41
C GLN O 24 -17.44 47.44 -25.91
N ILE O 25 -18.03 46.58 -25.09
CA ILE O 25 -18.25 45.18 -25.46
C ILE O 25 -19.67 44.92 -25.91
N ARG O 26 -20.55 45.91 -25.80
CA ARG O 26 -21.94 45.73 -26.19
C ARG O 26 -22.01 45.51 -27.69
N GLN O 27 -22.52 44.34 -28.10
CA GLN O 27 -22.66 44.04 -29.52
C GLN O 27 -23.87 43.15 -29.73
N ASN O 28 -24.78 43.60 -30.59
CA ASN O 28 -25.99 42.85 -30.91
C ASN O 28 -26.78 42.50 -29.66
N TYR O 29 -26.98 43.51 -28.81
CA TYR O 29 -27.70 43.32 -27.55
C TYR O 29 -28.71 44.45 -27.43
N SER O 30 -29.91 44.22 -27.95
CA SER O 30 -30.93 45.24 -27.99
C SER O 30 -31.34 45.66 -26.57
N THR O 31 -31.77 46.92 -26.46
CA THR O 31 -32.21 47.41 -25.16
C THR O 31 -33.51 46.74 -24.72
N GLU O 32 -34.32 46.30 -25.68
CA GLU O 32 -35.55 45.60 -25.33
C GLU O 32 -35.25 44.28 -24.65
N VAL O 33 -34.22 43.56 -25.11
CA VAL O 33 -33.76 42.37 -24.42
C VAL O 33 -33.11 42.70 -23.08
N GLU O 34 -32.27 43.72 -23.02
CA GLU O 34 -31.64 44.13 -21.78
C GLU O 34 -32.65 44.48 -20.71
N ALA O 35 -33.76 45.11 -21.08
CA ALA O 35 -34.81 45.40 -20.13
C ALA O 35 -35.67 44.19 -19.81
N ALA O 36 -35.95 43.35 -20.80
CA ALA O 36 -36.69 42.12 -20.55
C ALA O 36 -35.93 41.15 -19.67
N VAL O 37 -34.60 41.18 -19.71
CA VAL O 37 -33.81 40.37 -18.80
C VAL O 37 -33.90 40.88 -17.37
N ASN O 38 -33.78 42.20 -17.16
CA ASN O 38 -33.92 42.77 -15.83
C ASN O 38 -35.25 42.45 -15.19
N ARG O 39 -36.33 42.36 -15.96
CA ARG O 39 -37.60 41.94 -15.41
C ARG O 39 -37.65 40.44 -15.16
N LEU O 40 -36.71 39.68 -15.71
CA LEU O 40 -36.65 38.25 -15.49
C LEU O 40 -35.82 37.89 -14.27
N VAL O 41 -34.81 38.68 -13.93
CA VAL O 41 -34.07 38.45 -12.70
C VAL O 41 -34.95 38.79 -11.50
N ASN O 42 -35.75 39.84 -11.61
CA ASN O 42 -36.67 40.15 -10.53
C ASN O 42 -37.71 39.06 -10.38
N LEU O 43 -38.13 38.45 -11.48
CA LEU O 43 -39.04 37.32 -11.39
C LEU O 43 -38.39 36.13 -10.70
N HIS O 44 -37.15 35.83 -11.06
CA HIS O 44 -36.45 34.72 -10.42
C HIS O 44 -36.23 35.00 -8.94
N LEU O 45 -35.90 36.24 -8.59
CA LEU O 45 -35.71 36.58 -7.19
C LEU O 45 -37.01 36.48 -6.41
N ARG O 46 -38.10 36.96 -6.99
CA ARG O 46 -39.39 36.85 -6.31
C ARG O 46 -39.81 35.40 -6.16
N ALA O 47 -39.52 34.58 -7.16
CA ALA O 47 -39.80 33.15 -7.09
C ALA O 47 -38.94 32.45 -6.07
N SER O 48 -37.71 32.91 -5.85
CA SER O 48 -36.86 32.37 -4.81
C SER O 48 -37.31 32.84 -3.44
N TYR O 49 -37.86 34.04 -3.35
CA TYR O 49 -38.47 34.53 -2.13
C TYR O 49 -39.71 33.74 -1.74
N THR O 50 -40.56 33.41 -2.71
CA THR O 50 -41.74 32.60 -2.41
C THR O 50 -41.34 31.21 -1.94
N TYR O 51 -40.37 30.59 -2.63
CA TYR O 51 -39.91 29.29 -2.20
C TYR O 51 -39.26 29.34 -0.84
N LEU O 52 -38.57 30.45 -0.52
CA LEU O 52 -38.04 30.60 0.82
C LEU O 52 -39.14 30.66 1.85
N SER O 53 -40.24 31.34 1.52
CA SER O 53 -41.36 31.39 2.45
C SER O 53 -42.00 30.02 2.61
N LEU O 54 -42.10 29.27 1.53
CA LEU O 54 -42.68 27.93 1.61
C LEU O 54 -41.79 27.00 2.42
N GLY O 55 -40.49 27.04 2.18
CA GLY O 55 -39.59 26.15 2.88
C GLY O 55 -39.53 26.40 4.37
N PHE O 56 -39.84 27.62 4.80
CA PHE O 56 -39.88 27.94 6.21
C PHE O 56 -41.29 27.91 6.76
N PHE O 57 -42.27 27.56 5.94
CA PHE O 57 -43.60 27.30 6.43
C PHE O 57 -43.82 25.84 6.77
N PHE O 58 -43.17 24.92 6.06
CA PHE O 58 -43.33 23.50 6.31
C PHE O 58 -42.36 22.98 7.35
N ASP O 59 -41.50 23.84 7.89
CA ASP O 59 -40.76 23.50 9.09
C ASP O 59 -41.35 24.15 10.34
N ARG O 60 -42.49 24.82 10.22
CA ARG O 60 -43.16 25.33 11.40
C ARG O 60 -43.54 24.18 12.30
N ASP O 61 -43.64 24.48 13.60
CA ASP O 61 -43.89 23.42 14.57
C ASP O 61 -45.24 22.76 14.34
N ASP O 62 -46.20 23.47 13.75
CA ASP O 62 -47.56 22.97 13.61
C ASP O 62 -47.82 22.39 12.22
N VAL O 63 -46.80 22.28 11.39
CA VAL O 63 -46.88 21.56 10.13
C VAL O 63 -45.88 20.42 10.08
N ALA O 64 -44.60 20.72 10.29
CA ALA O 64 -43.57 19.71 10.52
C ALA O 64 -43.45 18.73 9.37
N LEU O 65 -43.67 19.20 8.15
CA LEU O 65 -43.41 18.39 6.96
C LEU O 65 -42.02 18.76 6.48
N GLU O 66 -41.02 18.30 7.23
CA GLU O 66 -39.65 18.73 7.01
C GLU O 66 -39.13 18.29 5.65
N GLY O 67 -39.68 17.20 5.10
CA GLY O 67 -39.33 16.83 3.74
C GLY O 67 -39.75 17.88 2.73
N VAL O 68 -41.00 18.33 2.81
CA VAL O 68 -41.47 19.39 1.94
C VAL O 68 -40.68 20.66 2.18
N GLY O 69 -40.39 20.96 3.44
CA GLY O 69 -39.58 22.13 3.75
C GLY O 69 -38.24 22.09 3.04
N HIS O 70 -37.51 21.00 3.16
CA HIS O 70 -36.24 20.86 2.50
C HIS O 70 -36.37 20.89 0.98
N PHE O 71 -37.43 20.31 0.43
CA PHE O 71 -37.64 20.38 -1.00
C PHE O 71 -37.72 21.82 -1.47
N PHE O 72 -38.59 22.61 -0.84
CA PHE O 72 -38.72 24.00 -1.25
C PHE O 72 -37.46 24.80 -0.94
N ARG O 73 -36.74 24.41 0.10
CA ARG O 73 -35.50 25.11 0.41
C ARG O 73 -34.46 24.91 -0.68
N GLU O 74 -34.16 23.67 -1.04
CA GLU O 74 -33.22 23.42 -2.12
C GLU O 74 -33.79 23.81 -3.47
N LEU O 75 -35.07 24.17 -3.54
CA LEU O 75 -35.61 24.81 -4.73
C LEU O 75 -35.32 26.30 -4.79
N ALA O 76 -35.43 26.99 -3.66
CA ALA O 76 -35.04 28.40 -3.61
C ALA O 76 -33.58 28.61 -3.93
N GLU O 77 -32.71 27.71 -3.47
CA GLU O 77 -31.31 27.74 -3.87
C GLU O 77 -31.19 27.80 -5.39
N GLU O 78 -31.88 26.90 -6.08
CA GLU O 78 -31.73 26.80 -7.53
C GLU O 78 -32.34 28.00 -8.23
N LYS O 79 -33.48 28.50 -7.73
CA LYS O 79 -34.07 29.68 -8.35
C LYS O 79 -33.16 30.89 -8.20
N ARG O 80 -32.58 31.09 -7.01
CA ARG O 80 -31.67 32.21 -6.85
C ARG O 80 -30.43 32.05 -7.71
N GLU O 81 -29.87 30.83 -7.78
CA GLU O 81 -28.77 30.59 -8.70
C GLU O 81 -29.15 30.93 -10.13
N GLY O 82 -30.39 30.65 -10.52
CA GLY O 82 -30.83 31.02 -11.85
C GLY O 82 -30.93 32.52 -12.01
N ALA O 83 -31.11 33.24 -10.91
CA ALA O 83 -31.12 34.69 -10.98
C ALA O 83 -29.73 35.30 -11.16
N GLU O 84 -28.72 34.80 -10.46
CA GLU O 84 -27.38 35.36 -10.61
C GLU O 84 -26.69 34.86 -11.87
N ARG O 85 -27.18 33.79 -12.48
CA ARG O 85 -26.69 33.38 -13.78
C ARG O 85 -27.25 34.24 -14.89
N LEU O 86 -28.41 34.86 -14.69
CA LEU O 86 -28.92 35.85 -15.61
C LEU O 86 -28.26 37.20 -15.44
N LEU O 87 -27.79 37.53 -14.24
CA LEU O 87 -27.08 38.77 -14.02
C LEU O 87 -25.68 38.74 -14.61
N GLU O 88 -24.96 37.64 -14.47
CA GLU O 88 -23.65 37.56 -15.09
C GLU O 88 -23.74 37.47 -16.60
N PHE O 89 -24.84 36.98 -17.14
CA PHE O 89 -25.09 37.10 -18.56
C PHE O 89 -25.36 38.53 -18.97
N GLN O 90 -26.04 39.30 -18.12
CA GLN O 90 -26.23 40.72 -18.39
C GLN O 90 -24.91 41.45 -18.46
N ASN O 91 -23.93 41.03 -17.66
CA ASN O 91 -22.63 41.68 -17.67
C ASN O 91 -21.81 41.24 -18.88
N ASP O 92 -21.88 39.94 -19.21
CA ASP O 92 -21.12 39.45 -20.35
C ASP O 92 -21.55 40.13 -21.64
N ARG O 93 -22.83 40.39 -21.79
CA ARG O 93 -23.33 41.05 -22.99
C ARG O 93 -23.19 42.56 -22.93
N GLY O 94 -22.75 43.11 -21.81
CA GLY O 94 -22.57 44.54 -21.69
C GLY O 94 -23.76 45.32 -21.23
N GLY O 95 -24.79 44.65 -20.70
CA GLY O 95 -25.95 45.35 -20.19
C GLY O 95 -25.72 45.90 -18.80
N ARG O 96 -26.71 46.64 -18.33
CA ARG O 96 -26.68 47.23 -17.00
C ARG O 96 -27.77 46.63 -16.14
N ALA O 97 -27.39 45.99 -15.06
CA ALA O 97 -28.37 45.36 -14.18
C ALA O 97 -29.10 46.40 -13.36
N LEU O 98 -30.42 46.43 -13.50
CA LEU O 98 -31.28 47.36 -12.77
C LEU O 98 -32.14 46.54 -11.82
N PHE O 99 -31.92 46.71 -10.52
CA PHE O 99 -32.66 45.94 -9.54
C PHE O 99 -33.94 46.66 -9.16
N GLN O 100 -34.94 45.88 -8.77
CA GLN O 100 -36.23 46.40 -8.35
C GLN O 100 -36.61 45.76 -7.03
N ASP O 101 -37.67 46.26 -6.42
CA ASP O 101 -38.13 45.74 -5.14
C ASP O 101 -38.65 44.33 -5.34
N VAL O 102 -38.04 43.37 -4.64
CA VAL O 102 -38.56 42.02 -4.65
C VAL O 102 -39.86 41.98 -3.86
N GLN O 103 -40.98 41.87 -4.58
CA GLN O 103 -42.27 41.89 -3.93
C GLN O 103 -42.46 40.64 -3.08
N LYS O 104 -43.09 40.81 -1.93
CA LYS O 104 -43.24 39.74 -0.96
C LYS O 104 -44.09 38.61 -1.54
N PRO O 105 -43.97 37.40 -1.00
CA PRO O 105 -44.75 36.28 -1.52
C PRO O 105 -46.25 36.54 -1.43
N SER O 106 -47.01 35.72 -2.17
CA SER O 106 -48.45 35.95 -2.26
C SER O 106 -49.15 35.65 -0.94
N GLN O 107 -48.76 34.56 -0.29
CA GLN O 107 -49.42 34.12 0.93
C GLN O 107 -48.41 33.97 2.06
N ASP O 108 -48.92 33.98 3.29
CA ASP O 108 -48.12 33.59 4.44
C ASP O 108 -48.56 32.26 5.00
N GLU O 109 -49.78 31.83 4.72
CA GLU O 109 -50.25 30.49 5.06
C GLU O 109 -50.51 29.78 3.75
N TRP O 110 -49.91 28.60 3.59
CA TRP O 110 -50.06 27.89 2.33
C TRP O 110 -51.03 26.72 2.46
N GLY O 111 -51.22 26.23 3.68
CA GLY O 111 -52.17 25.18 3.91
C GLY O 111 -51.56 23.80 3.75
N LYS O 112 -52.40 22.87 3.31
CA LYS O 112 -51.92 21.51 3.07
C LYS O 112 -50.88 21.50 1.95
N THR O 113 -50.04 20.46 1.96
CA THR O 113 -48.95 20.40 1.01
C THR O 113 -49.45 20.40 -0.42
N GLN O 114 -50.66 19.88 -0.66
CA GLN O 114 -51.20 19.88 -2.01
C GLN O 114 -51.50 21.29 -2.47
N GLU O 115 -52.23 22.06 -1.67
CA GLU O 115 -52.55 23.43 -2.04
C GLU O 115 -51.31 24.32 -2.11
N ALA O 116 -50.19 23.87 -1.56
CA ALA O 116 -48.96 24.60 -1.67
C ALA O 116 -48.18 24.22 -2.92
N MET O 117 -48.16 22.94 -3.28
CA MET O 117 -47.49 22.51 -4.50
C MET O 117 -48.23 22.93 -5.75
N GLU O 118 -49.52 23.25 -5.66
CA GLU O 118 -50.21 23.87 -6.79
C GLU O 118 -49.92 25.35 -6.90
N ALA O 119 -49.66 26.02 -5.79
CA ALA O 119 -49.22 27.40 -5.82
C ALA O 119 -47.75 27.52 -6.17
N ALA O 120 -47.00 26.42 -6.10
CA ALA O 120 -45.62 26.40 -6.52
C ALA O 120 -45.46 25.94 -7.96
N LEU O 121 -46.41 25.17 -8.48
CA LEU O 121 -46.42 24.82 -9.88
C LEU O 121 -47.00 25.92 -10.75
N ALA O 122 -48.07 26.58 -10.31
CA ALA O 122 -48.58 27.74 -11.02
C ALA O 122 -47.59 28.89 -11.05
N MET O 123 -46.61 28.88 -10.17
CA MET O 123 -45.54 29.87 -10.21
C MET O 123 -44.41 29.47 -11.15
N GLU O 124 -44.18 28.16 -11.31
CA GLU O 124 -43.22 27.71 -12.32
C GLU O 124 -43.74 27.90 -13.72
N LYS O 125 -44.95 27.41 -14.00
CA LYS O 125 -45.56 27.59 -15.31
C LYS O 125 -45.72 29.06 -15.68
N ASN O 126 -45.73 29.94 -14.69
CA ASN O 126 -45.70 31.37 -14.96
C ASN O 126 -44.30 31.91 -15.12
N LEU O 127 -43.33 31.39 -14.39
CA LEU O 127 -41.93 31.72 -14.61
C LEU O 127 -41.40 31.13 -15.90
N ASN O 128 -41.85 29.95 -16.29
CA ASN O 128 -41.48 29.37 -17.57
C ASN O 128 -42.08 30.14 -18.73
N GLN O 129 -43.27 30.71 -18.56
CA GLN O 129 -43.85 31.51 -19.62
C GLN O 129 -43.02 32.77 -19.87
N ALA O 130 -42.47 33.35 -18.81
CA ALA O 130 -41.63 34.52 -18.98
C ALA O 130 -40.36 34.18 -19.74
N LEU O 131 -39.80 33.00 -19.49
CA LEU O 131 -38.63 32.57 -20.24
C LEU O 131 -38.96 32.38 -21.71
N LEU O 132 -40.11 31.80 -22.02
CA LEU O 132 -40.51 31.64 -23.39
C LEU O 132 -40.77 32.97 -24.08
N ASP O 133 -41.34 33.94 -23.39
CA ASP O 133 -41.48 35.27 -23.96
C ASP O 133 -40.15 35.94 -24.18
N LEU O 134 -39.19 35.74 -23.27
CA LEU O 134 -37.85 36.27 -23.50
C LEU O 134 -37.21 35.63 -24.72
N HIS O 135 -37.35 34.32 -24.87
CA HIS O 135 -36.80 33.65 -26.04
C HIS O 135 -37.50 34.05 -27.31
N ALA O 136 -38.78 34.36 -27.26
CA ALA O 136 -39.48 34.88 -28.43
C ALA O 136 -39.01 36.28 -28.79
N LEU O 137 -38.81 37.12 -27.79
CA LEU O 137 -38.26 38.45 -28.04
C LEU O 137 -36.85 38.38 -28.59
N GLY O 138 -36.01 37.52 -28.02
CA GLY O 138 -34.65 37.42 -28.49
C GLY O 138 -34.54 36.89 -29.92
N SER O 139 -35.39 35.94 -30.27
CA SER O 139 -35.47 35.48 -31.65
C SER O 139 -36.07 36.54 -32.57
N ALA O 140 -36.87 37.46 -32.03
CA ALA O 140 -37.42 38.53 -32.85
C ALA O 140 -36.35 39.53 -33.22
N ARG O 141 -35.42 39.81 -32.32
CA ARG O 141 -34.34 40.75 -32.59
C ARG O 141 -33.08 40.05 -33.08
N ALA O 142 -33.16 38.77 -33.43
CA ALA O 142 -32.05 37.99 -33.95
C ALA O 142 -30.84 38.04 -33.00
N ASP O 143 -31.07 37.55 -31.79
CA ASP O 143 -30.02 37.45 -30.78
C ASP O 143 -29.73 35.97 -30.54
N PRO O 144 -28.85 35.35 -31.32
CA PRO O 144 -28.64 33.90 -31.16
C PRO O 144 -28.01 33.53 -29.85
N HIS O 145 -27.10 34.34 -29.32
CA HIS O 145 -26.45 33.98 -28.07
C HIS O 145 -27.45 33.92 -26.93
N LEU O 146 -28.41 34.84 -26.90
CA LEU O 146 -29.41 34.80 -25.84
C LEU O 146 -30.28 33.56 -25.94
N CYS O 147 -30.71 33.21 -27.15
CA CYS O 147 -31.55 32.03 -27.31
C CYS O 147 -30.77 30.78 -26.92
N ASP O 148 -29.49 30.71 -27.27
CA ASP O 148 -28.69 29.58 -26.86
C ASP O 148 -28.54 29.52 -25.35
N PHE O 149 -28.27 30.66 -24.72
CA PHE O 149 -28.12 30.71 -23.27
C PHE O 149 -29.38 30.20 -22.58
N LEU O 150 -30.54 30.69 -23.01
CA LEU O 150 -31.79 30.21 -22.45
C LEU O 150 -31.96 28.72 -22.68
N GLU O 151 -31.91 28.30 -23.95
CA GLU O 151 -32.11 26.90 -24.29
C GLU O 151 -31.20 25.99 -23.47
N SER O 152 -30.01 26.48 -23.13
CA SER O 152 -29.05 25.63 -22.43
C SER O 152 -29.32 25.60 -20.93
N HIS O 153 -29.59 26.74 -20.33
CA HIS O 153 -29.55 26.84 -18.88
C HIS O 153 -30.91 26.89 -18.20
N TYR O 154 -31.97 27.28 -18.90
CA TYR O 154 -33.22 27.55 -18.21
C TYR O 154 -34.38 26.69 -18.69
N LEU O 155 -34.55 26.56 -20.01
CA LEU O 155 -35.78 25.97 -20.53
C LEU O 155 -35.91 24.51 -20.13
N ASP O 156 -34.86 23.72 -20.37
CA ASP O 156 -34.97 22.30 -20.09
C ASP O 156 -35.06 22.03 -18.59
N LYS O 157 -34.26 22.75 -17.80
CA LYS O 157 -34.39 22.66 -16.35
C LYS O 157 -35.81 22.95 -15.91
N GLU O 158 -36.46 23.93 -16.55
CA GLU O 158 -37.77 24.33 -16.10
C GLU O 158 -38.83 23.30 -16.47
N VAL O 159 -38.75 22.73 -17.68
CA VAL O 159 -39.72 21.68 -18.00
C VAL O 159 -39.52 20.44 -17.17
N LYS O 160 -38.28 20.12 -16.80
CA LYS O 160 -38.07 18.99 -15.92
C LYS O 160 -38.60 19.26 -14.52
N LEU O 161 -38.41 20.48 -14.01
CA LEU O 161 -38.96 20.82 -12.70
C LEU O 161 -40.47 20.80 -12.71
N ILE O 162 -41.10 21.30 -13.76
CA ILE O 162 -42.56 21.27 -13.84
C ILE O 162 -43.05 19.84 -13.91
N LYS O 163 -42.34 18.97 -14.64
CA LYS O 163 -42.72 17.57 -14.68
C LYS O 163 -42.63 16.95 -13.29
N LYS O 164 -41.55 17.24 -12.57
CA LYS O 164 -41.42 16.73 -11.21
C LYS O 164 -42.54 17.20 -10.32
N MET O 165 -42.91 18.48 -10.40
CA MET O 165 -44.00 19.01 -9.62
C MET O 165 -45.34 18.40 -9.98
N GLY O 166 -45.56 18.08 -11.25
CA GLY O 166 -46.78 17.42 -11.65
C GLY O 166 -46.86 16.01 -11.09
N ASN O 167 -45.72 15.33 -11.11
CA ASN O 167 -45.65 14.02 -10.46
C ASN O 167 -46.00 14.13 -9.00
N HIS O 168 -45.41 15.09 -8.29
CA HIS O 168 -45.74 15.30 -6.89
C HIS O 168 -47.21 15.59 -6.71
N LEU O 169 -47.80 16.38 -7.61
CA LEU O 169 -49.20 16.75 -7.45
C LEU O 169 -50.11 15.56 -7.60
N THR O 170 -49.87 14.72 -8.62
CA THR O 170 -50.75 13.56 -8.79
C THR O 170 -50.53 12.54 -7.69
N ASN O 171 -49.30 12.39 -7.21
CA ASN O 171 -49.09 11.50 -6.08
C ASN O 171 -49.77 12.01 -4.83
N LEU O 172 -49.85 13.33 -4.68
CA LEU O 172 -50.56 13.90 -3.55
C LEU O 172 -52.06 13.76 -3.67
N ARG O 173 -52.62 13.91 -4.86
CA ARG O 173 -54.03 13.63 -5.07
C ARG O 173 -54.36 12.16 -4.95
N ARG O 174 -53.37 11.30 -5.13
CA ARG O 174 -53.59 9.86 -5.02
C ARG O 174 -53.75 9.42 -3.58
N VAL O 175 -53.05 10.09 -2.67
CA VAL O 175 -53.04 9.67 -1.27
C VAL O 175 -53.98 10.56 -0.46
N ALA O 176 -54.73 11.41 -1.14
CA ALA O 176 -55.63 12.32 -0.44
C ALA O 176 -56.78 11.56 0.20
N SER O 189 -55.06 13.15 7.67
CA SER O 189 -54.24 13.29 6.47
C SER O 189 -53.04 12.36 6.52
N LEU O 190 -53.29 11.08 6.75
CA LEU O 190 -52.21 10.10 6.81
C LEU O 190 -51.47 10.03 5.49
N GLY O 191 -52.19 10.15 4.38
CA GLY O 191 -51.55 10.03 3.09
C GLY O 191 -50.51 11.11 2.84
N GLU O 192 -50.77 12.32 3.34
CA GLU O 192 -49.82 13.40 3.14
C GLU O 192 -48.53 13.14 3.90
N TYR O 193 -48.64 12.66 5.14
CA TYR O 193 -47.46 12.27 5.89
C TYR O 193 -46.71 11.15 5.19
N LEU O 194 -47.44 10.13 4.71
CA LEU O 194 -46.79 9.03 4.02
C LEU O 194 -46.06 9.51 2.78
N PHE O 195 -46.67 10.43 2.04
CA PHE O 195 -46.01 10.98 0.86
C PHE O 195 -44.73 11.70 1.24
N GLU O 196 -44.82 12.61 2.20
CA GLU O 196 -43.62 13.34 2.62
C GLU O 196 -42.54 12.39 3.09
N ARG O 197 -42.91 11.26 3.68
CA ARG O 197 -41.92 10.35 4.22
C ARG O 197 -41.29 9.50 3.12
N LEU O 198 -42.09 9.07 2.15
CA LEU O 198 -41.62 8.04 1.24
C LEU O 198 -41.09 8.62 -0.07
N THR O 199 -41.64 9.75 -0.52
CA THR O 199 -41.17 10.37 -1.76
C THR O 199 -40.16 11.47 -1.47
N LEU O 200 -40.59 12.49 -0.73
CA LEU O 200 -39.79 13.70 -0.60
C LEU O 200 -38.56 13.46 0.27
N LYS O 201 -38.74 12.80 1.41
CA LYS O 201 -37.59 12.52 2.26
C LYS O 201 -36.62 11.57 1.58
N HIS O 202 -37.16 10.60 0.83
CA HIS O 202 -36.32 9.64 0.14
C HIS O 202 -35.41 10.32 -0.88
N ASP O 203 -35.89 11.37 -1.53
CA ASP O 203 -35.05 12.14 -2.44
C ASP O 203 -34.19 13.18 -1.74
N GLY O 204 -34.65 13.70 -0.61
CA GLY O 204 -33.79 14.61 0.16
C GLY O 204 -32.56 13.89 0.68
N ASP O 205 -32.70 12.61 0.98
CA ASP O 205 -31.54 11.83 1.42
C ASP O 205 -30.50 11.71 0.33
N ILE O 206 -30.93 11.55 -0.92
CA ILE O 206 -29.95 11.37 -2.00
C ILE O 206 -29.42 12.72 -2.47
N GLU O 207 -30.20 13.79 -2.30
CA GLU O 207 -29.64 15.13 -2.51
C GLU O 207 -28.44 15.36 -1.60
N SER O 208 -28.60 15.04 -0.32
CA SER O 208 -27.53 15.23 0.65
C SER O 208 -26.38 14.26 0.40
N ALA O 209 -26.59 13.29 -0.49
CA ALA O 209 -25.52 12.37 -0.88
C ALA O 209 -24.73 12.89 -2.07
N GLN O 210 -25.41 13.38 -3.10
CA GLN O 210 -24.70 13.90 -4.27
C GLN O 210 -24.18 15.31 -4.04
N SER O 211 -24.68 15.98 -3.00
CA SER O 211 -24.34 17.38 -2.72
C SER O 211 -22.84 17.58 -2.51
N THR P 22 -50.26 30.83 20.67
CA THR P 22 -51.18 29.70 20.52
C THR P 22 -50.43 28.45 20.10
N SER P 23 -49.17 28.60 19.73
CA SER P 23 -48.36 27.46 19.33
C SER P 23 -48.10 26.56 20.53
N GLN P 24 -47.99 25.26 20.26
CA GLN P 24 -47.79 24.31 21.35
C GLN P 24 -46.39 24.38 21.92
N ILE P 25 -45.42 24.82 21.12
CA ILE P 25 -44.04 24.88 21.56
C ILE P 25 -43.62 26.29 21.95
N ARG P 26 -44.48 27.28 21.75
CA ARG P 26 -44.16 28.65 22.09
C ARG P 26 -44.01 28.78 23.60
N GLN P 27 -42.82 29.16 24.05
CA GLN P 27 -42.57 29.33 25.48
C GLN P 27 -41.56 30.44 25.68
N ASN P 28 -41.93 31.44 26.47
CA ASN P 28 -41.06 32.57 26.79
C ASN P 28 -40.55 33.24 25.52
N TYR P 29 -41.48 33.51 24.60
CA TYR P 29 -41.14 34.15 23.33
C TYR P 29 -42.12 35.28 23.10
N SER P 30 -41.78 36.46 23.58
CA SER P 30 -42.66 37.61 23.51
C SER P 30 -42.96 37.98 22.06
N THR P 31 -44.14 38.56 21.85
CA THR P 31 -44.51 38.99 20.50
C THR P 31 -43.67 40.17 20.05
N GLU P 32 -43.17 40.97 20.99
CA GLU P 32 -42.31 42.09 20.62
C GLU P 32 -41.01 41.60 20.04
N VAL P 33 -40.46 40.51 20.58
CA VAL P 33 -39.29 39.87 19.98
C VAL P 33 -39.62 39.20 18.66
N GLU P 34 -40.74 38.48 18.59
CA GLU P 34 -41.15 37.85 17.35
C GLU P 34 -41.31 38.83 16.21
N ALA P 35 -41.82 40.03 16.50
CA ALA P 35 -41.94 41.06 15.48
C ALA P 35 -40.62 41.76 15.21
N ALA P 36 -39.79 41.97 16.23
CA ALA P 36 -38.48 42.56 16.01
C ALA P 36 -37.56 41.64 15.23
N VAL P 37 -37.77 40.32 15.33
CA VAL P 37 -37.01 39.39 14.49
C VAL P 37 -37.44 39.47 13.04
N ASN P 38 -38.73 39.50 12.76
CA ASN P 38 -39.22 39.64 11.40
C ASN P 38 -38.69 40.89 10.70
N ARG P 39 -38.52 41.98 11.44
CA ARG P 39 -37.91 43.16 10.85
C ARG P 39 -36.41 43.02 10.70
N LEU P 40 -35.80 42.03 11.32
CA LEU P 40 -34.38 41.79 11.18
C LEU P 40 -34.06 40.86 10.04
N VAL P 41 -34.95 39.93 9.70
CA VAL P 41 -34.74 39.12 8.52
C VAL P 41 -34.91 39.95 7.27
N ASN P 42 -35.87 40.88 7.26
CA ASN P 42 -36.00 41.77 6.14
C ASN P 42 -34.78 42.66 6.00
N LEU P 43 -34.19 43.07 7.12
CA LEU P 43 -32.95 43.83 7.06
C LEU P 43 -31.82 43.01 6.47
N HIS P 44 -31.68 41.75 6.90
CA HIS P 44 -30.64 40.90 6.34
C HIS P 44 -30.88 40.64 4.87
N LEU P 45 -32.12 40.44 4.47
CA LEU P 45 -32.40 40.21 3.06
C LEU P 45 -32.11 41.45 2.23
N ARG P 46 -32.48 42.63 2.73
CA ARG P 46 -32.18 43.86 2.00
C ARG P 46 -30.68 44.09 1.91
N ALA P 47 -29.95 43.74 2.97
CA ALA P 47 -28.51 43.86 2.96
C ALA P 47 -27.85 42.87 2.04
N SER P 48 -28.45 41.70 1.85
CA SER P 48 -27.97 40.74 0.88
C SER P 48 -28.31 41.16 -0.54
N TYR P 49 -29.43 41.84 -0.72
CA TYR P 49 -29.77 42.45 -1.99
C TYR P 49 -28.81 43.55 -2.39
N THR P 50 -28.44 44.41 -1.44
CA THR P 50 -27.48 45.46 -1.76
C THR P 50 -26.12 44.87 -2.12
N TYR P 51 -25.67 43.88 -1.36
CA TYR P 51 -24.40 43.25 -1.69
C TYR P 51 -24.47 42.53 -3.01
N LEU P 52 -25.63 41.97 -3.36
CA LEU P 52 -25.78 41.39 -4.68
C LEU P 52 -25.65 42.45 -5.76
N SER P 53 -26.20 43.63 -5.53
CA SER P 53 -26.06 44.71 -6.51
C SER P 53 -24.62 45.16 -6.62
N LEU P 54 -23.91 45.23 -5.50
CA LEU P 54 -22.52 45.64 -5.53
C LEU P 54 -21.65 44.60 -6.24
N GLY P 55 -21.87 43.32 -5.94
CA GLY P 55 -21.06 42.29 -6.54
C GLY P 55 -21.24 42.19 -8.05
N PHE P 56 -22.39 42.62 -8.56
CA PHE P 56 -22.63 42.62 -9.98
C PHE P 56 -22.39 43.99 -10.60
N PHE P 57 -21.97 44.96 -9.80
CA PHE P 57 -21.52 46.23 -10.34
C PHE P 57 -20.03 46.25 -10.60
N PHE P 58 -19.24 45.54 -9.81
CA PHE P 58 -17.80 45.50 -9.98
C PHE P 58 -17.35 44.42 -10.95
N ASP P 59 -18.27 43.64 -11.50
CA ASP P 59 -17.97 42.82 -12.65
C ASP P 59 -18.48 43.41 -13.95
N ARG P 60 -19.01 44.62 -13.92
CA ARG P 60 -19.37 45.29 -15.16
C ARG P 60 -18.13 45.48 -16.02
N ASP P 61 -18.34 45.55 -17.33
CA ASP P 61 -17.21 45.62 -18.25
C ASP P 61 -16.41 46.89 -18.04
N ASP P 62 -17.03 47.96 -17.54
CA ASP P 62 -16.37 49.26 -17.42
C ASP P 62 -15.85 49.52 -16.01
N VAL P 63 -15.89 48.52 -15.14
CA VAL P 63 -15.25 48.59 -13.83
C VAL P 63 -14.23 47.47 -13.68
N ALA P 64 -14.67 46.22 -13.85
CA ALA P 64 -13.79 45.06 -13.98
C ALA P 64 -12.90 44.89 -12.76
N LEU P 65 -13.40 45.23 -11.58
CA LEU P 65 -12.70 44.94 -10.34
C LEU P 65 -13.25 43.62 -9.82
N GLU P 66 -12.87 42.54 -10.50
CA GLU P 66 -13.49 41.25 -10.24
C GLU P 66 -13.19 40.75 -8.83
N GLY P 67 -12.07 41.20 -8.25
CA GLY P 67 -11.82 40.86 -6.85
C GLY P 67 -12.85 41.46 -5.92
N VAL P 68 -13.14 42.75 -6.10
CA VAL P 68 -14.18 43.39 -5.31
C VAL P 68 -15.54 42.75 -5.58
N GLY P 69 -15.79 42.43 -6.85
CA GLY P 69 -17.03 41.75 -7.18
C GLY P 69 -17.20 40.46 -6.42
N HIS P 70 -16.20 39.60 -6.45
CA HIS P 70 -16.26 38.35 -5.71
C HIS P 70 -16.34 38.56 -4.21
N PHE P 71 -15.68 39.57 -3.67
CA PHE P 71 -15.79 39.86 -2.26
C PHE P 71 -17.23 40.15 -1.87
N PHE P 72 -17.87 41.06 -2.59
CA PHE P 72 -19.26 41.38 -2.27
C PHE P 72 -20.18 40.22 -2.57
N ARG P 73 -19.84 39.39 -3.55
CA ARG P 73 -20.66 38.23 -3.85
C ARG P 73 -20.65 37.25 -2.70
N GLU P 74 -19.47 36.82 -2.26
CA GLU P 74 -19.40 35.91 -1.12
C GLU P 74 -19.79 36.59 0.17
N LEU P 75 -20.00 37.90 0.17
CA LEU P 75 -20.63 38.58 1.30
C LEU P 75 -22.14 38.48 1.27
N ALA P 76 -22.76 38.60 0.11
CA ALA P 76 -24.19 38.40 -0.01
C ALA P 76 -24.59 36.98 0.36
N GLU P 77 -23.79 35.98 -0.01
CA GLU P 77 -24.01 34.62 0.46
C GLU P 77 -24.16 34.59 1.97
N GLU P 78 -23.22 35.20 2.69
CA GLU P 78 -23.22 35.11 4.14
C GLU P 78 -24.38 35.90 4.75
N LYS P 79 -24.70 37.06 4.17
CA LYS P 79 -25.84 37.82 4.69
C LYS P 79 -27.14 37.06 4.52
N ARG P 80 -27.35 36.45 3.35
CA ARG P 80 -28.55 35.66 3.15
C ARG P 80 -28.58 34.46 4.08
N GLU P 81 -27.46 33.78 4.25
CA GLU P 81 -27.41 32.70 5.23
C GLU P 81 -27.77 33.18 6.62
N GLY P 82 -27.35 34.39 6.97
CA GLY P 82 -27.74 34.95 8.25
C GLY P 82 -29.22 35.24 8.32
N ALA P 83 -29.85 35.45 7.17
CA ALA P 83 -31.29 35.65 7.15
C ALA P 83 -32.08 34.35 7.36
N GLU P 84 -31.67 33.25 6.73
CA GLU P 84 -32.39 32.00 6.92
C GLU P 84 -32.06 31.32 8.24
N ARG P 85 -30.97 31.71 8.88
CA ARG P 85 -30.69 31.24 10.22
C ARG P 85 -31.53 31.95 11.26
N LEU P 86 -31.99 33.16 10.96
CA LEU P 86 -32.95 33.84 11.81
C LEU P 86 -34.37 33.33 11.59
N LEU P 87 -34.68 32.85 10.40
CA LEU P 87 -35.99 32.28 10.14
C LEU P 87 -36.18 30.92 10.77
N GLU P 88 -35.16 30.07 10.74
CA GLU P 88 -35.27 28.80 11.42
C GLU P 88 -35.25 28.94 12.93
N PHE P 89 -34.66 30.01 13.45
CA PHE P 89 -34.83 30.35 14.85
C PHE P 89 -36.23 30.81 15.16
N GLN P 90 -36.87 31.53 14.23
CA GLN P 90 -38.25 31.91 14.41
C GLN P 90 -39.15 30.67 14.50
N ASN P 91 -38.81 29.63 13.76
CA ASN P 91 -39.62 28.41 13.81
C ASN P 91 -39.33 27.61 15.07
N ASP P 92 -38.07 27.53 15.47
CA ASP P 92 -37.72 26.78 16.68
C ASP P 92 -38.42 27.35 17.91
N ARG P 93 -38.53 28.66 17.98
CA ARG P 93 -39.19 29.29 19.11
C ARG P 93 -40.70 29.35 18.96
N GLY P 94 -41.23 28.91 17.83
CA GLY P 94 -42.67 28.89 17.64
C GLY P 94 -43.26 30.16 17.08
N GLY P 95 -42.46 31.06 16.55
CA GLY P 95 -42.97 32.27 15.95
C GLY P 95 -43.48 32.04 14.54
N ARG P 96 -44.07 33.09 13.97
CA ARG P 96 -44.59 33.04 12.62
C ARG P 96 -43.81 34.03 11.77
N ALA P 97 -43.16 33.51 10.73
CA ALA P 97 -42.37 34.35 9.84
C ALA P 97 -43.28 35.17 8.93
N LEU P 98 -43.15 36.48 9.01
CA LEU P 98 -43.92 37.41 8.19
C LEU P 98 -42.96 38.12 7.25
N PHE P 99 -43.09 37.85 5.96
CA PHE P 99 -42.18 38.44 5.00
C PHE P 99 -42.72 39.78 4.51
N GLN P 100 -41.80 40.65 4.12
CA GLN P 100 -42.14 41.97 3.62
C GLN P 100 -41.39 42.20 2.32
N ASP P 101 -41.72 43.29 1.64
CA ASP P 101 -41.08 43.61 0.37
C ASP P 101 -39.62 43.96 0.62
N VAL P 102 -38.72 43.22 0.01
CA VAL P 102 -37.30 43.56 0.07
C VAL P 102 -37.08 44.81 -0.76
N GLN P 103 -36.87 45.94 -0.10
CA GLN P 103 -36.69 47.19 -0.81
C GLN P 103 -35.39 47.18 -1.59
N LYS P 104 -35.42 47.76 -2.77
CA LYS P 104 -34.28 47.74 -3.68
C LYS P 104 -33.09 48.48 -3.07
N PRO P 105 -31.88 48.19 -3.55
CA PRO P 105 -30.70 48.86 -2.99
C PRO P 105 -30.77 50.36 -3.16
N SER P 106 -29.91 51.06 -2.41
CA SER P 106 -29.96 52.52 -2.40
C SER P 106 -29.50 53.10 -3.72
N GLN P 107 -28.44 52.56 -4.30
CA GLN P 107 -27.85 53.09 -5.52
C GLN P 107 -27.78 52.02 -6.58
N ASP P 108 -27.66 52.46 -7.83
CA ASP P 108 -27.31 51.56 -8.93
C ASP P 108 -25.90 51.80 -9.43
N GLU P 109 -25.34 52.98 -9.17
CA GLU P 109 -23.95 53.27 -9.46
C GLU P 109 -23.27 53.50 -8.13
N TRP P 110 -22.19 52.78 -7.87
CA TRP P 110 -21.54 52.91 -6.58
C TRP P 110 -20.25 53.71 -6.69
N GLY P 111 -19.68 53.80 -7.87
CA GLY P 111 -18.50 54.60 -8.09
C GLY P 111 -17.22 53.83 -7.82
N LYS P 112 -16.22 54.56 -7.37
CA LYS P 112 -14.95 53.96 -7.02
C LYS P 112 -15.12 52.98 -5.87
N THR P 113 -14.20 52.02 -5.78
CA THR P 113 -14.31 50.97 -4.78
C THR P 113 -14.33 51.55 -3.37
N GLN P 114 -13.68 52.69 -3.16
CA GLN P 114 -13.69 53.30 -1.83
C GLN P 114 -15.08 53.79 -1.47
N GLU P 115 -15.70 54.57 -2.34
CA GLU P 115 -17.04 55.07 -2.08
C GLU P 115 -18.07 53.96 -2.00
N ALA P 116 -17.73 52.76 -2.48
CA ALA P 116 -18.62 51.62 -2.34
C ALA P 116 -18.40 50.88 -1.04
N MET P 117 -17.15 50.73 -0.60
CA MET P 117 -16.88 50.07 0.66
C MET P 117 -17.26 50.92 1.85
N GLU P 118 -17.42 52.23 1.69
CA GLU P 118 -18.00 53.05 2.74
C GLU P 118 -19.51 52.94 2.78
N ALA P 119 -20.16 52.71 1.64
CA ALA P 119 -21.59 52.44 1.63
C ALA P 119 -21.90 51.01 2.02
N ALA P 120 -20.89 50.14 2.05
CA ALA P 120 -21.06 48.78 2.54
C ALA P 120 -20.71 48.65 4.01
N LEU P 121 -19.86 49.53 4.53
CA LEU P 121 -19.58 49.57 5.94
C LEU P 121 -20.64 50.32 6.72
N ALA P 122 -21.14 51.43 6.20
CA ALA P 122 -22.27 52.12 6.81
C ALA P 122 -23.53 51.28 6.83
N MET P 123 -23.59 50.25 5.98
CA MET P 123 -24.70 49.31 6.02
C MET P 123 -24.49 48.19 7.03
N GLU P 124 -23.24 47.82 7.28
CA GLU P 124 -22.97 46.87 8.34
C GLU P 124 -23.16 47.48 9.71
N LYS P 125 -22.55 48.63 9.97
CA LYS P 125 -22.72 49.34 11.23
C LYS P 125 -24.17 49.67 11.51
N ASN P 126 -25.00 49.74 10.48
CA ASN P 126 -26.43 49.91 10.66
C ASN P 126 -27.14 48.59 10.86
N LEU P 127 -26.70 47.53 10.20
CA LEU P 127 -27.22 46.19 10.46
C LEU P 127 -26.77 45.66 11.81
N ASN P 128 -25.56 45.98 12.24
CA ASN P 128 -25.10 45.61 13.57
C ASN P 128 -25.85 46.36 14.65
N GLN P 129 -26.26 47.60 14.40
CA GLN P 129 -27.04 48.34 15.38
C GLN P 129 -28.39 47.67 15.59
N ALA P 130 -28.99 47.14 14.52
CA ALA P 130 -30.26 46.46 14.66
C ALA P 130 -30.11 45.20 15.51
N LEU P 131 -29.01 44.47 15.34
CA LEU P 131 -28.77 43.31 16.17
C LEU P 131 -28.61 43.69 17.63
N LEU P 132 -27.90 44.78 17.92
CA LEU P 132 -27.78 45.23 19.29
C LEU P 132 -29.08 45.68 19.89
N ASP P 133 -29.95 46.33 19.11
CA ASP P 133 -31.28 46.66 19.60
C ASP P 133 -32.12 45.42 19.84
N LEU P 134 -31.98 44.41 18.99
CA LEU P 134 -32.69 43.16 19.25
C LEU P 134 -32.20 42.50 20.52
N HIS P 135 -30.89 42.49 20.74
CA HIS P 135 -30.35 41.93 21.96
C HIS P 135 -30.74 42.74 23.20
N ALA P 136 -30.88 44.05 23.06
CA ALA P 136 -31.37 44.85 24.16
C ALA P 136 -32.83 44.57 24.47
N LEU P 137 -33.64 44.42 23.42
CA LEU P 137 -35.04 44.06 23.62
C LEU P 137 -35.17 42.68 24.25
N GLY P 138 -34.39 41.71 23.76
CA GLY P 138 -34.48 40.37 24.30
C GLY P 138 -34.05 40.29 25.75
N SER P 139 -33.02 41.03 26.13
CA SER P 139 -32.64 41.12 27.53
C SER P 139 -33.65 41.89 28.35
N ALA P 140 -34.43 42.77 27.72
CA ALA P 140 -35.47 43.48 28.45
C ALA P 140 -36.63 42.57 28.81
N ARG P 141 -36.96 41.62 27.94
CA ARG P 141 -38.03 40.67 28.20
C ARG P 141 -37.52 39.37 28.79
N ALA P 142 -36.27 39.32 29.20
CA ALA P 142 -35.67 38.15 29.82
C ALA P 142 -35.81 36.92 28.94
N ASP P 143 -35.23 37.02 27.74
CA ASP P 143 -35.20 35.91 26.79
C ASP P 143 -33.76 35.43 26.65
N PRO P 144 -33.29 34.53 27.50
CA PRO P 144 -31.88 34.14 27.44
C PRO P 144 -31.51 33.40 26.18
N HIS P 145 -32.41 32.56 25.64
CA HIS P 145 -32.06 31.81 24.45
C HIS P 145 -31.81 32.73 23.26
N LEU P 146 -32.60 33.80 23.15
CA LEU P 146 -32.39 34.73 22.05
C LEU P 146 -31.06 35.45 22.18
N CYS P 147 -30.73 35.91 23.39
CA CYS P 147 -29.46 36.59 23.57
C CYS P 147 -28.30 35.66 23.30
N ASP P 148 -28.41 34.40 23.71
CA ASP P 148 -27.36 33.44 23.40
C ASP P 148 -27.24 33.20 21.90
N PHE P 149 -28.37 33.05 21.22
CA PHE P 149 -28.36 32.83 19.78
C PHE P 149 -27.67 33.98 19.06
N LEU P 150 -28.04 35.21 19.41
CA LEU P 150 -27.38 36.37 18.82
C LEU P 150 -25.90 36.36 19.14
N GLU P 151 -25.54 36.33 20.42
CA GLU P 151 -24.15 36.37 20.84
C GLU P 151 -23.33 35.33 20.11
N SER P 152 -23.93 34.19 19.80
CA SER P 152 -23.17 33.10 19.20
C SER P 152 -23.02 33.28 17.70
N HIS P 153 -24.10 33.66 17.01
CA HIS P 153 -24.11 33.55 15.56
C HIS P 153 -23.97 34.86 14.82
N TYR P 154 -24.27 36.00 15.44
CA TYR P 154 -24.34 37.25 14.68
C TYR P 154 -23.37 38.30 15.17
N LEU P 155 -23.29 38.54 16.48
CA LEU P 155 -22.59 39.71 16.97
C LEU P 155 -21.10 39.64 16.66
N ASP P 156 -20.45 38.52 16.99
CA ASP P 156 -19.02 38.44 16.79
C ASP P 156 -18.67 38.43 15.31
N LYS P 157 -19.43 37.67 14.51
CA LYS P 157 -19.26 37.71 13.07
C LYS P 157 -19.35 39.14 12.55
N GLU P 158 -20.27 39.92 13.10
CA GLU P 158 -20.48 41.26 12.57
C GLU P 158 -19.35 42.20 12.95
N VAL P 159 -18.85 42.12 14.19
CA VAL P 159 -17.72 42.98 14.53
C VAL P 159 -16.47 42.58 13.78
N LYS P 160 -16.28 41.29 13.49
CA LYS P 160 -15.14 40.90 12.68
C LYS P 160 -15.27 41.38 11.25
N LEU P 161 -16.47 41.32 10.68
CA LEU P 161 -16.68 41.83 9.33
C LEU P 161 -16.47 43.33 9.27
N ILE P 162 -16.95 44.08 10.26
CA ILE P 162 -16.75 45.52 10.28
C ILE P 162 -15.26 45.84 10.40
N LYS P 163 -14.54 45.07 11.21
CA LYS P 163 -13.10 45.27 11.32
C LYS P 163 -12.42 45.04 9.98
N LYS P 164 -12.80 43.96 9.29
CA LYS P 164 -12.24 43.70 7.97
C LYS P 164 -12.53 44.83 7.00
N MET P 165 -13.75 45.35 6.99
CA MET P 165 -14.10 46.46 6.12
C MET P 165 -13.35 47.73 6.47
N GLY P 166 -13.07 47.97 7.74
CA GLY P 166 -12.30 49.14 8.12
C GLY P 166 -10.86 49.01 7.65
N ASN P 167 -10.33 47.79 7.75
CA ASN P 167 -9.00 47.54 7.19
C ASN P 167 -8.98 47.83 5.70
N HIS P 168 -9.97 47.31 4.97
CA HIS P 168 -10.07 47.59 3.54
C HIS P 168 -10.16 49.08 3.29
N LEU P 169 -10.92 49.80 4.11
CA LEU P 169 -11.12 51.23 3.86
C LEU P 169 -9.83 51.99 4.05
N THR P 170 -9.08 51.72 5.12
CA THR P 170 -7.84 52.45 5.32
C THR P 170 -6.80 52.06 4.29
N ASN P 171 -6.77 50.79 3.88
CA ASN P 171 -5.84 50.41 2.82
C ASN P 171 -6.21 51.10 1.50
N LEU P 172 -7.50 51.32 1.27
CA LEU P 172 -7.92 52.03 0.07
C LEU P 172 -7.60 53.50 0.14
N ARG P 173 -7.74 54.14 1.29
CA ARG P 173 -7.30 55.52 1.45
C ARG P 173 -5.80 55.65 1.41
N ARG P 174 -5.07 54.58 1.69
CA ARG P 174 -3.62 54.64 1.66
C ARG P 174 -3.09 54.66 0.23
N VAL P 175 -3.77 54.00 -0.70
CA VAL P 175 -3.29 53.87 -2.07
C VAL P 175 -4.02 54.86 -2.96
N ALA P 176 -4.81 55.74 -2.38
CA ALA P 176 -5.56 56.71 -3.14
C ALA P 176 -4.63 57.72 -3.81
N SER P 189 -6.03 55.81 -11.26
CA SER P 189 -6.33 55.08 -10.04
C SER P 189 -5.55 53.78 -9.98
N LEU P 190 -4.24 53.87 -10.16
CA LEU P 190 -3.41 52.68 -10.11
C LEU P 190 -3.49 51.99 -8.76
N GLY P 191 -3.58 52.78 -7.69
CA GLY P 191 -3.60 52.20 -6.36
C GLY P 191 -4.81 51.31 -6.13
N GLU P 192 -5.95 51.69 -6.70
CA GLU P 192 -7.16 50.89 -6.53
C GLU P 192 -7.02 49.54 -7.22
N TYR P 193 -6.47 49.52 -8.43
CA TYR P 193 -6.18 48.27 -9.10
C TYR P 193 -5.20 47.43 -8.30
N LEU P 194 -4.13 48.05 -7.80
CA LEU P 194 -3.15 47.31 -7.02
C LEU P 194 -3.78 46.71 -5.77
N PHE P 195 -4.67 47.46 -5.11
CA PHE P 195 -5.34 46.94 -3.94
C PHE P 195 -6.20 45.74 -4.30
N GLU P 196 -7.05 45.89 -5.33
CA GLU P 196 -7.89 44.77 -5.73
C GLU P 196 -7.06 43.55 -6.09
N ARG P 197 -5.86 43.76 -6.63
CA ARG P 197 -5.04 42.63 -7.07
C ARG P 197 -4.34 41.97 -5.90
N LEU P 198 -3.87 42.76 -4.94
CA LEU P 198 -2.95 42.22 -3.95
C LEU P 198 -3.66 41.83 -2.65
N THR P 199 -4.73 42.53 -2.31
CA THR P 199 -5.47 42.20 -1.08
C THR P 199 -6.67 41.32 -1.39
N LEU P 200 -7.59 41.83 -2.20
CA LEU P 200 -8.88 41.18 -2.37
C LEU P 200 -8.75 39.89 -3.16
N LYS P 201 -8.02 39.93 -4.27
CA LYS P 201 -7.83 38.71 -5.05
C LYS P 201 -7.04 37.67 -4.26
N HIS P 202 -6.06 38.12 -3.48
CA HIS P 202 -5.24 37.21 -2.70
C HIS P 202 -6.08 36.44 -1.69
N ASP P 203 -7.11 37.07 -1.13
CA ASP P 203 -8.02 36.39 -0.22
C ASP P 203 -9.11 35.62 -0.94
N GLY P 204 -9.52 36.08 -2.12
CA GLY P 204 -10.47 35.30 -2.90
C GLY P 204 -9.90 33.96 -3.32
N ASP P 205 -8.58 33.93 -3.56
CA ASP P 205 -7.93 32.67 -3.90
C ASP P 205 -8.01 31.68 -2.75
N ILE P 206 -7.85 32.15 -1.51
CA ILE P 206 -7.86 31.21 -0.39
C ILE P 206 -9.28 30.87 0.02
N GLU P 207 -10.24 31.76 -0.24
CA GLU P 207 -11.65 31.38 -0.08
C GLU P 207 -11.97 30.17 -0.95
N SER P 208 -11.57 30.24 -2.22
CA SER P 208 -11.83 29.14 -3.14
C SER P 208 -11.03 27.90 -2.77
N ALA P 209 -10.08 28.03 -1.85
CA ALA P 209 -9.33 26.89 -1.36
C ALA P 209 -10.00 26.22 -0.17
N GLN P 210 -10.47 27.01 0.80
CA GLN P 210 -11.12 26.43 1.97
C GLN P 210 -12.59 26.07 1.68
N SER P 211 -13.12 26.60 0.58
CA SER P 211 -14.54 26.41 0.24
C SER P 211 -14.91 24.94 0.08
N THR Q 22 26.58 31.09 47.55
CA THR Q 22 26.20 30.11 48.57
C THR Q 22 25.56 28.90 47.92
N SER Q 23 25.24 29.00 46.63
CA SER Q 23 24.64 27.89 45.92
C SER Q 23 25.64 26.76 45.78
N GLN Q 24 25.13 25.53 45.77
CA GLN Q 24 26.01 24.37 45.70
C GLN Q 24 26.61 24.20 44.31
N ILE Q 25 25.93 24.70 43.28
CA ILE Q 25 26.39 24.55 41.91
C ILE Q 25 27.05 25.80 41.39
N ARG Q 26 27.03 26.89 42.15
CA ARG Q 26 27.63 28.14 41.72
C ARG Q 26 29.14 27.96 41.60
N GLN Q 27 29.67 28.13 40.40
CA GLN Q 27 31.11 28.00 40.18
C GLN Q 27 31.53 28.96 39.07
N ASN Q 28 32.50 29.82 39.39
CA ASN Q 28 33.04 30.78 38.43
C ASN Q 28 31.93 31.63 37.83
N TYR Q 29 31.07 32.16 38.69
CA TYR Q 29 29.96 32.99 38.27
C TYR Q 29 29.93 34.23 39.14
N SER Q 30 30.62 35.26 38.71
CA SER Q 30 30.77 36.48 39.48
C SER Q 30 29.42 37.15 39.70
N THR Q 31 29.31 37.86 40.82
CA THR Q 31 28.07 38.57 41.11
C THR Q 31 27.85 39.73 40.15
N GLU Q 32 28.95 40.28 39.61
CA GLU Q 32 28.82 41.37 38.65
C GLU Q 32 28.15 40.89 37.37
N VAL Q 33 28.49 39.66 36.94
CA VAL Q 33 27.80 39.06 35.81
C VAL Q 33 26.37 38.68 36.16
N GLU Q 34 26.14 38.10 37.34
CA GLU Q 34 24.80 37.75 37.77
C GLU Q 34 23.87 38.95 37.81
N ALA Q 35 24.37 40.10 38.22
CA ALA Q 35 23.58 41.32 38.20
C ALA Q 35 23.46 41.92 36.82
N ALA Q 36 24.52 41.88 36.01
CA ALA Q 36 24.44 42.36 34.64
C ALA Q 36 23.50 41.52 33.79
N VAL Q 37 23.33 40.23 34.11
CA VAL Q 37 22.35 39.42 33.42
C VAL Q 37 20.94 39.81 33.79
N ASN Q 38 20.65 40.02 35.07
CA ASN Q 38 19.34 40.45 35.49
C ASN Q 38 18.90 41.75 34.84
N ARG Q 39 19.83 42.68 34.59
CA ARG Q 39 19.49 43.89 33.86
C ARG Q 39 19.34 43.64 32.38
N LEU Q 40 19.77 42.49 31.89
CA LEU Q 40 19.61 42.15 30.48
C LEU Q 40 18.30 41.43 30.21
N VAL Q 41 17.78 40.67 31.17
CA VAL Q 41 16.46 40.08 31.00
C VAL Q 41 15.39 41.16 31.05
N ASN Q 42 15.56 42.15 31.92
CA ASN Q 42 14.62 43.25 31.94
C ASN Q 42 14.68 44.03 30.65
N LEU Q 43 15.86 44.16 30.05
CA LEU Q 43 15.96 44.81 28.75
C LEU Q 43 15.24 44.00 27.68
N HIS Q 44 15.43 42.69 27.67
CA HIS Q 44 14.73 41.87 26.70
C HIS Q 44 13.23 41.91 26.89
N LEU Q 45 12.78 41.91 28.14
CA LEU Q 45 11.35 41.98 28.40
C LEU Q 45 10.78 43.32 27.97
N ARG Q 46 11.49 44.41 28.25
CA ARG Q 46 11.02 45.72 27.83
C ARG Q 46 11.00 45.83 26.31
N ALA Q 47 11.98 45.22 25.64
CA ALA Q 47 12.02 45.20 24.20
C ALA Q 47 10.92 44.35 23.60
N SER Q 48 10.51 43.29 24.30
CA SER Q 48 9.37 42.49 23.87
C SER Q 48 8.06 43.21 24.13
N TYR Q 49 8.01 44.02 25.18
CA TYR Q 49 6.86 44.88 25.43
C TYR Q 49 6.70 45.95 24.37
N THR Q 50 7.80 46.59 23.94
CA THR Q 50 7.71 47.58 22.88
C THR Q 50 7.26 46.95 21.57
N TYR Q 51 7.82 45.79 21.23
CA TYR Q 51 7.39 45.12 20.02
C TYR Q 51 5.95 44.67 20.11
N LEU Q 52 5.49 44.31 21.30
CA LEU Q 52 4.07 44.00 21.46
C LEU Q 52 3.22 45.22 21.21
N SER Q 53 3.68 46.39 21.65
CA SER Q 53 2.92 47.61 21.40
C SER Q 53 2.91 47.95 19.91
N LEU Q 54 4.04 47.73 19.24
CA LEU Q 54 4.11 48.00 17.81
C LEU Q 54 3.23 47.06 17.02
N GLY Q 55 3.26 45.77 17.36
CA GLY Q 55 2.48 44.80 16.62
C GLY Q 55 0.99 44.99 16.77
N PHE Q 56 0.56 45.62 17.86
CA PHE Q 56 -0.85 45.93 18.05
C PHE Q 56 -1.19 47.35 17.68
N PHE Q 57 -0.20 48.11 17.20
CA PHE Q 57 -0.48 49.41 16.62
C PHE Q 57 -0.72 49.34 15.13
N PHE Q 58 -0.07 48.42 14.43
CA PHE Q 58 -0.22 48.30 12.99
C PHE Q 58 -1.37 47.38 12.61
N ASP Q 59 -2.07 46.81 13.58
CA ASP Q 59 -3.36 46.19 13.32
C ASP Q 59 -4.53 47.06 13.72
N ARG Q 60 -4.28 48.30 14.15
CA ARG Q 60 -5.37 49.22 14.41
C ARG Q 60 -6.15 49.45 13.13
N ASP Q 61 -7.43 49.78 13.30
CA ASP Q 61 -8.30 49.93 12.14
C ASP Q 61 -7.84 51.06 11.23
N ASP Q 62 -7.16 52.06 11.77
CA ASP Q 62 -6.77 53.25 11.00
C ASP Q 62 -5.35 53.19 10.50
N VAL Q 63 -4.67 52.05 10.67
CA VAL Q 63 -3.38 51.80 10.05
C VAL Q 63 -3.42 50.58 9.15
N ALA Q 64 -3.84 49.44 9.69
CA ALA Q 64 -4.17 48.26 8.91
C ALA Q 64 -3.00 47.77 8.08
N LEU Q 65 -1.78 47.92 8.58
CA LEU Q 65 -0.62 47.34 7.94
C LEU Q 65 -0.37 46.01 8.63
N GLU Q 66 -1.24 45.04 8.34
CA GLU Q 66 -1.23 43.78 9.07
C GLU Q 66 0.06 43.00 8.85
N GLY Q 67 0.73 43.21 7.72
CA GLY Q 67 2.03 42.61 7.54
C GLY Q 67 3.04 43.11 8.55
N VAL Q 68 3.12 44.42 8.72
CA VAL Q 68 4.00 45.00 9.72
C VAL Q 68 3.59 44.55 11.11
N GLY Q 69 2.29 44.50 11.36
CA GLY Q 69 1.81 44.02 12.64
C GLY Q 69 2.31 42.63 12.95
N HIS Q 70 2.13 41.70 12.03
CA HIS Q 70 2.61 40.34 12.22
C HIS Q 70 4.12 40.26 12.33
N PHE Q 71 4.85 41.10 11.60
CA PHE Q 71 6.30 41.11 11.72
C PHE Q 71 6.71 41.46 13.15
N PHE Q 72 6.17 42.54 13.68
CA PHE Q 72 6.53 42.93 15.04
C PHE Q 72 5.99 41.93 16.06
N ARG Q 73 4.88 41.28 15.76
CA ARG Q 73 4.35 40.28 16.68
C ARG Q 73 5.30 39.10 16.78
N GLU Q 74 5.65 38.47 15.66
CA GLU Q 74 6.60 37.36 15.70
C GLU Q 74 8.00 37.82 16.07
N LEU Q 75 8.24 39.13 16.16
CA LEU Q 75 9.46 39.63 16.77
C LEU Q 75 9.40 39.67 18.28
N ALA Q 76 8.28 40.08 18.85
CA ALA Q 76 8.11 40.03 20.29
C ALA Q 76 8.20 38.61 20.83
N GLU Q 77 7.64 37.64 20.10
CA GLU Q 77 7.83 36.24 20.46
C GLU Q 77 9.31 35.93 20.66
N GLU Q 78 10.14 36.30 19.69
CA GLU Q 78 11.55 35.94 19.74
C GLU Q 78 12.28 36.71 20.84
N LYS Q 79 11.93 37.98 21.05
CA LYS Q 79 12.57 38.72 22.12
C LYS Q 79 12.24 38.13 23.48
N ARG Q 80 10.98 37.78 23.70
CA ARG Q 80 10.62 37.16 24.97
C ARG Q 80 11.30 35.82 25.14
N GLU Q 81 11.34 35.00 24.08
CA GLU Q 81 12.09 33.77 24.15
C GLU Q 81 13.54 34.01 24.52
N GLY Q 82 14.13 35.09 24.00
CA GLY Q 82 15.49 35.42 24.39
C GLY Q 82 15.60 35.82 25.84
N ALA Q 83 14.50 36.30 26.42
CA ALA Q 83 14.50 36.63 27.83
C ALA Q 83 14.44 35.40 28.73
N GLU Q 84 13.62 34.40 28.41
CA GLU Q 84 13.55 33.21 29.24
C GLU Q 84 14.72 32.26 29.00
N ARG Q 85 15.44 32.43 27.90
CA ARG Q 85 16.67 31.68 27.70
C ARG Q 85 17.81 32.26 28.52
N LEU Q 86 17.76 33.54 28.86
CA LEU Q 86 18.69 34.13 29.79
C LEU Q 86 18.36 33.80 31.24
N LEU Q 87 17.10 33.60 31.55
CA LEU Q 87 16.72 33.21 32.90
C LEU Q 87 17.08 31.77 33.22
N GLU Q 88 16.89 30.86 32.28
CA GLU Q 88 17.31 29.48 32.52
C GLU Q 88 18.81 29.34 32.53
N PHE Q 89 19.54 30.24 31.87
CA PHE Q 89 20.98 30.31 32.05
C PHE Q 89 21.36 30.83 33.42
N GLN Q 90 20.58 31.77 33.96
CA GLN Q 90 20.81 32.23 35.32
C GLN Q 90 20.64 31.10 36.32
N ASN Q 91 19.72 30.18 36.05
CA ASN Q 91 19.52 29.07 36.96
C ASN Q 91 20.61 28.01 36.79
N ASP Q 92 21.00 27.74 35.55
CA ASP Q 92 22.05 26.75 35.31
C ASP Q 92 23.35 27.14 35.98
N ARG Q 93 23.68 28.42 35.99
CA ARG Q 93 24.91 28.87 36.62
C ARG Q 93 24.75 29.09 38.11
N GLY Q 94 23.55 28.93 38.65
CA GLY Q 94 23.33 29.09 40.07
C GLY Q 94 23.02 30.48 40.54
N GLY Q 95 22.69 31.39 39.63
CA GLY Q 95 22.32 32.74 40.03
C GLY Q 95 20.90 32.82 40.51
N ARG Q 96 20.53 34.01 40.98
CA ARG Q 96 19.18 34.28 41.46
C ARG Q 96 18.54 35.33 40.58
N ALA Q 97 17.44 34.96 39.94
CA ALA Q 97 16.74 35.88 39.05
C ALA Q 97 15.99 36.93 39.85
N LEU Q 98 16.33 38.20 39.61
CA LEU Q 98 15.69 39.32 40.27
C LEU Q 98 14.92 40.11 39.23
N PHE Q 99 13.60 40.11 39.33
CA PHE Q 99 12.77 40.79 38.36
C PHE Q 99 12.55 42.24 38.76
N GLN Q 100 12.35 43.09 37.75
CA GLN Q 100 12.11 44.50 37.96
C GLN Q 100 10.89 44.90 37.14
N ASP Q 101 10.43 46.12 37.37
CA ASP Q 101 9.25 46.62 36.65
C ASP Q 101 9.59 46.79 35.18
N VAL Q 102 8.85 46.09 34.33
CA VAL Q 102 9.01 46.28 32.90
C VAL Q 102 8.43 47.64 32.53
N GLN Q 103 9.30 48.59 32.24
CA GLN Q 103 8.85 49.94 31.93
C GLN Q 103 8.10 49.95 30.61
N LYS Q 104 7.05 50.76 30.56
CA LYS Q 104 6.18 50.80 29.40
C LYS Q 104 6.93 51.30 28.16
N PRO Q 105 6.42 50.99 26.97
CA PRO Q 105 7.11 51.42 25.75
C PRO Q 105 7.24 52.93 25.68
N SER Q 106 8.11 53.39 24.80
CA SER Q 106 8.41 54.82 24.71
C SER Q 106 7.22 55.60 24.16
N GLN Q 107 6.57 55.08 23.13
CA GLN Q 107 5.49 55.79 22.46
C GLN Q 107 4.24 54.93 22.45
N ASP Q 108 3.10 55.60 22.25
CA ASP Q 108 1.86 54.89 21.96
C ASP Q 108 1.43 55.09 20.52
N GLU Q 109 1.91 56.14 19.87
CA GLU Q 109 1.71 56.35 18.45
C GLU Q 109 3.07 56.26 17.79
N TRP Q 110 3.20 55.41 16.79
CA TRP Q 110 4.49 55.23 16.17
C TRP Q 110 4.56 55.91 14.81
N GLY Q 111 3.42 56.17 14.20
CA GLY Q 111 3.38 56.88 12.94
C GLY Q 111 3.52 55.96 11.75
N LYS Q 112 4.12 56.50 10.69
CA LYS Q 112 4.35 55.72 9.49
C LYS Q 112 5.30 54.56 9.79
N THR Q 113 5.20 53.52 8.96
CA THR Q 113 6.00 52.32 9.20
C THR Q 113 7.49 52.62 9.20
N GLN Q 114 7.91 53.64 8.46
CA GLN Q 114 9.34 53.97 8.46
C GLN Q 114 9.77 54.51 9.81
N GLU Q 115 9.06 55.50 10.33
CA GLU Q 115 9.40 56.06 11.64
C GLU Q 115 9.23 55.05 12.76
N ALA Q 116 8.56 53.95 12.52
CA ALA Q 116 8.45 52.88 13.50
C ALA Q 116 9.58 51.89 13.39
N MET Q 117 9.99 51.54 12.18
CA MET Q 117 11.11 50.63 12.00
C MET Q 117 12.45 51.27 12.34
N GLU Q 118 12.54 52.60 12.38
CA GLU Q 118 13.71 53.25 12.92
C GLU Q 118 13.71 53.28 14.43
N ALA Q 119 12.55 53.33 15.06
CA ALA Q 119 12.45 53.20 16.51
C ALA Q 119 12.56 51.76 16.96
N ALA Q 120 12.45 50.81 16.04
CA ALA Q 120 12.65 49.40 16.34
C ALA Q 120 14.07 48.96 16.04
N LEU Q 121 14.76 49.64 15.13
CA LEU Q 121 16.17 49.38 14.90
C LEU Q 121 17.06 50.07 15.92
N ALA Q 122 16.75 51.31 16.29
CA ALA Q 122 17.48 51.96 17.38
C ALA Q 122 17.30 51.25 18.70
N MET Q 123 16.28 50.41 18.83
CA MET Q 123 16.12 49.60 20.03
C MET Q 123 16.89 48.29 19.94
N GLU Q 124 17.09 47.76 18.74
CA GLU Q 124 17.95 46.59 18.59
C GLU Q 124 19.41 46.95 18.76
N LYS Q 125 19.89 47.97 18.06
CA LYS Q 125 21.26 48.43 18.20
C LYS Q 125 21.59 48.85 19.63
N ASN Q 126 20.57 49.19 20.42
CA ASN Q 126 20.77 49.45 21.82
C ASN Q 126 20.69 48.19 22.66
N LEU Q 127 19.84 47.24 22.30
CA LEU Q 127 19.84 45.93 22.94
C LEU Q 127 21.07 45.11 22.58
N ASN Q 128 21.57 45.24 21.36
CA ASN Q 128 22.80 44.57 20.98
C ASN Q 128 24.00 45.16 21.69
N GLN Q 129 23.99 46.46 21.97
CA GLN Q 129 25.08 47.06 22.73
C GLN Q 129 25.15 46.50 24.14
N ALA Q 130 23.99 46.24 24.74
CA ALA Q 130 23.98 45.66 26.07
C ALA Q 130 24.56 44.26 26.07
N LEU Q 131 24.27 43.48 25.03
CA LEU Q 131 24.86 42.17 24.91
C LEU Q 131 26.37 42.24 24.76
N LEU Q 132 26.87 43.18 23.99
CA LEU Q 132 28.31 43.35 23.86
C LEU Q 132 28.96 43.81 25.14
N ASP Q 133 28.31 44.66 25.92
CA ASP Q 133 28.83 45.02 27.23
C ASP Q 133 28.82 43.84 28.18
N LEU Q 134 27.80 42.99 28.12
CA LEU Q 134 27.80 41.79 28.94
C LEU Q 134 28.93 40.86 28.54
N HIS Q 135 29.16 40.69 27.24
CA HIS Q 135 30.26 39.85 26.80
C HIS Q 135 31.62 40.44 27.15
N ALA Q 136 31.74 41.76 27.17
CA ALA Q 136 32.97 42.38 27.62
C ALA Q 136 33.20 42.19 29.10
N LEU Q 137 32.12 42.31 29.90
CA LEU Q 137 32.24 42.05 31.33
C LEU Q 137 32.58 40.60 31.59
N GLY Q 138 31.93 39.67 30.88
CA GLY Q 138 32.20 38.26 31.11
C GLY Q 138 33.61 37.86 30.74
N SER Q 139 34.13 38.42 29.66
CA SER Q 139 35.53 38.21 29.32
C SER Q 139 36.47 38.90 30.28
N ALA Q 140 36.01 39.95 30.97
CA ALA Q 140 36.86 40.60 31.95
C ALA Q 140 37.02 39.74 33.20
N ARG Q 141 35.97 39.02 33.58
CA ARG Q 141 36.04 38.14 34.75
C ARG Q 141 36.37 36.71 34.38
N ALA Q 142 36.78 36.47 33.14
CA ALA Q 142 37.17 35.15 32.66
C ALA Q 142 36.06 34.13 32.89
N ASP Q 143 34.91 34.40 32.26
CA ASP Q 143 33.77 33.50 32.30
C ASP Q 143 33.56 32.93 30.90
N PRO Q 144 34.22 31.84 30.55
CA PRO Q 144 34.11 31.33 29.17
C PRO Q 144 32.73 30.82 28.83
N HIS Q 145 32.03 30.19 29.78
CA HIS Q 145 30.72 29.65 29.47
C HIS Q 145 29.74 30.75 29.11
N LEU Q 146 29.82 31.89 29.79
CA LEU Q 146 28.93 32.99 29.47
C LEU Q 146 29.21 33.54 28.08
N CYS Q 147 30.48 33.73 27.74
CA CYS Q 147 30.82 34.25 26.43
C CYS Q 147 30.38 33.28 25.34
N ASP Q 148 30.55 31.98 25.58
CA ASP Q 148 30.07 31.01 24.61
C ASP Q 148 28.56 31.05 24.46
N PHE Q 149 27.84 31.14 25.59
CA PHE Q 149 26.38 31.19 25.55
C PHE Q 149 25.91 32.39 24.73
N LEU Q 150 26.48 33.56 25.00
CA LEU Q 150 26.14 34.75 24.23
C LEU Q 150 26.47 34.55 22.76
N GLU Q 151 27.73 34.24 22.45
CA GLU Q 151 28.17 34.06 21.07
C GLU Q 151 27.26 33.10 20.32
N SER Q 152 26.73 32.11 21.01
CA SER Q 152 25.94 31.08 20.34
C SER Q 152 24.50 31.54 20.13
N HIS Q 153 23.89 32.14 21.15
CA HIS Q 153 22.45 32.31 21.13
C HIS Q 153 21.97 33.72 20.84
N TYR Q 154 22.79 34.75 21.05
CA TYR Q 154 22.29 36.10 20.99
C TYR Q 154 22.98 36.97 19.95
N LEU Q 155 24.32 36.93 19.89
CA LEU Q 155 25.04 37.92 19.11
C LEU Q 155 24.74 37.78 17.62
N ASP Q 156 24.86 36.56 17.08
CA ASP Q 156 24.66 36.38 15.66
C ASP Q 156 23.21 36.62 15.26
N LYS Q 157 22.27 36.11 16.07
CA LYS Q 157 20.87 36.41 15.83
C LYS Q 157 20.63 37.91 15.79
N GLU Q 158 21.31 38.66 16.66
CA GLU Q 158 21.05 40.08 16.73
C GLU Q 158 21.62 40.82 15.54
N VAL Q 159 22.82 40.47 15.09
CA VAL Q 159 23.34 41.13 13.89
C VAL Q 159 22.54 40.77 12.66
N LYS Q 160 22.02 39.55 12.58
CA LYS Q 160 21.16 39.20 11.45
C LYS Q 160 19.84 39.96 11.49
N LEU Q 161 19.26 40.12 12.68
CA LEU Q 161 18.04 40.91 12.80
C LEU Q 161 18.26 42.37 12.45
N ILE Q 162 19.37 42.94 12.90
CA ILE Q 162 19.67 44.33 12.57
C ILE Q 162 19.87 44.49 11.07
N LYS Q 163 20.53 43.52 10.44
CA LYS Q 163 20.69 43.56 8.99
C LYS Q 163 19.34 43.52 8.29
N LYS Q 164 18.46 42.64 8.74
CA LYS Q 164 17.13 42.58 8.17
C LYS Q 164 16.38 43.89 8.32
N MET Q 165 16.46 44.52 9.49
CA MET Q 165 15.82 45.80 9.72
C MET Q 165 16.41 46.91 8.87
N GLY Q 166 17.71 46.88 8.62
CA GLY Q 166 18.31 47.86 7.75
C GLY Q 166 17.84 47.70 6.32
N ASN Q 167 17.72 46.45 5.90
CA ASN Q 167 17.14 46.18 4.59
C ASN Q 167 15.73 46.74 4.49
N HIS Q 168 14.91 46.47 5.50
CA HIS Q 168 13.56 47.03 5.52
C HIS Q 168 13.59 48.55 5.48
N LEU Q 169 14.52 49.16 6.20
CA LEU Q 169 14.56 50.62 6.26
C LEU Q 169 14.90 51.22 4.91
N THR Q 170 15.91 50.67 4.23
CA THR Q 170 16.26 51.22 2.93
C THR Q 170 15.19 50.95 1.89
N ASN Q 171 14.54 49.79 1.97
CA ASN Q 171 13.45 49.54 1.05
C ASN Q 171 12.28 50.48 1.31
N LEU Q 172 12.08 50.87 2.57
CA LEU Q 172 11.04 51.83 2.89
C LEU Q 172 11.39 53.23 2.44
N ARG Q 173 12.64 53.64 2.56
CA ARG Q 173 13.07 54.92 2.02
C ARG Q 173 13.07 54.92 0.50
N ARG Q 174 13.16 53.75 -0.12
CA ARG Q 174 13.15 53.67 -1.58
C ARG Q 174 11.76 53.92 -2.14
N VAL Q 175 10.72 53.51 -1.43
CA VAL Q 175 9.36 53.61 -1.95
C VAL Q 175 8.65 54.81 -1.34
N ALA Q 176 9.40 55.63 -0.61
CA ALA Q 176 8.81 56.80 0.03
C ALA Q 176 8.38 57.83 -1.00
N SER Q 189 0.67 57.52 0.31
CA SER Q 189 1.73 56.60 0.71
C SER Q 189 1.55 55.24 0.06
N LEU Q 190 1.41 55.24 -1.26
CA LEU Q 190 1.23 53.98 -1.98
C LEU Q 190 2.43 53.08 -1.79
N GLY Q 191 3.62 53.64 -1.74
CA GLY Q 191 4.83 52.83 -1.62
C GLY Q 191 4.86 52.03 -0.33
N GLU Q 192 4.35 52.61 0.75
CA GLU Q 192 4.35 51.91 2.02
C GLU Q 192 3.42 50.71 1.99
N TYR Q 193 2.23 50.87 1.40
CA TYR Q 193 1.34 49.75 1.21
C TYR Q 193 1.97 48.68 0.33
N LEU Q 194 2.60 49.10 -0.78
CA LEU Q 194 3.24 48.13 -1.66
C LEU Q 194 4.33 47.37 -0.95
N PHE Q 195 5.11 48.06 -0.11
CA PHE Q 195 6.15 47.39 0.65
C PHE Q 195 5.55 46.37 1.59
N GLU Q 196 4.57 46.78 2.39
CA GLU Q 196 3.94 45.85 3.31
C GLU Q 196 3.37 44.64 2.58
N ARG Q 197 2.89 44.84 1.36
CA ARG Q 197 2.25 43.75 0.63
C ARG Q 197 3.27 42.81 0.02
N LEU Q 198 4.38 43.35 -0.49
CA LEU Q 198 5.26 42.55 -1.31
C LEU Q 198 6.45 42.00 -0.54
N THR Q 199 6.92 42.71 0.48
CA THR Q 199 8.04 42.21 1.28
C THR Q 199 7.55 41.53 2.55
N LEU Q 200 6.84 42.27 3.40
CA LEU Q 200 6.54 41.78 4.74
C LEU Q 200 5.51 40.66 4.69
N LYS Q 201 4.44 40.84 3.93
CA LYS Q 201 3.43 39.78 3.82
C LYS Q 201 4.02 38.55 3.15
N HIS Q 202 4.89 38.75 2.16
CA HIS Q 202 5.48 37.63 1.45
C HIS Q 202 6.32 36.77 2.39
N ASP Q 203 6.98 37.37 3.36
CA ASP Q 203 7.73 36.61 4.36
C ASP Q 203 6.86 36.10 5.50
N GLY Q 204 5.78 36.80 5.83
CA GLY Q 204 4.86 36.28 6.82
C GLY Q 204 4.19 35.02 6.34
N ASP Q 205 3.96 34.90 5.03
CA ASP Q 205 3.39 33.67 4.49
C ASP Q 205 4.34 32.49 4.69
N ILE Q 206 5.65 32.70 4.53
CA ILE Q 206 6.57 31.57 4.65
C ILE Q 206 6.88 31.29 6.12
N GLU Q 207 6.78 32.31 6.99
CA GLU Q 207 6.85 32.02 8.42
C GLU Q 207 5.76 31.05 8.82
N SER Q 208 4.53 31.31 8.37
CA SER Q 208 3.41 30.43 8.71
C SER Q 208 3.54 29.08 8.03
N ALA Q 209 4.48 28.95 7.11
CA ALA Q 209 4.75 27.67 6.47
C ALA Q 209 5.78 26.86 7.24
N GLN Q 210 6.88 27.48 7.66
CA GLN Q 210 7.91 26.76 8.40
C GLN Q 210 7.53 26.60 9.87
N SER Q 211 6.55 27.36 10.34
CA SER Q 211 6.16 27.37 11.74
C SER Q 211 5.72 26.00 12.24
N THR R 22 53.09 17.66 -28.33
CA THR R 22 53.88 16.52 -27.83
C THR R 22 52.99 15.54 -27.09
N SER R 23 51.76 15.94 -26.81
CA SER R 23 50.82 15.07 -26.13
C SER R 23 50.44 13.89 -27.02
N GLN R 24 50.18 12.75 -26.39
CA GLN R 24 49.87 11.55 -27.15
C GLN R 24 48.49 11.62 -27.76
N ILE R 25 47.57 12.38 -27.16
CA ILE R 25 46.20 12.47 -27.63
C ILE R 25 45.95 13.74 -28.43
N ARG R 26 46.94 14.64 -28.50
CA ARG R 26 46.77 15.88 -29.23
C ARG R 26 46.62 15.58 -30.71
N GLN R 27 45.49 15.95 -31.30
CA GLN R 27 45.25 15.73 -32.71
C GLN R 27 44.38 16.84 -33.25
N ASN R 28 44.87 17.51 -34.29
CA ASN R 28 44.13 18.59 -34.95
C ASN R 28 43.72 19.66 -33.94
N TYR R 29 44.66 20.08 -33.12
CA TYR R 29 44.42 21.08 -32.10
C TYR R 29 45.54 22.12 -32.18
N SER R 30 45.33 23.14 -32.99
CA SER R 30 46.34 24.15 -33.22
C SER R 30 46.69 24.89 -31.95
N THR R 31 47.93 25.37 -31.87
CA THR R 31 48.36 26.11 -30.70
C THR R 31 47.67 27.46 -30.64
N GLU R 32 47.27 28.01 -31.78
CA GLU R 32 46.55 29.28 -31.79
C GLU R 32 45.20 29.14 -31.11
N VAL R 33 44.52 28.01 -31.33
CA VAL R 33 43.29 27.72 -30.61
C VAL R 33 43.55 27.43 -29.14
N GLU R 34 44.58 26.64 -28.83
CA GLU R 34 44.91 26.34 -27.45
C GLU R 34 45.20 27.60 -26.64
N ALA R 35 45.85 28.58 -27.25
CA ALA R 35 46.09 29.85 -26.58
C ALA R 35 44.86 30.75 -26.55
N ALA R 36 44.06 30.75 -27.62
CA ALA R 36 42.83 31.51 -27.62
C ALA R 36 41.82 30.98 -26.62
N VAL R 37 41.86 29.67 -26.33
CA VAL R 37 41.00 29.12 -25.29
C VAL R 37 41.44 29.57 -23.91
N ASN R 38 42.74 29.53 -23.62
CA ASN R 38 43.24 30.00 -22.34
C ASN R 38 42.88 31.46 -22.05
N ARG R 39 42.83 32.30 -23.08
CA ARG R 39 42.37 33.67 -22.87
C ARG R 39 40.87 33.75 -22.73
N LEU R 40 40.15 32.70 -23.06
CA LEU R 40 38.70 32.67 -22.90
C LEU R 40 38.29 32.16 -21.53
N VAL R 41 39.06 31.27 -20.91
CA VAL R 41 38.76 30.86 -19.55
C VAL R 41 39.04 32.01 -18.59
N ASN R 42 40.10 32.78 -18.83
CA ASN R 42 40.34 33.94 -18.01
C ASN R 42 39.24 34.97 -18.18
N LEU R 43 38.69 35.09 -19.38
CA LEU R 43 37.55 35.99 -19.57
C LEU R 43 36.34 35.50 -18.80
N HIS R 44 36.06 34.21 -18.85
CA HIS R 44 34.92 33.68 -18.11
C HIS R 44 35.12 33.82 -16.62
N LEU R 45 36.34 33.61 -16.14
CA LEU R 45 36.61 33.78 -14.72
C LEU R 45 36.46 35.23 -14.29
N ARG R 46 36.97 36.16 -15.11
CA ARG R 46 36.83 37.57 -14.77
C ARG R 46 35.37 37.99 -14.79
N ALA R 47 34.59 37.44 -15.72
CA ALA R 47 33.18 37.72 -15.79
C ALA R 47 32.41 37.13 -14.63
N SER R 48 32.87 35.99 -14.10
CA SER R 48 32.28 35.42 -12.90
C SER R 48 32.69 36.20 -11.66
N TYR R 49 33.88 36.77 -11.67
CA TYR R 49 34.30 37.68 -10.61
C TYR R 49 33.48 38.95 -10.58
N THR R 50 33.20 39.55 -11.74
CA THR R 50 32.38 40.74 -11.78
C THR R 50 30.96 40.44 -11.29
N TYR R 51 30.39 39.34 -11.75
CA TYR R 51 29.05 38.98 -11.29
C TYR R 51 29.05 38.67 -9.80
N LEU R 52 30.14 38.11 -9.28
CA LEU R 52 30.23 37.92 -7.84
C LEU R 52 30.23 39.25 -7.12
N SER R 53 30.91 40.25 -7.68
CA SER R 53 30.92 41.57 -7.06
C SER R 53 29.54 42.19 -7.11
N LEU R 54 28.84 42.02 -8.23
CA LEU R 54 27.50 42.58 -8.36
C LEU R 54 26.52 41.90 -7.40
N GLY R 55 26.58 40.58 -7.31
CA GLY R 55 25.66 39.87 -6.45
C GLY R 55 25.84 40.18 -4.99
N PHE R 56 27.03 40.61 -4.58
CA PHE R 56 27.28 41.00 -3.21
C PHE R 56 27.21 42.50 -3.03
N PHE R 57 26.91 43.24 -4.08
CA PHE R 57 26.62 44.66 -3.96
C PHE R 57 25.14 44.93 -3.75
N PHE R 58 24.27 44.11 -4.32
CA PHE R 58 22.83 44.30 -4.18
C PHE R 58 22.26 43.61 -2.97
N ASP R 59 23.09 42.93 -2.18
CA ASP R 59 22.70 42.50 -0.86
C ASP R 59 23.28 43.39 0.23
N ARG R 60 23.96 44.47 -0.13
CA ARG R 60 24.40 45.42 0.87
C ARG R 60 23.20 46.00 1.60
N ASP R 61 23.42 46.42 2.84
CA ASP R 61 22.32 46.89 3.66
C ASP R 61 21.67 48.13 3.07
N ASP R 62 22.41 48.92 2.30
CA ASP R 62 21.92 50.19 1.80
C ASP R 62 21.41 50.09 0.36
N VAL R 63 21.34 48.89 -0.19
CA VAL R 63 20.69 48.65 -1.48
C VAL R 63 19.55 47.65 -1.32
N ALA R 64 19.85 46.47 -0.79
CA ALA R 64 18.82 45.51 -0.36
C ALA R 64 17.90 45.09 -1.50
N LEU R 65 18.43 45.01 -2.70
CA LEU R 65 17.69 44.46 -3.83
C LEU R 65 18.09 42.99 -3.93
N GLU R 66 17.59 42.21 -2.97
CA GLU R 66 18.04 40.83 -2.84
C GLU R 66 17.67 39.98 -4.04
N GLY R 67 16.62 40.37 -4.76
CA GLY R 67 16.31 39.68 -6.01
C GLY R 67 17.41 39.85 -7.04
N VAL R 68 17.85 41.09 -7.24
CA VAL R 68 18.96 41.35 -8.16
C VAL R 68 20.22 40.66 -7.67
N GLY R 69 20.45 40.69 -6.36
CA GLY R 69 21.60 40.02 -5.80
C GLY R 69 21.61 38.54 -6.16
N HIS R 70 20.51 37.85 -5.90
CA HIS R 70 20.42 36.44 -6.25
C HIS R 70 20.52 36.19 -7.74
N PHE R 71 19.97 37.07 -8.56
CA PHE R 71 20.10 36.92 -10.00
C PHE R 71 21.57 36.92 -10.41
N PHE R 72 22.32 37.92 -9.97
CA PHE R 72 23.73 37.97 -10.33
C PHE R 72 24.52 36.85 -9.68
N ARG R 73 24.08 36.39 -8.51
CA ARG R 73 24.77 35.27 -7.87
C ARG R 73 24.62 34.00 -8.68
N GLU R 74 23.40 33.60 -9.01
CA GLU R 74 23.22 32.41 -9.83
C GLU R 74 23.67 32.64 -11.27
N LEU R 75 24.03 33.87 -11.64
CA LEU R 75 24.73 34.10 -12.89
C LEU R 75 26.22 33.84 -12.80
N ALA R 76 26.86 34.23 -11.70
CA ALA R 76 28.26 33.90 -11.48
C ALA R 76 28.49 32.40 -11.42
N GLU R 77 27.57 31.65 -10.80
CA GLU R 77 27.63 30.20 -10.84
C GLU R 77 27.76 29.71 -12.28
N GLU R 78 26.89 30.19 -13.16
CA GLU R 78 26.88 29.68 -14.53
C GLU R 78 28.11 30.12 -15.31
N LYS R 79 28.58 31.36 -15.08
CA LYS R 79 29.79 31.79 -15.77
C LYS R 79 30.99 30.97 -15.34
N ARG R 80 31.13 30.71 -14.05
CA ARG R 80 32.24 29.88 -13.60
C ARG R 80 32.12 28.47 -14.13
N GLU R 81 30.93 27.89 -14.12
CA GLU R 81 30.73 26.59 -14.74
C GLU R 81 31.14 26.61 -16.21
N GLY R 82 30.87 27.70 -16.91
CA GLY R 82 31.31 27.81 -18.29
C GLY R 82 32.82 27.89 -18.39
N ALA R 83 33.48 28.35 -17.34
CA ALA R 83 34.93 28.37 -17.33
C ALA R 83 35.55 26.99 -17.13
N GLU R 84 35.03 26.17 -16.23
CA GLU R 84 35.60 24.85 -16.02
C GLU R 84 35.17 23.86 -17.09
N ARG R 85 34.13 24.17 -17.86
CA ARG R 85 33.79 23.36 -19.01
C ARG R 85 34.70 23.64 -20.18
N LEU R 86 35.30 24.82 -20.25
CA LEU R 86 36.34 25.11 -21.22
C LEU R 86 37.68 24.52 -20.82
N LEU R 87 37.95 24.38 -19.53
CA LEU R 87 39.18 23.77 -19.08
C LEU R 87 39.19 22.26 -19.30
N GLU R 88 38.08 21.58 -19.04
CA GLU R 88 38.03 20.16 -19.32
C GLU R 88 38.02 19.87 -20.80
N PHE R 89 37.56 20.80 -21.62
CA PHE R 89 37.75 20.68 -23.06
C PHE R 89 39.21 20.87 -23.45
N GLN R 90 39.92 21.75 -22.76
CA GLN R 90 41.35 21.89 -23.00
C GLN R 90 42.09 20.60 -22.70
N ASN R 91 41.63 19.85 -21.70
CA ASN R 91 42.29 18.60 -21.37
C ASN R 91 41.90 17.50 -22.35
N ASP R 92 40.64 17.45 -22.74
CA ASP R 92 40.19 16.43 -23.69
C ASP R 92 40.95 16.54 -25.01
N ARG R 93 41.21 17.75 -25.46
CA ARG R 93 41.93 17.94 -26.71
C ARG R 93 43.44 17.86 -26.54
N GLY R 94 43.92 17.71 -25.32
CA GLY R 94 45.35 17.59 -25.08
C GLY R 94 46.09 18.88 -24.90
N GLY R 95 45.41 19.98 -24.69
CA GLY R 95 46.08 21.25 -24.44
C GLY R 95 46.56 21.37 -23.02
N ARG R 96 47.27 22.47 -22.76
CA ARG R 96 47.79 22.77 -21.44
C ARG R 96 47.14 24.04 -20.92
N ALA R 97 46.43 23.93 -19.80
CA ALA R 97 45.76 25.07 -19.22
C ALA R 97 46.76 26.01 -18.56
N LEU R 98 46.79 27.25 -19.02
CA LEU R 98 47.67 28.28 -18.48
C LEU R 98 46.81 29.34 -17.83
N PHE R 99 46.91 29.45 -16.51
CA PHE R 99 46.09 30.39 -15.77
C PHE R 99 46.79 31.75 -15.69
N GLN R 100 45.98 32.80 -15.59
CA GLN R 100 46.48 34.16 -15.49
C GLN R 100 45.78 34.83 -14.33
N ASP R 101 46.24 36.03 -13.99
CA ASP R 101 45.64 36.78 -12.90
C ASP R 101 44.24 37.22 -13.28
N VAL R 102 43.26 36.79 -12.49
CA VAL R 102 41.90 37.26 -12.70
C VAL R 102 41.82 38.72 -12.26
N GLN R 103 41.74 39.61 -13.23
CA GLN R 103 41.72 41.03 -12.93
C GLN R 103 40.43 41.40 -12.21
N LYS R 104 40.55 42.30 -11.25
CA LYS R 104 39.42 42.67 -10.41
C LYS R 104 38.32 43.34 -11.23
N PRO R 105 37.09 43.34 -10.74
CA PRO R 105 35.99 43.94 -11.49
C PRO R 105 36.24 45.42 -11.76
N SER R 106 35.46 45.96 -12.71
CA SER R 106 35.68 47.34 -13.14
C SER R 106 35.31 48.33 -12.05
N GLN R 107 34.19 48.10 -11.38
CA GLN R 107 33.68 49.03 -10.38
C GLN R 107 33.49 48.34 -9.05
N ASP R 108 33.43 49.14 -7.99
CA ASP R 108 32.99 48.64 -6.70
C ASP R 108 31.62 49.17 -6.32
N GLU R 109 31.21 50.28 -6.92
CA GLU R 109 29.86 50.81 -6.78
C GLU R 109 29.21 50.72 -8.14
N TRP R 110 28.05 50.08 -8.20
CA TRP R 110 27.40 49.90 -9.49
C TRP R 110 26.23 50.85 -9.66
N GLY R 111 25.67 51.34 -8.56
CA GLY R 111 24.60 52.30 -8.62
C GLY R 111 23.23 51.63 -8.70
N LYS R 112 22.32 52.33 -9.38
CA LYS R 112 20.98 51.79 -9.56
C LYS R 112 21.03 50.51 -10.38
N THR R 113 20.00 49.68 -10.21
CA THR R 113 19.99 48.38 -10.87
C THR R 113 20.06 48.51 -12.37
N GLN R 114 19.55 49.61 -12.92
CA GLN R 114 19.62 49.81 -14.36
C GLN R 114 21.05 50.00 -14.82
N GLU R 115 21.77 50.92 -14.19
CA GLU R 115 23.16 51.16 -14.56
C GLU R 115 24.06 49.97 -14.27
N ALA R 116 23.58 49.00 -13.49
CA ALA R 116 24.32 47.78 -13.26
C ALA R 116 24.00 46.72 -14.29
N MET R 117 22.75 46.60 -14.70
CA MET R 117 22.38 45.63 -15.72
C MET R 117 22.86 46.05 -17.11
N GLU R 118 23.17 47.33 -17.33
CA GLU R 118 23.85 47.72 -18.55
C GLU R 118 25.33 47.44 -18.52
N ALA R 119 25.95 47.48 -17.35
CA ALA R 119 27.34 47.06 -17.20
C ALA R 119 27.47 45.55 -17.16
N ALA R 120 26.37 44.83 -16.97
CA ALA R 120 26.38 43.38 -17.03
C ALA R 120 25.99 42.87 -18.40
N LEU R 121 25.25 43.65 -19.17
CA LEU R 121 24.98 43.31 -20.56
C LEU R 121 26.12 43.67 -21.49
N ALA R 122 26.74 44.83 -21.30
CA ALA R 122 27.93 45.17 -22.05
C ALA R 122 29.09 44.21 -21.78
N MET R 123 29.04 43.48 -20.68
CA MET R 123 30.04 42.45 -20.41
C MET R 123 29.68 41.12 -21.05
N GLU R 124 28.39 40.83 -21.23
CA GLU R 124 28.00 39.64 -21.97
C GLU R 124 28.25 39.81 -23.46
N LYS R 125 27.78 40.90 -24.05
CA LYS R 125 28.02 41.17 -25.46
C LYS R 125 29.49 41.25 -25.77
N ASN R 126 30.34 41.52 -24.79
CA ASN R 126 31.77 41.45 -24.98
C ASN R 126 32.33 40.06 -24.76
N LEU R 127 31.77 39.30 -23.83
CA LEU R 127 32.12 37.89 -23.68
C LEU R 127 31.60 37.05 -24.83
N ASN R 128 30.43 37.38 -25.37
CA ASN R 128 29.94 36.68 -26.54
C ASN R 128 30.75 36.99 -27.78
N GLN R 129 31.30 38.20 -27.88
CA GLN R 129 32.17 38.51 -29.01
C GLN R 129 33.43 37.66 -28.99
N ALA R 130 33.96 37.40 -27.80
CA ALA R 130 35.14 36.56 -27.70
C ALA R 130 34.85 35.14 -28.14
N LEU R 131 33.66 34.63 -27.80
CA LEU R 131 33.27 33.30 -28.26
C LEU R 131 33.15 33.26 -29.78
N LEU R 132 32.59 34.30 -30.38
CA LEU R 132 32.49 34.34 -31.83
C LEU R 132 33.85 34.45 -32.49
N ASP R 133 34.79 35.18 -31.90
CA ASP R 133 36.15 35.20 -32.43
C ASP R 133 36.83 33.86 -32.28
N LEU R 134 36.59 33.15 -31.18
CA LEU R 134 37.14 31.82 -31.05
C LEU R 134 36.56 30.87 -32.09
N HIS R 135 35.25 30.96 -32.33
CA HIS R 135 34.65 30.12 -33.36
C HIS R 135 35.12 30.48 -34.76
N ALA R 136 35.42 31.76 -35.00
CA ALA R 136 36.00 32.14 -36.28
C ALA R 136 37.40 31.62 -36.45
N LEU R 137 38.21 31.68 -35.39
CA LEU R 137 39.54 31.11 -35.43
C LEU R 137 39.50 29.61 -35.62
N GLY R 138 38.61 28.93 -34.90
CA GLY R 138 38.54 27.48 -35.02
C GLY R 138 38.10 27.03 -36.40
N SER R 139 37.15 27.74 -37.00
CA SER R 139 36.77 27.47 -38.38
C SER R 139 37.87 27.85 -39.36
N ALA R 140 38.76 28.77 -38.99
CA ALA R 140 39.87 29.12 -39.87
C ALA R 140 40.90 28.00 -39.92
N ARG R 141 41.13 27.32 -38.79
CA ARG R 141 42.08 26.23 -38.75
C ARG R 141 41.42 24.88 -38.94
N ALA R 142 40.16 24.85 -39.36
CA ALA R 142 39.41 23.62 -39.63
C ALA R 142 39.41 22.70 -38.41
N ASP R 143 38.86 23.21 -37.32
CA ASP R 143 38.71 22.44 -36.09
C ASP R 143 37.22 22.20 -35.86
N PRO R 144 36.65 21.14 -36.42
CA PRO R 144 35.20 20.96 -36.29
C PRO R 144 34.75 20.66 -34.87
N HIS R 145 35.55 19.93 -34.10
CA HIS R 145 35.13 19.60 -32.75
C HIS R 145 35.00 20.84 -31.89
N LEU R 146 35.90 21.80 -32.06
CA LEU R 146 35.82 23.03 -31.29
C LEU R 146 34.58 23.82 -31.66
N CYS R 147 34.29 23.95 -32.95
CA CYS R 147 33.11 24.70 -33.37
C CYS R 147 31.84 24.03 -32.87
N ASP R 148 31.81 22.69 -32.90
CA ASP R 148 30.65 22.00 -32.34
C ASP R 148 30.51 22.23 -30.85
N PHE R 149 31.63 22.14 -30.12
CA PHE R 149 31.59 22.35 -28.67
C PHE R 149 31.06 23.73 -28.34
N LEU R 150 31.57 24.76 -29.02
CA LEU R 150 31.05 26.10 -28.82
C LEU R 150 29.57 26.19 -29.17
N GLU R 151 29.21 25.81 -30.39
CA GLU R 151 27.83 25.90 -30.84
C GLU R 151 26.90 25.22 -29.86
N SER R 152 27.36 24.15 -29.22
CA SER R 152 26.48 23.38 -28.35
C SER R 152 26.37 24.01 -26.97
N HIS R 153 27.48 24.44 -26.39
CA HIS R 153 27.50 24.77 -24.98
C HIS R 153 27.51 26.25 -24.66
N TYR R 154 27.94 27.11 -25.57
CA TYR R 154 28.16 28.50 -25.20
C TYR R 154 27.33 29.48 -26.00
N LEU R 155 27.27 29.33 -27.32
CA LEU R 155 26.71 30.38 -28.15
C LEU R 155 25.23 30.58 -27.88
N ASP R 156 24.45 29.50 -27.88
CA ASP R 156 23.01 29.64 -27.71
C ASP R 156 22.68 30.10 -26.30
N LYS R 157 23.35 29.53 -25.30
CA LYS R 157 23.18 30.01 -23.94
C LYS R 157 23.45 31.51 -23.85
N GLU R 158 24.45 31.97 -24.58
CA GLU R 158 24.83 33.38 -24.46
C GLU R 158 23.82 34.29 -25.12
N VAL R 159 23.31 33.91 -26.29
CA VAL R 159 22.28 34.75 -26.91
C VAL R 159 21.00 34.75 -26.11
N LYS R 160 20.66 33.63 -25.46
CA LYS R 160 19.48 33.62 -24.61
C LYS R 160 19.68 34.48 -23.37
N LEU R 161 20.87 34.45 -22.78
CA LEU R 161 21.14 35.30 -21.63
C LEU R 161 21.11 36.77 -22.01
N ILE R 162 21.68 37.13 -23.16
CA ILE R 162 21.64 38.52 -23.61
C ILE R 162 20.21 38.96 -23.85
N LYS R 163 19.39 38.08 -24.43
CA LYS R 163 17.99 38.41 -24.63
C LYS R 163 17.30 38.66 -23.30
N LYS R 164 17.55 37.80 -22.32
CA LYS R 164 16.97 38.00 -21.00
C LYS R 164 17.39 39.32 -20.38
N MET R 165 18.67 39.67 -20.51
CA MET R 165 19.16 40.94 -19.98
C MET R 165 18.56 42.13 -20.70
N GLY R 166 18.31 42.02 -21.99
CA GLY R 166 17.68 43.10 -22.72
C GLY R 166 16.24 43.28 -22.27
N ASN R 167 15.56 42.17 -22.03
CA ASN R 167 14.22 42.25 -21.46
C ASN R 167 14.24 42.95 -20.11
N HIS R 168 15.17 42.56 -19.25
CA HIS R 168 15.30 43.23 -17.96
C HIS R 168 15.58 44.71 -18.14
N LEU R 169 16.42 45.07 -19.11
CA LEU R 169 16.78 46.46 -19.29
C LEU R 169 15.59 47.29 -19.73
N THR R 170 14.81 46.80 -20.69
CA THR R 170 13.66 47.58 -21.13
C THR R 170 12.58 47.63 -20.06
N ASN R 171 12.41 46.55 -19.30
CA ASN R 171 11.45 46.62 -18.20
C ASN R 171 11.91 47.60 -17.13
N LEU R 172 13.22 47.73 -16.93
CA LEU R 172 13.73 48.70 -15.98
C LEU R 172 13.57 50.13 -16.48
N ARG R 173 13.80 50.37 -17.77
CA ARG R 173 13.52 51.69 -18.34
C ARG R 173 12.04 52.01 -18.38
N ARG R 174 11.19 50.99 -18.35
CA ARG R 174 9.76 51.21 -18.37
C ARG R 174 9.24 51.72 -17.04
N VAL R 175 9.86 51.28 -15.94
CA VAL R 175 9.37 51.61 -14.60
C VAL R 175 10.22 52.73 -14.01
N ALA R 176 11.10 53.30 -14.81
CA ALA R 176 11.97 54.37 -14.33
C ALA R 176 11.18 55.62 -14.03
N SER R 189 12.38 55.82 -6.29
CA SER R 189 12.58 54.74 -7.24
C SER R 189 11.66 53.58 -6.94
N LEU R 190 10.37 53.86 -6.84
CA LEU R 190 9.39 52.82 -6.56
C LEU R 190 9.39 51.76 -7.65
N GLY R 191 9.56 52.19 -8.91
CA GLY R 191 9.52 51.25 -10.01
C GLY R 191 10.61 50.20 -9.94
N GLU R 192 11.78 50.59 -9.46
CA GLU R 192 12.88 49.64 -9.36
C GLU R 192 12.60 48.58 -8.31
N TYR R 193 12.04 48.98 -7.17
CA TYR R 193 11.62 48.01 -6.18
C TYR R 193 10.54 47.10 -6.72
N LEU R 194 9.56 47.66 -7.40
CA LEU R 194 8.49 46.85 -7.97
C LEU R 194 9.03 45.84 -8.97
N PHE R 195 9.99 46.26 -9.79
CA PHE R 195 10.60 45.35 -10.74
C PHE R 195 11.30 44.21 -10.02
N GLU R 196 12.16 44.55 -9.06
CA GLU R 196 12.87 43.51 -8.33
C GLU R 196 11.91 42.56 -7.65
N ARG R 197 10.75 43.05 -7.23
CA ARG R 197 9.80 42.21 -6.50
C ARG R 197 9.02 41.31 -7.45
N LEU R 198 8.64 41.84 -8.61
CA LEU R 198 7.65 41.13 -9.43
C LEU R 198 8.30 40.32 -10.54
N THR R 199 9.45 40.75 -11.04
CA THR R 199 10.13 40.00 -12.10
C THR R 199 11.22 39.11 -11.52
N LEU R 200 12.21 39.72 -10.85
CA LEU R 200 13.41 39.00 -10.47
C LEU R 200 13.13 38.02 -9.34
N LYS R 201 12.42 38.47 -8.32
CA LYS R 201 12.09 37.57 -7.22
C LYS R 201 11.18 36.44 -7.69
N HIS R 202 10.25 36.76 -8.59
CA HIS R 202 9.33 35.75 -9.10
C HIS R 202 10.06 34.63 -9.83
N ASP R 203 11.15 34.96 -10.52
CA ASP R 203 11.96 33.93 -11.16
C ASP R 203 12.97 33.29 -10.22
N GLY R 204 13.43 34.01 -9.21
CA GLY R 204 14.29 33.39 -8.21
C GLY R 204 13.56 32.32 -7.44
N ASP R 205 12.25 32.50 -7.23
CA ASP R 205 11.46 31.49 -6.56
C ASP R 205 11.41 30.20 -7.37
N ILE R 206 11.30 30.30 -8.69
CA ILE R 206 11.19 29.08 -9.49
C ILE R 206 12.57 28.48 -9.76
N GLU R 207 13.63 29.29 -9.73
CA GLU R 207 14.97 28.71 -9.74
C GLU R 207 15.16 27.80 -8.54
N SER R 208 14.77 28.26 -7.36
CA SER R 208 14.91 27.46 -6.15
C SER R 208 13.96 26.27 -6.16
N ALA R 209 13.03 26.23 -7.12
CA ALA R 209 12.14 25.09 -7.27
C ALA R 209 12.72 24.03 -8.19
N GLN R 210 13.27 24.44 -9.33
CA GLN R 210 13.84 23.48 -10.27
C GLN R 210 15.26 23.05 -9.85
N SER R 211 15.86 23.80 -8.93
CA SER R 211 17.25 23.57 -8.51
C SER R 211 17.44 22.17 -7.93
N THR S 22 29.18 54.45 8.57
CA THR S 22 28.05 55.27 8.16
C THR S 22 26.81 54.41 7.92
N SER S 23 27.02 53.10 7.89
CA SER S 23 25.90 52.18 7.68
C SER S 23 24.97 52.21 8.88
N GLN S 24 23.68 51.99 8.63
CA GLN S 24 22.70 52.06 9.70
C GLN S 24 22.78 50.85 10.62
N ILE S 25 23.27 49.72 10.10
CA ILE S 25 23.35 48.50 10.88
C ILE S 25 24.75 48.23 11.41
N ARG S 26 25.73 49.05 11.01
CA ARG S 26 27.10 48.86 11.45
C ARG S 26 27.18 49.10 12.95
N GLN S 27 27.57 48.08 13.71
CA GLN S 27 27.70 48.20 15.15
C GLN S 27 28.83 47.31 15.64
N ASN S 28 29.80 47.91 16.33
CA ASN S 28 30.93 47.18 16.88
C ASN S 28 31.65 46.39 15.81
N TYR S 29 31.93 47.05 14.70
CA TYR S 29 32.61 46.42 13.57
C TYR S 29 33.72 47.35 13.11
N SER S 30 34.90 47.16 13.69
CA SER S 30 36.03 48.04 13.43
C SER S 30 36.44 47.96 11.97
N THR S 31 37.01 49.07 11.47
CA THR S 31 37.47 49.10 10.09
C THR S 31 38.67 48.20 9.89
N GLU S 32 39.46 47.99 10.96
CA GLU S 32 40.60 47.10 10.85
C GLU S 32 40.16 45.66 10.60
N VAL S 33 39.07 45.24 11.24
CA VAL S 33 38.48 43.95 10.94
C VAL S 33 37.84 43.91 9.57
N GLU S 34 37.10 44.94 9.19
CA GLU S 34 36.50 45.00 7.88
C GLU S 34 37.52 44.90 6.76
N ALA S 35 38.69 45.50 6.93
CA ALA S 35 39.76 45.39 5.96
C ALA S 35 40.48 44.05 6.04
N ALA S 36 40.69 43.53 7.24
CA ALA S 36 41.30 42.22 7.39
C ALA S 36 40.43 41.11 6.84
N VAL S 37 39.11 41.29 6.85
CA VAL S 37 38.22 40.32 6.22
C VAL S 37 38.34 40.36 4.71
N ASN S 38 38.35 41.55 4.11
CA ASN S 38 38.52 41.66 2.67
C ASN S 38 39.80 41.03 2.17
N ARG S 39 40.87 41.07 2.95
CA ARG S 39 42.09 40.37 2.57
C ARG S 39 41.99 38.87 2.79
N LEU S 40 40.98 38.43 3.53
CA LEU S 40 40.77 37.01 3.76
C LEU S 40 39.89 36.37 2.70
N VAL S 41 38.96 37.12 2.12
CA VAL S 41 38.18 36.60 1.01
C VAL S 41 39.05 36.46 -0.21
N ASN S 42 39.96 37.41 -0.44
CA ASN S 42 40.88 37.28 -1.54
C ASN S 42 41.81 36.09 -1.33
N LEU S 43 42.19 35.81 -0.09
CA LEU S 43 42.98 34.62 0.18
C LEU S 43 42.20 33.36 -0.12
N HIS S 44 40.93 33.31 0.30
CA HIS S 44 40.13 32.13 0.01
C HIS S 44 39.91 31.97 -1.48
N LEU S 45 39.69 33.06 -2.20
CA LEU S 45 39.50 32.97 -3.64
C LEU S 45 40.77 32.51 -4.32
N ARG S 46 41.93 33.02 -3.90
CA ARG S 46 43.18 32.59 -4.50
C ARG S 46 43.45 31.13 -4.20
N ALA S 47 43.09 30.68 -3.00
CA ALA S 47 43.24 29.29 -2.63
C ALA S 47 42.28 28.38 -3.39
N SER S 48 41.11 28.88 -3.74
CA SER S 48 40.18 28.14 -4.59
C SER S 48 40.65 28.13 -6.03
N TYR S 49 41.32 29.17 -6.48
CA TYR S 49 41.95 29.20 -7.78
C TYR S 49 43.10 28.20 -7.89
N THR S 50 43.93 28.11 -6.85
CA THR S 50 45.01 27.13 -6.89
C THR S 50 44.47 25.72 -6.91
N TYR S 51 43.46 25.44 -6.07
CA TYR S 51 42.86 24.11 -6.08
C TYR S 51 42.19 23.82 -7.41
N LEU S 52 41.62 24.83 -8.05
CA LEU S 52 41.06 24.62 -9.38
C LEU S 52 42.16 24.26 -10.37
N SER S 53 43.33 24.88 -10.25
CA SER S 53 44.43 24.54 -11.13
C SER S 53 44.92 23.12 -10.87
N LEU S 54 44.97 22.72 -9.59
CA LEU S 54 45.41 21.38 -9.26
C LEU S 54 44.42 20.33 -9.75
N GLY S 55 43.13 20.58 -9.55
CA GLY S 55 42.13 19.62 -9.96
C GLY S 55 42.07 19.41 -11.45
N PHE S 56 42.49 20.40 -12.22
CA PHE S 56 42.53 20.26 -13.67
C PHE S 56 43.92 19.92 -14.17
N PHE S 57 44.87 19.74 -13.27
CA PHE S 57 46.17 19.21 -13.63
C PHE S 57 46.23 17.69 -13.51
N PHE S 58 45.51 17.11 -12.55
CA PHE S 58 45.52 15.67 -12.36
C PHE S 58 44.48 14.96 -13.20
N ASP S 59 43.70 15.70 -13.99
CA ASP S 59 42.91 15.08 -15.04
C ASP S 59 43.54 15.26 -16.41
N ARG S 60 44.74 15.81 -16.49
CA ARG S 60 45.44 15.87 -17.76
C ARG S 60 45.68 14.46 -18.27
N ASP S 61 45.78 14.32 -19.60
CA ASP S 61 45.92 13.00 -20.18
C ASP S 61 47.19 12.31 -19.75
N ASP S 62 48.23 13.07 -19.40
CA ASP S 62 49.54 12.50 -19.08
C ASP S 62 49.76 12.36 -17.59
N VAL S 63 48.74 12.61 -16.77
CA VAL S 63 48.78 12.31 -15.35
C VAL S 63 47.67 11.34 -14.97
N ALA S 64 46.43 11.69 -15.28
CA ALA S 64 45.29 10.77 -15.20
C ALA S 64 45.10 10.21 -13.80
N LEU S 65 45.39 11.01 -12.78
CA LEU S 65 45.08 10.64 -11.40
C LEU S 65 43.74 11.27 -11.09
N GLU S 66 42.68 10.70 -11.67
CA GLU S 66 41.36 11.32 -11.60
C GLU S 66 40.83 11.37 -10.17
N GLY S 67 41.29 10.46 -9.32
CA GLY S 67 40.92 10.56 -7.91
C GLY S 67 41.46 11.82 -7.27
N VAL S 68 42.75 12.09 -7.47
CA VAL S 68 43.34 13.32 -6.96
C VAL S 68 42.67 14.54 -7.59
N GLY S 69 42.39 14.45 -8.89
CA GLY S 69 41.70 15.54 -9.55
C GLY S 69 40.39 15.87 -8.87
N HIS S 70 39.55 14.86 -8.67
CA HIS S 70 38.27 15.07 -8.01
C HIS S 70 38.43 15.54 -6.58
N PHE S 71 39.45 15.06 -5.86
CA PHE S 71 39.67 15.54 -4.51
C PHE S 71 39.92 17.04 -4.50
N PHE S 72 40.85 17.51 -5.34
CA PHE S 72 41.13 18.94 -5.38
C PHE S 72 39.95 19.73 -5.93
N ARG S 73 39.17 19.11 -6.82
CA ARG S 73 38.00 19.81 -7.34
C ARG S 73 36.97 20.05 -6.25
N GLU S 74 36.56 19.01 -5.53
CA GLU S 74 35.61 19.21 -4.44
C GLU S 74 36.24 19.94 -3.27
N LEU S 75 37.56 20.17 -3.30
CA LEU S 75 38.18 21.09 -2.35
C LEU S 75 38.04 22.54 -2.76
N ALA S 76 38.20 22.85 -4.05
CA ALA S 76 37.96 24.19 -4.53
C ALA S 76 36.53 24.64 -4.31
N GLU S 77 35.57 23.74 -4.49
CA GLU S 77 34.18 24.03 -4.13
C GLU S 77 34.10 24.57 -2.71
N GLU S 78 34.71 23.86 -1.76
CA GLU S 78 34.58 24.23 -0.36
C GLU S 78 35.32 25.52 -0.05
N LYS S 79 36.49 25.72 -0.66
CA LYS S 79 37.21 26.97 -0.43
C LYS S 79 36.42 28.16 -0.95
N ARG S 80 35.84 28.05 -2.15
CA ARG S 80 35.03 29.14 -2.67
C ARG S 80 33.81 29.38 -1.81
N GLU S 81 33.14 28.31 -1.38
CA GLU S 81 32.03 28.48 -0.44
C GLU S 81 32.47 29.20 0.82
N GLY S 82 33.68 28.92 1.31
CA GLY S 82 34.19 29.64 2.45
C GLY S 82 34.44 31.10 2.14
N ALA S 83 34.66 31.42 0.88
CA ALA S 83 34.83 32.82 0.50
C ALA S 83 33.51 33.58 0.46
N GLU S 84 32.44 33.00 -0.06
CA GLU S 84 31.17 33.71 -0.10
C GLU S 84 30.46 33.70 1.24
N ARG S 85 30.86 32.82 2.15
CA ARG S 85 30.34 32.89 3.51
C ARG S 85 31.01 33.98 4.31
N LEU S 86 32.21 34.39 3.93
CA LEU S 86 32.85 35.56 4.52
C LEU S 86 32.32 36.85 3.93
N LEU S 87 31.87 36.84 2.68
CA LEU S 87 31.28 38.02 2.09
C LEU S 87 29.90 38.32 2.62
N GLU S 88 29.07 37.30 2.83
CA GLU S 88 27.76 37.55 3.43
C GLU S 88 27.86 37.92 4.89
N PHE S 89 28.93 37.51 5.57
CA PHE S 89 29.22 38.03 6.89
C PHE S 89 29.64 39.49 6.84
N GLN S 90 30.37 39.89 5.81
CA GLN S 90 30.72 41.29 5.63
C GLN S 90 29.47 42.14 5.46
N ASN S 91 28.44 41.59 4.81
CA ASN S 91 27.21 42.35 4.61
C ASN S 91 26.38 42.37 5.88
N ASP S 92 26.32 41.25 6.60
CA ASP S 92 25.54 41.20 7.82
C ASP S 92 26.05 42.20 8.84
N ARG S 93 27.36 42.37 8.93
CA ARG S 93 27.94 43.31 9.87
C ARG S 93 27.96 44.74 9.34
N GLY S 94 27.56 44.96 8.10
CA GLY S 94 27.50 46.28 7.55
C GLY S 94 28.78 46.76 6.88
N GLY S 95 29.72 45.87 6.60
CA GLY S 95 30.93 46.25 5.92
C GLY S 95 30.73 46.37 4.42
N ARG S 96 31.78 46.82 3.75
CA ARG S 96 31.78 46.98 2.30
C ARG S 96 32.80 46.04 1.69
N ALA S 97 32.33 45.13 0.86
CA ALA S 97 33.22 44.16 0.22
C ALA S 97 34.04 44.83 -0.87
N LEU S 98 35.36 44.76 -0.72
CA LEU S 98 36.29 45.33 -1.69
C LEU S 98 37.05 44.18 -2.33
N PHE S 99 36.82 43.97 -3.62
CA PHE S 99 37.46 42.86 -4.32
C PHE S 99 38.80 43.29 -4.89
N GLN S 100 39.71 42.33 -5.00
CA GLN S 100 41.04 42.57 -5.54
C GLN S 100 41.32 41.51 -6.60
N ASP S 101 42.42 41.70 -7.32
CA ASP S 101 42.80 40.76 -8.37
C ASP S 101 43.18 39.44 -7.74
N VAL S 102 42.46 38.37 -8.12
CA VAL S 102 42.84 37.04 -7.68
C VAL S 102 44.12 36.64 -8.40
N GLN S 103 45.23 36.64 -7.68
CA GLN S 103 46.51 36.33 -8.28
C GLN S 103 46.54 34.86 -8.70
N LYS S 104 47.17 34.61 -9.84
CA LYS S 104 47.20 33.28 -10.43
C LYS S 104 47.94 32.31 -9.53
N PRO S 105 47.69 31.01 -9.68
CA PRO S 105 48.37 30.03 -8.81
C PRO S 105 49.88 30.10 -8.96
N SER S 106 50.57 29.47 -8.00
CA SER S 106 52.02 29.57 -7.97
C SER S 106 52.66 28.80 -9.12
N GLN S 107 52.16 27.62 -9.41
CA GLN S 107 52.75 26.75 -10.42
C GLN S 107 51.70 26.38 -11.47
N ASP S 108 52.19 25.95 -12.63
CA ASP S 108 51.33 25.32 -13.62
C ASP S 108 51.62 23.83 -13.74
N GLU S 109 52.80 23.40 -13.33
CA GLU S 109 53.13 21.97 -13.23
C GLU S 109 53.34 21.67 -11.77
N TRP S 110 52.62 20.67 -11.26
CA TRP S 110 52.73 20.37 -9.84
C TRP S 110 53.56 19.13 -9.59
N GLY S 111 53.70 18.27 -10.59
CA GLY S 111 54.53 17.10 -10.48
C GLY S 111 53.79 15.91 -9.90
N LYS S 112 54.53 15.08 -9.19
CA LYS S 112 53.93 13.92 -8.54
C LYS S 112 52.91 14.35 -7.50
N THR S 113 51.97 13.46 -7.20
CA THR S 113 50.90 13.81 -6.28
C THR S 113 51.44 14.19 -4.91
N GLN S 114 52.58 13.65 -4.52
CA GLN S 114 53.14 14.01 -3.23
C GLN S 114 53.59 15.46 -3.22
N GLU S 115 54.38 15.87 -4.21
CA GLU S 115 54.85 17.24 -4.27
C GLU S 115 53.71 18.22 -4.50
N ALA S 116 52.54 17.75 -4.89
CA ALA S 116 51.38 18.60 -5.03
C ALA S 116 50.59 18.70 -3.73
N MET S 117 50.46 17.60 -2.99
CA MET S 117 49.77 17.64 -1.72
C MET S 117 50.56 18.35 -0.64
N GLU S 118 51.88 18.49 -0.80
CA GLU S 118 52.65 19.35 0.08
C GLU S 118 52.51 20.82 -0.27
N ALA S 119 52.30 21.14 -1.54
CA ALA S 119 52.00 22.50 -1.93
C ALA S 119 50.55 22.87 -1.67
N ALA S 120 49.70 21.88 -1.39
CA ALA S 120 48.33 22.12 -1.01
C ALA S 120 48.15 22.15 0.49
N LEU S 121 49.04 21.48 1.23
CA LEU S 121 49.05 21.59 2.68
C LEU S 121 49.75 22.84 3.18
N ALA S 122 50.86 23.22 2.57
CA ALA S 122 51.51 24.48 2.89
C ALA S 122 50.64 25.67 2.57
N MET S 123 49.63 25.50 1.71
CA MET S 123 48.67 26.56 1.44
C MET S 123 47.52 26.56 2.43
N GLU S 124 47.17 25.41 3.00
CA GLU S 124 46.19 25.39 4.06
C GLU S 124 46.76 25.95 5.36
N LYS S 125 47.92 25.46 5.79
CA LYS S 125 48.56 25.96 6.98
C LYS S 125 48.87 27.44 6.89
N ASN S 126 48.95 27.99 5.68
CA ASN S 126 49.08 29.41 5.49
C ASN S 126 47.73 30.12 5.47
N LEU S 127 46.71 29.49 4.91
CA LEU S 127 45.35 30.02 5.00
C LEU S 127 44.79 29.92 6.41
N ASN S 128 45.13 28.87 7.14
CA ASN S 128 44.72 28.76 8.54
C ASN S 128 45.42 29.78 9.41
N GLN S 129 46.66 30.14 9.09
CA GLN S 129 47.34 31.17 9.86
C GLN S 129 46.65 32.51 9.70
N ALA S 130 46.14 32.80 8.50
CA ALA S 130 45.42 34.05 8.30
C ALA S 130 44.13 34.08 9.11
N LEU S 131 43.45 32.95 9.22
CA LEU S 131 42.26 32.90 10.05
C LEU S 131 42.59 33.13 11.51
N LEU S 132 43.70 32.56 12.00
CA LEU S 132 44.10 32.79 13.36
C LEU S 132 44.51 34.23 13.62
N ASP S 133 45.16 34.88 12.66
CA ASP S 133 45.44 36.30 12.80
C ASP S 133 44.18 37.14 12.79
N LEU S 134 43.20 36.77 11.97
CA LEU S 134 41.92 37.48 12.01
C LEU S 134 41.25 37.31 13.36
N HIS S 135 41.26 36.10 13.91
CA HIS S 135 40.66 35.87 15.22
C HIS S 135 41.42 36.58 16.32
N ALA S 136 42.73 36.73 16.18
CA ALA S 136 43.49 37.51 17.15
C ALA S 136 43.17 38.98 17.05
N LEU S 137 43.04 39.50 15.84
CA LEU S 137 42.64 40.89 15.66
C LEU S 137 41.24 41.13 16.20
N GLY S 138 40.30 40.23 15.91
CA GLY S 138 38.94 40.42 16.37
C GLY S 138 38.82 40.37 17.88
N SER S 139 39.57 39.48 18.52
CA SER S 139 39.63 39.48 19.97
C SER S 139 40.35 40.69 20.53
N ALA S 140 41.23 41.32 19.74
CA ALA S 140 41.90 42.52 20.21
C ALA S 140 40.94 43.70 20.23
N ARG S 141 40.03 43.77 19.27
CA ARG S 141 39.05 44.86 19.24
C ARG S 141 37.74 44.48 19.90
N ALA S 142 37.70 43.36 20.62
CA ALA S 142 36.52 42.91 21.35
C ALA S 142 35.31 42.78 20.42
N ASP S 143 35.46 41.91 19.41
CA ASP S 143 34.38 41.61 18.48
C ASP S 143 33.95 40.17 18.70
N PRO S 144 33.02 39.91 19.61
CA PRO S 144 32.67 38.53 19.91
C PRO S 144 31.98 37.83 18.77
N HIS S 145 31.14 38.52 18.00
CA HIS S 145 30.44 37.87 16.92
C HIS S 145 31.40 37.35 15.86
N LEU S 146 32.46 38.12 15.57
CA LEU S 146 33.43 37.65 14.59
C LEU S 146 34.16 36.42 15.07
N CYS S 147 34.59 36.43 16.33
CA CYS S 147 35.30 35.26 16.85
C CYS S 147 34.40 34.05 16.87
N ASP S 148 33.13 34.22 17.21
CA ASP S 148 32.20 33.10 17.14
C ASP S 148 32.02 32.60 15.72
N PHE S 149 31.86 33.51 14.77
CA PHE S 149 31.68 33.12 13.38
C PHE S 149 32.87 32.31 12.89
N LEU S 150 34.08 32.79 13.16
CA LEU S 150 35.27 32.04 12.80
C LEU S 150 35.29 30.67 13.48
N GLU S 151 35.23 30.68 14.82
CA GLU S 151 35.28 29.42 15.57
C GLU S 151 34.27 28.41 15.05
N SER S 152 33.13 28.89 14.58
CA SER S 152 32.08 27.97 14.16
C SER S 152 32.31 27.45 12.75
N HIS S 153 32.69 28.33 11.82
CA HIS S 153 32.62 27.97 10.41
C HIS S 153 33.97 27.68 9.76
N TYR S 154 35.08 28.15 10.31
CA TYR S 154 36.34 28.07 9.60
C TYR S 154 37.40 27.28 10.34
N LEU S 155 37.60 27.55 11.63
CA LEU S 155 38.77 27.03 12.32
C LEU S 155 38.75 25.50 12.40
N ASP S 156 37.63 24.94 12.85
CA ASP S 156 37.59 23.49 13.02
C ASP S 156 37.63 22.78 11.68
N LYS S 157 36.88 23.29 10.70
CA LYS S 157 36.97 22.75 9.35
C LYS S 157 38.41 22.74 8.87
N GLU S 158 39.16 23.81 9.17
CA GLU S 158 40.51 23.91 8.64
C GLU S 158 41.46 22.94 9.33
N VAL S 159 41.35 22.77 10.65
CA VAL S 159 42.21 21.80 11.29
C VAL S 159 41.87 20.37 10.87
N LYS S 160 40.60 20.09 10.62
CA LYS S 160 40.26 18.76 10.11
C LYS S 160 40.78 18.54 8.71
N LEU S 161 40.71 19.56 7.85
CA LEU S 161 41.26 19.42 6.50
C LEU S 161 42.77 19.25 6.53
N ILE S 162 43.46 19.99 7.39
CA ILE S 162 44.91 19.84 7.49
C ILE S 162 45.25 18.44 8.00
N LYS S 163 44.49 17.93 8.95
CA LYS S 163 44.72 16.58 9.43
C LYS S 163 44.54 15.57 8.31
N LYS S 164 43.48 15.73 7.51
CA LYS S 164 43.27 14.84 6.38
C LYS S 164 44.42 14.90 5.39
N MET S 165 44.91 16.10 5.08
CA MET S 165 46.04 16.25 4.18
C MET S 165 47.32 15.64 4.74
N GLY S 166 47.53 15.72 6.05
CA GLY S 166 48.69 15.10 6.64
C GLY S 166 48.61 13.59 6.55
N ASN S 167 47.41 13.05 6.76
CA ASN S 167 47.20 11.63 6.55
C ASN S 167 47.53 11.23 5.12
N HIS S 168 47.02 11.99 4.15
CA HIS S 168 47.34 11.72 2.76
C HIS S 168 48.84 11.79 2.52
N LEU S 169 49.52 12.76 3.13
CA LEU S 169 50.93 12.92 2.88
C LEU S 169 51.74 11.74 3.41
N THR S 170 51.43 11.29 4.63
CA THR S 170 52.19 10.17 5.16
C THR S 170 51.86 8.88 4.42
N ASN S 171 50.60 8.71 4.00
CA ASN S 171 50.28 7.54 3.20
C ASN S 171 51.00 7.57 1.86
N LEU S 172 51.20 8.77 1.31
CA LEU S 172 51.94 8.89 0.06
C LEU S 172 53.42 8.63 0.24
N ARG S 173 54.00 9.09 1.34
CA ARG S 173 55.39 8.75 1.63
C ARG S 173 55.56 7.29 1.99
N ARG S 174 54.50 6.62 2.42
CA ARG S 174 54.57 5.21 2.76
C ARG S 174 54.66 4.33 1.52
N VAL S 175 54.02 4.74 0.43
CA VAL S 175 53.94 3.93 -0.77
C VAL S 175 54.94 4.42 -1.80
N ALA S 176 55.78 5.37 -1.42
CA ALA S 176 56.77 5.93 -2.33
C ALA S 176 57.82 4.89 -2.70
N SER S 189 56.12 4.27 -10.31
CA SER S 189 55.34 4.85 -9.22
C SER S 189 54.06 4.09 -9.00
N LEU S 190 54.18 2.77 -8.83
CA LEU S 190 53.00 1.95 -8.61
C LEU S 190 52.28 2.36 -7.33
N GLY S 191 53.03 2.73 -6.30
CA GLY S 191 52.40 3.08 -5.04
C GLY S 191 51.49 4.29 -5.16
N GLU S 192 51.86 5.25 -5.99
CA GLU S 192 51.02 6.43 -6.15
C GLU S 192 49.70 6.08 -6.81
N TYR S 193 49.74 5.24 -7.84
CA TYR S 193 48.50 4.76 -8.45
C TYR S 193 47.66 3.99 -7.44
N LEU S 194 48.29 3.10 -6.67
CA LEU S 194 47.55 2.34 -5.68
C LEU S 194 46.90 3.24 -4.66
N PHE S 195 47.61 4.29 -4.23
CA PHE S 195 47.04 5.23 -3.29
C PHE S 195 45.83 5.93 -3.89
N GLU S 196 45.98 6.48 -5.08
CA GLU S 196 44.87 7.16 -5.72
C GLU S 196 43.68 6.23 -5.89
N ARG S 197 43.93 4.95 -6.10
CA ARG S 197 42.84 4.02 -6.35
C ARG S 197 42.14 3.61 -5.05
N LEU S 198 42.92 3.42 -3.98
CA LEU S 198 42.37 2.78 -2.80
C LEU S 198 41.93 3.78 -1.74
N THR S 199 42.59 4.93 -1.66
CA THR S 199 42.21 5.94 -0.67
C THR S 199 41.31 7.01 -1.30
N LEU S 200 41.82 7.70 -2.31
CA LEU S 200 41.15 8.88 -2.82
C LEU S 200 39.89 8.52 -3.58
N LYS S 201 39.97 7.53 -4.46
CA LYS S 201 38.78 7.11 -5.20
C LYS S 201 37.74 6.51 -4.27
N HIS S 202 38.20 5.79 -3.25
CA HIS S 202 37.27 5.17 -2.31
C HIS S 202 36.46 6.21 -1.57
N ASP S 203 37.05 7.36 -1.27
CA ASP S 203 36.32 8.45 -0.64
C ASP S 203 35.55 9.31 -1.63
N GLY S 204 36.02 9.42 -2.87
CA GLY S 204 35.26 10.11 -3.89
C GLY S 204 33.95 9.41 -4.18
N ASP S 205 33.96 8.07 -4.08
CA ASP S 205 32.71 7.32 -4.27
C ASP S 205 31.69 7.66 -3.20
N ILE S 206 32.12 7.84 -1.95
CA ILE S 206 31.15 8.11 -0.90
C ILE S 206 30.76 9.58 -0.86
N GLU S 207 31.65 10.47 -1.35
CA GLU S 207 31.22 11.86 -1.56
C GLU S 207 30.05 11.91 -2.52
N SER S 208 30.15 11.20 -3.64
CA SER S 208 29.08 11.19 -4.63
C SER S 208 27.85 10.46 -4.10
N ALA S 209 27.97 9.80 -2.95
CA ALA S 209 26.83 9.15 -2.32
C ALA S 209 26.12 10.09 -1.36
N GLN S 210 26.86 10.82 -0.52
CA GLN S 210 26.23 11.73 0.42
C GLN S 210 25.84 13.05 -0.23
N SER S 211 26.39 13.32 -1.42
CA SER S 211 26.18 14.59 -2.13
C SER S 211 24.71 14.86 -2.40
N THR T 22 -52.23 -11.75 32.56
CA THR T 22 -53.14 -11.45 31.46
C THR T 22 -52.37 -11.18 30.17
N SER T 23 -51.06 -11.03 30.30
CA SER T 23 -50.23 -10.79 29.12
C SER T 23 -50.20 -12.02 28.24
N GLN T 24 -50.08 -11.79 26.93
CA GLN T 24 -50.11 -12.90 25.99
C GLN T 24 -48.82 -13.71 26.04
N ILE T 25 -47.72 -13.09 26.43
CA ILE T 25 -46.42 -13.75 26.46
C ILE T 25 -46.04 -14.20 27.87
N ARG T 26 -46.84 -13.84 28.87
CA ARG T 26 -46.53 -14.21 30.25
C ARG T 26 -46.63 -15.73 30.39
N GLN T 27 -45.52 -16.37 30.74
CA GLN T 27 -45.52 -17.81 30.93
C GLN T 27 -44.52 -18.17 32.01
N ASN T 28 -45.00 -18.89 33.04
CA ASN T 28 -44.16 -19.33 34.14
C ASN T 28 -43.43 -18.16 34.78
N TYR T 29 -44.17 -17.10 35.08
CA TYR T 29 -43.60 -15.89 35.67
C TYR T 29 -44.51 -15.49 36.82
N SER T 30 -44.21 -16.01 38.01
CA SER T 30 -45.04 -15.78 39.17
C SER T 30 -45.06 -14.29 39.54
N THR T 31 -46.18 -13.88 40.15
CA THR T 31 -46.30 -12.49 40.56
C THR T 31 -45.36 -12.17 41.70
N GLU T 32 -45.01 -13.18 42.51
CA GLU T 32 -44.07 -12.95 43.60
C GLU T 32 -42.70 -12.60 43.06
N VAL T 33 -42.28 -13.24 41.97
CA VAL T 33 -41.05 -12.86 41.30
C VAL T 33 -41.16 -11.51 40.61
N GLU T 34 -42.28 -11.25 39.93
CA GLU T 34 -42.49 -9.96 39.28
C GLU T 34 -42.42 -8.81 40.26
N ALA T 35 -42.94 -8.98 41.47
CA ALA T 35 -42.85 -7.96 42.49
C ALA T 35 -41.48 -7.91 43.14
N ALA T 36 -40.84 -9.05 43.36
CA ALA T 36 -39.49 -9.06 43.89
C ALA T 36 -38.49 -8.45 42.94
N VAL T 37 -38.73 -8.52 41.63
CA VAL T 37 -37.88 -7.84 40.67
C VAL T 37 -38.05 -6.34 40.74
N ASN T 38 -39.28 -5.85 40.81
CA ASN T 38 -39.51 -4.41 40.93
C ASN T 38 -38.85 -3.81 42.15
N ARG T 39 -38.77 -4.55 43.25
CA ARG T 39 -38.04 -4.06 44.41
C ARG T 39 -36.53 -4.17 44.23
N LEU T 40 -36.08 -4.90 43.23
CA LEU T 40 -34.65 -5.02 42.94
C LEU T 40 -34.17 -3.94 41.99
N VAL T 41 -35.02 -3.46 41.08
CA VAL T 41 -34.64 -2.34 40.25
C VAL T 41 -34.57 -1.07 41.06
N ASN T 42 -35.48 -0.90 42.01
CA ASN T 42 -35.39 0.25 42.90
C ASN T 42 -34.14 0.18 43.76
N LEU T 43 -33.74 -1.02 44.16
CA LEU T 43 -32.48 -1.16 44.89
C LEU T 43 -31.29 -0.78 44.03
N HIS T 44 -31.27 -1.25 42.78
CA HIS T 44 -30.17 -0.89 41.89
C HIS T 44 -30.15 0.61 41.61
N LEU T 45 -31.33 1.21 41.44
CA LEU T 45 -31.37 2.65 41.20
C LEU T 45 -30.89 3.42 42.42
N ARG T 46 -31.32 3.00 43.61
CA ARG T 46 -30.87 3.69 44.81
C ARG T 46 -29.37 3.52 45.01
N ALA T 47 -28.83 2.35 44.66
CA ALA T 47 -27.40 2.11 44.73
C ALA T 47 -26.63 2.91 43.71
N SER T 48 -27.22 3.17 42.55
CA SER T 48 -26.61 4.05 41.56
C SER T 48 -26.70 5.50 41.97
N TYR T 49 -27.75 5.87 42.69
CA TYR T 49 -27.85 7.19 43.29
C TYR T 49 -26.81 7.43 44.36
N THR T 50 -26.57 6.45 45.22
CA THR T 50 -25.54 6.60 46.25
C THR T 50 -24.16 6.72 45.61
N TYR T 51 -23.87 5.88 44.63
CA TYR T 51 -22.59 5.99 43.94
C TYR T 51 -22.46 7.30 43.21
N LEU T 52 -23.55 7.83 42.68
CA LEU T 52 -23.49 9.15 42.08
C LEU T 52 -23.14 10.21 43.12
N SER T 53 -23.69 10.08 44.32
CA SER T 53 -23.37 11.03 45.38
C SER T 53 -21.91 10.90 45.79
N LEU T 54 -21.40 9.68 45.86
CA LEU T 54 -20.01 9.48 46.22
C LEU T 54 -19.07 10.02 45.15
N GLY T 55 -19.36 9.75 43.89
CA GLY T 55 -18.50 10.19 42.83
C GLY T 55 -18.42 11.70 42.70
N PHE T 56 -19.46 12.41 43.16
CA PHE T 56 -19.44 13.86 43.15
C PHE T 56 -19.07 14.43 44.49
N PHE T 57 -18.76 13.59 45.46
CA PHE T 57 -18.19 14.05 46.72
C PHE T 57 -16.68 14.06 46.69
N PHE T 58 -16.05 13.14 45.97
CA PHE T 58 -14.61 13.06 45.89
C PHE T 58 -14.03 13.93 44.79
N ASP T 59 -14.87 14.61 44.03
CA ASP T 59 -14.41 15.69 43.17
C ASP T 59 -14.66 17.06 43.77
N ARG T 60 -15.15 17.13 44.99
CA ARG T 60 -15.28 18.42 45.65
C ARG T 60 -13.91 19.05 45.79
N ASP T 61 -13.89 20.39 45.84
CA ASP T 61 -12.62 21.10 45.88
C ASP T 61 -11.82 20.77 47.12
N ASP T 62 -12.49 20.39 48.22
CA ASP T 62 -11.83 20.18 49.49
C ASP T 62 -11.54 18.71 49.77
N VAL T 63 -11.76 17.84 48.79
CA VAL T 63 -11.34 16.44 48.86
C VAL T 63 -10.40 16.11 47.71
N ALA T 64 -10.85 16.34 46.47
CA ALA T 64 -9.99 16.30 45.29
C ALA T 64 -9.32 14.95 45.11
N LEU T 65 -10.01 13.88 45.48
CA LEU T 65 -9.54 12.53 45.19
C LEU T 65 -10.21 12.10 43.90
N GLU T 66 -9.76 12.70 42.79
CA GLU T 66 -10.44 12.53 41.52
C GLU T 66 -10.40 11.08 41.04
N GLY T 67 -9.39 10.32 41.45
CA GLY T 67 -9.38 8.90 41.15
C GLY T 67 -10.55 8.18 41.78
N VAL T 68 -10.76 8.40 43.08
CA VAL T 68 -11.91 7.80 43.76
C VAL T 68 -13.20 8.31 43.14
N GLY T 69 -13.26 9.58 42.81
CA GLY T 69 -14.44 10.13 42.17
C GLY T 69 -14.78 9.39 40.89
N HIS T 70 -13.81 9.23 40.01
CA HIS T 70 -14.03 8.51 38.77
C HIS T 70 -14.37 7.05 39.01
N PHE T 71 -13.76 6.42 40.01
CA PHE T 71 -14.11 5.04 40.32
C PHE T 71 -15.58 4.91 40.65
N PHE T 72 -16.07 5.74 41.57
CA PHE T 72 -17.48 5.67 41.94
C PHE T 72 -18.38 6.10 40.79
N ARG T 73 -17.89 7.01 39.94
CA ARG T 73 -18.69 7.42 38.80
C ARG T 73 -18.90 6.28 37.83
N GLU T 74 -17.83 5.65 37.37
CA GLU T 74 -17.97 4.50 36.48
C GLU T 74 -18.56 3.29 37.19
N LEU T 75 -18.73 3.35 38.51
CA LEU T 75 -19.52 2.36 39.21
C LEU T 75 -21.00 2.64 39.15
N ALA T 76 -21.41 3.89 39.29
CA ALA T 76 -22.82 4.25 39.11
C ALA T 76 -23.31 3.93 37.71
N GLU T 77 -22.49 4.16 36.69
CA GLU T 77 -22.82 3.72 35.35
C GLU T 77 -23.23 2.26 35.34
N GLU T 78 -22.41 1.40 35.94
CA GLU T 78 -22.67 -0.04 35.87
C GLU T 78 -23.87 -0.43 36.70
N LYS T 79 -24.06 0.21 37.86
CA LYS T 79 -25.25 -0.10 38.66
C LYS T 79 -26.52 0.29 37.92
N ARG T 80 -26.54 1.46 37.30
CA ARG T 80 -27.72 1.85 36.55
C ARG T 80 -27.96 0.93 35.37
N GLU T 81 -26.88 0.57 34.64
CA GLU T 81 -27.04 -0.42 33.58
C GLU T 81 -27.61 -1.71 34.10
N GLY T 82 -27.23 -2.13 35.31
CA GLY T 82 -27.81 -3.32 35.90
C GLY T 82 -29.28 -3.13 36.22
N ALA T 83 -29.69 -1.89 36.42
CA ALA T 83 -31.10 -1.62 36.66
C ALA T 83 -31.95 -1.70 35.40
N GLU T 84 -31.48 -1.17 34.27
CA GLU T 84 -32.26 -1.24 33.04
C GLU T 84 -32.17 -2.59 32.38
N ARG T 85 -31.19 -3.42 32.75
CA ARG T 85 -31.16 -4.80 32.28
C ARG T 85 -32.14 -5.66 33.04
N LEU T 86 -32.52 -5.28 34.26
CA LEU T 86 -33.59 -5.94 34.97
C LEU T 86 -34.96 -5.49 34.49
N LEU T 87 -35.08 -4.26 34.02
CA LEU T 87 -36.35 -3.79 33.47
C LEU T 87 -36.66 -4.41 32.13
N GLU T 88 -35.68 -4.55 31.25
CA GLU T 88 -35.95 -5.22 29.98
C GLU T 88 -36.18 -6.71 30.15
N PHE T 89 -35.65 -7.31 31.21
CA PHE T 89 -36.05 -8.66 31.57
C PHE T 89 -37.48 -8.71 32.07
N GLN T 90 -37.92 -7.69 32.80
CA GLN T 90 -39.32 -7.63 33.22
C GLN T 90 -40.25 -7.57 32.02
N ASN T 91 -39.82 -6.91 30.95
CA ASN T 91 -40.65 -6.83 29.76
C ASN T 91 -40.62 -8.13 28.96
N ASP T 92 -39.43 -8.75 28.85
CA ASP T 92 -39.32 -10.00 28.12
C ASP T 92 -40.20 -11.08 28.72
N ARG T 93 -40.28 -11.13 30.05
CA ARG T 93 -41.10 -12.12 30.71
C ARG T 93 -42.57 -11.72 30.80
N GLY T 94 -42.92 -10.51 30.37
CA GLY T 94 -44.29 -10.08 30.38
C GLY T 94 -44.75 -9.42 31.65
N GLY T 95 -43.84 -9.03 32.52
CA GLY T 95 -44.21 -8.34 33.74
C GLY T 95 -44.48 -6.86 33.50
N ARG T 96 -44.92 -6.19 34.55
CA ARG T 96 -45.21 -4.76 34.51
C ARG T 96 -44.27 -4.04 35.45
N ALA T 97 -43.46 -3.14 34.90
CA ALA T 97 -42.51 -2.39 35.72
C ALA T 97 -43.22 -1.33 36.54
N LEU T 98 -43.08 -1.43 37.85
CA LEU T 98 -43.67 -0.47 38.79
C LEU T 98 -42.55 0.30 39.45
N PHE T 99 -42.45 1.59 39.17
CA PHE T 99 -41.38 2.40 39.73
C PHE T 99 -41.79 2.97 41.07
N GLN T 100 -40.79 3.21 41.91
CA GLN T 100 -41.00 3.78 43.23
C GLN T 100 -40.03 4.93 43.42
N ASP T 101 -40.21 5.67 44.51
CA ASP T 101 -39.35 6.80 44.79
C ASP T 101 -37.95 6.32 45.12
N VAL T 102 -36.98 6.76 44.33
CA VAL T 102 -35.59 6.46 44.64
C VAL T 102 -35.18 7.26 45.86
N GLN T 103 -35.06 6.58 47.00
CA GLN T 103 -34.73 7.25 48.23
C GLN T 103 -33.30 7.80 48.18
N LYS T 104 -33.12 8.99 48.75
CA LYS T 104 -31.85 9.68 48.68
C LYS T 104 -30.76 8.89 49.39
N PRO T 105 -29.49 9.15 49.06
CA PRO T 105 -28.41 8.39 49.70
C PRO T 105 -28.40 8.59 51.21
N SER T 106 -27.66 7.72 51.90
CA SER T 106 -27.67 7.73 53.35
C SER T 106 -26.98 8.96 53.90
N GLN T 107 -25.85 9.34 53.32
CA GLN T 107 -25.04 10.45 53.82
C GLN T 107 -24.83 11.48 52.72
N ASP T 108 -24.48 12.69 53.15
CA ASP T 108 -23.98 13.70 52.22
C ASP T 108 -22.49 13.95 52.42
N GLU T 109 -21.96 13.63 53.59
CA GLU T 109 -20.53 13.67 53.84
C GLU T 109 -20.08 12.24 54.07
N TRP T 110 -19.08 11.80 53.32
CA TRP T 110 -18.65 10.42 53.45
C TRP T 110 -17.35 10.31 54.22
N GLY T 111 -16.57 11.37 54.27
CA GLY T 111 -15.36 11.41 55.04
C GLY T 111 -14.17 10.90 54.24
N LYS T 112 -13.23 10.29 54.95
CA LYS T 112 -12.05 9.73 54.31
C LYS T 112 -12.45 8.62 53.36
N THR T 113 -11.58 8.36 52.38
CA THR T 113 -11.91 7.38 51.35
C THR T 113 -12.14 6.00 51.94
N GLN T 114 -11.50 5.70 53.08
CA GLN T 114 -11.72 4.40 53.70
C GLN T 114 -13.13 4.28 54.24
N GLU T 115 -13.58 5.26 55.01
CA GLU T 115 -14.93 5.22 55.56
C GLU T 115 -15.99 5.32 54.47
N ALA T 116 -15.60 5.72 53.26
CA ALA T 116 -16.54 5.73 52.15
C ALA T 116 -16.57 4.40 51.42
N MET T 117 -15.42 3.76 51.24
CA MET T 117 -15.37 2.46 50.60
C MET T 117 -15.94 1.35 51.47
N GLU T 118 -16.02 1.55 52.78
CA GLU T 118 -16.76 0.63 53.63
C GLU T 118 -18.26 0.84 53.57
N ALA T 119 -18.70 2.07 53.34
CA ALA T 119 -20.11 2.34 53.11
C ALA T 119 -20.53 1.97 51.69
N ALA T 120 -19.57 1.77 50.79
CA ALA T 120 -19.86 1.31 49.45
C ALA T 120 -19.76 -0.20 49.32
N LEU T 121 -18.98 -0.84 50.19
CA LEU T 121 -18.95 -2.30 50.25
C LEU T 121 -20.11 -2.87 51.04
N ALA T 122 -20.48 -2.26 52.16
CA ALA T 122 -21.67 -2.66 52.89
C ALA T 122 -22.93 -2.47 52.07
N MET T 123 -22.90 -1.64 51.03
CA MET T 123 -24.02 -1.50 50.13
C MET T 123 -24.02 -2.53 49.02
N GLU T 124 -22.84 -3.01 48.62
CA GLU T 124 -22.78 -4.11 47.67
C GLU T 124 -23.18 -5.42 48.31
N LYS T 125 -22.59 -5.76 49.45
CA LYS T 125 -22.95 -6.97 50.17
C LYS T 125 -24.41 -6.99 50.56
N ASN T 126 -25.06 -5.83 50.62
CA ASN T 126 -26.48 -5.77 50.84
C ASN T 126 -27.26 -5.86 49.54
N LEU T 127 -26.76 -5.29 48.46
CA LEU T 127 -27.34 -5.47 47.15
C LEU T 127 -27.14 -6.88 46.62
N ASN T 128 -26.02 -7.51 46.91
CA ASN T 128 -25.81 -8.89 46.55
C ASN T 128 -26.71 -9.84 47.33
N GLN T 129 -27.03 -9.50 48.58
CA GLN T 129 -27.94 -10.33 49.35
C GLN T 129 -29.33 -10.31 48.73
N ALA T 130 -29.75 -9.17 48.20
CA ALA T 130 -31.06 -9.09 47.55
C ALA T 130 -31.09 -9.97 46.31
N LEU T 131 -29.99 -10.00 45.55
CA LEU T 131 -29.92 -10.86 44.38
C LEU T 131 -30.01 -12.33 44.79
N LEU T 132 -29.34 -12.71 45.86
CA LEU T 132 -29.42 -14.09 46.32
C LEU T 132 -30.82 -14.44 46.82
N ASP T 133 -31.50 -13.52 47.48
CA ASP T 133 -32.88 -13.77 47.85
C ASP T 133 -33.79 -13.88 46.65
N LEU T 134 -33.55 -13.08 45.61
CA LEU T 134 -34.33 -13.23 44.39
C LEU T 134 -34.08 -14.57 43.74
N HIS T 135 -32.82 -15.02 43.70
CA HIS T 135 -32.52 -16.32 43.13
C HIS T 135 -33.08 -17.45 43.97
N ALA T 136 -33.16 -17.28 45.28
CA ALA T 136 -33.81 -18.28 46.12
C ALA T 136 -35.31 -18.34 45.88
N LEU T 137 -35.93 -17.17 45.74
CA LEU T 137 -37.35 -17.13 45.41
C LEU T 137 -37.63 -17.73 44.05
N GLY T 138 -36.81 -17.40 43.05
CA GLY T 138 -37.03 -17.93 41.72
C GLY T 138 -36.86 -19.43 41.65
N SER T 139 -35.88 -19.97 42.37
CA SER T 139 -35.74 -21.42 42.47
C SER T 139 -36.85 -22.05 43.29
N ALA T 140 -37.50 -21.28 44.17
CA ALA T 140 -38.62 -21.82 44.92
C ALA T 140 -39.85 -21.99 44.04
N ARG T 141 -40.06 -21.08 43.09
CA ARG T 141 -41.18 -21.17 42.19
C ARG T 141 -40.83 -21.84 40.87
N ALA T 142 -39.65 -22.46 40.80
CA ALA T 142 -39.20 -23.19 39.62
C ALA T 142 -39.23 -22.30 38.38
N ASP T 143 -38.45 -21.22 38.44
CA ASP T 143 -38.29 -20.31 37.32
C ASP T 143 -36.86 -20.41 36.81
N PRO T 144 -36.58 -21.33 35.89
CA PRO T 144 -35.18 -21.53 35.48
C PRO T 144 -34.63 -20.35 34.70
N HIS T 145 -35.45 -19.68 33.88
CA HIS T 145 -34.93 -18.57 33.11
C HIS T 145 -34.45 -17.44 34.00
N LEU T 146 -35.18 -17.18 35.09
CA LEU T 146 -34.75 -16.12 36.00
C LEU T 146 -33.44 -16.47 36.69
N CYS T 147 -33.30 -17.72 37.14
CA CYS T 147 -32.07 -18.11 37.80
C CYS T 147 -30.90 -18.04 36.84
N ASP T 148 -31.12 -18.44 35.58
CA ASP T 148 -30.06 -18.32 34.59
C ASP T 148 -29.70 -16.87 34.33
N PHE T 149 -30.70 -16.01 34.20
CA PHE T 149 -30.44 -14.59 33.96
C PHE T 149 -29.61 -13.99 35.08
N LEU T 150 -30.00 -14.26 36.32
CA LEU T 150 -29.21 -13.78 37.45
C LEU T 150 -27.81 -14.34 37.41
N GLU T 151 -27.68 -15.68 37.39
CA GLU T 151 -26.38 -16.32 37.41
C GLU T 151 -25.47 -15.76 36.32
N SER T 152 -26.04 -15.36 35.19
CA SER T 152 -25.23 -14.90 34.07
C SER T 152 -24.82 -13.45 34.23
N HIS T 153 -25.76 -12.59 34.62
CA HIS T 153 -25.53 -11.16 34.49
C HIS T 153 -25.22 -10.43 35.80
N TYR T 154 -25.59 -10.99 36.95
CA TYR T 154 -25.49 -10.21 38.18
C TYR T 154 -24.59 -10.85 39.23
N LEU T 155 -24.73 -12.15 39.47
CA LEU T 155 -24.08 -12.75 40.63
C LEU T 155 -22.57 -12.70 40.52
N ASP T 156 -22.02 -13.14 39.40
CA ASP T 156 -20.57 -13.19 39.27
C ASP T 156 -19.98 -11.79 39.21
N LYS T 157 -20.61 -10.88 38.47
CA LYS T 157 -20.19 -9.49 38.49
C LYS T 157 -20.15 -8.94 39.91
N GLU T 158 -21.14 -9.32 40.72
CA GLU T 158 -21.22 -8.75 42.06
C GLU T 158 -20.14 -9.31 42.97
N VAL T 159 -19.86 -10.61 42.90
CA VAL T 159 -18.77 -11.13 43.73
C VAL T 159 -17.43 -10.62 43.29
N LYS T 160 -17.23 -10.38 41.99
CA LYS T 160 -15.98 -9.78 41.55
C LYS T 160 -15.85 -8.33 42.02
N LEU T 161 -16.94 -7.58 41.98
CA LEU T 161 -16.90 -6.20 42.48
C LEU T 161 -16.64 -6.16 43.98
N ILE T 162 -17.26 -7.05 44.75
CA ILE T 162 -17.01 -7.08 46.18
C ILE T 162 -15.57 -7.45 46.47
N LYS T 163 -15.02 -8.39 45.69
CA LYS T 163 -13.61 -8.74 45.86
C LYS T 163 -12.72 -7.54 45.58
N LYS T 164 -13.01 -6.80 44.51
CA LYS T 164 -12.24 -5.60 44.21
C LYS T 164 -12.33 -4.59 45.33
N MET T 165 -13.52 -4.36 45.88
CA MET T 165 -13.68 -3.44 46.99
C MET T 165 -12.96 -3.89 48.24
N GLY T 166 -12.90 -5.19 48.50
CA GLY T 166 -12.16 -5.68 49.64
C GLY T 166 -10.68 -5.47 49.47
N ASN T 167 -10.19 -5.68 48.24
CA ASN T 167 -8.81 -5.35 47.95
C ASN T 167 -8.53 -3.88 48.21
N HIS T 168 -9.39 -3.00 47.72
CA HIS T 168 -9.23 -1.58 47.97
C HIS T 168 -9.24 -1.29 49.47
N LEU T 169 -10.11 -1.97 50.21
CA LEU T 169 -10.22 -1.67 51.64
C LEU T 169 -8.95 -2.07 52.38
N THR T 170 -8.41 -3.25 52.10
CA THR T 170 -7.19 -3.66 52.80
C THR T 170 -6.01 -2.82 52.36
N ASN T 171 -5.94 -2.44 51.08
CA ASN T 171 -4.86 -1.55 50.68
C ASN T 171 -4.98 -0.19 51.34
N LEU T 172 -6.20 0.27 51.59
CA LEU T 172 -6.40 1.52 52.30
C LEU T 172 -6.04 1.42 53.77
N ARG T 173 -6.37 0.31 54.42
CA ARG T 173 -5.92 0.09 55.79
C ARG T 173 -4.43 -0.12 55.88
N ARG T 174 -3.79 -0.53 54.80
CA ARG T 174 -2.35 -0.74 54.81
C ARG T 174 -1.59 0.57 54.80
N VAL T 175 -2.13 1.60 54.14
CA VAL T 175 -1.42 2.86 53.98
C VAL T 175 -1.96 3.88 54.98
N ALA T 176 -2.81 3.44 55.89
CA ALA T 176 -3.39 4.35 56.86
C ALA T 176 -2.33 4.84 57.84
N SER T 189 -2.49 12.41 55.87
CA SER T 189 -3.01 11.25 55.17
C SER T 189 -2.30 11.05 53.84
N LEU T 190 -0.98 10.99 53.89
CA LEU T 190 -0.20 10.80 52.67
C LEU T 190 -0.54 9.46 52.01
N GLY T 191 -0.78 8.44 52.82
CA GLY T 191 -1.06 7.13 52.26
C GLY T 191 -2.31 7.10 51.41
N GLU T 192 -3.31 7.86 51.80
CA GLU T 192 -4.56 7.88 51.04
C GLU T 192 -4.34 8.53 49.68
N TYR T 193 -3.59 9.62 49.63
CA TYR T 193 -3.23 10.22 48.36
C TYR T 193 -2.43 9.26 47.50
N LEU T 194 -1.45 8.59 48.10
CA LEU T 194 -0.64 7.65 47.35
C LEU T 194 -1.49 6.52 46.79
N PHE T 195 -2.44 6.04 47.57
CA PHE T 195 -3.33 4.99 47.08
C PHE T 195 -4.15 5.48 45.91
N GLU T 196 -4.79 6.63 46.06
CA GLU T 196 -5.59 7.17 44.96
C GLU T 196 -4.74 7.36 43.70
N ARG T 197 -3.47 7.70 43.88
CA ARG T 197 -2.63 7.98 42.73
C ARG T 197 -2.15 6.71 42.06
N LEU T 198 -1.83 5.68 42.85
CA LEU T 198 -1.10 4.55 42.30
C LEU T 198 -2.04 3.39 41.96
N THR T 199 -3.13 3.23 42.68
CA THR T 199 -4.08 2.14 42.39
C THR T 199 -5.23 2.65 41.54
N LEU T 200 -5.99 3.61 42.06
CA LEU T 200 -7.25 3.98 41.44
C LEU T 200 -7.03 4.73 40.14
N LYS T 201 -6.11 5.70 40.14
CA LYS T 201 -5.83 6.42 38.91
C LYS T 201 -5.22 5.51 37.86
N HIS T 202 -4.37 4.57 38.30
CA HIS T 202 -3.73 3.65 37.37
C HIS T 202 -4.75 2.79 36.65
N ASP T 203 -5.84 2.42 37.32
CA ASP T 203 -6.90 1.67 36.67
C ASP T 203 -7.89 2.56 35.93
N GLY T 204 -8.07 3.81 36.37
CA GLY T 204 -8.89 4.73 35.61
C GLY T 204 -8.29 5.04 34.25
N ASP T 205 -6.97 5.04 34.18
CA ASP T 205 -6.30 5.25 32.89
C ASP T 205 -6.60 4.12 31.92
N ILE T 206 -6.65 2.88 32.41
CA ILE T 206 -6.87 1.76 31.49
C ILE T 206 -8.35 1.60 31.19
N GLU T 207 -9.23 2.03 32.10
CA GLU T 207 -10.65 2.11 31.76
C GLU T 207 -10.85 3.01 30.56
N SER T 208 -10.24 4.19 30.59
CA SER T 208 -10.37 5.13 29.48
C SER T 208 -9.68 4.63 28.23
N ALA T 209 -8.91 3.55 28.35
CA ALA T 209 -8.28 2.94 27.18
C ALA T 209 -9.16 1.86 26.56
N GLN T 210 -9.77 1.00 27.37
CA GLN T 210 -10.63 -0.05 26.84
C GLN T 210 -12.03 0.48 26.51
N SER T 211 -12.35 1.66 27.03
CA SER T 211 -13.70 2.25 26.87
C SER T 211 -14.08 2.44 25.41
N THR U 22 -17.44 29.02 52.59
CA THR U 22 -16.24 28.67 53.34
C THR U 22 -15.23 27.96 52.45
N SER U 23 -15.67 27.59 51.25
CA SER U 23 -14.78 26.92 50.31
C SER U 23 -13.70 27.88 49.84
N GLN U 24 -12.52 27.34 49.55
CA GLN U 24 -11.40 28.17 49.15
C GLN U 24 -11.58 28.71 47.73
N ILE U 25 -12.32 27.99 46.90
CA ILE U 25 -12.51 28.39 45.52
C ILE U 25 -13.85 29.07 45.28
N ARG U 26 -14.71 29.12 46.30
CA ARG U 26 -16.01 29.73 46.15
C ARG U 26 -15.83 31.23 45.93
N GLN U 27 -16.30 31.71 44.77
CA GLN U 27 -16.21 33.13 44.46
C GLN U 27 -17.39 33.54 43.61
N ASN U 28 -18.13 34.54 44.08
CA ASN U 28 -19.29 35.07 43.36
C ASN U 28 -20.29 33.96 43.05
N TYR U 29 -20.60 33.16 44.05
CA TYR U 29 -21.53 32.05 43.90
C TYR U 29 -22.51 32.10 45.06
N SER U 30 -23.61 32.81 44.86
CA SER U 30 -24.58 33.03 45.91
C SER U 30 -25.21 31.71 46.35
N THR U 31 -25.62 31.67 47.61
CA THR U 31 -26.26 30.47 48.13
C THR U 31 -27.63 30.25 47.50
N GLU U 32 -28.28 31.32 47.07
CA GLU U 32 -29.57 31.19 46.41
C GLU U 32 -29.43 30.46 45.09
N VAL U 33 -28.36 30.74 44.35
CA VAL U 33 -28.06 29.97 43.14
C VAL U 33 -27.63 28.56 43.46
N GLU U 34 -26.78 28.36 44.47
CA GLU U 34 -26.35 27.02 44.86
C GLU U 34 -27.53 26.14 45.24
N ALA U 35 -28.53 26.69 45.90
CA ALA U 35 -29.73 25.94 46.24
C ALA U 35 -30.67 25.77 45.05
N ALA U 36 -30.80 26.79 44.20
CA ALA U 36 -31.61 26.66 43.00
C ALA U 36 -31.03 25.67 42.02
N VAL U 37 -29.71 25.48 42.01
CA VAL U 37 -29.11 24.44 41.19
C VAL U 37 -29.43 23.06 41.71
N ASN U 38 -29.31 22.83 43.02
CA ASN U 38 -29.65 21.56 43.61
C ASN U 38 -31.09 21.14 43.33
N ARG U 39 -32.01 22.08 43.27
CA ARG U 39 -33.37 21.75 42.87
C ARG U 39 -33.51 21.51 41.39
N LEU U 40 -32.51 21.89 40.60
CA LEU U 40 -32.54 21.66 39.18
C LEU U 40 -31.93 20.32 38.79
N VAL U 41 -30.97 19.81 39.56
CA VAL U 41 -30.46 18.47 39.31
C VAL U 41 -31.51 17.45 39.68
N ASN U 42 -32.25 17.68 40.76
CA ASN U 42 -33.33 16.77 41.10
C ASN U 42 -34.42 16.80 40.04
N LEU U 43 -34.66 17.96 39.44
CA LEU U 43 -35.61 18.02 38.33
C LEU U 43 -35.11 17.23 37.14
N HIS U 44 -33.83 17.38 36.79
CA HIS U 44 -33.29 16.61 35.68
C HIS U 44 -33.32 15.13 35.96
N LEU U 45 -33.02 14.73 37.19
CA LEU U 45 -33.05 13.32 37.54
C LEU U 45 -34.47 12.78 37.47
N ARG U 46 -35.43 13.53 37.98
CA ARG U 46 -36.82 13.08 37.91
C ARG U 46 -37.30 12.99 36.47
N ALA U 47 -36.86 13.92 35.63
CA ALA U 47 -37.21 13.90 34.22
C ALA U 47 -36.54 12.74 33.50
N SER U 48 -35.35 12.34 33.92
CA SER U 48 -34.72 11.15 33.37
C SER U 48 -35.36 9.88 33.86
N TYR U 49 -35.90 9.89 35.08
CA TYR U 49 -36.69 8.79 35.60
C TYR U 49 -37.98 8.62 34.84
N THR U 50 -38.68 9.72 34.54
CA THR U 50 -39.91 9.62 33.76
C THR U 50 -39.64 9.09 32.37
N TYR U 51 -38.60 9.59 31.72
CA TYR U 51 -38.25 9.09 30.39
C TYR U 51 -37.82 7.64 30.45
N LEU U 52 -37.18 7.23 31.54
CA LEU U 52 -36.86 5.81 31.69
C LEU U 52 -38.13 4.97 31.78
N SER U 53 -39.15 5.49 32.48
CA SER U 53 -40.41 4.77 32.58
C SER U 53 -41.09 4.70 31.23
N LEU U 54 -41.04 5.79 30.47
CA LEU U 54 -41.66 5.80 29.15
C LEU U 54 -40.94 4.86 28.19
N GLY U 55 -39.62 4.87 28.19
CA GLY U 55 -38.88 4.02 27.28
C GLY U 55 -39.06 2.55 27.55
N PHE U 56 -39.41 2.19 28.77
CA PHE U 56 -39.67 0.80 29.10
C PHE U 56 -41.15 0.49 29.12
N PHE U 57 -41.99 1.47 28.80
CA PHE U 57 -43.40 1.21 28.57
C PHE U 57 -43.71 0.90 27.13
N PHE U 58 -42.98 1.49 26.18
CA PHE U 58 -43.22 1.27 24.77
C PHE U 58 -42.45 0.08 24.23
N ASP U 59 -41.67 -0.60 25.07
CA ASP U 59 -41.17 -1.91 24.72
C ASP U 59 -41.92 -3.03 25.39
N ARG U 60 -43.01 -2.72 26.09
CA ARG U 60 -43.86 -3.77 26.63
C ARG U 60 -44.41 -4.61 25.50
N ASP U 61 -44.73 -5.86 25.80
CA ASP U 61 -45.18 -6.77 24.76
C ASP U 61 -46.48 -6.32 24.13
N ASP U 62 -47.31 -5.58 24.87
CA ASP U 62 -48.63 -5.20 24.41
C ASP U 62 -48.67 -3.80 23.83
N VAL U 63 -47.52 -3.15 23.68
CA VAL U 63 -47.41 -1.89 22.96
C VAL U 63 -46.45 -2.02 21.79
N ALA U 64 -45.22 -2.45 22.05
CA ALA U 64 -44.28 -2.85 21.01
C ALA U 64 -43.99 -1.73 20.02
N LEU U 65 -43.98 -0.50 20.49
CA LEU U 65 -43.56 0.63 19.67
C LEU U 65 -42.09 0.86 19.99
N GLU U 66 -41.24 -0.04 19.51
CA GLU U 66 -39.84 -0.05 19.91
C GLU U 66 -39.12 1.21 19.44
N GLY U 67 -39.60 1.83 18.37
CA GLY U 67 -39.03 3.11 17.97
C GLY U 67 -39.25 4.18 19.02
N VAL U 68 -40.48 4.31 19.51
CA VAL U 68 -40.77 5.25 20.58
C VAL U 68 -39.99 4.89 21.83
N GLY U 69 -39.91 3.59 22.13
CA GLY U 69 -39.13 3.16 23.27
C GLY U 69 -37.70 3.63 23.20
N HIS U 70 -37.03 3.37 22.08
CA HIS U 70 -35.66 3.83 21.91
C HIS U 70 -35.53 5.33 21.93
N PHE U 71 -36.50 6.05 21.38
CA PHE U 71 -36.46 7.51 21.43
C PHE U 71 -36.43 7.99 22.87
N PHE U 72 -37.36 7.51 23.69
CA PHE U 72 -37.38 7.94 25.08
C PHE U 72 -36.18 7.43 25.84
N ARG U 73 -35.64 6.27 25.45
CA ARG U 73 -34.46 5.76 26.12
C ARG U 73 -33.26 6.66 25.88
N GLU U 74 -32.94 6.95 24.62
CA GLU U 74 -31.83 7.86 24.34
C GLU U 74 -32.15 9.30 24.74
N LEU U 75 -33.39 9.58 25.14
CA LEU U 75 -33.70 10.85 25.78
C LEU U 75 -33.37 10.86 27.26
N ALA U 76 -33.64 9.77 27.97
CA ALA U 76 -33.24 9.65 29.36
C ALA U 76 -31.73 9.73 29.52
N GLU U 77 -30.98 9.11 28.61
CA GLU U 77 -29.54 9.28 28.60
C GLU U 77 -29.16 10.75 28.64
N GLU U 78 -29.75 11.55 27.76
CA GLU U 78 -29.35 12.95 27.64
C GLU U 78 -29.81 13.75 28.85
N LYS U 79 -30.99 13.46 29.39
CA LYS U 79 -31.44 14.17 30.59
C LYS U 79 -30.53 13.87 31.77
N ARG U 80 -30.16 12.61 31.96
CA ARG U 80 -29.25 12.28 33.05
C ARG U 80 -27.89 12.93 32.85
N GLU U 81 -27.37 12.90 31.62
CA GLU U 81 -26.14 13.61 31.34
C GLU U 81 -26.25 15.09 31.68
N GLY U 82 -27.41 15.70 31.42
CA GLY U 82 -27.62 17.08 31.80
C GLY U 82 -27.65 17.25 33.31
N ALA U 83 -27.98 16.20 34.04
CA ALA U 83 -27.94 16.28 35.49
C ALA U 83 -26.53 16.21 36.05
N GLU U 84 -25.67 15.35 35.53
CA GLU U 84 -24.30 15.28 36.05
C GLU U 84 -23.43 16.40 35.53
N ARG U 85 -23.84 17.08 34.47
CA ARG U 85 -23.14 18.28 34.03
C ARG U 85 -23.48 19.47 34.90
N LEU U 86 -24.64 19.47 35.55
CA LEU U 86 -24.96 20.46 36.55
C LEU U 86 -24.30 20.19 37.89
N LEU U 87 -24.03 18.93 38.21
CA LEU U 87 -23.33 18.60 39.43
C LEU U 87 -21.86 18.93 39.37
N GLU U 88 -21.21 18.68 38.24
CA GLU U 88 -19.81 19.06 38.11
C GLU U 88 -19.64 20.57 38.01
N PHE U 89 -20.65 21.28 37.56
CA PHE U 89 -20.65 22.73 37.67
C PHE U 89 -20.81 23.18 39.12
N GLN U 90 -21.60 22.46 39.90
CA GLN U 90 -21.71 22.77 41.32
C GLN U 90 -20.36 22.61 42.02
N ASN U 91 -19.56 21.65 41.58
CA ASN U 91 -18.25 21.46 42.19
C ASN U 91 -17.26 22.49 41.71
N ASP U 92 -17.29 22.84 40.42
CA ASP U 92 -16.37 23.83 39.90
C ASP U 92 -16.55 25.17 40.58
N ARG U 93 -17.79 25.54 40.88
CA ARG U 93 -18.05 26.81 41.54
C ARG U 93 -17.89 26.72 43.05
N GLY U 94 -17.63 25.55 43.59
CA GLY U 94 -17.42 25.39 45.01
C GLY U 94 -18.67 25.15 45.83
N GLY U 95 -19.78 24.80 45.20
CA GLY U 95 -20.99 24.50 45.93
C GLY U 95 -20.97 23.10 46.49
N ARG U 96 -22.02 22.79 47.25
CA ARG U 96 -22.18 21.47 47.86
C ARG U 96 -23.43 20.83 47.30
N ALA U 97 -23.26 19.68 46.64
CA ALA U 97 -24.38 18.98 46.04
C ALA U 97 -25.21 18.30 47.12
N LEU U 98 -26.49 18.67 47.19
CA LEU U 98 -27.43 18.09 48.14
C LEU U 98 -28.47 17.30 47.36
N PHE U 99 -28.46 15.98 47.53
CA PHE U 99 -29.38 15.14 46.79
C PHE U 99 -30.69 14.98 47.55
N GLN U 100 -31.76 14.76 46.79
CA GLN U 100 -33.08 14.57 47.36
C GLN U 100 -33.69 13.33 46.74
N ASP U 101 -34.84 12.91 47.27
CA ASP U 101 -35.52 11.74 46.76
C ASP U 101 -36.04 12.00 45.37
N VAL U 102 -35.59 11.21 44.40
CA VAL U 102 -36.14 11.31 43.06
C VAL U 102 -37.55 10.75 43.08
N GLN U 103 -38.53 11.64 42.99
CA GLN U 103 -39.91 11.22 43.04
C GLN U 103 -40.27 10.42 41.80
N LYS U 104 -41.09 9.39 42.00
CA LYS U 104 -41.43 8.46 40.94
C LYS U 104 -42.21 9.17 39.84
N PRO U 105 -42.23 8.61 38.63
CA PRO U 105 -42.93 9.26 37.52
C PRO U 105 -44.41 9.42 37.82
N SER U 106 -45.06 10.28 37.03
CA SER U 106 -46.46 10.61 37.30
C SER U 106 -47.37 9.43 37.02
N GLN U 107 -47.14 8.72 35.93
CA GLN U 107 -48.00 7.63 35.51
C GLN U 107 -47.20 6.35 35.35
N ASP U 108 -47.92 5.22 35.38
CA ASP U 108 -47.33 3.95 34.98
C ASP U 108 -47.89 3.46 33.65
N GLU U 109 -49.06 3.95 33.26
CA GLU U 109 -49.62 3.69 31.95
C GLU U 109 -49.68 5.02 31.22
N TRP U 110 -49.10 5.07 30.03
CA TRP U 110 -49.05 6.34 29.32
C TRP U 110 -50.05 6.37 28.18
N GLY U 111 -50.48 5.21 27.70
CA GLY U 111 -51.48 5.13 26.67
C GLY U 111 -50.88 5.19 25.28
N LYS U 112 -51.65 5.76 24.36
CA LYS U 112 -51.19 5.92 22.99
C LYS U 112 -49.98 6.84 22.94
N THR U 113 -49.18 6.68 21.89
CA THR U 113 -47.95 7.44 21.79
C THR U 113 -48.20 8.94 21.79
N GLN U 114 -49.37 9.36 21.30
CA GLN U 114 -49.67 10.79 21.31
C GLN U 114 -49.85 11.31 22.73
N GLU U 115 -50.68 10.64 23.52
CA GLU U 115 -50.89 11.06 24.90
C GLU U 115 -49.65 10.92 25.75
N ALA U 116 -48.64 10.19 25.27
CA ALA U 116 -47.38 10.09 25.97
C ALA U 116 -46.41 11.20 25.55
N MET U 117 -46.37 11.54 24.27
CA MET U 117 -45.52 12.62 23.82
C MET U 117 -46.02 13.99 24.24
N GLU U 118 -47.30 14.12 24.60
CA GLU U 118 -47.77 15.35 25.23
C GLU U 118 -47.42 15.41 26.70
N ALA U 119 -47.34 14.27 27.38
CA ALA U 119 -46.86 14.24 28.74
C ALA U 119 -45.34 14.33 28.82
N ALA U 120 -44.65 14.14 27.70
CA ALA U 120 -43.22 14.31 27.63
C ALA U 120 -42.83 15.70 27.16
N LEU U 121 -43.71 16.36 26.42
CA LEU U 121 -43.50 17.76 26.06
C LEU U 121 -43.88 18.71 27.17
N ALA U 122 -44.99 18.46 27.86
CA ALA U 122 -45.34 19.25 29.03
C ALA U 122 -44.33 19.11 30.14
N MET U 123 -43.51 18.07 30.12
CA MET U 123 -42.41 17.95 31.07
C MET U 123 -41.16 18.67 30.63
N GLU U 124 -40.94 18.80 29.33
CA GLU U 124 -39.84 19.61 28.84
C GLU U 124 -40.11 21.10 29.03
N LYS U 125 -41.26 21.57 28.58
CA LYS U 125 -41.65 22.97 28.76
C LYS U 125 -41.69 23.36 30.22
N ASN U 126 -41.84 22.40 31.13
CA ASN U 126 -41.74 22.66 32.55
C ASN U 126 -40.31 22.58 33.05
N LEU U 127 -39.49 21.69 32.50
CA LEU U 127 -38.07 21.67 32.79
C LEU U 127 -37.34 22.85 32.18
N ASN U 128 -37.76 23.31 31.01
CA ASN U 128 -37.19 24.50 30.41
C ASN U 128 -37.56 25.76 31.19
N GLN U 129 -38.75 25.79 31.79
CA GLN U 129 -39.12 26.93 32.61
C GLN U 129 -38.23 27.04 33.83
N ALA U 130 -37.84 25.91 34.41
CA ALA U 130 -36.95 25.94 35.56
C ALA U 130 -35.59 26.48 35.17
N LEU U 131 -35.10 26.11 33.99
CA LEU U 131 -33.84 26.67 33.51
C LEU U 131 -33.92 28.16 33.32
N LEU U 132 -35.01 28.66 32.77
CA LEU U 132 -35.18 30.09 32.61
C LEU U 132 -35.29 30.82 33.94
N ASP U 133 -35.94 30.22 34.93
CA ASP U 133 -35.95 30.82 36.26
C ASP U 133 -34.57 30.81 36.90
N LEU U 134 -33.79 29.76 36.67
CA LEU U 134 -32.42 29.76 37.17
C LEU U 134 -31.59 30.84 36.50
N HIS U 135 -31.75 31.01 35.19
CA HIS U 135 -31.03 32.07 34.49
C HIS U 135 -31.48 33.45 34.91
N ALA U 136 -32.75 33.61 35.26
CA ALA U 136 -33.23 34.89 35.78
C ALA U 136 -32.66 35.16 37.16
N LEU U 137 -32.61 34.14 38.01
CA LEU U 137 -31.99 34.30 39.32
C LEU U 137 -30.51 34.61 39.21
N GLY U 138 -29.80 33.90 38.32
CA GLY U 138 -28.38 34.13 38.18
C GLY U 138 -28.06 35.52 37.65
N SER U 139 -28.86 36.01 36.72
CA SER U 139 -28.71 37.38 36.26
C SER U 139 -29.12 38.39 37.31
N ALA U 140 -29.97 37.99 38.26
CA ALA U 140 -30.34 38.90 39.34
C ALA U 140 -29.20 39.09 40.32
N ARG U 141 -28.42 38.04 40.57
CA ARG U 141 -27.29 38.13 41.47
C ARG U 141 -25.98 38.40 40.74
N ALA U 142 -26.05 38.75 39.45
CA ALA U 142 -24.88 39.07 38.66
C ALA U 142 -23.86 37.93 38.68
N ASP U 143 -24.30 36.78 38.20
CA ASP U 143 -23.43 35.61 38.07
C ASP U 143 -23.23 35.32 36.58
N PRO U 144 -22.25 35.93 35.93
CA PRO U 144 -22.12 35.75 34.48
C PRO U 144 -21.73 34.33 34.10
N HIS U 145 -20.90 33.67 34.90
CA HIS U 145 -20.48 32.33 34.53
C HIS U 145 -21.66 31.37 34.50
N LEU U 146 -22.58 31.50 35.44
CA LEU U 146 -23.75 30.63 35.44
C LEU U 146 -24.62 30.88 34.22
N CYS U 147 -24.85 32.14 33.89
CA CYS U 147 -25.68 32.43 32.72
C CYS U 147 -25.03 31.92 31.45
N ASP U 148 -23.70 32.05 31.35
CA ASP U 148 -23.02 31.50 30.19
C ASP U 148 -23.12 29.99 30.15
N PHE U 149 -22.94 29.32 31.27
CA PHE U 149 -23.02 27.87 31.33
C PHE U 149 -24.39 27.39 30.87
N LEU U 150 -25.45 28.02 31.39
CA LEU U 150 -26.80 27.67 30.95
C LEU U 150 -26.96 27.93 29.46
N GLU U 151 -26.71 29.18 29.02
CA GLU U 151 -26.90 29.54 27.63
C GLU U 151 -26.17 28.58 26.71
N SER U 152 -25.03 28.04 27.16
CA SER U 152 -24.23 27.19 26.30
C SER U 152 -24.74 25.76 26.28
N HIS U 153 -25.09 25.21 27.43
CA HIS U 153 -25.28 23.77 27.53
C HIS U 153 -26.73 23.33 27.63
N TYR U 154 -27.66 24.20 28.05
CA TYR U 154 -29.00 23.74 28.36
C TYR U 154 -30.07 24.40 27.52
N LEU U 155 -30.03 25.73 27.40
CA LEU U 155 -31.17 26.45 26.83
C LEU U 155 -31.40 26.08 25.38
N ASP U 156 -30.36 26.13 24.55
CA ASP U 156 -30.55 25.87 23.14
C ASP U 156 -30.90 24.41 22.89
N LYS U 157 -30.22 23.50 23.59
CA LYS U 157 -30.60 22.09 23.52
C LYS U 157 -32.08 21.90 23.85
N GLU U 158 -32.57 22.64 24.84
CA GLU U 158 -33.93 22.42 25.28
C GLU U 158 -34.94 22.96 24.28
N VAL U 159 -34.68 24.13 23.69
CA VAL U 159 -35.61 24.62 22.68
C VAL U 159 -35.59 23.76 21.44
N LYS U 160 -34.43 23.19 21.07
CA LYS U 160 -34.40 22.27 19.95
C LYS U 160 -35.15 20.98 20.24
N LEU U 161 -35.02 20.46 21.46
CA LEU U 161 -35.77 19.27 21.83
C LEU U 161 -37.27 19.52 21.85
N ILE U 162 -37.69 20.67 22.37
CA ILE U 162 -39.12 21.00 22.37
C ILE U 162 -39.63 21.13 20.96
N LYS U 163 -38.84 21.74 20.06
CA LYS U 163 -39.24 21.84 18.67
C LYS U 163 -39.40 20.46 18.05
N LYS U 164 -38.45 19.57 18.32
CA LYS U 164 -38.57 18.21 17.81
C LYS U 164 -39.81 17.51 18.33
N MET U 165 -40.12 17.66 19.61
CA MET U 165 -41.32 17.07 20.18
C MET U 165 -42.59 17.66 19.60
N GLY U 166 -42.60 18.94 19.28
CA GLY U 166 -43.77 19.53 18.66
C GLY U 166 -43.96 19.00 17.27
N ASN U 167 -42.86 18.82 16.54
CA ASN U 167 -42.94 18.18 15.24
C ASN U 167 -43.53 16.78 15.36
N HIS U 168 -43.04 15.99 16.31
CA HIS U 168 -43.60 14.67 16.54
C HIS U 168 -45.07 14.74 16.87
N LEU U 169 -45.47 15.73 17.67
CA LEU U 169 -46.86 15.81 18.09
C LEU U 169 -47.78 16.12 16.91
N THR U 170 -47.39 17.07 16.07
CA THR U 170 -48.26 17.38 14.94
C THR U 170 -48.27 16.26 13.92
N ASN U 171 -47.13 15.58 13.73
CA ASN U 171 -47.14 14.43 12.83
C ASN U 171 -48.02 13.31 13.38
N LEU U 172 -48.08 13.18 14.70
CA LEU U 172 -48.95 12.19 15.31
C LEU U 172 -50.42 12.55 15.20
N ARG U 173 -50.76 13.83 15.36
CA ARG U 173 -52.12 14.27 15.12
C ARG U 173 -52.50 14.20 13.66
N ARG U 174 -51.52 14.22 12.76
CA ARG U 174 -51.80 14.15 11.33
C ARG U 174 -52.22 12.75 10.92
N VAL U 175 -51.66 11.73 11.56
CA VAL U 175 -51.90 10.35 11.16
C VAL U 175 -52.93 9.71 12.08
N ALA U 176 -53.54 10.51 12.95
CA ALA U 176 -54.52 9.98 13.89
C ALA U 176 -55.78 9.54 13.16
N SER U 189 -55.29 1.89 14.75
CA SER U 189 -54.29 2.93 14.86
C SER U 189 -53.14 2.68 13.91
N LEU U 190 -53.47 2.49 12.63
CA LEU U 190 -52.43 2.24 11.63
C LEU U 190 -51.48 3.42 11.52
N GLY U 191 -52.00 4.63 11.66
CA GLY U 191 -51.15 5.81 11.51
C GLY U 191 -50.07 5.87 12.55
N GLU U 192 -50.36 5.43 13.77
CA GLU U 192 -49.37 5.47 14.83
C GLU U 192 -48.23 4.50 14.54
N TYR U 193 -48.56 3.30 14.07
CA TYR U 193 -47.53 2.36 13.65
C TYR U 193 -46.71 2.92 12.51
N LEU U 194 -47.38 3.51 11.52
CA LEU U 194 -46.65 4.07 10.38
C LEU U 194 -45.72 5.17 10.83
N PHE U 195 -46.16 6.02 11.76
CA PHE U 195 -45.30 7.06 12.28
C PHE U 195 -44.08 6.48 12.97
N GLU U 196 -44.31 5.54 13.90
CA GLU U 196 -43.19 4.93 14.60
C GLU U 196 -42.21 4.28 13.62
N ARG U 197 -42.72 3.76 12.50
CA ARG U 197 -41.85 3.06 11.57
C ARG U 197 -41.08 4.03 10.69
N LEU U 198 -41.70 5.13 10.28
CA LEU U 198 -41.12 5.94 9.23
C LEU U 198 -40.37 7.14 9.78
N THR U 199 -40.79 7.67 10.93
CA THR U 199 -40.10 8.82 11.52
C THR U 199 -39.13 8.37 12.60
N LEU U 200 -39.65 7.71 13.63
CA LEU U 200 -38.84 7.46 14.83
C LEU U 200 -37.79 6.39 14.56
N LYS U 201 -38.17 5.30 13.91
CA LYS U 201 -37.20 4.26 13.60
C LYS U 201 -36.16 4.77 12.62
N HIS U 202 -36.59 5.60 11.67
CA HIS U 202 -35.66 6.14 10.67
C HIS U 202 -34.58 6.98 11.32
N ASP U 203 -34.91 7.71 12.38
CA ASP U 203 -33.91 8.48 13.11
C ASP U 203 -33.16 7.64 14.13
N GLY U 204 -33.77 6.60 14.69
CA GLY U 204 -33.04 5.70 15.57
C GLY U 204 -31.94 4.97 14.82
N ASP U 205 -32.16 4.69 13.54
CA ASP U 205 -31.12 4.06 12.74
C ASP U 205 -29.90 4.97 12.59
N ILE U 206 -30.12 6.28 12.42
CA ILE U 206 -28.98 7.17 12.21
C ILE U 206 -28.33 7.54 13.54
N GLU U 207 -29.11 7.50 14.64
CA GLU U 207 -28.47 7.64 15.95
C GLU U 207 -27.45 6.53 16.15
N SER U 208 -27.83 5.29 15.85
CA SER U 208 -26.93 4.16 16.02
C SER U 208 -25.79 4.21 15.01
N ALA U 209 -25.87 5.12 14.05
CA ALA U 209 -24.78 5.32 13.09
C ALA U 209 -23.78 6.35 13.58
N GLN U 210 -24.25 7.49 14.09
CA GLN U 210 -23.36 8.52 14.58
C GLN U 210 -22.84 8.22 15.97
N SER U 211 -23.48 7.28 16.66
CA SER U 211 -23.16 6.94 18.05
C SER U 211 -21.70 6.49 18.21
N THR V 22 -57.06 -23.19 -10.30
CA THR V 22 -57.76 -21.94 -10.01
C THR V 22 -56.76 -20.81 -9.77
N SER V 23 -55.50 -21.15 -9.64
CA SER V 23 -54.47 -20.15 -9.44
C SER V 23 -54.32 -19.29 -10.69
N GLN V 24 -53.97 -18.02 -10.48
CA GLN V 24 -53.86 -17.09 -11.60
C GLN V 24 -52.62 -17.38 -12.43
N ILE V 25 -51.59 -17.96 -11.83
CA ILE V 25 -50.33 -18.22 -12.54
C ILE V 25 -50.21 -19.67 -12.97
N ARG V 26 -51.16 -20.52 -12.58
CA ARG V 26 -51.10 -21.92 -12.94
C ARG V 26 -51.27 -22.07 -14.44
N GLN V 27 -50.26 -22.61 -15.11
CA GLN V 27 -50.32 -22.81 -16.55
C GLN V 27 -49.54 -24.06 -16.93
N ASN V 28 -50.21 -24.99 -17.61
CA ASN V 28 -49.59 -26.23 -18.06
C ASN V 28 -48.94 -26.97 -16.89
N TYR V 29 -49.70 -27.12 -15.81
CA TYR V 29 -49.22 -27.79 -14.61
C TYR V 29 -50.29 -28.77 -14.18
N SER V 30 -50.22 -29.99 -14.68
CA SER V 30 -51.23 -31.00 -14.41
C SER V 30 -51.29 -31.33 -12.93
N THR V 31 -52.47 -31.73 -12.47
CA THR V 31 -52.63 -32.10 -11.07
C THR V 31 -51.90 -33.40 -10.77
N GLU V 32 -51.72 -34.25 -11.76
CA GLU V 32 -50.98 -35.49 -11.56
C GLU V 32 -49.52 -35.19 -11.24
N VAL V 33 -48.94 -34.21 -11.90
CA VAL V 33 -47.60 -33.75 -11.56
C VAL V 33 -47.56 -33.04 -10.21
N GLU V 34 -48.53 -32.18 -9.95
CA GLU V 34 -48.59 -31.48 -8.66
C GLU V 34 -48.67 -32.45 -7.49
N ALA V 35 -49.40 -33.55 -7.65
CA ALA V 35 -49.46 -34.57 -6.60
C ALA V 35 -48.22 -35.44 -6.57
N ALA V 36 -47.65 -35.78 -7.73
CA ALA V 36 -46.42 -36.54 -7.76
C ALA V 36 -45.25 -35.78 -7.19
N VAL V 37 -45.26 -34.44 -7.28
CA VAL V 37 -44.23 -33.64 -6.63
C VAL V 37 -44.38 -33.67 -5.13
N ASN V 38 -45.59 -33.51 -4.60
CA ASN V 38 -45.81 -33.58 -3.16
C ASN V 38 -45.35 -34.89 -2.57
N ARG V 39 -45.48 -36.00 -3.29
CA ARG V 39 -44.95 -37.26 -2.80
C ARG V 39 -43.44 -37.35 -2.94
N LEU V 40 -42.84 -36.45 -3.70
CA LEU V 40 -41.39 -36.42 -3.85
C LEU V 40 -40.72 -35.55 -2.80
N VAL V 41 -41.38 -34.50 -2.32
CA VAL V 41 -40.83 -33.73 -1.21
C VAL V 41 -40.87 -34.54 0.05
N ASN V 42 -41.93 -35.32 0.27
CA ASN V 42 -41.97 -36.19 1.42
C ASN V 42 -40.89 -37.26 1.34
N LEU V 43 -40.59 -37.74 0.13
CA LEU V 43 -39.49 -38.68 -0.03
C LEU V 43 -38.16 -38.02 0.32
N HIS V 44 -37.93 -36.80 -0.17
CA HIS V 44 -36.69 -36.12 0.15
C HIS V 44 -36.58 -35.83 1.64
N LEU V 45 -37.68 -35.45 2.27
CA LEU V 45 -37.66 -35.20 3.71
C LEU V 45 -37.38 -36.47 4.48
N ARG V 46 -38.01 -37.57 4.10
CA ARG V 46 -37.76 -38.84 4.78
C ARG V 46 -36.32 -39.29 4.58
N ALA V 47 -35.77 -39.05 3.39
CA ALA V 47 -34.39 -39.38 3.12
C ALA V 47 -33.42 -38.49 3.89
N SER V 48 -33.79 -37.24 4.15
CA SER V 48 -33.00 -36.37 5.00
C SER V 48 -33.11 -36.75 6.46
N TYR V 49 -34.26 -37.28 6.87
CA TYR V 49 -34.43 -37.83 8.19
C TYR V 49 -33.59 -39.07 8.42
N THR V 50 -33.53 -39.96 7.44
CA THR V 50 -32.69 -41.14 7.59
C THR V 50 -31.23 -40.77 7.67
N TYR V 51 -30.78 -39.84 6.80
CA TYR V 51 -29.40 -39.40 6.86
C TYR V 51 -29.10 -38.69 8.17
N LEU V 52 -30.08 -37.98 8.72
CA LEU V 52 -29.88 -37.38 10.04
C LEU V 52 -29.69 -38.45 11.09
N SER V 53 -30.45 -39.54 11.00
CA SER V 53 -30.28 -40.63 11.95
C SER V 53 -28.92 -41.29 11.80
N LEU V 54 -28.47 -41.45 10.56
CA LEU V 54 -27.17 -42.06 10.33
C LEU V 54 -26.05 -41.17 10.83
N GLY V 55 -26.12 -39.88 10.55
CA GLY V 55 -25.07 -38.98 10.96
C GLY V 55 -24.94 -38.85 12.47
N PHE V 56 -26.01 -39.11 13.20
CA PHE V 56 -25.97 -39.09 14.65
C PHE V 56 -25.81 -40.47 15.24
N PHE V 57 -25.71 -41.49 14.39
CA PHE V 57 -25.34 -42.82 14.86
C PHE V 57 -23.85 -43.06 14.84
N PHE V 58 -23.14 -42.47 13.89
CA PHE V 58 -21.70 -42.65 13.78
C PHE V 58 -20.91 -41.65 14.61
N ASP V 59 -21.60 -40.75 15.31
CA ASP V 59 -20.95 -39.98 16.36
C ASP V 59 -21.28 -40.50 17.75
N ARG V 60 -21.97 -41.62 17.85
CA ARG V 60 -22.18 -42.24 19.15
C ARG V 60 -20.84 -42.61 19.76
N ASP V 61 -20.79 -42.65 21.08
CA ASP V 61 -19.53 -42.91 21.77
C ASP V 61 -18.97 -44.28 21.44
N ASP V 62 -19.83 -45.24 21.08
CA ASP V 62 -19.40 -46.61 20.87
C ASP V 62 -19.21 -46.95 19.40
N VAL V 63 -19.28 -45.95 18.53
CA VAL V 63 -18.91 -46.10 17.13
C VAL V 63 -17.80 -45.13 16.75
N ALA V 64 -18.02 -43.84 16.97
CA ALA V 64 -16.96 -42.82 16.90
C ALA V 64 -16.31 -42.77 15.52
N LEU V 65 -17.08 -43.03 14.48
CA LEU V 65 -16.59 -42.84 13.11
C LEU V 65 -17.05 -41.46 12.69
N GLU V 66 -16.40 -40.44 13.26
CA GLU V 66 -16.85 -39.07 13.08
C GLU V 66 -16.76 -38.62 11.64
N GLY V 67 -15.86 -39.22 10.86
CA GLY V 67 -15.84 -38.92 9.44
C GLY V 67 -17.11 -39.36 8.74
N VAL V 68 -17.54 -40.59 8.99
CA VAL V 68 -18.81 -41.07 8.43
C VAL V 68 -19.97 -40.23 8.95
N GLY V 69 -19.93 -39.89 10.23
CA GLY V 69 -20.96 -39.03 10.79
C GLY V 69 -21.10 -37.73 10.03
N HIS V 70 -19.98 -37.02 9.86
CA HIS V 70 -20.01 -35.77 9.12
C HIS V 70 -20.42 -35.96 7.67
N PHE V 71 -20.01 -37.06 7.04
CA PHE V 71 -20.45 -37.31 5.67
C PHE V 71 -21.96 -37.38 5.59
N PHE V 72 -22.57 -38.20 6.43
CA PHE V 72 -24.02 -38.32 6.39
C PHE V 72 -24.70 -37.03 6.84
N ARG V 73 -24.05 -36.27 7.72
CA ARG V 73 -24.63 -35.01 8.15
C ARG V 73 -24.70 -34.02 7.00
N GLU V 74 -23.57 -33.76 6.32
CA GLU V 74 -23.59 -32.87 5.17
C GLU V 74 -24.33 -33.48 3.98
N LEU V 75 -24.71 -34.74 4.07
CA LEU V 75 -25.65 -35.32 3.10
C LEU V 75 -27.09 -35.00 3.42
N ALA V 76 -27.48 -35.04 4.69
CA ALA V 76 -28.83 -34.62 5.07
C ALA V 76 -29.08 -33.15 4.75
N GLU V 77 -28.08 -32.30 4.94
CA GLU V 77 -28.20 -30.91 4.50
C GLU V 77 -28.63 -30.85 3.04
N GLU V 78 -27.95 -31.59 2.17
CA GLU V 78 -28.22 -31.49 0.74
C GLU V 78 -29.57 -32.10 0.39
N LYS V 79 -29.94 -33.20 1.05
CA LYS V 79 -31.26 -33.78 0.77
C LYS V 79 -32.37 -32.85 1.18
N ARG V 80 -32.25 -32.21 2.35
CA ARG V 80 -33.28 -31.27 2.76
C ARG V 80 -33.31 -30.06 1.82
N GLU V 81 -32.15 -29.55 1.43
CA GLU V 81 -32.14 -28.48 0.43
C GLU V 81 -32.83 -28.91 -0.85
N GLY V 82 -32.68 -30.16 -1.25
CA GLY V 82 -33.38 -30.65 -2.41
C GLY V 82 -34.87 -30.71 -2.19
N ALA V 83 -35.29 -30.83 -0.94
CA ALA V 83 -36.71 -30.81 -0.63
C ALA V 83 -37.33 -29.42 -0.71
N GLU V 84 -36.66 -28.39 -0.20
CA GLU V 84 -37.20 -27.04 -0.27
C GLU V 84 -37.03 -26.42 -1.64
N ARG V 85 -36.17 -26.96 -2.48
CA ARG V 85 -36.09 -26.53 -3.86
C ARG V 85 -37.21 -27.10 -4.70
N LEU V 86 -37.78 -28.24 -4.29
CA LEU V 86 -38.98 -28.75 -4.92
C LEU V 86 -40.23 -28.05 -4.44
N LEU V 87 -40.24 -27.54 -3.21
CA LEU V 87 -41.36 -26.78 -2.72
C LEU V 87 -41.47 -25.40 -3.34
N GLU V 88 -40.36 -24.72 -3.53
CA GLU V 88 -40.41 -23.43 -4.20
C GLU V 88 -40.70 -23.58 -5.69
N PHE V 89 -40.39 -24.71 -6.28
CA PHE V 89 -40.87 -25.01 -7.62
C PHE V 89 -42.37 -25.26 -7.63
N GLN V 90 -42.91 -25.89 -6.59
CA GLN V 90 -44.34 -26.05 -6.48
C GLN V 90 -45.06 -24.71 -6.42
N ASN V 91 -44.43 -23.72 -5.79
CA ASN V 91 -45.04 -22.39 -5.71
C ASN V 91 -44.90 -21.64 -7.02
N ASP V 92 -43.74 -21.74 -7.67
CA ASP V 92 -43.53 -21.05 -8.92
C ASP V 92 -44.52 -21.51 -9.98
N ARG V 93 -44.84 -22.79 -10.00
CA ARG V 93 -45.79 -23.31 -10.97
C ARG V 93 -47.23 -23.14 -10.53
N GLY V 94 -47.47 -22.64 -9.33
CA GLY V 94 -48.82 -22.41 -8.86
C GLY V 94 -49.47 -23.58 -8.17
N GLY V 95 -48.72 -24.60 -7.79
CA GLY V 95 -49.28 -25.71 -7.07
C GLY V 95 -49.46 -25.42 -5.60
N ARG V 96 -50.06 -26.37 -4.90
CA ARG V 96 -50.31 -26.27 -3.46
C ARG V 96 -49.52 -27.36 -2.75
N ALA V 97 -48.61 -26.94 -1.88
CA ALA V 97 -47.80 -27.90 -1.14
C ALA V 97 -48.61 -28.57 -0.05
N LEU V 98 -48.70 -29.90 -0.13
CA LEU V 98 -49.42 -30.71 0.85
C LEU V 98 -48.41 -31.55 1.60
N PHE V 99 -48.24 -31.27 2.88
CA PHE V 99 -47.26 -32.00 3.66
C PHE V 99 -47.88 -33.24 4.29
N GLN V 100 -47.04 -34.25 4.50
CA GLN V 100 -47.45 -35.50 5.09
C GLN V 100 -46.51 -35.85 6.22
N ASP V 101 -46.86 -36.88 6.99
CA ASP V 101 -46.04 -37.29 8.11
C ASP V 101 -44.72 -37.87 7.58
N VAL V 102 -43.61 -37.26 7.99
CA VAL V 102 -42.31 -37.81 7.66
C VAL V 102 -42.10 -39.08 8.47
N GLN V 103 -42.20 -40.22 7.80
CA GLN V 103 -42.07 -41.49 8.48
C GLN V 103 -40.64 -41.67 9.00
N LYS V 104 -40.53 -42.26 10.18
CA LYS V 104 -39.25 -42.40 10.85
C LYS V 104 -38.32 -43.31 10.04
N PRO V 105 -37.01 -43.21 10.27
CA PRO V 105 -36.07 -44.03 9.49
C PRO V 105 -36.32 -45.51 9.72
N SER V 106 -35.74 -46.32 8.83
CA SER V 106 -36.00 -47.75 8.86
C SER V 106 -35.38 -48.42 10.08
N GLN V 107 -34.15 -48.03 10.43
CA GLN V 107 -33.42 -48.65 11.52
C GLN V 107 -32.99 -47.61 12.54
N ASP V 108 -32.69 -48.07 13.75
CA ASP V 108 -32.01 -47.24 14.73
C ASP V 108 -30.58 -47.68 14.95
N GLU V 109 -30.27 -48.93 14.62
CA GLU V 109 -28.89 -49.43 14.63
C GLU V 109 -28.53 -49.75 13.20
N TRP V 110 -27.43 -49.19 12.73
CA TRP V 110 -27.07 -49.40 11.34
C TRP V 110 -25.91 -50.39 11.21
N GLY V 111 -25.14 -50.56 12.26
CA GLY V 111 -24.07 -51.53 12.27
C GLY V 111 -22.78 -50.96 11.73
N LYS V 112 -22.00 -51.83 11.10
CA LYS V 112 -20.74 -51.41 10.50
C LYS V 112 -20.99 -50.42 9.38
N THR V 113 -19.98 -49.59 9.10
CA THR V 113 -20.14 -48.54 8.11
C THR V 113 -20.51 -49.10 6.75
N GLN V 114 -20.08 -50.33 6.44
CA GLN V 114 -20.44 -50.92 5.16
C GLN V 114 -21.93 -51.20 5.08
N GLU V 115 -22.47 -51.88 6.08
CA GLU V 115 -23.90 -52.18 6.09
C GLU V 115 -24.75 -50.92 6.19
N ALA V 116 -24.16 -49.79 6.56
CA ALA V 116 -24.89 -48.53 6.57
C ALA V 116 -24.82 -47.82 5.25
N MET V 117 -23.67 -47.86 4.57
CA MET V 117 -23.55 -47.23 3.26
C MET V 117 -24.29 -48.01 2.18
N GLU V 118 -24.60 -49.29 2.40
CA GLU V 118 -25.48 -50.00 1.50
C GLU V 118 -26.95 -49.69 1.75
N ALA V 119 -27.31 -49.37 2.99
CA ALA V 119 -28.65 -48.89 3.29
C ALA V 119 -28.83 -47.43 2.92
N ALA V 120 -27.73 -46.71 2.67
CA ALA V 120 -27.80 -45.34 2.21
C ALA V 120 -27.71 -45.25 0.69
N LEU V 121 -27.12 -46.24 0.04
CA LEU V 121 -27.14 -46.32 -1.41
C LEU V 121 -28.43 -46.90 -1.94
N ALA V 122 -28.98 -47.93 -1.30
CA ALA V 122 -30.28 -48.45 -1.67
C ALA V 122 -31.38 -47.42 -1.46
N MET V 123 -31.14 -46.40 -0.65
CA MET V 123 -32.08 -45.31 -0.49
C MET V 123 -31.91 -44.23 -1.54
N GLU V 124 -30.69 -44.04 -2.05
CA GLU V 124 -30.50 -43.13 -3.16
C GLU V 124 -31.04 -43.70 -4.45
N LYS V 125 -30.67 -44.93 -4.80
CA LYS V 125 -31.17 -45.59 -5.98
C LYS V 125 -32.68 -45.72 -5.97
N ASN V 126 -33.30 -45.66 -4.79
CA ASN V 126 -34.75 -45.62 -4.69
C ASN V 126 -35.29 -44.21 -4.78
N LEU V 127 -34.58 -43.23 -4.23
CA LEU V 127 -34.93 -41.83 -4.42
C LEU V 127 -34.69 -41.36 -5.85
N ASN V 128 -33.65 -41.85 -6.49
CA ASN V 128 -33.41 -41.55 -7.90
C ASN V 128 -34.45 -42.17 -8.81
N GLN V 129 -34.97 -43.34 -8.44
CA GLN V 129 -36.04 -43.94 -9.23
C GLN V 129 -37.29 -43.09 -9.19
N ALA V 130 -37.59 -42.48 -8.04
CA ALA V 130 -38.75 -41.62 -7.96
C ALA V 130 -38.59 -40.39 -8.84
N LEU V 131 -37.38 -39.84 -8.90
CA LEU V 131 -37.14 -38.71 -9.79
C LEU V 131 -37.33 -39.10 -11.25
N LEU V 132 -36.86 -40.28 -11.64
CA LEU V 132 -37.07 -40.74 -13.00
C LEU V 132 -38.53 -40.99 -13.32
N ASP V 133 -39.30 -41.51 -12.37
CA ASP V 133 -40.73 -41.64 -12.59
C ASP V 133 -41.42 -40.30 -12.69
N LEU V 134 -40.98 -39.31 -11.91
CA LEU V 134 -41.53 -37.97 -12.05
C LEU V 134 -41.21 -37.39 -13.41
N HIS V 135 -39.97 -37.57 -13.88
CA HIS V 135 -39.61 -37.08 -15.20
C HIS V 135 -40.35 -37.82 -16.31
N ALA V 136 -40.65 -39.10 -16.12
CA ALA V 136 -41.46 -39.81 -17.10
C ALA V 136 -42.89 -39.32 -17.11
N LEU V 137 -43.45 -39.06 -15.93
CA LEU V 137 -44.80 -38.49 -15.86
C LEU V 137 -44.84 -37.10 -16.48
N GLY V 138 -43.84 -36.26 -16.19
CA GLY V 138 -43.85 -34.92 -16.73
C GLY V 138 -43.70 -34.89 -18.23
N SER V 139 -42.89 -35.78 -18.78
CA SER V 139 -42.81 -35.91 -20.22
C SER V 139 -44.06 -36.52 -20.81
N ALA V 140 -44.82 -37.28 -20.03
CA ALA V 140 -46.07 -37.83 -20.53
C ALA V 140 -47.13 -36.75 -20.68
N ARG V 141 -47.14 -35.77 -19.78
CA ARG V 141 -48.10 -34.68 -19.85
C ARG V 141 -47.54 -33.46 -20.55
N ALA V 142 -46.38 -33.60 -21.21
CA ALA V 142 -45.76 -32.51 -21.96
C ALA V 142 -45.54 -31.28 -21.08
N ASP V 143 -44.76 -31.47 -20.03
CA ASP V 143 -44.39 -30.39 -19.12
C ASP V 143 -42.89 -30.13 -19.28
N PRO V 144 -42.47 -29.29 -20.22
CA PRO V 144 -41.04 -29.12 -20.44
C PRO V 144 -40.33 -28.44 -19.30
N HIS V 145 -40.97 -27.50 -18.62
CA HIS V 145 -40.30 -26.81 -17.53
C HIS V 145 -39.95 -27.76 -16.41
N LEU V 146 -40.85 -28.70 -16.10
CA LEU V 146 -40.57 -29.66 -15.04
C LEU V 146 -39.40 -30.57 -15.42
N CYS V 147 -39.38 -31.06 -16.66
CA CYS V 147 -38.29 -31.93 -17.06
C CYS V 147 -36.97 -31.18 -17.05
N ASP V 148 -36.98 -29.91 -17.46
CA ASP V 148 -35.75 -29.12 -17.38
C ASP V 148 -35.32 -28.91 -15.94
N PHE V 149 -36.26 -28.59 -15.06
CA PHE V 149 -35.93 -28.39 -13.65
C PHE V 149 -35.29 -29.62 -13.05
N LEU V 150 -35.89 -30.79 -13.30
CA LEU V 150 -35.31 -32.03 -12.82
C LEU V 150 -33.93 -32.25 -13.42
N GLU V 151 -33.84 -32.26 -14.76
CA GLU V 151 -32.57 -32.50 -15.43
C GLU V 151 -31.48 -31.59 -14.90
N SER V 152 -31.83 -30.38 -14.51
CA SER V 152 -30.83 -29.42 -14.09
C SER V 152 -30.42 -29.63 -12.64
N HIS V 153 -31.38 -29.84 -11.75
CA HIS V 153 -31.09 -29.74 -10.33
C HIS V 153 -31.00 -31.07 -9.60
N TYR V 154 -31.58 -32.15 -10.13
CA TYR V 154 -31.68 -33.38 -9.34
C TYR V 154 -30.98 -34.56 -9.98
N LEU V 155 -31.21 -34.79 -11.27
CA LEU V 155 -30.78 -36.06 -11.87
C LEU V 155 -29.27 -36.21 -11.85
N ASP V 156 -28.55 -35.20 -12.32
CA ASP V 156 -27.09 -35.32 -12.40
C ASP V 156 -26.47 -35.36 -11.02
N LYS V 157 -26.95 -34.52 -10.11
CA LYS V 157 -26.50 -34.59 -8.72
C LYS V 157 -26.69 -35.99 -8.16
N GLU V 158 -27.81 -36.63 -8.51
CA GLU V 158 -28.11 -37.93 -7.92
C GLU V 158 -27.21 -39.02 -8.49
N VAL V 159 -26.96 -39.01 -9.80
CA VAL V 159 -26.06 -40.01 -10.34
C VAL V 159 -24.63 -39.81 -9.85
N LYS V 160 -24.21 -38.57 -9.64
CA LYS V 160 -22.89 -38.35 -9.08
C LYS V 160 -22.80 -38.82 -7.63
N LEU V 161 -23.86 -38.58 -6.84
CA LEU V 161 -23.87 -39.06 -5.47
C LEU V 161 -23.87 -40.59 -5.42
N ILE V 162 -24.64 -41.24 -6.28
CA ILE V 162 -24.65 -42.70 -6.30
C ILE V 162 -23.28 -43.23 -6.70
N LYS V 163 -22.63 -42.57 -7.66
CA LYS V 163 -21.28 -42.99 -8.04
C LYS V 163 -20.33 -42.86 -6.86
N LYS V 164 -20.41 -41.74 -6.14
CA LYS V 164 -19.56 -41.58 -4.96
C LYS V 164 -19.81 -42.66 -3.93
N MET V 165 -21.07 -42.99 -3.67
CA MET V 165 -21.41 -44.04 -2.72
C MET V 165 -20.93 -45.40 -3.18
N GLY V 166 -20.95 -45.68 -4.47
CA GLY V 166 -20.44 -46.94 -4.97
C GLY V 166 -18.94 -47.03 -4.78
N ASN V 167 -18.26 -45.91 -5.02
CA ASN V 167 -16.82 -45.85 -4.74
C ASN V 167 -16.56 -46.15 -3.27
N HIS V 168 -17.30 -45.50 -2.38
CA HIS V 168 -17.15 -45.77 -0.95
C HIS V 168 -17.41 -47.23 -0.65
N LEU V 169 -18.42 -47.82 -1.28
CA LEU V 169 -18.76 -49.20 -0.97
C LEU V 169 -17.66 -50.16 -1.39
N THR V 170 -17.10 -49.99 -2.59
CA THR V 170 -16.04 -50.89 -3.01
C THR V 170 -14.77 -50.66 -2.22
N ASN V 171 -14.49 -49.41 -1.85
CA ASN V 171 -13.32 -49.19 -0.99
C ASN V 171 -13.52 -49.81 0.38
N LEU V 172 -14.75 -49.85 0.86
CA LEU V 172 -15.04 -50.49 2.14
C LEU V 172 -14.94 -52.00 2.04
N ARG V 173 -15.41 -52.61 0.95
CA ARG V 173 -15.22 -54.03 0.74
C ARG V 173 -13.76 -54.38 0.50
N ARG V 174 -12.95 -53.43 0.06
CA ARG V 174 -11.55 -53.69 -0.19
C ARG V 174 -10.76 -53.79 1.11
N VAL V 175 -11.15 -53.05 2.13
CA VAL V 175 -10.40 -53.01 3.38
C VAL V 175 -11.07 -53.88 4.42
N ALA V 176 -12.08 -54.63 4.01
CA ALA V 176 -12.80 -55.49 4.94
C ALA V 176 -11.92 -56.63 5.44
N SER V 189 -11.53 -54.58 12.98
CA SER V 189 -11.95 -53.81 11.82
C SER V 189 -11.03 -52.63 11.58
N LEU V 190 -9.72 -52.91 11.50
CA LEU V 190 -8.76 -51.86 11.26
C LEU V 190 -9.01 -51.16 9.93
N GLY V 191 -9.41 -51.92 8.92
CA GLY V 191 -9.62 -51.34 7.61
C GLY V 191 -10.71 -50.29 7.60
N GLU V 192 -11.75 -50.49 8.39
CA GLU V 192 -12.84 -49.52 8.44
C GLU V 192 -12.38 -48.21 9.05
N TYR V 193 -11.59 -48.29 10.13
CA TYR V 193 -11.01 -47.07 10.70
C TYR V 193 -10.10 -46.39 9.71
N LEU V 194 -9.25 -47.16 9.03
CA LEU V 194 -8.34 -46.57 8.06
C LEU V 194 -9.11 -45.88 6.94
N PHE V 195 -10.20 -46.49 6.49
CA PHE V 195 -11.02 -45.86 5.45
C PHE V 195 -11.60 -44.56 5.95
N GLU V 196 -12.24 -44.58 7.12
CA GLU V 196 -12.82 -43.36 7.66
C GLU V 196 -11.76 -42.27 7.82
N ARG V 197 -10.52 -42.66 8.12
CA ARG V 197 -9.48 -41.67 8.37
C ARG V 197 -8.93 -41.10 7.07
N LEU V 198 -8.78 -41.95 6.05
CA LEU V 198 -8.00 -41.54 4.89
C LEU V 198 -8.90 -41.05 3.75
N THR V 199 -10.10 -41.58 3.63
CA THR V 199 -11.00 -41.14 2.56
C THR V 199 -11.99 -40.09 3.08
N LEU V 200 -12.79 -40.47 4.07
CA LEU V 200 -13.92 -39.63 4.47
C LEU V 200 -13.45 -38.38 5.20
N LYS V 201 -12.53 -38.52 6.13
CA LYS V 201 -12.01 -37.36 6.84
C LYS V 201 -11.26 -36.44 5.89
N HIS V 202 -10.53 -37.03 4.95
CA HIS V 202 -9.75 -36.24 4.00
C HIS V 202 -10.65 -35.36 3.15
N ASP V 203 -11.85 -35.83 2.81
CA ASP V 203 -12.80 -35.01 2.08
C ASP V 203 -13.61 -34.10 2.99
N GLY V 204 -13.85 -34.49 4.24
CA GLY V 204 -14.50 -33.59 5.16
C GLY V 204 -13.67 -32.36 5.43
N ASP V 205 -12.34 -32.51 5.42
CA ASP V 205 -11.46 -31.37 5.59
C ASP V 205 -11.62 -30.36 4.45
N ILE V 206 -11.78 -30.84 3.22
CA ILE V 206 -11.87 -29.91 2.10
C ILE V 206 -13.28 -29.37 1.96
N GLU V 207 -14.29 -30.11 2.44
CA GLU V 207 -15.63 -29.52 2.53
C GLU V 207 -15.60 -28.30 3.43
N SER V 208 -14.96 -28.41 4.59
CA SER V 208 -14.88 -27.30 5.52
C SER V 208 -13.99 -26.18 4.98
N ALA V 209 -13.28 -26.46 3.89
CA ALA V 209 -12.47 -25.43 3.25
C ALA V 209 -13.26 -24.67 2.19
N GLN V 210 -14.02 -25.37 1.35
CA GLN V 210 -14.81 -24.69 0.32
C GLN V 210 -16.11 -24.13 0.87
N SER V 211 -16.50 -24.57 2.07
CA SER V 211 -17.77 -24.18 2.68
C SER V 211 -17.89 -22.67 2.86
N THR W 22 54.56 -25.15 17.72
CA THR W 22 55.39 -24.15 17.07
C THR W 22 54.53 -23.04 16.49
N SER W 23 53.22 -23.25 16.45
CA SER W 23 52.31 -22.25 15.94
C SER W 23 52.29 -21.04 16.87
N GLN W 24 52.08 -19.86 16.28
CA GLN W 24 52.09 -18.64 17.07
C GLN W 24 50.85 -18.51 17.93
N ILE W 25 49.75 -19.12 17.52
CA ILE W 25 48.49 -19.02 18.24
C ILE W 25 48.22 -20.24 19.10
N ARG W 26 49.04 -21.27 18.99
CA ARG W 26 48.84 -22.48 19.76
C ARG W 26 49.03 -22.18 21.24
N GLN W 27 47.97 -22.38 22.03
CA GLN W 27 48.04 -22.15 23.46
C GLN W 27 47.14 -23.12 24.19
N ASN W 28 47.71 -23.88 25.13
CA ASN W 28 46.96 -24.84 25.92
C ASN W 28 46.21 -25.83 25.03
N TYR W 29 46.92 -26.37 24.05
CA TYR W 29 46.35 -27.32 23.11
C TYR W 29 47.29 -28.50 23.00
N SER W 30 47.09 -29.50 23.85
CA SER W 30 47.98 -30.64 23.91
C SER W 30 47.97 -31.41 22.60
N THR W 31 49.09 -32.06 22.31
CA THR W 31 49.18 -32.86 21.09
C THR W 31 48.29 -34.09 21.18
N GLU W 32 48.04 -34.58 22.39
CA GLU W 32 47.16 -35.73 22.55
C GLU W 32 45.74 -35.38 22.13
N VAL W 33 45.29 -34.17 22.46
CA VAL W 33 44.00 -33.70 21.98
C VAL W 33 44.01 -33.43 20.49
N GLU W 34 45.07 -32.80 19.97
CA GLU W 34 45.18 -32.54 18.55
C GLU W 34 45.13 -33.82 17.72
N ALA W 35 45.73 -34.89 18.21
CA ALA W 35 45.65 -36.17 17.53
C ALA W 35 44.32 -36.88 17.75
N ALA W 36 43.75 -36.78 18.94
CA ALA W 36 42.43 -37.35 19.19
C ALA W 36 41.35 -36.67 18.39
N VAL W 37 41.52 -35.38 18.08
CA VAL W 37 40.57 -34.71 17.20
C VAL W 37 40.68 -35.19 15.78
N ASN W 38 41.89 -35.34 15.24
CA ASN W 38 42.07 -35.87 13.90
C ASN W 38 41.45 -37.24 13.72
N ARG W 39 41.47 -38.08 14.74
CA ARG W 39 40.78 -39.37 14.65
C ARG W 39 39.29 -39.23 14.79
N LEU W 40 38.80 -38.08 15.24
CA LEU W 40 37.38 -37.84 15.35
C LEU W 40 36.78 -37.27 14.08
N VAL W 41 37.54 -36.50 13.31
CA VAL W 41 37.06 -36.04 12.02
C VAL W 41 36.98 -37.20 11.06
N ASN W 42 37.95 -38.11 11.10
CA ASN W 42 37.86 -39.29 10.26
C ASN W 42 36.67 -40.15 10.65
N LEU W 43 36.34 -40.21 11.94
CA LEU W 43 35.15 -40.92 12.36
C LEU W 43 33.89 -40.25 11.83
N HIS W 44 33.82 -38.93 11.91
CA HIS W 44 32.65 -38.23 11.38
C HIS W 44 32.55 -38.39 9.87
N LEU W 45 33.67 -38.35 9.17
CA LEU W 45 33.63 -38.55 7.73
C LEU W 45 33.20 -39.96 7.37
N ARG W 46 33.71 -40.95 8.08
CA ARG W 46 33.31 -42.32 7.80
C ARG W 46 31.83 -42.54 8.11
N ALA W 47 31.34 -41.89 9.16
CA ALA W 47 29.93 -41.96 9.51
C ALA W 47 29.05 -41.24 8.50
N SER W 48 29.56 -40.19 7.87
CA SER W 48 28.85 -39.52 6.79
C SER W 48 28.90 -40.33 5.52
N TYR W 49 29.97 -41.08 5.30
CA TYR W 49 30.04 -42.02 4.19
C TYR W 49 29.06 -43.17 4.34
N THR W 50 28.92 -43.72 5.55
CA THR W 50 27.96 -44.78 5.76
C THR W 50 26.54 -44.28 5.55
N TYR W 51 26.22 -43.10 6.08
CA TYR W 51 24.89 -42.54 5.87
C TYR W 51 24.65 -42.23 4.41
N LEU W 52 25.70 -41.83 3.68
CA LEU W 52 25.54 -41.64 2.25
C LEU W 52 25.21 -42.95 1.56
N SER W 53 25.84 -44.04 2.00
CA SER W 53 25.53 -45.34 1.41
C SER W 53 24.11 -45.76 1.74
N LEU W 54 23.66 -45.49 2.96
CA LEU W 54 22.30 -45.85 3.34
C LEU W 54 21.28 -45.03 2.59
N GLY W 55 21.51 -43.73 2.46
CA GLY W 55 20.56 -42.89 1.77
C GLY W 55 20.41 -43.20 0.31
N PHE W 56 21.43 -43.79 -0.30
CA PHE W 56 21.35 -44.21 -1.69
C PHE W 56 21.04 -45.68 -1.83
N PHE W 57 20.83 -46.38 -0.72
CA PHE W 57 20.31 -47.73 -0.77
C PHE W 57 18.81 -47.78 -0.69
N PHE W 58 18.18 -46.84 0.02
CA PHE W 58 16.74 -46.82 0.16
C PHE W 58 16.05 -46.05 -0.95
N ASP W 59 16.81 -45.48 -1.88
CA ASP W 59 16.25 -44.99 -3.12
C ASP W 59 16.47 -45.94 -4.28
N ARG W 60 17.03 -47.11 -4.03
CA ARG W 60 17.14 -48.12 -5.08
C ARG W 60 15.76 -48.50 -5.56
N ASP W 61 15.68 -48.93 -6.82
CA ASP W 61 14.38 -49.23 -7.40
C ASP W 61 13.68 -50.37 -6.68
N ASP W 62 14.43 -51.27 -6.05
CA ASP W 62 13.85 -52.46 -5.44
C ASP W 62 13.65 -52.30 -3.94
N VAL W 63 13.86 -51.11 -3.40
CA VAL W 63 13.50 -50.78 -2.03
C VAL W 63 12.52 -49.63 -1.97
N ALA W 64 12.88 -48.50 -2.58
CA ALA W 64 11.94 -47.40 -2.83
C ALA W 64 11.33 -46.86 -1.55
N LEU W 65 12.08 -46.87 -0.46
CA LEU W 65 11.66 -46.23 0.77
C LEU W 65 12.27 -44.83 0.77
N GLU W 66 11.72 -43.97 -0.09
CA GLU W 66 12.34 -42.68 -0.33
C GLU W 66 12.33 -41.80 0.91
N GLY W 67 11.38 -42.03 1.82
CA GLY W 67 11.42 -41.32 3.09
C GLY W 67 12.65 -41.66 3.91
N VAL W 68 12.94 -42.95 4.04
CA VAL W 68 14.15 -43.38 4.73
C VAL W 68 15.39 -42.88 4.01
N GLY W 69 15.35 -42.94 2.67
CA GLY W 69 16.47 -42.42 1.90
C GLY W 69 16.76 -40.97 2.22
N HIS W 70 15.75 -40.12 2.17
CA HIS W 70 15.93 -38.72 2.50
C HIS W 70 16.34 -38.51 3.94
N PHE W 71 15.83 -39.30 4.87
CA PHE W 71 16.26 -39.19 6.26
C PHE W 71 17.75 -39.40 6.38
N PHE W 72 18.26 -40.50 5.82
CA PHE W 72 19.69 -40.76 5.92
C PHE W 72 20.49 -39.75 5.11
N ARG W 73 19.91 -39.23 4.03
CA ARG W 73 20.62 -38.23 3.26
C ARG W 73 20.82 -36.94 4.06
N GLU W 74 19.76 -36.37 4.60
CA GLU W 74 19.91 -35.19 5.43
C GLU W 74 20.59 -35.49 6.75
N LEU W 75 20.83 -36.75 7.07
CA LEU W 75 21.71 -37.11 8.16
C LEU W 75 23.18 -37.06 7.79
N ALA W 76 23.53 -37.53 6.61
CA ALA W 76 24.90 -37.41 6.12
C ALA W 76 25.33 -35.96 6.00
N GLU W 77 24.43 -35.09 5.55
CA GLU W 77 24.70 -33.65 5.54
C GLU W 77 25.18 -33.21 6.92
N GLU W 78 24.43 -33.56 7.97
CA GLU W 78 24.75 -33.07 9.31
C GLU W 78 26.03 -33.70 9.84
N LYS W 79 26.26 -34.98 9.55
CA LYS W 79 27.50 -35.60 10.01
C LYS W 79 28.71 -34.95 9.35
N ARG W 80 28.63 -34.69 8.04
CA ARG W 80 29.75 -34.04 7.38
C ARG W 80 29.94 -32.63 7.91
N GLU W 81 28.86 -31.89 8.12
CA GLU W 81 28.98 -30.58 8.74
C GLU W 81 29.65 -30.66 10.09
N GLY W 82 29.36 -31.71 10.86
CA GLY W 82 30.04 -31.91 12.13
C GLY W 82 31.51 -32.21 11.96
N ALA W 83 31.88 -32.74 10.79
CA ALA W 83 33.29 -32.98 10.52
C ALA W 83 34.05 -31.71 10.19
N GLU W 84 33.49 -30.81 9.38
CA GLU W 84 34.19 -29.58 9.05
C GLU W 84 34.12 -28.55 10.16
N ARG W 85 33.22 -28.72 11.12
CA ARG W 85 33.21 -27.87 12.29
C ARG W 85 34.29 -28.29 13.29
N LEU W 86 34.71 -29.56 13.25
CA LEU W 86 35.86 -30.00 14.01
C LEU W 86 37.17 -29.62 13.36
N LEU W 87 37.21 -29.50 12.04
CA LEU W 87 38.41 -29.07 11.35
C LEU W 87 38.68 -27.58 11.54
N GLU W 88 37.66 -26.75 11.48
CA GLU W 88 37.87 -25.34 11.74
C GLU W 88 38.18 -25.05 13.20
N PHE W 89 37.75 -25.92 14.11
CA PHE W 89 38.22 -25.85 15.48
C PHE W 89 39.68 -26.25 15.59
N GLN W 90 40.12 -27.22 14.79
CA GLN W 90 41.54 -27.57 14.76
C GLN W 90 42.38 -26.40 14.31
N ASN W 91 41.86 -25.58 13.40
CA ASN W 91 42.62 -24.43 12.93
C ASN W 91 42.59 -23.30 13.94
N ASP W 92 41.44 -23.07 14.58
CA ASP W 92 41.34 -22.01 15.57
C ASP W 92 42.29 -22.23 16.72
N ARG W 93 42.47 -23.48 17.14
CA ARG W 93 43.37 -23.79 18.23
C ARG W 93 44.82 -23.92 17.78
N GLY W 94 45.08 -23.85 16.49
CA GLY W 94 46.43 -23.92 15.99
C GLY W 94 46.94 -25.31 15.69
N GLY W 95 46.07 -26.30 15.63
CA GLY W 95 46.48 -27.64 15.29
C GLY W 95 46.66 -27.83 13.80
N ARG W 96 47.15 -29.01 13.43
CA ARG W 96 47.36 -29.37 12.04
C ARG W 96 46.44 -30.52 11.67
N ALA W 97 45.57 -30.30 10.71
CA ALA W 97 44.64 -31.33 10.28
C ALA W 97 45.35 -32.39 9.46
N LEU W 98 45.28 -33.63 9.94
CA LEU W 98 45.89 -34.76 9.26
C LEU W 98 44.77 -35.68 8.78
N PHE W 99 44.61 -35.79 7.47
CA PHE W 99 43.55 -36.60 6.93
C PHE W 99 44.00 -38.04 6.73
N GLN W 100 43.04 -38.96 6.81
CA GLN W 100 43.31 -40.38 6.64
C GLN W 100 42.30 -40.93 5.65
N ASP W 101 42.52 -42.18 5.24
CA ASP W 101 41.62 -42.82 4.29
C ASP W 101 40.27 -43.05 4.94
N VAL W 102 39.23 -42.47 4.36
CA VAL W 102 37.88 -42.74 4.82
C VAL W 102 37.52 -44.17 4.42
N GLN W 103 37.49 -45.05 5.42
CA GLN W 103 37.21 -46.45 5.14
C GLN W 103 35.76 -46.62 4.68
N LYS W 104 35.56 -47.52 3.73
CA LYS W 104 34.26 -47.71 3.12
C LYS W 104 33.24 -48.22 4.15
N PRO W 105 31.95 -48.03 3.90
CA PRO W 105 30.95 -48.48 4.86
C PRO W 105 31.02 -49.97 5.10
N SER W 106 30.37 -50.41 6.18
CA SER W 106 30.47 -51.81 6.59
C SER W 106 29.75 -52.72 5.61
N GLN W 107 28.57 -52.33 5.16
CA GLN W 107 27.76 -53.16 4.28
C GLN W 107 27.41 -52.42 3.01
N ASP W 108 27.04 -53.20 1.99
CA ASP W 108 26.44 -52.63 0.78
C ASP W 108 24.96 -52.96 0.69
N GLU W 109 24.52 -54.00 1.38
CA GLU W 109 23.10 -54.32 1.49
C GLU W 109 22.73 -54.15 2.95
N TRP W 110 21.71 -53.35 3.22
CA TRP W 110 21.36 -53.09 4.61
C TRP W 110 20.10 -53.86 5.01
N GLY W 111 19.28 -54.25 4.05
CA GLY W 111 18.12 -55.04 4.32
C GLY W 111 16.91 -54.19 4.64
N LYS W 112 16.05 -54.74 5.49
CA LYS W 112 14.86 -54.02 5.92
C LYS W 112 15.25 -52.77 6.68
N THR W 113 14.33 -51.79 6.69
CA THR W 113 14.64 -50.51 7.32
C THR W 113 14.97 -50.67 8.79
N GLN W 114 14.42 -51.69 9.45
CA GLN W 114 14.73 -51.91 10.86
C GLN W 114 16.18 -52.31 11.04
N GLU W 115 16.62 -53.33 10.30
CA GLU W 115 18.01 -53.77 10.41
C GLU W 115 19.00 -52.71 9.93
N ALA W 116 18.53 -51.68 9.24
CA ALA W 116 19.38 -50.59 8.85
C ALA W 116 19.42 -49.50 9.90
N MET W 117 18.30 -49.19 10.53
CA MET W 117 18.27 -48.20 11.60
C MET W 117 18.94 -48.69 12.87
N GLU W 118 19.10 -50.00 13.05
CA GLU W 118 19.92 -50.51 14.14
C GLU W 118 21.41 -50.44 13.81
N ALA W 119 21.78 -50.56 12.55
CA ALA W 119 23.16 -50.35 12.14
C ALA W 119 23.50 -48.88 12.05
N ALA W 120 22.50 -48.00 12.05
CA ALA W 120 22.73 -46.57 12.09
C ALA W 120 22.69 -46.02 13.50
N LEU W 121 22.00 -46.69 14.41
CA LEU W 121 22.04 -46.33 15.82
C LEU W 121 23.27 -46.87 16.52
N ALA W 122 23.68 -48.10 16.23
CA ALA W 122 24.93 -48.62 16.76
C ALA W 122 26.13 -47.84 16.27
N MET W 123 25.99 -47.09 15.17
CA MET W 123 27.05 -46.22 14.71
C MET W 123 27.03 -44.86 15.38
N GLU W 124 25.85 -44.39 15.79
CA GLU W 124 25.77 -43.16 16.57
C GLU W 124 26.28 -43.37 17.99
N LYS W 125 25.77 -44.39 18.67
CA LYS W 125 26.23 -44.71 20.02
C LYS W 125 27.72 -45.01 20.06
N ASN W 126 28.32 -45.39 18.93
CA ASN W 126 29.75 -45.54 18.84
C ASN W 126 30.45 -44.24 18.50
N LEU W 127 29.85 -43.39 17.68
CA LEU W 127 30.36 -42.05 17.45
C LEU W 127 30.19 -41.16 18.66
N ASN W 128 29.12 -41.31 19.41
CA ASN W 128 28.95 -40.57 20.65
C ASN W 128 29.93 -41.00 21.71
N GLN W 129 30.31 -42.28 21.73
CA GLN W 129 31.32 -42.73 22.69
C GLN W 129 32.66 -42.08 22.40
N ALA W 130 32.99 -41.88 21.14
CA ALA W 130 34.25 -41.23 20.80
C ALA W 130 34.24 -39.78 21.27
N LEU W 131 33.10 -39.10 21.15
CA LEU W 131 33.02 -37.74 21.65
C LEU W 131 33.19 -37.69 23.15
N LEU W 132 32.60 -38.63 23.88
CA LEU W 132 32.78 -38.68 25.32
C LEU W 132 34.21 -38.99 25.72
N ASP W 133 34.90 -39.85 24.98
CA ASP W 133 36.31 -40.07 25.24
C ASP W 133 37.15 -38.85 24.94
N LEU W 134 36.80 -38.10 23.90
CA LEU W 134 37.51 -36.86 23.63
C LEU W 134 37.28 -35.85 24.76
N HIS W 135 36.04 -35.74 25.24
CA HIS W 135 35.77 -34.84 26.34
C HIS W 135 36.43 -35.28 27.63
N ALA W 136 36.59 -36.59 27.84
CA ALA W 136 37.34 -37.06 29.00
C ALA W 136 38.82 -36.76 28.89
N LEU W 137 39.37 -36.93 27.69
CA LEU W 137 40.77 -36.56 27.47
C LEU W 137 40.98 -35.07 27.64
N GLY W 138 40.09 -34.25 27.10
CA GLY W 138 40.25 -32.82 27.20
C GLY W 138 40.15 -32.32 28.63
N SER W 139 39.25 -32.90 29.40
CA SER W 139 39.18 -32.58 30.82
C SER W 139 40.36 -33.12 31.59
N ALA W 140 41.02 -34.16 31.08
CA ALA W 140 42.21 -34.67 31.74
C ALA W 140 43.39 -33.73 31.57
N ARG W 141 43.50 -33.08 30.41
CA ARG W 141 44.57 -32.13 30.17
C ARG W 141 44.16 -30.69 30.46
N ALA W 142 43.02 -30.50 31.11
CA ALA W 142 42.53 -29.17 31.49
C ALA W 142 42.44 -28.25 30.28
N ASP W 143 41.61 -28.66 29.32
CA ASP W 143 41.34 -27.86 28.13
C ASP W 143 39.90 -27.41 28.17
N PRO W 144 39.60 -26.28 28.81
CA PRO W 144 38.19 -25.88 28.95
C PRO W 144 37.53 -25.51 27.65
N HIS W 145 38.27 -24.89 26.73
CA HIS W 145 37.65 -24.49 25.46
C HIS W 145 37.19 -25.70 24.68
N LEU W 146 37.96 -26.78 24.69
CA LEU W 146 37.55 -27.97 23.97
C LEU W 146 36.30 -28.59 24.58
N CYS W 147 36.25 -28.68 25.91
CA CYS W 147 35.07 -29.24 26.55
C CYS W 147 33.85 -28.40 26.28
N ASP W 148 34.01 -27.07 26.30
CA ASP W 148 32.89 -26.20 25.96
C ASP W 148 32.44 -26.40 24.51
N PHE W 149 33.39 -26.47 23.59
CA PHE W 149 33.06 -26.66 22.19
C PHE W 149 32.27 -27.94 21.98
N LEU W 150 32.74 -29.04 22.57
CA LEU W 150 32.01 -30.29 22.49
C LEU W 150 30.63 -30.16 23.10
N GLU W 151 30.56 -29.75 24.37
CA GLU W 151 29.29 -29.64 25.07
C GLU W 151 28.29 -28.81 24.28
N SER W 152 28.78 -27.82 23.54
CA SER W 152 27.88 -26.92 22.84
C SER W 152 27.42 -27.51 21.52
N HIS W 153 28.34 -28.10 20.74
CA HIS W 153 28.03 -28.40 19.36
C HIS W 153 27.77 -29.87 19.06
N TYR W 154 28.23 -30.79 19.90
CA TYR W 154 28.18 -32.20 19.52
C TYR W 154 27.37 -33.06 20.48
N LEU W 155 27.58 -32.91 21.79
CA LEU W 155 27.04 -33.87 22.73
C LEU W 155 25.52 -33.85 22.74
N ASP W 156 24.93 -32.66 22.88
CA ASP W 156 23.47 -32.60 22.98
C ASP W 156 22.82 -32.98 21.66
N LYS W 157 23.37 -32.51 20.54
CA LYS W 157 22.88 -32.95 19.24
C LYS W 157 22.90 -34.47 19.13
N GLU W 158 23.95 -35.09 19.66
CA GLU W 158 24.09 -36.53 19.50
C GLU W 158 23.09 -37.29 20.36
N VAL W 159 22.87 -36.85 21.60
CA VAL W 159 21.87 -37.54 22.41
C VAL W 159 20.48 -37.34 21.87
N LYS W 160 20.19 -36.18 21.28
CA LYS W 160 18.88 -35.98 20.65
C LYS W 160 18.72 -36.86 19.42
N LEU W 161 19.77 -36.99 18.61
CA LEU W 161 19.69 -37.87 17.45
C LEU W 161 19.53 -39.32 17.85
N ILE W 162 20.23 -39.76 18.88
CA ILE W 162 20.08 -41.14 19.35
C ILE W 162 18.67 -41.37 19.87
N LYS W 163 18.12 -40.38 20.57
CA LYS W 163 16.74 -40.50 21.05
C LYS W 163 15.78 -40.63 19.88
N LYS W 164 15.97 -39.80 18.85
CA LYS W 164 15.12 -39.90 17.66
C LYS W 164 15.23 -41.27 17.00
N MET W 165 16.44 -41.80 16.88
CA MET W 165 16.63 -43.12 16.30
C MET W 165 16.01 -44.22 17.14
N GLY W 166 16.03 -44.10 18.46
CA GLY W 166 15.39 -45.08 19.30
C GLY W 166 13.88 -45.05 19.14
N ASN W 167 13.34 -43.84 19.01
CA ASN W 167 11.92 -43.71 18.70
C ASN W 167 11.59 -44.40 17.39
N HIS W 168 12.38 -44.14 16.36
CA HIS W 168 12.17 -44.81 15.08
C HIS W 168 12.26 -46.32 15.24
N LEU W 169 13.20 -46.79 16.04
CA LEU W 169 13.38 -48.23 16.17
C LEU W 169 12.19 -48.88 16.83
N THR W 170 11.69 -48.30 17.91
CA THR W 170 10.54 -48.90 18.57
C THR W 170 9.29 -48.78 17.73
N ASN W 171 9.13 -47.68 17.00
CA ASN W 171 7.99 -47.60 16.10
C ASN W 171 8.08 -48.62 14.97
N LEU W 172 9.29 -48.94 14.54
CA LEU W 172 9.47 -49.97 13.53
C LEU W 172 9.22 -51.36 14.08
N ARG W 173 9.63 -51.65 15.29
CA ARG W 173 9.29 -52.92 15.93
C ARG W 173 7.81 -53.02 16.25
N ARG W 174 7.12 -51.89 16.37
CA ARG W 174 5.70 -51.89 16.67
C ARG W 174 4.87 -52.30 15.46
N VAL W 175 5.33 -51.95 14.25
CA VAL W 175 4.56 -52.20 13.04
C VAL W 175 5.10 -53.42 12.32
N ALA W 176 6.03 -54.12 12.95
CA ALA W 176 6.63 -55.30 12.33
C ALA W 176 5.61 -56.41 12.20
N SER W 189 5.30 -56.72 4.39
CA SER W 189 5.83 -55.69 5.26
C SER W 189 5.06 -54.39 5.12
N LEU W 190 3.73 -54.48 5.27
CA LEU W 190 2.89 -53.30 5.15
C LEU W 190 3.25 -52.27 6.22
N GLY W 191 3.59 -52.74 7.42
CA GLY W 191 3.88 -51.80 8.50
C GLY W 191 5.08 -50.93 8.21
N GLU W 192 6.08 -51.48 7.52
CA GLU W 192 7.27 -50.71 7.20
C GLU W 192 6.95 -49.60 6.21
N TYR W 193 6.14 -49.91 5.20
CA TYR W 193 5.68 -48.87 4.28
C TYR W 193 4.87 -47.82 5.01
N LEU W 194 3.96 -48.24 5.87
CA LEU W 194 3.14 -47.28 6.61
C LEU W 194 4.00 -46.39 7.47
N PHE W 195 5.02 -46.94 8.10
CA PHE W 195 5.93 -46.13 8.91
C PHE W 195 6.65 -45.11 8.05
N GLU W 196 7.26 -45.56 6.95
CA GLU W 196 7.96 -44.63 6.08
C GLU W 196 7.03 -43.54 5.58
N ARG W 197 5.75 -43.85 5.39
CA ARG W 197 4.82 -42.87 4.84
C ARG W 197 4.36 -41.88 5.90
N LEU W 198 4.14 -42.35 7.13
CA LEU W 198 3.45 -41.53 8.10
C LEU W 198 4.41 -40.83 9.05
N THR W 199 5.55 -41.43 9.35
CA THR W 199 6.52 -40.79 10.23
C THR W 199 7.60 -40.07 9.45
N LEU W 200 8.33 -40.82 8.62
CA LEU W 200 9.54 -40.27 8.01
C LEU W 200 9.21 -39.25 6.93
N LYS W 201 8.25 -39.57 6.06
CA LYS W 201 7.86 -38.62 5.04
C LYS W 201 7.23 -37.38 5.65
N HIS W 202 6.45 -37.57 6.72
CA HIS W 202 5.79 -36.44 7.37
C HIS W 202 6.81 -35.45 7.93
N ASP W 203 7.95 -35.93 8.40
CA ASP W 203 9.00 -35.05 8.87
C ASP W 203 9.89 -34.55 7.75
N GLY W 204 10.05 -35.32 6.67
CA GLY W 204 10.79 -34.82 5.52
C GLY W 204 10.09 -33.65 4.88
N ASP W 205 8.75 -33.65 4.93
CA ASP W 205 8.01 -32.51 4.40
C ASP W 205 8.30 -31.24 5.18
N ILE W 206 8.43 -31.33 6.50
CA ILE W 206 8.64 -30.13 7.29
C ILE W 206 10.12 -29.72 7.28
N GLU W 207 11.03 -30.69 7.07
CA GLU W 207 12.42 -30.31 6.82
C GLU W 207 12.51 -29.41 5.59
N SER W 208 11.85 -29.81 4.51
CA SER W 208 11.86 -29.02 3.29
C SER W 208 11.12 -27.71 3.45
N ALA W 209 10.41 -27.55 4.56
CA ALA W 209 9.74 -26.29 4.85
C ALA W 209 10.63 -25.35 5.64
N GLN W 210 11.32 -25.83 6.67
CA GLN W 210 12.19 -24.98 7.46
C GLN W 210 13.54 -24.76 6.78
N SER W 211 13.85 -25.59 5.77
CA SER W 211 15.15 -25.54 5.09
C SER W 211 15.43 -24.18 4.46
N THR X 22 12.36 -33.42 -51.31
CA THR X 22 11.94 -32.39 -52.25
C THR X 22 11.59 -31.09 -51.51
N SER X 23 11.50 -31.19 -50.20
CA SER X 23 11.20 -30.01 -49.39
C SER X 23 12.36 -29.02 -49.46
N GLN X 24 12.02 -27.73 -49.37
CA GLN X 24 13.05 -26.71 -49.48
C GLN X 24 13.92 -26.63 -48.23
N ILE X 25 13.38 -27.04 -47.08
CA ILE X 25 14.10 -26.97 -45.83
C ILE X 25 14.68 -28.31 -45.41
N ARG X 26 14.37 -29.37 -46.16
CA ARG X 26 14.88 -30.69 -45.82
C ARG X 26 16.39 -30.71 -45.99
N GLN X 27 17.11 -30.98 -44.90
CA GLN X 27 18.56 -31.05 -44.96
C GLN X 27 19.06 -32.06 -43.94
N ASN X 28 19.83 -33.03 -44.42
CA ASN X 28 20.40 -34.06 -43.57
C ASN X 28 19.33 -34.77 -42.76
N TYR X 29 18.26 -35.17 -43.44
CA TYR X 29 17.14 -35.85 -42.80
C TYR X 29 16.79 -37.07 -43.63
N SER X 30 17.41 -38.19 -43.32
CA SER X 30 17.25 -39.41 -44.10
C SER X 30 15.81 -39.89 -44.05
N THR X 31 15.39 -40.57 -45.12
CA THR X 31 14.03 -41.10 -45.16
C THR X 31 13.86 -42.24 -44.16
N GLU X 32 14.95 -42.94 -43.83
CA GLU X 32 14.86 -44.00 -42.85
C GLU X 32 14.52 -43.45 -41.48
N VAL X 33 15.08 -42.29 -41.13
CA VAL X 33 14.70 -41.60 -39.91
C VAL X 33 13.30 -41.04 -39.98
N GLU X 34 12.93 -40.43 -41.11
CA GLU X 34 11.58 -39.89 -41.27
C GLU X 34 10.52 -40.96 -41.13
N ALA X 35 10.78 -42.17 -41.61
CA ALA X 35 9.84 -43.27 -41.44
C ALA X 35 9.91 -43.87 -40.04
N ALA X 36 11.10 -43.97 -39.45
CA ALA X 36 11.21 -44.45 -38.09
C ALA X 36 10.57 -43.51 -37.08
N VAL X 37 10.52 -42.21 -37.38
CA VAL X 37 9.79 -41.28 -36.52
C VAL X 37 8.30 -41.48 -36.62
N ASN X 38 7.76 -41.63 -37.82
CA ASN X 38 6.33 -41.89 -37.99
C ASN X 38 5.86 -43.12 -37.26
N ARG X 39 6.69 -44.16 -37.17
CA ARG X 39 6.35 -45.32 -36.38
C ARG X 39 6.50 -45.08 -34.89
N LEU X 40 7.17 -44.00 -34.50
CA LEU X 40 7.31 -43.66 -33.10
C LEU X 40 6.19 -42.77 -32.60
N VAL X 41 5.60 -41.94 -33.45
CA VAL X 41 4.42 -41.18 -33.04
C VAL X 41 3.24 -42.11 -32.88
N ASN X 42 3.11 -43.10 -33.76
CA ASN X 42 2.04 -44.07 -33.58
C ASN X 42 2.24 -44.88 -32.31
N LEU X 43 3.49 -45.17 -31.95
CA LEU X 43 3.74 -45.83 -30.68
C LEU X 43 3.34 -44.95 -29.50
N HIS X 44 3.69 -43.67 -29.55
CA HIS X 44 3.32 -42.77 -28.47
C HIS X 44 1.81 -42.61 -28.39
N LEU X 45 1.14 -42.54 -29.52
CA LEU X 45 -0.32 -42.43 -29.51
C LEU X 45 -0.96 -43.68 -28.96
N ARG X 46 -0.46 -44.86 -29.35
CA ARG X 46 -1.02 -46.10 -28.84
C ARG X 46 -0.77 -46.22 -27.34
N ALA X 47 0.38 -45.75 -26.88
CA ALA X 47 0.70 -45.75 -25.46
C ALA X 47 -0.15 -44.77 -24.69
N SER X 48 -0.54 -43.66 -25.31
CA SER X 48 -1.46 -42.73 -24.68
C SER X 48 -2.88 -43.26 -24.69
N TYR X 49 -3.24 -44.05 -25.69
CA TYR X 49 -4.51 -44.75 -25.71
C TYR X 49 -4.61 -45.80 -24.63
N THR X 50 -3.54 -46.56 -24.40
CA THR X 50 -3.56 -47.56 -23.34
C THR X 50 -3.68 -46.89 -21.98
N TYR X 51 -2.92 -45.83 -21.76
CA TYR X 51 -3.01 -45.10 -20.50
C TYR X 51 -4.38 -44.48 -20.32
N LEU X 52 -5.00 -44.04 -21.41
CA LEU X 52 -6.37 -43.54 -21.31
C LEU X 52 -7.31 -44.65 -20.88
N SER X 53 -7.10 -45.86 -21.40
CA SER X 53 -7.95 -46.97 -20.99
C SER X 53 -7.73 -47.32 -19.53
N LEU X 54 -6.48 -47.26 -19.07
CA LEU X 54 -6.18 -47.56 -17.68
C LEU X 54 -6.76 -46.51 -16.75
N GLY X 55 -6.63 -45.24 -17.11
CA GLY X 55 -7.12 -44.18 -16.26
C GLY X 55 -8.62 -44.18 -16.11
N PHE X 56 -9.33 -44.73 -17.09
CA PHE X 56 -10.78 -44.84 -17.02
C PHE X 56 -11.23 -46.21 -16.57
N PHE X 57 -10.28 -47.10 -16.27
CA PHE X 57 -10.61 -48.36 -15.64
C PHE X 57 -10.56 -48.28 -14.12
N PHE X 58 -9.67 -47.46 -13.57
CA PHE X 58 -9.54 -47.33 -12.14
C PHE X 58 -10.47 -46.28 -11.55
N ASP X 59 -11.25 -45.61 -12.38
CA ASP X 59 -12.37 -44.83 -11.89
C ASP X 59 -13.70 -45.54 -12.06
N ARG X 60 -13.70 -46.79 -12.52
CA ARG X 60 -14.93 -47.55 -12.55
C ARG X 60 -15.48 -47.70 -11.15
N ASP X 61 -16.81 -47.86 -11.07
CA ASP X 61 -17.46 -47.91 -9.77
C ASP X 61 -16.99 -49.09 -8.94
N ASP X 62 -16.55 -50.17 -9.58
CA ASP X 62 -16.20 -51.40 -8.90
C ASP X 62 -14.70 -51.54 -8.66
N VAL X 63 -13.93 -50.50 -8.97
CA VAL X 63 -12.52 -50.43 -8.60
C VAL X 63 -12.23 -49.23 -7.73
N ALA X 64 -12.59 -48.03 -8.21
CA ALA X 64 -12.61 -46.83 -7.39
C ALA X 64 -11.25 -46.51 -6.79
N LEU X 65 -10.19 -46.80 -7.52
CA LEU X 65 -8.85 -46.39 -7.12
C LEU X 65 -8.56 -45.09 -7.85
N GLU X 66 -9.22 -44.03 -7.41
CA GLU X 66 -9.19 -42.77 -8.15
C GLU X 66 -7.80 -42.17 -8.18
N GLY X 67 -6.96 -42.49 -7.20
CA GLY X 67 -5.57 -42.06 -7.27
C GLY X 67 -4.84 -42.67 -8.44
N VAL X 68 -4.96 -43.99 -8.61
CA VAL X 68 -4.37 -44.66 -9.76
C VAL X 68 -4.97 -44.14 -11.05
N GLY X 69 -6.29 -43.93 -11.05
CA GLY X 69 -6.93 -43.37 -12.23
C GLY X 69 -6.31 -42.06 -12.64
N HIS X 70 -6.19 -41.12 -11.71
CA HIS X 70 -5.59 -39.84 -12.01
C HIS X 70 -4.12 -39.96 -12.40
N PHE X 71 -3.39 -40.88 -11.80
CA PHE X 71 -2.00 -41.09 -12.20
C PHE X 71 -1.92 -41.47 -13.67
N PHE X 72 -2.69 -42.48 -14.08
CA PHE X 72 -2.64 -42.88 -15.48
C PHE X 72 -3.22 -41.81 -16.39
N ARG X 73 -4.16 -41.03 -15.89
CA ARG X 73 -4.71 -39.95 -16.71
C ARG X 73 -3.67 -38.90 -17.01
N GLU X 74 -3.02 -38.35 -15.98
CA GLU X 74 -1.97 -37.37 -16.22
C GLU X 74 -0.72 -38.00 -16.83
N LEU X 75 -0.68 -39.33 -16.95
CA LEU X 75 0.33 -39.98 -17.76
C LEU X 75 -0.01 -39.99 -19.24
N ALA X 76 -1.28 -40.24 -19.58
CA ALA X 76 -1.71 -40.16 -20.97
C ALA X 76 -1.53 -38.76 -21.53
N GLU X 77 -1.80 -37.73 -20.73
CA GLU X 77 -1.49 -36.37 -21.13
C GLU X 77 -0.06 -36.25 -21.61
N GLU X 78 0.89 -36.74 -20.80
CA GLU X 78 2.30 -36.57 -21.13
C GLU X 78 2.70 -37.41 -22.32
N LYS X 79 2.16 -38.61 -22.45
CA LYS X 79 2.48 -39.44 -23.62
C LYS X 79 1.98 -38.79 -24.90
N ARG X 80 0.75 -38.26 -24.88
CA ARG X 80 0.25 -37.59 -26.07
C ARG X 80 1.06 -36.35 -26.39
N GLU X 81 1.40 -35.56 -25.36
CA GLU X 81 2.29 -34.42 -25.59
C GLU X 81 3.60 -34.86 -26.22
N GLY X 82 4.13 -36.01 -25.81
CA GLY X 82 5.34 -36.51 -26.43
C GLY X 82 5.12 -36.92 -27.87
N ALA X 83 3.87 -37.23 -28.23
CA ALA X 83 3.56 -37.54 -29.61
C ALA X 83 3.50 -36.31 -30.49
N GLU X 84 2.90 -35.21 -30.05
CA GLU X 84 2.82 -34.02 -30.86
C GLU X 84 4.13 -33.23 -30.86
N ARG X 85 5.02 -33.50 -29.92
CA ARG X 85 6.35 -32.93 -29.97
C ARG X 85 7.24 -33.64 -30.96
N LEU X 86 6.95 -34.90 -31.27
CA LEU X 86 7.61 -35.59 -32.35
C LEU X 86 7.06 -35.21 -33.72
N LEU X 87 5.80 -34.84 -33.80
CA LEU X 87 5.22 -34.39 -35.04
C LEU X 87 5.71 -33.01 -35.45
N GLU X 88 5.83 -32.08 -34.50
CA GLU X 88 6.37 -30.78 -34.84
C GLU X 88 7.85 -30.84 -35.14
N PHE X 89 8.56 -31.83 -34.61
CA PHE X 89 9.92 -32.08 -35.05
C PHE X 89 9.95 -32.63 -36.46
N GLN X 90 8.98 -33.46 -36.83
CA GLN X 90 8.88 -33.93 -38.20
C GLN X 90 8.69 -32.78 -39.17
N ASN X 91 7.96 -31.75 -38.75
CA ASN X 91 7.74 -30.59 -39.62
C ASN X 91 8.97 -29.70 -39.68
N ASP X 92 9.63 -29.50 -38.53
CA ASP X 92 10.81 -28.65 -38.50
C ASP X 92 11.90 -29.20 -39.40
N ARG X 93 12.06 -30.51 -39.44
CA ARG X 93 13.07 -31.13 -40.29
C ARG X 93 12.61 -31.30 -41.72
N GLY X 94 11.37 -30.98 -42.03
CA GLY X 94 10.87 -31.09 -43.39
C GLY X 94 10.30 -32.43 -43.77
N GLY X 95 10.02 -33.29 -42.81
CA GLY X 95 9.42 -34.58 -43.12
C GLY X 95 7.92 -34.46 -43.31
N ARG X 96 7.32 -35.58 -43.69
CA ARG X 96 5.89 -35.67 -43.92
C ARG X 96 5.29 -36.64 -42.91
N ALA X 97 4.38 -36.14 -42.07
CA ALA X 97 3.75 -36.97 -41.06
C ALA X 97 2.73 -37.90 -41.69
N LEU X 98 2.93 -39.20 -41.51
CA LEU X 98 2.04 -40.23 -42.02
C LEU X 98 1.39 -40.91 -40.84
N PHE X 99 0.08 -40.74 -40.70
CA PHE X 99 -0.62 -41.31 -39.58
C PHE X 99 -1.12 -42.72 -39.90
N GLN X 100 -1.23 -43.54 -38.87
CA GLN X 100 -1.69 -44.91 -39.01
C GLN X 100 -2.79 -45.16 -37.98
N ASP X 101 -3.43 -46.31 -38.09
CA ASP X 101 -4.50 -46.65 -37.17
C ASP X 101 -3.93 -46.88 -35.78
N VAL X 102 -4.38 -46.10 -34.81
CA VAL X 102 -3.99 -46.33 -33.43
C VAL X 102 -4.67 -47.59 -32.94
N GLN X 103 -3.90 -48.66 -32.82
CA GLN X 103 -4.45 -49.94 -32.41
C GLN X 103 -4.94 -49.87 -30.96
N LYS X 104 -6.06 -50.53 -30.71
CA LYS X 104 -6.70 -50.47 -29.41
C LYS X 104 -5.80 -51.08 -28.33
N PRO X 105 -6.03 -50.73 -27.07
CA PRO X 105 -5.18 -51.25 -26.00
C PRO X 105 -5.25 -52.77 -25.93
N SER X 106 -4.30 -53.36 -25.21
CA SER X 106 -4.18 -54.81 -25.17
C SER X 106 -5.33 -55.44 -24.40
N GLN X 107 -5.70 -54.84 -23.28
CA GLN X 107 -6.73 -55.40 -22.41
C GLN X 107 -7.84 -54.40 -22.17
N ASP X 108 -8.99 -54.91 -21.76
CA ASP X 108 -10.05 -54.05 -21.24
C ASP X 108 -10.23 -54.19 -19.74
N GLU X 109 -9.78 -55.32 -19.18
CA GLU X 109 -9.74 -55.51 -17.74
C GLU X 109 -8.28 -55.61 -17.36
N TRP X 110 -7.85 -54.79 -16.40
CA TRP X 110 -6.45 -54.78 -16.03
C TRP X 110 -6.22 -55.50 -14.71
N GLY X 111 -7.24 -55.61 -13.89
CA GLY X 111 -7.15 -56.32 -12.64
C GLY X 111 -6.67 -55.44 -11.50
N LYS X 112 -5.96 -56.07 -10.57
CA LYS X 112 -5.41 -55.34 -9.45
C LYS X 112 -4.39 -54.31 -9.93
N THR X 113 -4.19 -53.28 -9.11
CA THR X 113 -3.30 -52.19 -9.52
C THR X 113 -1.89 -52.68 -9.79
N GLN X 114 -1.47 -53.76 -9.13
CA GLN X 114 -0.13 -54.28 -9.38
C GLN X 114 -0.03 -54.85 -10.78
N GLU X 115 -0.96 -55.73 -11.16
CA GLU X 115 -0.94 -56.32 -12.49
C GLU X 115 -1.17 -55.29 -13.57
N ALA X 116 -1.65 -54.10 -13.22
CA ALA X 116 -1.80 -53.03 -14.19
C ALA X 116 -0.54 -52.18 -14.31
N MET X 117 0.14 -51.91 -13.19
CA MET X 117 1.38 -51.16 -13.24
C MET X 117 2.52 -51.96 -13.82
N GLU X 118 2.44 -53.28 -13.86
CA GLU X 118 3.39 -54.08 -14.60
C GLU X 118 3.11 -54.10 -16.08
N ALA X 119 1.85 -53.99 -16.48
CA ALA X 119 1.51 -53.84 -17.88
C ALA X 119 1.72 -52.41 -18.37
N ALA X 120 1.90 -51.46 -17.45
CA ALA X 120 2.23 -50.09 -17.81
C ALA X 120 3.73 -49.85 -17.78
N LEU X 121 4.47 -50.62 -17.01
CA LEU X 121 5.92 -50.56 -17.05
C LEU X 121 6.51 -51.35 -18.21
N ALA X 122 5.97 -52.52 -18.51
CA ALA X 122 6.39 -53.26 -19.68
C ALA X 122 6.07 -52.51 -20.97
N MET X 123 5.16 -51.54 -20.93
CA MET X 123 4.89 -50.70 -22.07
C MET X 123 5.83 -49.51 -22.15
N GLU X 124 6.32 -49.02 -21.02
CA GLU X 124 7.34 -47.99 -21.03
C GLU X 124 8.68 -48.53 -21.49
N LYS X 125 9.14 -49.61 -20.86
CA LYS X 125 10.39 -50.24 -21.26
C LYS X 125 10.38 -50.68 -22.71
N ASN X 126 9.20 -50.87 -23.29
CA ASN X 126 9.10 -51.14 -24.72
C ASN X 126 9.03 -49.87 -25.54
N LEU X 127 8.40 -48.82 -25.03
CA LEU X 127 8.45 -47.52 -25.67
C LEU X 127 9.82 -46.87 -25.56
N ASN X 128 10.52 -47.07 -24.46
CA ASN X 128 11.88 -46.59 -24.33
C ASN X 128 12.84 -47.33 -25.24
N GLN X 129 12.60 -48.61 -25.50
CA GLN X 129 13.45 -49.33 -26.43
C GLN X 129 13.32 -48.78 -27.84
N ALA X 130 12.11 -48.36 -28.23
CA ALA X 130 11.92 -47.76 -29.54
C ALA X 130 12.68 -46.45 -29.65
N LEU X 131 12.70 -45.66 -28.59
CA LEU X 131 13.47 -44.43 -28.60
C LEU X 131 14.96 -44.70 -28.75
N LEU X 132 15.46 -45.72 -28.06
CA LEU X 132 16.86 -46.07 -28.19
C LEU X 132 17.20 -46.59 -29.58
N ASP X 133 16.31 -47.34 -30.20
CA ASP X 133 16.53 -47.75 -31.58
C ASP X 133 16.49 -46.57 -32.54
N LEU X 134 15.63 -45.59 -32.28
CA LEU X 134 15.63 -44.40 -33.12
C LEU X 134 16.93 -43.63 -32.95
N HIS X 135 17.41 -43.50 -31.72
CA HIS X 135 18.68 -42.83 -31.49
C HIS X 135 19.85 -43.59 -32.08
N ALA X 136 19.79 -44.91 -32.11
CA ALA X 136 20.83 -45.69 -32.78
C ALA X 136 20.80 -45.50 -34.28
N LEU X 137 19.59 -45.48 -34.86
CA LEU X 137 19.46 -45.21 -36.28
C LEU X 137 19.94 -43.81 -36.63
N GLY X 138 19.56 -42.82 -35.83
CA GLY X 138 19.97 -41.46 -36.12
C GLY X 138 21.46 -41.26 -36.02
N SER X 139 22.10 -41.89 -35.05
CA SER X 139 23.54 -41.87 -34.98
C SER X 139 24.19 -42.67 -36.09
N ALA X 140 23.48 -43.63 -36.67
CA ALA X 140 24.04 -44.39 -37.78
C ALA X 140 24.07 -43.54 -39.04
N ARG X 141 23.08 -42.68 -39.24
CA ARG X 141 23.03 -41.81 -40.40
C ARG X 141 23.62 -40.43 -40.13
N ALA X 142 24.28 -40.26 -38.99
CA ALA X 142 24.92 -39.01 -38.60
C ALA X 142 23.93 -37.85 -38.63
N ASP X 143 22.90 -37.97 -37.81
CA ASP X 143 21.90 -36.92 -37.64
C ASP X 143 22.03 -36.35 -36.24
N PRO X 144 22.88 -35.35 -36.03
CA PRO X 144 23.10 -34.87 -34.66
C PRO X 144 21.89 -34.17 -34.08
N HIS X 145 21.12 -33.45 -34.89
CA HIS X 145 19.97 -32.75 -34.34
C HIS X 145 18.94 -33.72 -33.79
N LEU X 146 18.74 -34.84 -34.46
CA LEU X 146 17.78 -35.82 -33.96
C LEU X 146 18.25 -36.42 -32.64
N CYS X 147 19.52 -36.78 -32.55
CA CYS X 147 20.03 -37.35 -31.31
C CYS X 147 19.93 -36.35 -30.18
N ASP X 148 20.21 -35.08 -30.46
CA ASP X 148 20.06 -34.06 -29.42
C ASP X 148 18.61 -33.91 -29.00
N PHE X 149 17.69 -33.87 -29.96
CA PHE X 149 16.28 -33.75 -29.66
C PHE X 149 15.81 -34.88 -28.76
N LEU X 150 16.16 -36.11 -29.11
CA LEU X 150 15.82 -37.25 -28.27
C LEU X 150 16.44 -37.11 -26.90
N GLU X 151 17.77 -36.97 -26.84
CA GLU X 151 18.47 -36.88 -25.56
C GLU X 151 17.86 -35.82 -24.66
N SER X 152 17.33 -34.75 -25.27
CA SER X 152 16.83 -33.64 -24.46
C SER X 152 15.41 -33.90 -23.98
N HIS X 153 14.54 -34.40 -24.86
CA HIS X 153 13.12 -34.39 -24.56
C HIS X 153 12.52 -35.74 -24.18
N TYR X 154 13.16 -36.85 -24.53
CA TYR X 154 12.50 -38.14 -24.37
C TYR X 154 13.25 -39.09 -23.45
N LEU X 155 14.56 -39.23 -23.64
CA LEU X 155 15.29 -40.31 -22.99
C LEU X 155 15.29 -40.15 -21.48
N ASP X 156 15.66 -38.97 -20.99
CA ASP X 156 15.76 -38.77 -19.55
C ASP X 156 14.39 -38.83 -18.89
N LYS X 157 13.39 -38.19 -19.51
CA LYS X 157 12.03 -38.30 -19.03
C LYS X 157 11.62 -39.76 -18.92
N GLU X 158 12.01 -40.57 -19.88
CA GLU X 158 11.56 -41.96 -19.89
C GLU X 158 12.24 -42.78 -18.81
N VAL X 159 13.53 -42.59 -18.59
CA VAL X 159 14.18 -43.32 -17.52
C VAL X 159 13.68 -42.88 -16.16
N LYS X 160 13.35 -41.61 -15.99
CA LYS X 160 12.77 -41.16 -14.73
C LYS X 160 11.38 -41.74 -14.52
N LEU X 161 10.56 -41.81 -15.57
CA LEU X 161 9.25 -42.42 -15.45
C LEU X 161 9.34 -43.90 -15.13
N ILE X 162 10.26 -44.61 -15.77
CA ILE X 162 10.43 -46.04 -15.48
C ILE X 162 10.89 -46.23 -14.04
N LYS X 163 11.78 -45.36 -13.57
CA LYS X 163 12.20 -45.44 -12.18
C LYS X 163 11.02 -45.24 -11.23
N LYS X 164 10.18 -44.24 -11.53
CA LYS X 164 9.00 -44.02 -10.71
C LYS X 164 8.08 -45.22 -10.71
N MET X 165 7.86 -45.83 -11.87
CA MET X 165 7.01 -47.02 -11.95
C MET X 165 7.60 -48.21 -11.20
N GLY X 166 8.92 -48.35 -11.20
CA GLY X 166 9.55 -49.41 -10.45
C GLY X 166 9.38 -49.21 -8.97
N ASN X 167 9.51 -47.95 -8.53
CA ASN X 167 9.22 -47.62 -7.14
C ASN X 167 7.79 -48.00 -6.78
N HIS X 168 6.83 -47.61 -7.62
CA HIS X 168 5.45 -47.99 -7.39
C HIS X 168 5.29 -49.49 -7.33
N LEU X 169 5.97 -50.22 -8.21
CA LEU X 169 5.81 -51.66 -8.24
C LEU X 169 6.32 -52.31 -6.98
N THR X 170 7.49 -51.92 -6.50
CA THR X 170 8.01 -52.54 -5.29
C THR X 170 7.20 -52.13 -4.07
N ASN X 171 6.71 -50.89 -4.04
CA ASN X 171 5.84 -50.51 -2.94
C ASN X 171 4.54 -51.29 -2.96
N LEU X 172 4.05 -51.63 -4.15
CA LEU X 172 2.85 -52.44 -4.26
C LEU X 172 3.09 -53.88 -3.87
N ARG X 173 4.23 -54.46 -4.22
CA ARG X 173 4.59 -55.78 -3.74
C ARG X 173 4.87 -55.81 -2.25
N ARG X 174 5.22 -54.66 -1.67
CA ARG X 174 5.50 -54.60 -0.25
C ARG X 174 4.21 -54.66 0.58
N VAL X 175 3.13 -54.12 0.06
CA VAL X 175 1.89 -54.04 0.83
C VAL X 175 0.93 -55.13 0.37
N ALA X 176 1.40 -56.04 -0.47
CA ALA X 176 0.56 -57.11 -0.97
C ALA X 176 0.20 -58.08 0.14
N SER X 189 -7.51 -56.74 0.27
CA SER X 189 -6.43 -55.97 -0.33
C SER X 189 -6.31 -54.60 0.32
N LEU X 190 -6.20 -54.60 1.65
CA LEU X 190 -6.07 -53.35 2.38
C LEU X 190 -4.82 -52.59 1.95
N GLY X 191 -3.74 -53.31 1.69
CA GLY X 191 -2.50 -52.67 1.34
C GLY X 191 -2.60 -51.86 0.06
N GLU X 192 -3.36 -52.37 -0.91
CA GLU X 192 -3.51 -51.64 -2.17
C GLU X 192 -4.26 -50.33 -1.97
N TYR X 193 -5.32 -50.35 -1.16
CA TYR X 193 -6.00 -49.11 -0.83
C TYR X 193 -5.08 -48.16 -0.10
N LEU X 194 -4.32 -48.66 0.87
CA LEU X 194 -3.41 -47.81 1.61
C LEU X 194 -2.37 -47.18 0.69
N PHE X 195 -1.87 -47.96 -0.26
CA PHE X 195 -0.90 -47.42 -1.20
C PHE X 195 -1.53 -46.32 -2.04
N GLU X 196 -2.70 -46.59 -2.63
CA GLU X 196 -3.35 -45.57 -3.44
C GLU X 196 -3.62 -44.31 -2.63
N ARG X 197 -3.88 -44.45 -1.33
CA ARG X 197 -4.22 -43.30 -0.51
C ARG X 197 -2.98 -42.51 -0.12
N LEU X 198 -1.89 -43.20 0.18
CA LEU X 198 -0.77 -42.52 0.82
C LEU X 198 0.31 -42.12 -0.18
N THR X 199 0.48 -42.88 -1.25
CA THR X 199 1.50 -42.54 -2.25
C THR X 199 0.87 -41.77 -3.42
N LEU X 200 -0.08 -42.41 -4.10
CA LEU X 200 -0.55 -41.86 -5.36
C LEU X 200 -1.40 -40.62 -5.15
N LYS X 201 -2.32 -40.66 -4.19
CA LYS X 201 -3.13 -39.49 -3.92
C LYS X 201 -2.28 -38.35 -3.39
N HIS X 202 -1.28 -38.67 -2.57
CA HIS X 202 -0.42 -37.65 -2.01
C HIS X 202 0.34 -36.90 -3.09
N ASP X 203 0.72 -37.57 -4.17
CA ASP X 203 1.36 -36.90 -5.29
C ASP X 203 0.36 -36.27 -6.25
N GLY X 204 -0.85 -36.82 -6.36
CA GLY X 204 -1.86 -36.17 -7.17
C GLY X 204 -2.25 -34.83 -6.60
N ASP X 205 -2.21 -34.71 -5.28
CA ASP X 205 -2.50 -33.43 -4.65
C ASP X 205 -1.47 -32.37 -5.03
N ILE X 206 -0.19 -32.75 -5.13
CA ILE X 206 0.83 -31.75 -5.43
C ILE X 206 0.91 -31.50 -6.93
N GLU X 207 0.51 -32.47 -7.76
CA GLU X 207 0.35 -32.19 -9.18
C GLU X 207 -0.66 -31.08 -9.39
N SER X 208 -1.81 -31.17 -8.71
CA SER X 208 -2.85 -30.16 -8.84
C SER X 208 -2.41 -28.85 -8.21
N ALA X 209 -1.30 -28.85 -7.49
CA ALA X 209 -0.76 -27.63 -6.93
C ALA X 209 0.21 -26.94 -7.88
N GLN X 210 1.12 -27.70 -8.50
CA GLN X 210 2.07 -27.10 -9.42
C GLN X 210 1.46 -26.88 -10.81
N SER X 211 0.31 -27.51 -11.06
CA SER X 211 -0.34 -27.46 -12.38
C SER X 211 -0.67 -26.03 -12.80
FE FE Y . -26.88 -21.88 35.33
FE FE Z . -29.41 -23.98 38.69
FE FE AA . 23.75 -34.44 -26.42
FE FE BA . -23.79 34.56 26.56
FE FE CA . -25.98 37.64 28.98
FE FE DA . 29.44 23.88 -38.67
FE FE EA . 26.96 21.95 -35.43
FE FE FA . -29.99 26.02 -29.80
FE FE GA . -32.70 28.31 -32.55
FE FE HA . 33.13 30.50 20.92
FE FE IA . 29.87 -25.93 29.76
FE FE JA . 36.16 33.20 22.87
FE FE KA . -32.99 -30.40 -20.86
FE FE LA . -36.15 -33.31 -22.82
FE FE MA . 32.72 -28.41 32.57
FE FE NA . 25.98 -37.74 -28.94
#